data_1P8J
#
_entry.id   1P8J
#
_cell.length_a   93.305
_cell.length_b   135.392
_cell.length_c   137.806
_cell.angle_alpha   103.56
_cell.angle_beta   98.98
_cell.angle_gamma   107.09
#
_symmetry.space_group_name_H-M   'P 1'
#
loop_
_entity.id
_entity.type
_entity.pdbx_description
1 polymer 'Furin precursor'
2 polymer 'DECANOYL-ARG-VAL-LYS-ARG-CHLOROMETHYLKETONE INHIBITOR'
3 branched beta-D-galactopyranose-(1-4)-2-acetamido-2-deoxy-beta-D-glucopyranose-(1-2)-[beta-D-galactopyranose-(1-4)-2-acetamido-2-deoxy-beta-D-glucopyranose-(1-4)]alpha-D-mannopyranose-(1-3)-[2-acetamido-2-deoxy-beta-D-glucopyranose-(1-2)-alpha-D-mannopyranose-(1-6)]beta-D-mannopyranose-(1-4)-2-acetamido-2-deoxy-beta-D-glucopyranose-(1-4)-[beta-L-fucopyranose-(1-6)]2-acetamido-2-deoxy-beta-D-glucopyranose
4 branched beta-D-mannopyranose-(1-4)-2-acetamido-2-deoxy-beta-D-glucopyranose-(1-4)-[alpha-L-fucopyranose-(1-6)]2-acetamido-2-deoxy-beta-D-glucopyranose
5 non-polymer 2-acetamido-2-deoxy-beta-D-glucopyranose
6 non-polymer 'CALCIUM ION'
7 non-polymer 'SULFATE ION'
8 water water
#
loop_
_entity_poly.entity_id
_entity_poly.type
_entity_poly.pdbx_seq_one_letter_code
_entity_poly.pdbx_strand_id
1 'polypeptide(L)'
;DVYQEPTDPKFPQQWYLSGVTQRDLNVKEAWAQGFTGHGIVVSILDDGIEKNHPDLAGNYDPGASFDVNDQDPDPQPRYT
QMNDNRHGTRCAGEVAAVANNGVCGVGVAYNARIGGVRMLDGEVTDAVEARSLGLNPNHIHIYSASWGPEDDGKTVDGPA
RLAEEAFFRGVSQGRGGLGSIFVWASGNGGREHDSCNCDGYTNSIYTLSISSATQFGNVPWYSEACSSTLATTYSSGNQN
EKQIVTTDLRQKCTESHTGTSASAPLAAGIIALTLEANKNLTWRDMQHLVVQTSKPAHLNADDWATNGVGRKVSHSYGYG
LLDAGAMVALAQNWTTVAPQRKCIVEILVEPKDIGKRLEVRKAVTACLGEPNHITRLEHVQARLTLSYNRRGDLAIHLIS
PMGTRSTLLAARPHDYSADGFNDWAFMTTHSWDEDPAGEWVLEIENTSEANNYGTLTKFTLVLYGTAPEGL
;
A,B,C,D,E,F,G,H
2 'polypeptide(L)' (DKA)RVK(AR7)(0QE) J,K,L,M,N,P,Q,R
#
loop_
_chem_comp.id
_chem_comp.type
_chem_comp.name
_chem_comp.formula
0QE non-polymer chloromethane 'C H3 Cl'
AR7 peptide-like amino{[(4S)-4-amino-5,5-dihydroxypentyl]amino}methaniminium 'C6 H17 N4 O2 1'
BMA D-saccharide, beta linking beta-D-mannopyranose 'C6 H12 O6'
CA non-polymer 'CALCIUM ION' 'Ca 2'
DKA non-polymer 'DECANOIC ACID' 'C10 H20 O2'
FUC L-saccharide, alpha linking alpha-L-fucopyranose 'C6 H12 O5'
FUL L-saccharide, beta linking beta-L-fucopyranose 'C6 H12 O5'
GAL D-saccharide, beta linking beta-D-galactopyranose 'C6 H12 O6'
MAN D-saccharide, alpha linking alpha-D-mannopyranose 'C6 H12 O6'
NAG D-saccharide, beta linking 2-acetamido-2-deoxy-beta-D-glucopyranose 'C8 H15 N O6'
SO4 non-polymer 'SULFATE ION' 'O4 S -2'
#
# COMPACT_ATOMS: atom_id res chain seq x y z
N VAL A 2 5.54 -68.70 71.16
CA VAL A 2 4.68 -68.62 69.94
C VAL A 2 4.16 -67.19 69.75
N TYR A 3 4.25 -66.67 68.53
CA TYR A 3 3.79 -65.30 68.27
C TYR A 3 2.28 -65.21 68.05
N GLN A 4 1.61 -64.41 68.88
CA GLN A 4 0.17 -64.22 68.76
C GLN A 4 0.00 -62.82 68.17
N GLU A 5 -0.57 -62.77 66.97
CA GLU A 5 -0.77 -61.49 66.32
C GLU A 5 -1.75 -60.60 67.08
N PRO A 6 -1.78 -59.30 66.73
CA PRO A 6 -2.67 -58.34 67.37
C PRO A 6 -4.13 -58.79 67.44
N THR A 7 -4.79 -58.43 68.53
CA THR A 7 -6.19 -58.80 68.72
C THR A 7 -7.11 -57.61 68.49
N ASP A 8 -6.52 -56.47 68.14
CA ASP A 8 -7.29 -55.25 67.90
C ASP A 8 -8.41 -55.48 66.90
N PRO A 9 -9.58 -54.88 67.16
CA PRO A 9 -10.77 -55.01 66.31
C PRO A 9 -10.60 -54.75 64.82
N LYS A 10 -9.77 -53.78 64.45
CA LYS A 10 -9.59 -53.48 63.02
C LYS A 10 -8.37 -54.11 62.38
N PHE A 11 -7.60 -54.87 63.15
CA PHE A 11 -6.40 -55.49 62.59
C PHE A 11 -6.72 -56.36 61.37
N PRO A 12 -7.84 -57.09 61.39
CA PRO A 12 -8.15 -57.92 60.22
C PRO A 12 -8.33 -57.06 58.96
N GLN A 13 -8.79 -55.82 59.15
CA GLN A 13 -9.00 -54.91 58.02
C GLN A 13 -7.71 -54.29 57.51
N GLN A 14 -6.62 -54.44 58.27
CA GLN A 14 -5.33 -53.90 57.87
C GLN A 14 -4.66 -54.87 56.92
N TRP A 15 -5.31 -55.08 55.78
CA TRP A 15 -4.87 -55.97 54.72
C TRP A 15 -3.41 -55.83 54.30
N TYR A 16 -2.88 -54.63 54.41
CA TYR A 16 -1.49 -54.35 54.00
C TYR A 16 -0.45 -54.79 55.02
N LEU A 17 -0.88 -54.94 56.28
CA LEU A 17 0.02 -55.39 57.32
C LEU A 17 0.07 -56.92 57.24
N SER A 18 -1.09 -57.51 57.03
CA SER A 18 -1.21 -58.95 56.93
C SER A 18 -2.48 -59.28 56.15
N GLY A 19 -2.31 -59.95 55.02
CA GLY A 19 -3.45 -60.33 54.22
C GLY A 19 -3.50 -61.82 53.97
N VAL A 20 -4.69 -62.33 53.67
CA VAL A 20 -4.88 -63.76 53.41
C VAL A 20 -4.22 -64.16 52.10
N THR A 21 -3.89 -63.17 51.28
CA THR A 21 -3.29 -63.39 49.97
C THR A 21 -1.76 -63.28 50.02
N GLN A 22 -1.25 -62.77 51.15
CA GLN A 22 0.18 -62.57 51.36
C GLN A 22 0.71 -61.32 50.66
N ARG A 23 -0.16 -60.62 49.94
CA ARG A 23 0.24 -59.40 49.23
C ARG A 23 0.15 -58.29 50.27
N ASP A 24 1.19 -58.18 51.09
CA ASP A 24 1.25 -57.19 52.16
C ASP A 24 2.69 -56.76 52.42
N LEU A 25 2.89 -55.96 53.47
CA LEU A 25 4.20 -55.44 53.82
C LEU A 25 5.06 -56.43 54.62
N ASN A 26 4.52 -57.63 54.79
CA ASN A 26 5.22 -58.70 55.49
C ASN A 26 5.78 -58.30 56.83
N VAL A 27 4.99 -57.55 57.59
CA VAL A 27 5.46 -57.10 58.90
C VAL A 27 5.33 -58.18 59.97
N LYS A 28 4.33 -59.04 59.84
CA LYS A 28 4.13 -60.10 60.83
C LYS A 28 5.40 -60.92 61.00
N GLU A 29 6.12 -61.14 59.91
CA GLU A 29 7.36 -61.90 59.97
C GLU A 29 8.39 -61.19 60.84
N ALA A 30 8.36 -59.86 60.82
CA ALA A 30 9.29 -59.07 61.62
C ALA A 30 8.86 -59.09 63.08
N TRP A 31 7.56 -58.97 63.31
CA TRP A 31 7.02 -59.01 64.67
C TRP A 31 7.38 -60.33 65.34
N ALA A 32 7.18 -61.43 64.61
CA ALA A 32 7.47 -62.76 65.13
C ALA A 32 8.93 -62.88 65.58
N GLN A 33 9.84 -62.24 64.86
CA GLN A 33 11.26 -62.28 65.22
C GLN A 33 11.53 -61.40 66.42
N GLY A 34 10.49 -60.78 66.97
CA GLY A 34 10.68 -59.93 68.15
C GLY A 34 10.90 -58.45 67.88
N PHE A 35 10.65 -57.99 66.66
CA PHE A 35 10.86 -56.58 66.32
C PHE A 35 9.53 -55.85 66.13
N THR A 36 9.24 -54.96 67.07
CA THR A 36 8.00 -54.20 67.04
C THR A 36 8.20 -52.72 67.29
N GLY A 37 9.45 -52.28 67.36
CA GLY A 37 9.71 -50.88 67.56
C GLY A 37 10.20 -50.45 68.92
N HIS A 38 10.37 -51.39 69.84
CA HIS A 38 10.86 -51.08 71.18
C HIS A 38 12.10 -50.20 71.13
N GLY A 39 12.10 -49.13 71.91
CA GLY A 39 13.26 -48.26 71.96
C GLY A 39 13.47 -47.31 70.80
N ILE A 40 12.58 -47.37 69.80
CA ILE A 40 12.70 -46.47 68.66
C ILE A 40 11.71 -45.32 68.77
N VAL A 41 12.16 -44.12 68.41
CA VAL A 41 11.33 -42.92 68.47
C VAL A 41 11.09 -42.34 67.08
N VAL A 42 9.81 -42.15 66.74
CA VAL A 42 9.41 -41.62 65.45
C VAL A 42 8.59 -40.36 65.64
N SER A 43 8.85 -39.36 64.80
CA SER A 43 8.12 -38.10 64.90
C SER A 43 7.42 -37.77 63.59
N ILE A 44 6.16 -37.36 63.67
CA ILE A 44 5.39 -37.00 62.48
C ILE A 44 5.40 -35.49 62.30
N LEU A 45 5.99 -35.01 61.21
CA LEU A 45 6.01 -33.57 60.93
C LEU A 45 4.78 -33.27 60.12
N ASP A 46 3.78 -32.67 60.75
CA ASP A 46 2.52 -32.41 60.04
C ASP A 46 1.71 -31.28 60.71
N ASP A 47 0.40 -31.47 60.83
CA ASP A 47 -0.47 -30.47 61.43
C ASP A 47 -0.78 -30.73 62.91
N GLY A 48 0.01 -31.58 63.55
CA GLY A 48 -0.21 -31.89 64.95
C GLY A 48 -0.61 -33.33 65.20
N ILE A 49 -0.63 -33.72 66.46
CA ILE A 49 -0.98 -35.08 66.82
C ILE A 49 -1.92 -35.09 68.01
N GLU A 50 -3.01 -35.84 67.90
CA GLU A 50 -3.96 -35.94 69.00
C GLU A 50 -3.33 -36.89 70.01
N LYS A 51 -2.44 -36.34 70.83
CA LYS A 51 -1.70 -37.10 71.82
C LYS A 51 -2.51 -37.89 72.85
N ASN A 52 -3.77 -37.52 73.01
CA ASN A 52 -4.65 -38.18 73.97
C ASN A 52 -5.56 -39.18 73.28
N HIS A 53 -5.27 -39.52 72.04
CA HIS A 53 -6.09 -40.47 71.30
C HIS A 53 -5.97 -41.84 71.98
N PRO A 54 -7.10 -42.52 72.19
CA PRO A 54 -7.08 -43.84 72.84
C PRO A 54 -6.13 -44.87 72.24
N ASP A 55 -5.74 -44.70 70.98
CA ASP A 55 -4.84 -45.64 70.34
C ASP A 55 -3.45 -45.07 70.12
N LEU A 56 -3.20 -43.88 70.67
CA LEU A 56 -1.89 -43.24 70.54
C LEU A 56 -1.28 -42.92 71.90
N ALA A 57 -2.12 -42.55 72.85
CA ALA A 57 -1.67 -42.17 74.18
C ALA A 57 -0.61 -43.09 74.77
N GLY A 58 -0.82 -44.39 74.63
CA GLY A 58 0.12 -45.36 75.15
C GLY A 58 1.53 -45.25 74.63
N ASN A 59 1.69 -44.80 73.39
CA ASN A 59 3.02 -44.66 72.80
C ASN A 59 3.45 -43.22 72.64
N TYR A 60 2.60 -42.27 73.02
CA TYR A 60 2.94 -40.87 72.85
C TYR A 60 4.22 -40.48 73.55
N ASP A 61 5.03 -39.67 72.88
CA ASP A 61 6.30 -39.21 73.43
C ASP A 61 6.44 -37.69 73.34
N PRO A 62 6.28 -36.98 74.48
CA PRO A 62 6.39 -35.51 74.49
C PRO A 62 7.73 -35.07 73.93
N GLY A 63 8.76 -35.90 74.11
CA GLY A 63 10.08 -35.55 73.64
C GLY A 63 10.26 -35.58 72.15
N ALA A 64 9.33 -36.22 71.45
CA ALA A 64 9.41 -36.29 70.00
C ALA A 64 8.35 -35.36 69.42
N SER A 65 7.86 -34.45 70.27
CA SER A 65 6.81 -33.52 69.86
C SER A 65 7.11 -32.06 70.14
N PHE A 66 6.42 -31.21 69.39
CA PHE A 66 6.54 -29.77 69.57
C PHE A 66 5.58 -29.07 68.63
N ASP A 67 5.19 -27.84 68.99
CA ASP A 67 4.29 -27.06 68.16
C ASP A 67 5.10 -25.87 67.68
N VAL A 68 5.65 -25.98 66.48
CA VAL A 68 6.47 -24.91 65.91
C VAL A 68 5.61 -23.73 65.45
N ASN A 69 4.38 -24.01 65.05
CA ASN A 69 3.48 -22.97 64.61
C ASN A 69 3.14 -22.02 65.74
N ASP A 70 3.05 -22.53 66.96
CA ASP A 70 2.68 -21.71 68.11
C ASP A 70 3.81 -21.56 69.12
N GLN A 71 5.00 -22.02 68.75
CA GLN A 71 6.17 -21.96 69.62
C GLN A 71 5.79 -22.43 71.02
N ASP A 72 5.35 -23.68 71.10
CA ASP A 72 4.92 -24.28 72.34
C ASP A 72 5.18 -25.78 72.27
N PRO A 73 5.35 -26.45 73.41
CA PRO A 73 5.60 -27.89 73.36
C PRO A 73 4.41 -28.80 73.04
N ASP A 74 3.19 -28.30 73.21
CA ASP A 74 2.00 -29.10 72.95
C ASP A 74 1.62 -29.17 71.47
N PRO A 75 1.70 -30.37 70.87
CA PRO A 75 1.37 -30.57 69.47
C PRO A 75 -0.10 -30.87 69.16
N GLN A 76 -0.98 -30.60 70.11
CA GLN A 76 -2.40 -30.87 69.89
C GLN A 76 -2.89 -30.17 68.63
N PRO A 77 -3.62 -30.89 67.76
CA PRO A 77 -4.09 -30.24 66.53
C PRO A 77 -5.22 -29.25 66.80
N ARG A 78 -5.43 -28.31 65.88
CA ARG A 78 -6.49 -27.31 66.02
C ARG A 78 -7.78 -27.92 65.42
N TYR A 79 -8.84 -28.04 66.22
CA TYR A 79 -10.08 -28.63 65.70
C TYR A 79 -10.94 -27.66 64.90
N THR A 80 -11.45 -28.13 63.77
CA THR A 80 -12.31 -27.35 62.90
C THR A 80 -13.45 -28.22 62.43
N GLN A 81 -14.50 -27.60 61.92
CA GLN A 81 -15.69 -28.31 61.42
C GLN A 81 -15.38 -29.42 60.40
N MET A 82 -14.49 -29.12 59.46
CA MET A 82 -14.11 -30.08 58.42
C MET A 82 -13.01 -31.03 58.87
N ASN A 83 -12.53 -30.87 60.10
CA ASN A 83 -11.48 -31.74 60.63
C ASN A 83 -10.31 -31.64 59.67
N ASP A 84 -9.98 -30.40 59.34
CA ASP A 84 -8.91 -30.12 58.43
C ASP A 84 -7.56 -30.57 58.95
N ASN A 85 -7.38 -30.56 60.27
CA ASN A 85 -6.08 -30.93 60.83
C ASN A 85 -5.99 -32.34 61.41
N ARG A 86 -6.52 -33.31 60.68
CA ARG A 86 -6.52 -34.70 61.10
C ARG A 86 -5.35 -35.45 60.45
N HIS A 87 -4.64 -34.79 59.55
CA HIS A 87 -3.54 -35.38 58.80
C HIS A 87 -2.46 -36.00 59.69
N GLY A 88 -1.94 -35.24 60.64
CA GLY A 88 -0.89 -35.74 61.50
C GLY A 88 -1.28 -36.95 62.33
N THR A 89 -2.49 -36.91 62.88
CA THR A 89 -2.98 -37.98 63.71
C THR A 89 -3.12 -39.26 62.92
N ARG A 90 -3.60 -39.16 61.69
CA ARG A 90 -3.75 -40.34 60.86
C ARG A 90 -2.38 -40.98 60.58
N CYS A 91 -1.37 -40.15 60.33
CA CYS A 91 -0.05 -40.67 60.07
C CYS A 91 0.54 -41.32 61.30
N ALA A 92 0.34 -40.70 62.45
CA ALA A 92 0.86 -41.23 63.71
C ALA A 92 0.36 -42.66 63.95
N GLY A 93 -0.93 -42.88 63.79
CA GLY A 93 -1.49 -44.19 64.01
C GLY A 93 -0.88 -45.27 63.15
N GLU A 94 -0.54 -44.93 61.92
CA GLU A 94 0.03 -45.92 61.00
C GLU A 94 1.41 -46.38 61.44
N VAL A 95 2.14 -45.48 62.09
CA VAL A 95 3.47 -45.80 62.56
C VAL A 95 3.40 -46.55 63.90
N ALA A 96 2.70 -45.98 64.88
CA ALA A 96 2.66 -46.59 66.19
C ALA A 96 1.34 -46.64 66.95
N ALA A 97 0.26 -47.01 66.29
CA ALA A 97 -0.99 -47.10 67.04
C ALA A 97 -0.78 -48.28 68.00
N VAL A 98 -1.27 -48.14 69.23
CA VAL A 98 -1.14 -49.17 70.25
C VAL A 98 -1.79 -50.49 69.87
N ALA A 99 -1.13 -51.60 70.22
CA ALA A 99 -1.62 -52.92 69.90
C ALA A 99 -2.26 -53.65 71.09
N ASN A 100 -3.16 -54.58 70.76
CA ASN A 100 -3.85 -55.39 71.76
C ASN A 100 -4.50 -54.58 72.86
N ASN A 101 -5.13 -53.47 72.49
CA ASN A 101 -5.79 -52.64 73.49
C ASN A 101 -7.27 -52.53 73.13
N GLY A 102 -7.74 -53.43 72.27
CA GLY A 102 -9.13 -53.42 71.88
C GLY A 102 -9.61 -52.17 71.16
N VAL A 103 -8.68 -51.38 70.64
CA VAL A 103 -9.07 -50.17 69.94
C VAL A 103 -8.49 -50.11 68.54
N CYS A 104 -9.35 -49.74 67.59
CA CYS A 104 -8.97 -49.59 66.19
C CYS A 104 -8.05 -50.72 65.71
N GLY A 105 -6.91 -50.36 65.14
CA GLY A 105 -5.96 -51.36 64.66
C GLY A 105 -4.62 -51.23 65.36
N VAL A 106 -3.54 -51.45 64.61
CA VAL A 106 -2.21 -51.34 65.19
C VAL A 106 -1.27 -50.67 64.20
N GLY A 107 -0.17 -50.11 64.69
CA GLY A 107 0.79 -49.49 63.80
C GLY A 107 1.85 -50.50 63.42
N VAL A 108 2.63 -50.21 62.38
CA VAL A 108 3.68 -51.13 61.96
C VAL A 108 4.63 -51.39 63.13
N ALA A 109 5.03 -50.32 63.82
CA ALA A 109 5.91 -50.42 64.97
C ALA A 109 5.06 -50.08 66.20
N TYR A 110 4.15 -50.97 66.54
CA TYR A 110 3.27 -50.73 67.67
C TYR A 110 3.89 -50.62 69.06
N ASN A 111 5.21 -50.81 69.17
CA ASN A 111 5.85 -50.66 70.47
C ASN A 111 6.85 -49.51 70.45
N ALA A 112 6.84 -48.75 69.37
CA ALA A 112 7.72 -47.58 69.24
C ALA A 112 7.06 -46.40 69.93
N ARG A 113 7.82 -45.35 70.17
CA ARG A 113 7.26 -44.14 70.77
C ARG A 113 6.96 -43.22 69.62
N ILE A 114 5.80 -42.57 69.66
CA ILE A 114 5.40 -41.69 68.59
C ILE A 114 5.17 -40.27 69.07
N GLY A 115 5.71 -39.32 68.32
CA GLY A 115 5.53 -37.91 68.65
C GLY A 115 5.04 -37.16 67.43
N GLY A 116 4.68 -35.90 67.63
CA GLY A 116 4.20 -35.11 66.51
C GLY A 116 4.69 -33.68 66.56
N VAL A 117 4.97 -33.11 65.40
CA VAL A 117 5.39 -31.71 65.32
C VAL A 117 4.35 -30.96 64.51
N ARG A 118 3.66 -30.03 65.17
CA ARG A 118 2.65 -29.21 64.53
C ARG A 118 3.39 -28.08 63.84
N MET A 119 3.48 -28.16 62.51
CA MET A 119 4.18 -27.13 61.76
C MET A 119 3.56 -26.77 60.42
N LEU A 120 2.43 -27.38 60.07
CA LEU A 120 1.79 -27.07 58.80
C LEU A 120 0.59 -26.16 58.97
N ASP A 121 0.12 -26.01 60.20
CA ASP A 121 -1.07 -25.20 60.45
C ASP A 121 -0.73 -23.74 60.62
N GLY A 122 -0.19 -23.15 59.57
CA GLY A 122 0.18 -21.75 59.60
C GLY A 122 1.15 -21.49 58.46
N GLU A 123 1.89 -20.38 58.54
CA GLU A 123 2.84 -20.07 57.49
C GLU A 123 4.04 -21.02 57.66
N VAL A 124 4.28 -21.85 56.66
CA VAL A 124 5.38 -22.79 56.72
C VAL A 124 6.63 -22.14 56.17
N THR A 125 7.31 -21.39 57.01
CA THR A 125 8.52 -20.70 56.63
C THR A 125 9.73 -21.63 56.65
N ASP A 126 10.84 -21.13 56.12
CA ASP A 126 12.09 -21.86 56.07
C ASP A 126 12.49 -22.20 57.50
N ALA A 127 12.41 -21.22 58.39
CA ALA A 127 12.78 -21.45 59.79
C ALA A 127 11.89 -22.51 60.44
N VAL A 128 10.62 -22.56 60.06
CA VAL A 128 9.69 -23.53 60.60
C VAL A 128 10.11 -24.94 60.19
N GLU A 129 10.44 -25.10 58.92
CA GLU A 129 10.85 -26.40 58.42
C GLU A 129 12.17 -26.82 59.06
N ALA A 130 13.10 -25.89 59.18
CA ALA A 130 14.40 -26.18 59.77
C ALA A 130 14.29 -26.59 61.23
N ARG A 131 13.40 -25.97 61.98
CA ARG A 131 13.24 -26.31 63.39
C ARG A 131 12.55 -27.67 63.52
N SER A 132 11.67 -27.98 62.57
CA SER A 132 10.96 -29.25 62.59
C SER A 132 11.90 -30.40 62.24
N LEU A 133 12.61 -30.26 61.13
CA LEU A 133 13.54 -31.29 60.69
C LEU A 133 14.65 -31.51 61.72
N GLY A 134 15.02 -30.45 62.43
CA GLY A 134 16.10 -30.58 63.40
C GLY A 134 15.68 -30.67 64.85
N LEU A 135 14.46 -31.12 65.10
CA LEU A 135 13.94 -31.24 66.45
C LEU A 135 14.48 -32.50 67.14
N ASN A 136 15.19 -32.32 68.26
CA ASN A 136 15.73 -33.46 69.01
C ASN A 136 16.48 -34.47 68.18
N PRO A 137 17.48 -34.04 67.43
CA PRO A 137 18.24 -34.97 66.59
C PRO A 137 18.75 -36.21 67.32
N ASN A 138 18.99 -36.13 68.62
CA ASN A 138 19.49 -37.29 69.38
C ASN A 138 18.44 -38.07 70.16
N HIS A 139 17.17 -37.71 70.02
CA HIS A 139 16.13 -38.44 70.71
C HIS A 139 15.23 -39.08 69.68
N ILE A 140 14.94 -38.36 68.61
CA ILE A 140 14.09 -38.86 67.54
C ILE A 140 14.97 -39.57 66.54
N HIS A 141 14.61 -40.79 66.16
CA HIS A 141 15.40 -41.55 65.20
C HIS A 141 14.92 -41.34 63.78
N ILE A 142 13.60 -41.37 63.62
CA ILE A 142 12.96 -41.24 62.32
C ILE A 142 11.95 -40.13 62.23
N TYR A 143 12.03 -39.35 61.15
CA TYR A 143 11.08 -38.26 60.92
C TYR A 143 10.23 -38.66 59.74
N SER A 144 8.92 -38.51 59.85
CA SER A 144 8.04 -38.86 58.76
C SER A 144 7.32 -37.61 58.28
N ALA A 145 7.53 -37.25 57.01
CA ALA A 145 6.93 -36.04 56.45
C ALA A 145 6.03 -36.30 55.26
N SER A 146 4.72 -36.15 55.46
CA SER A 146 3.76 -36.36 54.39
C SER A 146 3.23 -35.02 53.86
N TRP A 147 4.13 -34.24 53.26
CA TRP A 147 3.77 -32.93 52.72
C TRP A 147 4.88 -32.47 51.80
N GLY A 148 4.62 -31.39 51.08
CA GLY A 148 5.61 -30.87 50.16
C GLY A 148 5.03 -29.74 49.33
N PRO A 149 5.74 -29.29 48.29
CA PRO A 149 5.25 -28.21 47.44
C PRO A 149 3.94 -28.63 46.76
N GLU A 150 3.19 -27.64 46.29
CA GLU A 150 1.91 -27.87 45.61
C GLU A 150 2.04 -28.97 44.57
N ASP A 151 1.09 -29.92 44.57
CA ASP A 151 1.12 -31.00 43.59
C ASP A 151 0.19 -30.69 42.41
N ASP A 152 0.32 -29.48 41.86
CA ASP A 152 -0.52 -29.07 40.74
C ASP A 152 0.11 -29.39 39.40
N GLY A 153 1.34 -29.90 39.43
CA GLY A 153 2.02 -30.27 38.21
C GLY A 153 2.55 -29.06 37.48
N LYS A 154 2.67 -27.94 38.20
CA LYS A 154 3.14 -26.69 37.62
C LYS A 154 4.30 -26.12 38.40
N THR A 155 4.50 -26.61 39.62
CA THR A 155 5.54 -26.04 40.46
C THR A 155 6.87 -26.78 40.63
N VAL A 156 7.91 -25.99 40.84
CA VAL A 156 9.25 -26.51 41.07
C VAL A 156 9.70 -25.78 42.33
N ASP A 157 9.79 -26.51 43.43
CA ASP A 157 10.18 -25.88 44.68
C ASP A 157 10.84 -26.90 45.60
N GLY A 158 11.66 -26.42 46.52
CA GLY A 158 12.33 -27.32 47.43
C GLY A 158 12.73 -26.60 48.70
N PRO A 159 13.50 -27.26 49.59
CA PRO A 159 13.90 -26.60 50.83
C PRO A 159 14.72 -25.36 50.57
N ALA A 160 14.58 -24.36 51.44
CA ALA A 160 15.33 -23.12 51.29
C ALA A 160 16.65 -23.25 52.10
N ARG A 161 17.32 -22.14 52.35
CA ARG A 161 18.60 -22.17 53.05
C ARG A 161 18.69 -22.91 54.40
N LEU A 162 17.84 -22.54 55.36
CA LEU A 162 17.89 -23.18 56.67
C LEU A 162 17.45 -24.63 56.66
N ALA A 163 16.44 -24.94 55.86
CA ALA A 163 15.95 -26.31 55.77
C ALA A 163 17.04 -27.18 55.15
N GLU A 164 17.69 -26.67 54.10
CA GLU A 164 18.74 -27.41 53.45
C GLU A 164 19.83 -27.73 54.48
N GLU A 165 20.16 -26.74 55.32
CA GLU A 165 21.16 -26.95 56.36
C GLU A 165 20.66 -28.00 57.35
N ALA A 166 19.40 -27.90 57.74
CA ALA A 166 18.81 -28.85 58.68
C ALA A 166 18.96 -30.29 58.17
N PHE A 167 18.66 -30.49 56.89
CA PHE A 167 18.77 -31.81 56.29
C PHE A 167 20.18 -32.35 56.42
N PHE A 168 21.18 -31.58 55.99
CA PHE A 168 22.51 -32.10 56.07
C PHE A 168 23.01 -32.22 57.51
N ARG A 169 22.64 -31.26 58.34
CA ARG A 169 23.05 -31.28 59.74
C ARG A 169 22.48 -32.53 60.41
N GLY A 170 21.23 -32.85 60.10
CA GLY A 170 20.59 -34.00 60.71
C GLY A 170 21.19 -35.32 60.25
N VAL A 171 21.55 -35.35 58.98
CA VAL A 171 22.13 -36.55 58.38
C VAL A 171 23.57 -36.76 58.87
N SER A 172 24.22 -35.68 59.30
CA SER A 172 25.59 -35.75 59.77
C SER A 172 25.73 -35.93 61.28
N GLN A 173 24.90 -35.22 62.03
CA GLN A 173 24.98 -35.24 63.47
C GLN A 173 23.85 -35.94 64.20
N GLY A 174 22.71 -36.14 63.53
CA GLY A 174 21.59 -36.79 64.19
C GLY A 174 21.93 -38.17 64.67
N ARG A 175 21.16 -38.69 65.62
CA ARG A 175 21.40 -40.02 66.16
C ARG A 175 22.86 -40.23 66.47
N GLY A 176 23.44 -39.28 67.18
CA GLY A 176 24.82 -39.39 67.56
C GLY A 176 25.78 -39.60 66.42
N GLY A 177 25.49 -39.04 65.24
CA GLY A 177 26.41 -39.21 64.13
C GLY A 177 26.00 -40.27 63.12
N LEU A 178 24.98 -41.06 63.44
CA LEU A 178 24.53 -42.09 62.51
C LEU A 178 23.64 -41.47 61.44
N GLY A 179 23.06 -40.32 61.77
CA GLY A 179 22.21 -39.60 60.83
C GLY A 179 20.73 -39.77 61.03
N SER A 180 19.99 -38.66 61.02
CA SER A 180 18.55 -38.71 61.17
C SER A 180 18.00 -39.38 59.94
N ILE A 181 16.89 -40.09 60.08
CA ILE A 181 16.28 -40.74 58.93
C ILE A 181 15.01 -40.01 58.57
N PHE A 182 15.03 -39.40 57.39
CA PHE A 182 13.90 -38.63 56.90
C PHE A 182 13.10 -39.38 55.85
N VAL A 183 11.89 -39.77 56.21
CA VAL A 183 11.01 -40.51 55.30
C VAL A 183 10.01 -39.52 54.69
N TRP A 184 9.86 -39.55 53.37
CA TRP A 184 8.96 -38.61 52.70
C TRP A 184 7.93 -39.22 51.79
N ALA A 185 6.76 -38.60 51.72
CA ALA A 185 5.67 -39.05 50.84
C ALA A 185 6.01 -38.47 49.47
N SER A 186 6.04 -39.28 48.43
CA SER A 186 6.44 -38.77 47.11
C SER A 186 5.49 -37.78 46.41
N GLY A 187 4.22 -37.73 46.80
CA GLY A 187 3.34 -36.75 46.16
C GLY A 187 2.04 -37.31 45.64
N ASN A 188 1.00 -36.48 45.63
CA ASN A 188 -0.31 -36.89 45.14
C ASN A 188 -0.74 -36.20 43.85
N GLY A 189 0.20 -35.66 43.09
CA GLY A 189 -0.16 -34.96 41.87
C GLY A 189 -0.29 -35.80 40.62
N GLY A 190 -0.53 -37.09 40.79
CA GLY A 190 -0.65 -37.96 39.63
C GLY A 190 -1.62 -37.49 38.56
N ARG A 191 -2.83 -37.15 38.98
CA ARG A 191 -3.84 -36.71 38.04
C ARG A 191 -3.39 -35.50 37.23
N GLU A 192 -2.48 -34.71 37.81
CA GLU A 192 -1.97 -33.52 37.15
C GLU A 192 -0.68 -33.83 36.40
N HIS A 193 -0.29 -35.11 36.39
CA HIS A 193 0.92 -35.55 35.73
C HIS A 193 2.15 -34.90 36.32
N ASP A 194 2.09 -34.68 37.63
CA ASP A 194 3.19 -34.07 38.34
C ASP A 194 4.38 -35.04 38.38
N SER A 195 5.58 -34.51 38.56
CA SER A 195 6.79 -35.32 38.65
C SER A 195 7.45 -35.04 39.99
N CYS A 196 7.70 -36.07 40.79
CA CYS A 196 8.32 -35.80 42.09
C CYS A 196 9.77 -35.33 42.05
N ASN A 197 10.35 -35.24 40.86
CA ASN A 197 11.72 -34.75 40.75
C ASN A 197 11.69 -33.22 40.79
N CYS A 198 10.48 -32.66 40.77
CA CYS A 198 10.29 -31.21 40.82
C CYS A 198 9.94 -30.81 42.26
N ASP A 199 10.12 -31.76 43.17
CA ASP A 199 9.85 -31.60 44.59
C ASP A 199 11.20 -31.78 45.29
N GLY A 200 11.79 -30.66 45.71
CA GLY A 200 13.09 -30.72 46.35
C GLY A 200 13.17 -31.53 47.62
N TYR A 201 12.04 -31.87 48.23
CA TYR A 201 12.09 -32.64 49.46
C TYR A 201 12.20 -34.12 49.14
N THR A 202 11.37 -34.59 48.21
CA THR A 202 11.40 -35.98 47.80
C THR A 202 12.65 -36.23 46.96
N ASN A 203 13.05 -35.23 46.20
CA ASN A 203 14.20 -35.33 45.30
C ASN A 203 15.54 -35.27 46.06
N SER A 204 15.49 -34.95 47.35
CA SER A 204 16.71 -34.85 48.15
C SER A 204 17.34 -36.20 48.40
N ILE A 205 18.66 -36.25 48.50
CA ILE A 205 19.29 -37.53 48.77
C ILE A 205 19.16 -37.87 50.23
N TYR A 206 18.86 -36.88 51.06
CA TYR A 206 18.74 -37.07 52.50
C TYR A 206 17.41 -37.69 52.93
N THR A 207 16.48 -37.83 51.99
CA THR A 207 15.19 -38.40 52.34
C THR A 207 14.94 -39.70 51.60
N LEU A 208 14.13 -40.58 52.19
CA LEU A 208 13.76 -41.81 51.52
C LEU A 208 12.38 -41.49 50.99
N SER A 209 12.28 -41.22 49.70
CA SER A 209 11.01 -40.88 49.10
C SER A 209 10.23 -42.16 48.85
N ILE A 210 9.02 -42.21 49.37
CA ILE A 210 8.17 -43.39 49.25
C ILE A 210 6.91 -43.18 48.40
N SER A 211 6.65 -44.12 47.49
CA SER A 211 5.46 -44.02 46.65
C SER A 211 4.41 -45.04 47.11
N SER A 212 3.30 -45.10 46.40
CA SER A 212 2.22 -46.01 46.78
C SER A 212 1.85 -47.01 45.71
N ALA A 213 1.11 -48.03 46.14
CA ALA A 213 0.62 -49.08 45.26
C ALA A 213 -0.75 -49.43 45.80
N THR A 214 -1.70 -49.70 44.91
CA THR A 214 -3.06 -50.03 45.35
C THR A 214 -3.11 -51.46 45.84
N GLN A 215 -4.21 -51.82 46.48
CA GLN A 215 -4.38 -53.17 47.00
C GLN A 215 -4.14 -54.25 45.96
N PHE A 216 -4.49 -53.97 44.70
CA PHE A 216 -4.30 -54.98 43.67
C PHE A 216 -3.00 -54.78 42.92
N GLY A 217 -2.08 -54.05 43.55
CA GLY A 217 -0.78 -53.81 42.97
C GLY A 217 -0.68 -52.91 41.75
N ASN A 218 -1.56 -51.92 41.64
CA ASN A 218 -1.51 -51.02 40.50
C ASN A 218 -0.99 -49.66 40.91
N VAL A 219 -0.65 -48.85 39.92
CA VAL A 219 -0.19 -47.51 40.18
C VAL A 219 -1.41 -46.69 40.55
N PRO A 220 -1.45 -46.14 41.77
CA PRO A 220 -2.60 -45.33 42.21
C PRO A 220 -2.82 -44.13 41.27
N TRP A 221 -4.04 -43.62 41.22
CA TRP A 221 -4.34 -42.50 40.35
C TRP A 221 -3.62 -41.20 40.77
N TYR A 222 -3.23 -41.11 42.03
CA TYR A 222 -2.56 -39.91 42.55
C TYR A 222 -1.05 -39.98 42.48
N SER A 223 -0.56 -41.15 42.12
CA SER A 223 0.88 -41.38 42.05
C SER A 223 1.65 -40.57 41.02
N GLU A 224 2.75 -40.00 41.47
CA GLU A 224 3.64 -39.21 40.62
C GLU A 224 4.83 -40.10 40.33
N ALA A 225 5.28 -40.12 39.07
CA ALA A 225 6.43 -40.94 38.73
C ALA A 225 7.69 -40.06 38.73
N CYS A 226 8.82 -40.66 39.08
CA CYS A 226 10.09 -39.95 39.09
C CYS A 226 11.23 -40.91 39.44
N SER A 227 12.45 -40.51 39.12
CA SER A 227 13.62 -41.35 39.37
C SER A 227 14.17 -41.25 40.77
N SER A 228 13.66 -40.32 41.57
CA SER A 228 14.20 -40.17 42.91
C SER A 228 13.51 -41.04 43.95
N THR A 229 12.38 -41.62 43.58
CA THR A 229 11.65 -42.48 44.51
C THR A 229 12.54 -43.68 44.82
N LEU A 230 12.51 -44.15 46.07
CA LEU A 230 13.33 -45.28 46.49
C LEU A 230 12.55 -46.59 46.62
N ALA A 231 11.41 -46.55 47.30
CA ALA A 231 10.57 -47.74 47.48
C ALA A 231 9.09 -47.41 47.58
N THR A 232 8.27 -48.44 47.77
CA THR A 232 6.83 -48.30 47.83
C THR A 232 6.20 -49.00 49.02
N THR A 233 4.98 -48.58 49.35
CA THR A 233 4.21 -49.13 50.44
C THR A 233 2.80 -49.10 49.93
N TYR A 234 1.93 -49.99 50.40
CA TYR A 234 0.55 -50.01 49.96
C TYR A 234 -0.22 -48.79 50.46
N SER A 235 -1.28 -48.44 49.76
CA SER A 235 -2.14 -47.33 50.16
C SER A 235 -3.46 -47.46 49.43
N SER A 236 -4.24 -46.39 49.37
CA SER A 236 -5.54 -46.41 48.70
C SER A 236 -5.42 -46.51 47.18
N GLY A 237 -6.52 -46.88 46.54
CA GLY A 237 -6.56 -47.01 45.09
C GLY A 237 -7.91 -46.57 44.56
N ASN A 238 -8.49 -47.37 43.67
CA ASN A 238 -9.78 -47.02 43.11
C ASN A 238 -10.93 -47.35 44.08
N GLN A 239 -12.15 -47.08 43.66
CA GLN A 239 -13.33 -47.32 44.51
C GLN A 239 -13.52 -48.77 44.96
N ASN A 240 -12.91 -49.71 44.26
CA ASN A 240 -13.07 -51.11 44.61
C ASN A 240 -11.92 -51.68 45.45
N GLU A 241 -10.96 -50.85 45.83
CA GLU A 241 -9.83 -51.32 46.62
C GLU A 241 -9.88 -50.77 48.03
N LYS A 242 -9.42 -51.56 48.99
CA LYS A 242 -9.40 -51.17 50.39
C LYS A 242 -8.45 -50.02 50.62
N GLN A 243 -8.59 -49.35 51.76
CA GLN A 243 -7.72 -48.23 52.10
C GLN A 243 -7.01 -48.48 53.44
N ILE A 244 -6.33 -47.46 53.96
CA ILE A 244 -5.57 -47.62 55.18
C ILE A 244 -6.37 -47.34 56.44
N VAL A 245 -6.16 -48.19 57.45
CA VAL A 245 -6.85 -48.09 58.73
C VAL A 245 -5.97 -47.40 59.75
N THR A 246 -6.49 -46.35 60.38
CA THR A 246 -5.69 -45.64 61.36
C THR A 246 -6.49 -44.76 62.31
N THR A 247 -5.78 -44.09 63.21
CA THR A 247 -6.38 -43.23 64.20
C THR A 247 -6.79 -41.91 63.57
N ASP A 248 -8.01 -41.46 63.86
CA ASP A 248 -8.49 -40.21 63.27
C ASP A 248 -8.79 -39.20 64.38
N LEU A 249 -8.96 -37.94 64.00
CA LEU A 249 -9.26 -36.88 64.97
C LEU A 249 -10.50 -37.18 65.78
N ARG A 250 -10.58 -36.58 66.95
CA ARG A 250 -11.73 -36.74 67.81
C ARG A 250 -11.85 -38.16 68.34
N GLN A 251 -10.70 -38.77 68.57
CA GLN A 251 -10.61 -40.09 69.13
C GLN A 251 -11.33 -41.15 68.33
N LYS A 252 -11.42 -40.94 67.03
CA LYS A 252 -12.10 -41.91 66.17
C LYS A 252 -11.11 -42.83 65.47
N CYS A 253 -11.67 -43.73 64.68
CA CYS A 253 -10.88 -44.69 63.93
C CYS A 253 -11.37 -44.62 62.49
N THR A 254 -10.44 -44.54 61.54
CA THR A 254 -10.84 -44.45 60.13
C THR A 254 -10.29 -45.62 59.32
N GLU A 255 -11.05 -46.01 58.31
CA GLU A 255 -10.65 -47.09 57.43
C GLU A 255 -10.46 -46.53 56.04
N SER A 256 -10.45 -45.21 55.93
CA SER A 256 -10.30 -44.59 54.63
C SER A 256 -9.19 -43.55 54.50
N HIS A 257 -8.02 -43.83 55.05
CA HIS A 257 -6.92 -42.90 54.89
C HIS A 257 -6.37 -43.21 53.49
N THR A 258 -5.97 -42.17 52.77
CA THR A 258 -5.53 -42.35 51.40
C THR A 258 -4.27 -41.59 51.04
N GLY A 259 -3.85 -41.77 49.79
CA GLY A 259 -2.69 -41.07 49.25
C GLY A 259 -1.32 -41.50 49.72
N THR A 260 -0.29 -40.84 49.20
CA THR A 260 1.07 -41.16 49.58
C THR A 260 1.33 -40.79 51.04
N SER A 261 0.41 -40.06 51.65
CA SER A 261 0.57 -39.68 53.04
C SER A 261 0.42 -40.87 53.95
N ALA A 262 -0.21 -41.92 53.46
CA ALA A 262 -0.39 -43.13 54.25
C ALA A 262 0.83 -44.02 54.07
N SER A 263 1.47 -43.91 52.90
CA SER A 263 2.65 -44.72 52.58
C SER A 263 3.90 -44.33 53.33
N ALA A 264 4.14 -43.03 53.50
CA ALA A 264 5.35 -42.59 54.19
C ALA A 264 5.42 -43.10 55.63
N PRO A 265 4.35 -42.88 56.43
CA PRO A 265 4.40 -43.37 57.83
C PRO A 265 4.51 -44.90 57.91
N LEU A 266 3.87 -45.61 56.99
CA LEU A 266 3.98 -47.07 56.98
C LEU A 266 5.45 -47.43 56.79
N ALA A 267 6.14 -46.68 55.92
CA ALA A 267 7.56 -46.93 55.66
C ALA A 267 8.37 -46.57 56.90
N ALA A 268 7.98 -45.49 57.58
CA ALA A 268 8.69 -45.07 58.78
C ALA A 268 8.59 -46.18 59.83
N GLY A 269 7.42 -46.81 59.92
CA GLY A 269 7.23 -47.89 60.88
C GLY A 269 8.16 -49.04 60.55
N ILE A 270 8.19 -49.43 59.28
CA ILE A 270 9.04 -50.52 58.86
C ILE A 270 10.50 -50.18 59.11
N ILE A 271 10.85 -48.91 58.97
CA ILE A 271 12.22 -48.48 59.20
C ILE A 271 12.50 -48.49 60.70
N ALA A 272 11.46 -48.34 61.51
CA ALA A 272 11.60 -48.36 62.95
C ALA A 272 11.92 -49.80 63.37
N LEU A 273 11.27 -50.78 62.76
CA LEU A 273 11.53 -52.18 63.07
C LEU A 273 12.98 -52.52 62.69
N THR A 274 13.40 -52.02 61.53
CA THR A 274 14.74 -52.28 61.07
C THR A 274 15.77 -51.69 62.03
N LEU A 275 15.50 -50.52 62.59
CA LEU A 275 16.45 -49.91 63.53
C LEU A 275 16.53 -50.70 64.83
N GLU A 276 15.41 -51.25 65.27
CA GLU A 276 15.44 -52.04 66.49
C GLU A 276 16.35 -53.23 66.25
N ALA A 277 16.26 -53.82 65.07
CA ALA A 277 17.09 -54.96 64.72
C ALA A 277 18.56 -54.61 64.63
N ASN A 278 18.87 -53.34 64.42
CA ASN A 278 20.27 -52.90 64.33
C ASN A 278 20.33 -51.38 64.50
N LYS A 279 20.46 -50.97 65.76
CA LYS A 279 20.51 -49.56 66.11
C LYS A 279 21.69 -48.79 65.55
N ASN A 280 22.65 -49.48 64.94
CA ASN A 280 23.82 -48.79 64.42
C ASN A 280 23.85 -48.50 62.93
N LEU A 281 22.72 -48.69 62.28
CA LEU A 281 22.63 -48.43 60.85
C LEU A 281 22.71 -46.92 60.61
N THR A 282 23.50 -46.49 59.63
CA THR A 282 23.60 -45.06 59.33
C THR A 282 22.45 -44.71 58.39
N TRP A 283 22.25 -43.41 58.14
CA TRP A 283 21.18 -42.97 57.24
C TRP A 283 21.39 -43.58 55.87
N ARG A 284 22.65 -43.81 55.50
CA ARG A 284 22.95 -44.40 54.20
C ARG A 284 22.72 -45.92 54.24
N ASP A 285 23.14 -46.55 55.33
CA ASP A 285 22.95 -47.99 55.49
C ASP A 285 21.48 -48.30 55.24
N MET A 286 20.60 -47.49 55.84
CA MET A 286 19.16 -47.68 55.70
C MET A 286 18.69 -47.65 54.27
N GLN A 287 19.22 -46.72 53.48
CA GLN A 287 18.81 -46.63 52.09
C GLN A 287 19.31 -47.84 51.34
N HIS A 288 20.49 -48.33 51.69
CA HIS A 288 21.04 -49.51 51.06
C HIS A 288 20.14 -50.72 51.33
N LEU A 289 19.64 -50.82 52.57
CA LEU A 289 18.78 -51.94 52.91
C LEU A 289 17.49 -51.91 52.12
N VAL A 290 16.92 -50.71 51.94
CA VAL A 290 15.69 -50.58 51.18
C VAL A 290 15.92 -51.01 49.74
N VAL A 291 17.05 -50.60 49.16
CA VAL A 291 17.35 -50.94 47.79
C VAL A 291 17.52 -52.45 47.59
N GLN A 292 18.19 -53.08 48.54
CA GLN A 292 18.43 -54.51 48.44
C GLN A 292 17.28 -55.43 48.76
N THR A 293 16.43 -55.04 49.70
CA THR A 293 15.31 -55.88 50.09
C THR A 293 13.95 -55.61 49.40
N SER A 294 13.71 -54.38 48.96
CA SER A 294 12.42 -54.08 48.35
C SER A 294 12.08 -55.02 47.21
N LYS A 295 10.83 -55.47 47.15
CA LYS A 295 10.39 -56.43 46.14
C LYS A 295 9.53 -55.85 45.04
N PRO A 296 9.95 -56.04 43.77
CA PRO A 296 9.15 -55.53 42.65
C PRO A 296 8.05 -56.50 42.26
N ALA A 297 7.95 -57.60 43.00
CA ALA A 297 6.97 -58.63 42.74
C ALA A 297 5.53 -58.25 43.05
N HIS A 298 4.64 -58.56 42.10
CA HIS A 298 3.21 -58.30 42.28
C HIS A 298 2.83 -56.84 42.25
N LEU A 299 3.69 -56.02 41.65
CA LEU A 299 3.47 -54.60 41.50
C LEU A 299 3.44 -54.36 40.00
N ASN A 300 2.32 -53.89 39.46
CA ASN A 300 2.19 -53.65 38.03
C ASN A 300 2.57 -52.23 37.61
N ALA A 301 3.38 -52.15 36.57
CA ALA A 301 3.84 -50.88 36.02
C ALA A 301 4.28 -51.15 34.59
N ASP A 302 4.21 -50.14 33.75
CA ASP A 302 4.63 -50.32 32.36
C ASP A 302 6.09 -49.94 32.15
N ASP A 303 6.82 -49.66 33.23
CA ASP A 303 8.20 -49.25 33.07
C ASP A 303 9.25 -50.00 33.89
N TRP A 304 8.94 -51.22 34.31
CA TRP A 304 9.94 -51.99 35.06
C TRP A 304 11.15 -52.23 34.16
N ALA A 305 12.31 -51.81 34.61
CA ALA A 305 13.53 -52.00 33.83
C ALA A 305 14.62 -52.51 34.77
N THR A 306 15.51 -53.34 34.24
CA THR A 306 16.61 -53.87 35.04
C THR A 306 17.84 -52.97 34.89
N ASN A 307 18.45 -52.60 36.01
CA ASN A 307 19.60 -51.74 35.90
C ASN A 307 20.87 -52.53 35.67
N GLY A 308 22.00 -51.82 35.75
CA GLY A 308 23.31 -52.40 35.51
C GLY A 308 23.78 -53.44 36.50
N VAL A 309 23.09 -53.58 37.63
CA VAL A 309 23.47 -54.58 38.62
C VAL A 309 22.40 -55.64 38.76
N GLY A 310 21.52 -55.72 37.76
CA GLY A 310 20.49 -56.73 37.81
C GLY A 310 19.24 -56.49 38.63
N ARG A 311 19.05 -55.29 39.18
CA ARG A 311 17.86 -55.04 39.96
C ARG A 311 16.79 -54.36 39.12
N LYS A 312 15.53 -54.70 39.37
CA LYS A 312 14.44 -54.09 38.63
C LYS A 312 14.02 -52.80 39.32
N VAL A 313 13.84 -51.75 38.53
CA VAL A 313 13.47 -50.45 39.06
C VAL A 313 12.33 -49.86 38.23
N SER A 314 11.45 -49.11 38.88
CA SER A 314 10.33 -48.45 38.22
C SER A 314 10.21 -47.02 38.72
N HIS A 315 9.84 -46.11 37.82
CA HIS A 315 9.69 -44.71 38.20
C HIS A 315 8.44 -44.50 39.05
N SER A 316 7.59 -45.52 39.12
CA SER A 316 6.39 -45.43 39.92
C SER A 316 6.59 -46.07 41.29
N TYR A 317 7.53 -47.00 41.37
CA TYR A 317 7.75 -47.73 42.62
C TYR A 317 9.16 -47.76 43.15
N GLY A 318 10.11 -47.11 42.47
CA GLY A 318 11.47 -47.19 42.94
C GLY A 318 11.89 -48.65 42.82
N TYR A 319 12.47 -49.21 43.87
CA TYR A 319 12.91 -50.59 43.80
C TYR A 319 11.83 -51.61 44.16
N GLY A 320 10.64 -51.13 44.46
CA GLY A 320 9.55 -52.03 44.79
C GLY A 320 8.93 -51.86 46.16
N LEU A 321 8.13 -52.85 46.53
CA LEU A 321 7.44 -52.83 47.80
C LEU A 321 8.38 -53.13 48.96
N LEU A 322 8.23 -52.38 50.04
CA LEU A 322 9.05 -52.62 51.22
C LEU A 322 8.71 -53.98 51.80
N ASP A 323 9.72 -54.66 52.33
CA ASP A 323 9.55 -55.99 52.92
C ASP A 323 10.12 -55.96 54.33
N ALA A 324 9.25 -55.76 55.32
CA ALA A 324 9.67 -55.69 56.71
C ALA A 324 10.52 -56.88 57.12
N GLY A 325 10.07 -58.08 56.77
CA GLY A 325 10.82 -59.28 57.11
C GLY A 325 12.23 -59.28 56.56
N ALA A 326 12.36 -58.99 55.28
CA ALA A 326 13.67 -58.95 54.66
C ALA A 326 14.52 -57.83 55.25
N MET A 327 13.90 -56.68 55.45
CA MET A 327 14.59 -55.51 56.00
C MET A 327 15.27 -55.89 57.32
N VAL A 328 14.45 -56.36 58.24
CA VAL A 328 14.91 -56.78 59.54
C VAL A 328 15.97 -57.87 59.46
N ALA A 329 15.77 -58.83 58.56
CA ALA A 329 16.71 -59.93 58.38
C ALA A 329 18.08 -59.46 57.93
N LEU A 330 18.12 -58.63 56.89
CA LEU A 330 19.38 -58.16 56.36
C LEU A 330 20.04 -57.12 57.28
N ALA A 331 19.25 -56.45 58.09
CA ALA A 331 19.78 -55.45 59.00
C ALA A 331 20.62 -56.01 60.12
N GLN A 332 20.12 -57.04 60.78
CA GLN A 332 20.82 -57.61 61.94
C GLN A 332 22.34 -57.66 61.93
N ASN A 333 22.96 -58.40 61.02
CA ASN A 333 24.42 -58.44 61.04
C ASN A 333 25.00 -57.68 59.83
N TRP A 334 24.41 -56.54 59.57
CA TRP A 334 24.80 -55.67 58.47
C TRP A 334 26.15 -54.96 58.70
N THR A 335 26.98 -54.85 57.67
CA THR A 335 28.26 -54.16 57.81
C THR A 335 28.07 -52.74 57.31
N THR A 336 28.28 -51.76 58.18
CA THR A 336 28.10 -50.37 57.80
C THR A 336 28.94 -50.06 56.56
N VAL A 337 28.35 -49.35 55.61
CA VAL A 337 29.02 -49.00 54.36
C VAL A 337 30.21 -48.07 54.52
N ALA A 338 31.10 -48.12 53.51
CA ALA A 338 32.30 -47.31 53.48
C ALA A 338 31.96 -45.81 53.42
N PRO A 339 32.92 -44.94 53.77
CA PRO A 339 32.66 -43.50 53.73
C PRO A 339 32.15 -43.02 52.40
N GLN A 340 31.21 -42.07 52.45
CA GLN A 340 30.60 -41.52 51.26
C GLN A 340 31.54 -40.60 50.48
N ARG A 341 31.66 -40.86 49.19
CA ARG A 341 32.49 -40.03 48.35
C ARG A 341 31.54 -39.16 47.52
N LYS A 342 32.04 -38.01 47.09
CA LYS A 342 31.23 -37.08 46.29
C LYS A 342 32.05 -36.62 45.10
N CYS A 343 31.68 -37.06 43.91
CA CYS A 343 32.43 -36.65 42.74
C CYS A 343 31.63 -35.66 41.91
N ILE A 344 32.19 -34.45 41.77
CA ILE A 344 31.55 -33.39 41.00
C ILE A 344 32.20 -33.29 39.64
N VAL A 345 31.41 -33.40 38.58
CA VAL A 345 31.97 -33.29 37.25
C VAL A 345 31.15 -32.35 36.35
N GLU A 346 31.82 -31.31 35.85
CA GLU A 346 31.22 -30.31 34.97
C GLU A 346 31.17 -30.89 33.58
N ILE A 347 29.96 -31.14 33.08
CA ILE A 347 29.79 -31.74 31.77
C ILE A 347 29.85 -30.74 30.62
N LEU A 348 29.20 -29.60 30.82
CA LEU A 348 29.11 -28.59 29.79
C LEU A 348 29.24 -27.11 30.21
N VAL A 349 30.29 -26.45 29.74
CA VAL A 349 30.48 -25.02 30.04
C VAL A 349 29.81 -24.17 28.95
N GLU A 350 30.14 -24.47 27.69
CA GLU A 350 29.56 -23.81 26.51
C GLU A 350 28.04 -24.08 26.43
N PRO A 351 27.22 -23.02 26.28
CA PRO A 351 25.75 -23.14 26.20
C PRO A 351 25.34 -24.11 25.11
N LYS A 352 24.09 -24.58 25.15
CA LYS A 352 23.65 -25.51 24.15
C LYS A 352 22.18 -25.33 23.79
N ASP A 353 21.92 -25.13 22.50
CA ASP A 353 20.57 -24.96 22.02
C ASP A 353 19.80 -26.26 22.23
N ILE A 354 18.62 -26.17 22.82
CA ILE A 354 17.81 -27.34 23.05
C ILE A 354 17.01 -27.61 21.78
N GLY A 355 16.28 -26.58 21.32
CA GLY A 355 15.49 -26.73 20.12
C GLY A 355 14.48 -27.86 20.26
N LYS A 356 14.47 -28.76 19.29
CA LYS A 356 13.55 -29.89 19.29
C LYS A 356 14.07 -31.04 20.14
N ARG A 357 15.37 -31.27 20.04
CA ARG A 357 16.01 -32.33 20.80
C ARG A 357 17.48 -32.03 20.98
N LEU A 358 18.00 -32.42 22.12
CA LEU A 358 19.40 -32.20 22.44
C LEU A 358 19.97 -33.43 23.12
N GLU A 359 21.18 -33.82 22.75
CA GLU A 359 21.83 -34.97 23.35
C GLU A 359 23.23 -34.56 23.77
N VAL A 360 23.56 -34.77 25.03
CA VAL A 360 24.89 -34.44 25.54
C VAL A 360 25.56 -35.73 26.02
N ARG A 361 26.69 -36.07 25.41
CA ARG A 361 27.41 -37.28 25.79
C ARG A 361 28.75 -36.85 26.37
N LYS A 362 29.18 -37.51 27.44
CA LYS A 362 30.46 -37.17 28.03
C LYS A 362 31.08 -38.39 28.69
N ALA A 363 32.37 -38.59 28.46
CA ALA A 363 33.07 -39.70 29.08
C ALA A 363 33.42 -39.24 30.49
N VAL A 364 33.07 -40.06 31.47
CA VAL A 364 33.34 -39.72 32.86
C VAL A 364 34.25 -40.75 33.52
N THR A 365 35.26 -40.27 34.23
CA THR A 365 36.20 -41.17 34.91
C THR A 365 35.83 -41.31 36.36
N ALA A 366 34.83 -40.56 36.80
CA ALA A 366 34.33 -40.60 38.18
C ALA A 366 35.44 -40.33 39.21
N CYS A 367 36.19 -39.27 38.97
CA CYS A 367 37.26 -38.86 39.87
C CYS A 367 38.36 -39.91 40.04
N LEU A 368 38.71 -40.60 38.96
CA LEU A 368 39.76 -41.62 38.99
C LEU A 368 41.06 -40.97 39.43
N GLY A 369 41.77 -41.61 40.36
CA GLY A 369 43.03 -41.05 40.83
C GLY A 369 42.87 -39.97 41.89
N GLU A 370 41.63 -39.70 42.31
CA GLU A 370 41.39 -38.69 43.32
C GLU A 370 40.71 -39.34 44.52
N PRO A 371 40.71 -38.68 45.68
CA PRO A 371 40.09 -39.19 46.91
C PRO A 371 38.61 -39.52 46.78
N ASN A 372 37.93 -38.85 45.87
CA ASN A 372 36.50 -39.07 45.68
C ASN A 372 36.17 -40.04 44.56
N HIS A 373 37.17 -40.83 44.13
CA HIS A 373 36.96 -41.80 43.07
C HIS A 373 35.82 -42.73 43.52
N ILE A 374 34.86 -42.96 42.63
CA ILE A 374 33.71 -43.80 42.94
C ILE A 374 33.60 -44.97 41.98
N THR A 375 33.33 -46.16 42.51
CA THR A 375 33.16 -47.30 41.62
C THR A 375 31.85 -48.00 41.94
N ARG A 376 31.19 -47.52 42.98
CA ARG A 376 29.91 -48.06 43.41
C ARG A 376 28.99 -46.88 43.70
N LEU A 377 28.06 -46.61 42.79
CA LEU A 377 27.13 -45.49 42.95
C LEU A 377 26.07 -45.62 44.02
N GLU A 378 25.61 -44.46 44.46
CA GLU A 378 24.52 -44.35 45.40
C GLU A 378 23.63 -43.32 44.69
N HIS A 379 23.49 -42.12 45.23
CA HIS A 379 22.66 -41.12 44.55
C HIS A 379 23.40 -40.46 43.39
N VAL A 380 22.64 -40.07 42.37
CA VAL A 380 23.21 -39.36 41.23
C VAL A 380 22.37 -38.12 40.97
N GLN A 381 23.02 -36.97 40.88
CA GLN A 381 22.32 -35.71 40.61
C GLN A 381 22.74 -35.17 39.26
N ALA A 382 21.76 -34.77 38.46
CA ALA A 382 22.04 -34.16 37.17
C ALA A 382 21.58 -32.73 37.43
N ARG A 383 22.52 -31.83 37.71
CA ARG A 383 22.21 -30.43 37.99
C ARG A 383 22.10 -29.64 36.71
N LEU A 384 20.88 -29.24 36.35
CA LEU A 384 20.66 -28.51 35.12
C LEU A 384 20.22 -27.06 35.32
N THR A 385 20.72 -26.21 34.44
CA THR A 385 20.35 -24.81 34.43
C THR A 385 20.02 -24.59 32.96
N LEU A 386 18.75 -24.31 32.69
CA LEU A 386 18.33 -24.12 31.32
C LEU A 386 17.19 -23.13 31.25
N SER A 387 16.97 -22.60 30.05
CA SER A 387 15.89 -21.68 29.81
C SER A 387 15.05 -22.29 28.71
N TYR A 388 13.73 -22.23 28.86
CA TYR A 388 12.85 -22.79 27.85
C TYR A 388 11.57 -21.96 27.92
N ASN A 389 10.81 -21.91 26.84
CA ASN A 389 9.59 -21.11 26.84
C ASN A 389 8.38 -21.80 27.49
N ARG A 390 8.30 -23.12 27.38
CA ARG A 390 7.17 -23.89 27.95
C ARG A 390 7.76 -25.14 28.61
N ARG A 391 8.12 -24.98 29.88
CA ARG A 391 8.78 -26.02 30.67
C ARG A 391 8.12 -27.39 30.63
N GLY A 392 6.81 -27.42 30.83
CA GLY A 392 6.09 -28.66 30.83
C GLY A 392 6.21 -29.51 29.56
N ASP A 393 6.71 -28.94 28.49
CA ASP A 393 6.85 -29.70 27.25
C ASP A 393 8.14 -30.50 27.21
N LEU A 394 9.04 -30.20 28.14
CA LEU A 394 10.32 -30.90 28.19
C LEU A 394 10.26 -32.27 28.84
N ALA A 395 11.11 -33.17 28.36
CA ALA A 395 11.25 -34.51 28.90
C ALA A 395 12.76 -34.67 28.95
N ILE A 396 13.29 -34.99 30.13
CA ILE A 396 14.74 -35.13 30.29
C ILE A 396 15.10 -36.53 30.79
N HIS A 397 16.11 -37.13 30.15
CA HIS A 397 16.58 -38.47 30.52
C HIS A 397 18.09 -38.50 30.73
N LEU A 398 18.52 -39.34 31.64
CA LEU A 398 19.95 -39.50 31.91
C LEU A 398 20.25 -40.99 31.76
N ILE A 399 21.25 -41.32 30.96
CA ILE A 399 21.60 -42.71 30.74
C ILE A 399 22.98 -42.98 31.31
N SER A 400 23.08 -43.95 32.23
CA SER A 400 24.35 -44.30 32.84
C SER A 400 25.21 -45.14 31.89
N PRO A 401 26.53 -45.17 32.12
CA PRO A 401 27.40 -45.95 31.25
C PRO A 401 26.94 -47.41 31.13
N MET A 402 26.32 -47.93 32.20
CA MET A 402 25.83 -49.31 32.17
C MET A 402 24.46 -49.42 31.52
N GLY A 403 24.04 -48.37 30.84
CA GLY A 403 22.77 -48.40 30.13
C GLY A 403 21.48 -48.15 30.87
N THR A 404 21.55 -47.74 32.13
CA THR A 404 20.31 -47.48 32.85
C THR A 404 19.76 -46.10 32.51
N ARG A 405 18.58 -46.09 31.91
CA ARG A 405 17.96 -44.86 31.48
C ARG A 405 16.98 -44.33 32.52
N SER A 406 17.36 -43.24 33.18
CA SER A 406 16.52 -42.63 34.20
C SER A 406 15.77 -41.44 33.62
N THR A 407 14.47 -41.38 33.87
CA THR A 407 13.69 -40.26 33.40
C THR A 407 13.78 -39.19 34.48
N LEU A 408 14.60 -38.17 34.24
CA LEU A 408 14.76 -37.09 35.20
C LEU A 408 13.51 -36.20 35.24
N LEU A 409 12.86 -36.04 34.10
CA LEU A 409 11.67 -35.21 34.01
C LEU A 409 10.79 -35.64 32.86
N ALA A 410 9.54 -35.96 33.16
CA ALA A 410 8.59 -36.36 32.13
C ALA A 410 7.74 -35.11 31.84
N ALA A 411 7.02 -35.11 30.73
CA ALA A 411 6.21 -33.95 30.38
C ALA A 411 5.15 -33.65 31.44
N ARG A 412 4.93 -32.37 31.71
CA ARG A 412 3.93 -31.92 32.67
C ARG A 412 3.03 -30.94 31.89
N PRO A 413 1.95 -31.45 31.31
CA PRO A 413 1.01 -30.65 30.52
C PRO A 413 0.48 -29.36 31.12
N HIS A 414 0.49 -29.25 32.44
CA HIS A 414 0.00 -28.04 33.11
C HIS A 414 1.08 -27.04 33.44
N ASP A 415 2.33 -27.37 33.14
CA ASP A 415 3.45 -26.49 33.43
C ASP A 415 3.75 -25.59 32.25
N TYR A 416 3.31 -24.34 32.34
CA TYR A 416 3.52 -23.39 31.26
C TYR A 416 4.62 -22.40 31.57
N SER A 417 5.28 -22.59 32.70
CA SER A 417 6.35 -21.69 33.12
C SER A 417 7.39 -21.42 32.04
N ALA A 418 7.94 -20.21 32.06
CA ALA A 418 8.96 -19.84 31.10
C ALA A 418 10.24 -19.57 31.89
N ASP A 419 10.19 -19.96 33.17
CA ASP A 419 11.28 -19.82 34.12
C ASP A 419 12.44 -20.81 33.96
N GLY A 420 12.18 -21.94 33.34
CA GLY A 420 13.22 -22.94 33.18
C GLY A 420 13.66 -23.53 34.51
N PHE A 421 14.93 -23.93 34.60
CA PHE A 421 15.48 -24.50 35.82
C PHE A 421 16.78 -23.79 36.17
N ASN A 422 17.00 -23.56 37.46
CA ASN A 422 18.23 -22.89 37.89
C ASN A 422 18.98 -23.78 38.86
N ASP A 423 19.98 -24.47 38.33
CA ASP A 423 20.79 -25.39 39.12
C ASP A 423 19.90 -26.35 39.88
N TRP A 424 18.90 -26.91 39.20
CA TRP A 424 18.00 -27.87 39.81
C TRP A 424 18.66 -29.24 39.74
N ALA A 425 18.77 -29.89 40.88
CA ALA A 425 19.43 -31.19 40.95
C ALA A 425 18.53 -32.40 40.77
N PHE A 426 18.14 -32.71 39.54
CA PHE A 426 17.29 -33.87 39.31
C PHE A 426 18.10 -35.05 39.87
N MET A 427 17.47 -35.88 40.68
CA MET A 427 18.17 -37.00 41.27
C MET A 427 17.62 -38.37 40.90
N THR A 428 18.50 -39.33 40.67
CA THR A 428 18.07 -40.69 40.33
C THR A 428 18.70 -41.72 41.24
N THR A 429 17.90 -42.69 41.67
CA THR A 429 18.36 -43.75 42.54
C THR A 429 18.49 -45.04 41.73
N HIS A 430 18.12 -44.95 40.46
CA HIS A 430 18.13 -46.11 39.57
C HIS A 430 19.49 -46.71 39.21
N SER A 431 20.58 -45.98 39.44
CA SER A 431 21.89 -46.53 39.10
C SER A 431 22.65 -46.93 40.36
N TRP A 432 21.92 -47.09 41.45
CA TRP A 432 22.51 -47.48 42.72
C TRP A 432 23.36 -48.73 42.53
N ASP A 433 24.59 -48.68 43.04
CA ASP A 433 25.56 -49.77 42.97
C ASP A 433 26.27 -49.96 41.64
N GLU A 434 25.89 -49.19 40.62
CA GLU A 434 26.54 -49.32 39.33
C GLU A 434 27.88 -48.63 39.34
N ASP A 435 28.74 -48.98 38.40
CA ASP A 435 30.04 -48.35 38.28
C ASP A 435 29.79 -47.15 37.36
N PRO A 436 30.08 -45.93 37.85
CA PRO A 436 29.87 -44.69 37.08
C PRO A 436 30.87 -44.41 35.96
N ALA A 437 31.97 -45.14 35.92
CA ALA A 437 32.98 -44.90 34.88
C ALA A 437 32.46 -45.24 33.50
N GLY A 438 32.63 -44.31 32.57
CA GLY A 438 32.17 -44.55 31.22
C GLY A 438 31.47 -43.34 30.64
N GLU A 439 30.70 -43.55 29.58
CA GLU A 439 30.00 -42.45 28.94
C GLU A 439 28.57 -42.22 29.43
N TRP A 440 28.31 -41.00 29.91
CA TRP A 440 26.98 -40.65 30.37
C TRP A 440 26.29 -39.87 29.26
N VAL A 441 24.97 -39.99 29.20
CA VAL A 441 24.22 -39.30 28.17
C VAL A 441 23.01 -38.58 28.73
N LEU A 442 22.89 -37.29 28.42
CA LEU A 442 21.76 -36.50 28.86
C LEU A 442 20.90 -36.23 27.63
N GLU A 443 19.61 -36.45 27.78
CA GLU A 443 18.69 -36.25 26.67
C GLU A 443 17.62 -35.25 27.07
N ILE A 444 17.45 -34.21 26.26
CA ILE A 444 16.41 -33.21 26.50
C ILE A 444 15.62 -33.08 25.21
N GLU A 445 14.31 -33.23 25.30
CA GLU A 445 13.49 -33.15 24.10
C GLU A 445 12.16 -32.46 24.30
N ASN A 446 11.68 -31.84 23.24
CA ASN A 446 10.41 -31.15 23.26
C ASN A 446 9.38 -32.19 22.86
N THR A 447 8.55 -32.58 23.82
CA THR A 447 7.55 -33.60 23.56
C THR A 447 6.34 -33.08 22.83
N SER A 448 6.32 -31.77 22.60
CA SER A 448 5.19 -31.12 21.93
C SER A 448 5.47 -30.84 20.46
N GLU A 449 4.42 -30.55 19.70
CA GLU A 449 4.60 -30.24 18.29
C GLU A 449 4.82 -28.74 18.14
N ALA A 450 4.65 -28.02 19.24
CA ALA A 450 4.84 -26.58 19.27
C ALA A 450 6.27 -26.15 18.98
N ASN A 451 6.41 -24.92 18.50
CA ASN A 451 7.71 -24.35 18.18
C ASN A 451 8.27 -23.77 19.48
N ASN A 452 8.80 -24.63 20.34
CA ASN A 452 9.39 -24.15 21.60
C ASN A 452 10.86 -23.89 21.38
N TYR A 453 11.52 -23.26 22.32
CA TYR A 453 12.92 -22.92 22.17
C TYR A 453 13.56 -22.66 23.54
N GLY A 454 14.88 -22.84 23.62
CA GLY A 454 15.57 -22.64 24.89
C GLY A 454 17.02 -23.04 24.82
N THR A 455 17.74 -22.84 25.92
CA THR A 455 19.16 -23.14 25.99
C THR A 455 19.59 -23.82 27.28
N LEU A 456 20.42 -24.86 27.15
CA LEU A 456 20.96 -25.57 28.31
C LEU A 456 22.28 -24.87 28.56
N THR A 457 22.39 -24.20 29.70
CA THR A 457 23.59 -23.44 30.01
C THR A 457 24.54 -24.10 30.98
N LYS A 458 24.07 -25.08 31.73
CA LYS A 458 24.92 -25.78 32.68
C LYS A 458 24.41 -27.18 33.00
N PHE A 459 25.34 -28.12 33.07
CA PHE A 459 25.03 -29.49 33.38
C PHE A 459 26.17 -30.05 34.20
N THR A 460 25.93 -30.13 35.50
CA THR A 460 26.92 -30.67 36.42
C THR A 460 26.42 -32.02 36.93
N LEU A 461 27.23 -33.05 36.76
CA LEU A 461 26.88 -34.39 37.21
C LEU A 461 27.54 -34.58 38.56
N VAL A 462 26.75 -34.83 39.59
CA VAL A 462 27.31 -35.07 40.92
C VAL A 462 27.04 -36.51 41.28
N LEU A 463 28.12 -37.27 41.49
CA LEU A 463 28.04 -38.67 41.81
C LEU A 463 28.36 -38.92 43.27
N TYR A 464 27.48 -39.65 43.95
CA TYR A 464 27.68 -40.00 45.35
C TYR A 464 27.90 -41.52 45.37
N GLY A 465 28.82 -41.98 46.21
CA GLY A 465 29.04 -43.42 46.27
C GLY A 465 30.28 -43.80 47.04
N THR A 466 30.77 -45.01 46.78
CA THR A 466 31.96 -45.53 47.45
C THR A 466 32.90 -46.22 46.45
N ALA A 467 33.94 -46.86 46.99
CA ALA A 467 34.91 -47.62 46.19
C ALA A 467 35.11 -49.01 46.82
N PRO A 468 34.88 -50.12 46.05
CA PRO A 468 35.04 -51.51 46.54
C PRO A 468 36.43 -51.78 47.13
N GLU A 469 36.47 -51.70 48.46
CA GLU A 469 37.65 -51.92 49.29
C GLU A 469 37.69 -53.37 49.75
N GLY A 470 38.23 -53.60 50.94
CA GLY A 470 38.31 -54.94 51.51
C GLY A 470 39.22 -54.92 52.73
N LEU A 471 40.44 -54.43 52.47
CA LEU A 471 41.54 -54.29 53.42
C LEU A 471 42.71 -55.16 52.96
N VAL B 2 70.07 -24.54 72.57
CA VAL B 2 69.36 -23.24 72.43
C VAL B 2 68.88 -23.04 70.99
N TYR B 3 67.57 -23.19 70.77
CA TYR B 3 66.95 -23.04 69.45
C TYR B 3 67.62 -21.96 68.61
N GLN B 4 67.97 -22.29 67.37
CA GLN B 4 68.62 -21.32 66.50
C GLN B 4 67.68 -20.83 65.40
N GLU B 5 67.40 -19.53 65.41
CA GLU B 5 66.51 -18.90 64.44
C GLU B 5 67.07 -19.07 63.03
N PRO B 6 66.22 -18.93 62.00
CA PRO B 6 66.56 -19.06 60.58
C PRO B 6 67.76 -18.21 60.16
N THR B 7 68.54 -18.74 59.24
CA THR B 7 69.72 -18.07 58.74
C THR B 7 69.49 -17.52 57.35
N ASP B 8 68.27 -17.70 56.83
CA ASP B 8 67.93 -17.24 55.50
C ASP B 8 68.23 -15.75 55.35
N PRO B 9 68.77 -15.36 54.19
CA PRO B 9 69.13 -13.97 53.87
C PRO B 9 68.08 -12.88 54.13
N LYS B 10 66.81 -13.18 53.90
CA LYS B 10 65.76 -12.19 54.10
C LYS B 10 65.01 -12.31 55.41
N PHE B 11 65.37 -13.28 56.24
CA PHE B 11 64.68 -13.43 57.51
C PHE B 11 64.72 -12.15 58.34
N PRO B 12 65.85 -11.44 58.32
CA PRO B 12 65.88 -10.21 59.12
C PRO B 12 64.84 -9.21 58.64
N GLN B 13 64.51 -9.26 57.35
CA GLN B 13 63.54 -8.36 56.75
C GLN B 13 62.10 -8.77 57.09
N GLN B 14 61.92 -9.98 57.62
CA GLN B 14 60.59 -10.43 57.98
C GLN B 14 60.23 -9.93 59.38
N TRP B 15 60.13 -8.62 59.46
CA TRP B 15 59.82 -7.91 60.70
C TRP B 15 58.61 -8.43 61.45
N TYR B 16 57.67 -9.02 60.73
CA TYR B 16 56.44 -9.53 61.34
C TYR B 16 56.57 -10.88 62.03
N LEU B 17 57.57 -11.66 61.67
CA LEU B 17 57.76 -12.96 62.31
C LEU B 17 58.43 -12.73 63.65
N SER B 18 59.44 -11.88 63.64
CA SER B 18 60.19 -11.53 64.85
C SER B 18 61.11 -10.37 64.48
N GLY B 19 61.12 -9.32 65.29
CA GLY B 19 61.98 -8.18 64.99
C GLY B 19 62.27 -7.29 66.19
N VAL B 20 62.43 -7.90 67.37
CA VAL B 20 62.68 -7.13 68.58
C VAL B 20 61.43 -6.28 68.61
N THR B 21 61.41 -5.22 69.40
CA THR B 21 60.23 -4.38 69.45
C THR B 21 59.07 -5.21 70.00
N GLN B 22 59.18 -6.54 69.85
CA GLN B 22 58.14 -7.46 70.30
C GLN B 22 56.82 -6.94 69.70
N ARG B 23 56.91 -6.53 68.44
CA ARG B 23 55.78 -5.99 67.66
C ARG B 23 55.62 -6.90 66.45
N ASP B 24 55.26 -8.15 66.69
CA ASP B 24 55.13 -9.11 65.62
C ASP B 24 54.14 -10.22 65.98
N LEU B 25 54.19 -11.30 65.22
CA LEU B 25 53.29 -12.43 65.41
C LEU B 25 53.74 -13.44 66.47
N ASN B 26 54.86 -13.13 67.13
CA ASN B 26 55.40 -13.98 68.18
C ASN B 26 55.50 -15.43 67.77
N VAL B 27 56.10 -15.65 66.60
CA VAL B 27 56.31 -16.96 66.00
C VAL B 27 57.55 -17.66 66.58
N LYS B 28 58.63 -16.89 66.76
CA LYS B 28 59.88 -17.44 67.31
C LYS B 28 59.62 -18.24 68.57
N GLU B 29 58.72 -17.74 69.41
CA GLU B 29 58.41 -18.42 70.65
C GLU B 29 57.81 -19.81 70.40
N ALA B 30 57.05 -19.93 69.31
CA ALA B 30 56.44 -21.21 68.97
C ALA B 30 57.53 -22.14 68.42
N TRP B 31 58.39 -21.60 67.56
CA TRP B 31 59.46 -22.40 66.98
C TRP B 31 60.35 -22.97 68.08
N ALA B 32 60.72 -22.13 69.03
CA ALA B 32 61.57 -22.55 70.13
C ALA B 32 60.97 -23.73 70.88
N GLN B 33 59.65 -23.76 71.02
CA GLN B 33 58.97 -24.87 71.71
C GLN B 33 58.95 -26.13 70.83
N GLY B 34 59.54 -26.05 69.65
CA GLY B 34 59.56 -27.21 68.77
C GLY B 34 58.43 -27.31 67.75
N PHE B 35 57.67 -26.23 67.59
CA PHE B 35 56.58 -26.23 66.63
C PHE B 35 56.89 -25.41 65.38
N THR B 36 57.05 -26.09 64.26
CA THR B 36 57.38 -25.46 62.99
C THR B 36 56.53 -25.97 61.83
N GLY B 37 55.55 -26.81 62.12
CA GLY B 37 54.69 -27.32 61.06
C GLY B 37 54.85 -28.76 60.66
N HIS B 38 55.79 -29.49 61.29
CA HIS B 38 56.02 -30.91 60.99
C HIS B 38 54.71 -31.68 60.93
N GLY B 39 54.52 -32.45 59.86
CA GLY B 39 53.31 -33.25 59.76
C GLY B 39 52.03 -32.53 59.38
N ILE B 40 52.09 -31.21 59.19
CA ILE B 40 50.88 -30.47 58.82
C ILE B 40 50.88 -30.15 57.33
N VAL B 41 49.72 -30.24 56.72
CA VAL B 41 49.58 -29.99 55.29
C VAL B 41 48.69 -28.79 55.04
N VAL B 42 49.20 -27.83 54.26
CA VAL B 42 48.44 -26.62 53.94
C VAL B 42 48.32 -26.44 52.44
N SER B 43 47.13 -26.08 51.99
CA SER B 43 46.91 -25.88 50.57
C SER B 43 46.45 -24.45 50.26
N ILE B 44 47.03 -23.86 49.22
CA ILE B 44 46.69 -22.50 48.82
C ILE B 44 45.71 -22.54 47.65
N LEU B 45 44.49 -22.07 47.86
CA LEU B 45 43.50 -22.04 46.79
C LEU B 45 43.65 -20.70 46.09
N ASP B 46 44.30 -20.71 44.92
CA ASP B 46 44.55 -19.47 44.21
C ASP B 46 44.78 -19.68 42.70
N ASP B 47 45.76 -18.99 42.13
CA ASP B 47 46.06 -19.11 40.70
C ASP B 47 47.17 -20.10 40.38
N GLY B 48 47.50 -20.96 41.33
CA GLY B 48 48.56 -21.92 41.08
C GLY B 48 49.76 -21.70 41.99
N ILE B 49 50.69 -22.64 41.97
CA ILE B 49 51.88 -22.56 42.80
C ILE B 49 53.10 -23.00 42.02
N GLU B 50 54.16 -22.19 42.09
CA GLU B 50 55.38 -22.51 41.38
C GLU B 50 56.08 -23.57 42.22
N LYS B 51 55.65 -24.82 42.04
CA LYS B 51 56.15 -25.96 42.80
C LYS B 51 57.65 -26.21 42.74
N ASN B 52 58.33 -25.67 41.72
CA ASN B 52 59.76 -25.87 41.60
C ASN B 52 60.54 -24.64 42.07
N HIS B 53 59.87 -23.78 42.83
CA HIS B 53 60.53 -22.58 43.33
C HIS B 53 61.60 -23.03 44.33
N PRO B 54 62.82 -22.47 44.22
CA PRO B 54 63.88 -22.84 45.14
C PRO B 54 63.55 -22.76 46.63
N ASP B 55 62.55 -21.97 47.01
CA ASP B 55 62.21 -21.86 48.42
C ASP B 55 60.90 -22.57 48.76
N LEU B 56 60.35 -23.30 47.80
CA LEU B 56 59.10 -24.03 48.00
C LEU B 56 59.26 -25.53 47.72
N ALA B 57 60.05 -25.86 46.70
CA ALA B 57 60.28 -27.26 46.31
C ALA B 57 60.46 -28.19 47.50
N GLY B 58 61.31 -27.79 48.45
CA GLY B 58 61.55 -28.62 49.62
C GLY B 58 60.32 -29.03 50.40
N ASN B 59 59.28 -28.18 50.44
CA ASN B 59 58.07 -28.51 51.18
C ASN B 59 56.88 -28.77 50.27
N TYR B 60 57.10 -28.72 48.96
CA TYR B 60 56.00 -28.95 48.04
C TYR B 60 55.33 -30.30 48.24
N ASP B 61 54.01 -30.34 48.19
CA ASP B 61 53.26 -31.58 48.36
C ASP B 61 52.26 -31.76 47.21
N PRO B 62 52.52 -32.70 46.30
CA PRO B 62 51.62 -32.94 45.17
C PRO B 62 50.22 -33.33 45.64
N GLY B 63 50.17 -33.95 46.82
CA GLY B 63 48.91 -34.39 47.39
C GLY B 63 48.01 -33.29 47.87
N ALA B 64 48.57 -32.11 48.08
CA ALA B 64 47.79 -30.97 48.52
C ALA B 64 47.63 -30.02 47.34
N SER B 65 47.86 -30.53 46.13
CA SER B 65 47.79 -29.73 44.93
C SER B 65 46.93 -30.30 43.82
N PHE B 66 46.46 -29.41 42.94
CA PHE B 66 45.66 -29.79 41.80
C PHE B 66 45.34 -28.58 40.97
N ASP B 67 45.07 -28.80 39.69
CA ASP B 67 44.71 -27.73 38.79
C ASP B 67 43.27 -27.98 38.37
N VAL B 68 42.35 -27.32 39.07
CA VAL B 68 40.92 -27.48 38.77
C VAL B 68 40.53 -26.74 37.49
N ASN B 69 41.26 -25.69 37.15
CA ASN B 69 40.98 -24.93 35.94
C ASN B 69 41.24 -25.77 34.70
N ASP B 70 42.27 -26.61 34.76
CA ASP B 70 42.66 -27.45 33.64
C ASP B 70 42.36 -28.91 33.87
N GLN B 71 41.69 -29.22 34.96
CA GLN B 71 41.37 -30.62 35.24
C GLN B 71 42.63 -31.48 35.12
N ASP B 72 43.67 -31.11 35.84
CA ASP B 72 44.94 -31.82 35.81
C ASP B 72 45.60 -31.71 37.19
N PRO B 73 46.48 -32.66 37.54
CA PRO B 73 47.11 -32.56 38.85
C PRO B 73 48.22 -31.52 39.04
N ASP B 74 48.79 -31.01 37.94
CA ASP B 74 49.87 -30.03 38.03
C ASP B 74 49.35 -28.61 38.23
N PRO B 75 49.66 -28.00 39.39
CA PRO B 75 49.22 -26.65 39.75
C PRO B 75 50.15 -25.52 39.29
N GLN B 76 51.04 -25.80 38.35
CA GLN B 76 51.97 -24.77 37.89
C GLN B 76 51.20 -23.56 37.38
N PRO B 77 51.60 -22.34 37.78
CA PRO B 77 50.89 -21.15 37.31
C PRO B 77 51.16 -20.87 35.84
N ARG B 78 50.22 -20.16 35.20
CA ARG B 78 50.35 -19.78 33.80
C ARG B 78 51.20 -18.52 33.74
N TYR B 79 52.39 -18.63 33.13
CA TYR B 79 53.29 -17.50 33.04
C TYR B 79 52.89 -16.49 31.98
N THR B 80 52.94 -15.22 32.37
CA THR B 80 52.59 -14.12 31.48
C THR B 80 53.64 -13.03 31.66
N GLN B 81 53.68 -12.08 30.73
CA GLN B 81 54.66 -11.00 30.82
C GLN B 81 54.53 -10.27 32.15
N MET B 82 53.33 -9.82 32.46
CA MET B 82 53.11 -9.07 33.71
C MET B 82 53.10 -9.89 35.00
N ASN B 83 53.32 -11.21 34.90
CA ASN B 83 53.32 -12.07 36.08
C ASN B 83 51.98 -12.07 36.82
N ASP B 84 50.89 -11.92 36.08
CA ASP B 84 49.55 -11.87 36.63
C ASP B 84 49.20 -12.99 37.61
N ASN B 85 49.76 -14.18 37.39
CA ASN B 85 49.46 -15.34 38.25
C ASN B 85 50.53 -15.69 39.28
N ARG B 86 51.02 -14.67 39.97
CA ARG B 86 52.03 -14.84 41.00
C ARG B 86 51.37 -14.89 42.38
N HIS B 87 50.07 -14.66 42.43
CA HIS B 87 49.35 -14.61 43.69
C HIS B 87 49.50 -15.86 44.55
N GLY B 88 49.24 -17.01 43.98
CA GLY B 88 49.34 -18.25 44.72
C GLY B 88 50.71 -18.54 45.29
N THR B 89 51.74 -18.34 44.46
CA THR B 89 53.10 -18.57 44.89
C THR B 89 53.50 -17.69 46.05
N ARG B 90 53.11 -16.42 46.00
CA ARG B 90 53.45 -15.52 47.10
C ARG B 90 52.81 -15.99 48.40
N CYS B 91 51.57 -16.47 48.32
CA CYS B 91 50.89 -16.95 49.51
C CYS B 91 51.55 -18.21 50.06
N ALA B 92 51.97 -19.08 49.15
CA ALA B 92 52.60 -20.33 49.54
C ALA B 92 53.83 -20.06 50.39
N GLY B 93 54.69 -19.19 49.90
CA GLY B 93 55.92 -18.86 50.61
C GLY B 93 55.69 -18.39 52.02
N GLU B 94 54.62 -17.63 52.24
CA GLU B 94 54.34 -17.11 53.57
C GLU B 94 53.99 -18.19 54.55
N VAL B 95 53.37 -19.25 54.05
CA VAL B 95 53.00 -20.35 54.91
C VAL B 95 54.18 -21.27 55.16
N ALA B 96 54.81 -21.73 54.08
CA ALA B 96 55.90 -22.69 54.26
C ALA B 96 57.12 -22.54 53.40
N ALA B 97 57.68 -21.35 53.28
CA ALA B 97 58.90 -21.21 52.50
C ALA B 97 59.96 -21.98 53.29
N VAL B 98 60.84 -22.69 52.59
CA VAL B 98 61.89 -23.47 53.25
C VAL B 98 62.87 -22.62 54.08
N ALA B 99 63.26 -23.15 55.23
CA ALA B 99 64.16 -22.44 56.13
C ALA B 99 65.60 -22.92 56.09
N ASN B 100 66.51 -22.02 56.45
CA ASN B 100 67.94 -22.32 56.49
C ASN B 100 68.49 -22.92 55.21
N ASN B 101 68.03 -22.42 54.06
CA ASN B 101 68.49 -22.94 52.79
C ASN B 101 69.15 -21.82 52.00
N GLY B 102 69.49 -20.74 52.70
CA GLY B 102 70.15 -19.61 52.05
C GLY B 102 69.35 -18.92 50.96
N VAL B 103 68.05 -19.16 50.93
CA VAL B 103 67.21 -18.51 49.93
C VAL B 103 66.06 -17.72 50.53
N CYS B 104 65.89 -16.50 50.02
CA CYS B 104 64.81 -15.61 50.46
C CYS B 104 64.65 -15.62 51.97
N GLY B 105 63.41 -15.86 52.44
CA GLY B 105 63.16 -15.88 53.86
C GLY B 105 62.64 -17.24 54.32
N VAL B 106 61.65 -17.22 55.23
CA VAL B 106 61.07 -18.46 55.73
C VAL B 106 59.58 -18.29 55.93
N GLY B 107 58.85 -19.40 55.93
CA GLY B 107 57.42 -19.32 56.16
C GLY B 107 57.15 -19.50 57.64
N VAL B 108 55.94 -19.15 58.10
CA VAL B 108 55.61 -19.31 59.52
C VAL B 108 55.78 -20.77 59.91
N ALA B 109 55.27 -21.68 59.09
CA ALA B 109 55.39 -23.10 59.34
C ALA B 109 56.36 -23.65 58.30
N TYR B 110 57.63 -23.29 58.45
CA TYR B 110 58.66 -23.72 57.49
C TYR B 110 58.94 -25.21 57.39
N ASN B 111 58.30 -26.02 58.22
CA ASN B 111 58.49 -27.46 58.15
C ASN B 111 57.20 -28.17 57.72
N ALA B 112 56.19 -27.39 57.39
CA ALA B 112 54.92 -27.94 56.95
C ALA B 112 55.03 -28.28 55.47
N ARG B 113 54.05 -29.01 54.96
CA ARG B 113 54.01 -29.37 53.55
C ARG B 113 53.07 -28.36 52.92
N ILE B 114 53.46 -27.81 51.78
CA ILE B 114 52.64 -26.81 51.11
C ILE B 114 52.21 -27.24 49.72
N GLY B 115 50.94 -27.06 49.42
CA GLY B 115 50.43 -27.42 48.10
C GLY B 115 49.64 -26.25 47.53
N GLY B 116 49.25 -26.36 46.27
CA GLY B 116 48.49 -25.29 45.66
C GLY B 116 47.39 -25.79 44.75
N VAL B 117 46.27 -25.09 44.73
CA VAL B 117 45.18 -25.46 43.85
C VAL B 117 44.97 -24.31 42.89
N ARG B 118 45.21 -24.57 41.62
CA ARG B 118 45.02 -23.57 40.57
C ARG B 118 43.53 -23.57 40.22
N MET B 119 42.81 -22.53 40.66
CA MET B 119 41.39 -22.47 40.37
C MET B 119 40.84 -21.09 40.08
N LEU B 120 41.70 -20.08 40.08
CA LEU B 120 41.24 -18.72 39.82
C LEU B 120 41.56 -18.28 38.40
N ASP B 121 42.44 -19.02 37.74
CA ASP B 121 42.84 -18.68 36.39
C ASP B 121 41.87 -19.23 35.35
N GLY B 122 40.65 -18.76 35.41
CA GLY B 122 39.63 -19.19 34.47
C GLY B 122 38.28 -18.80 35.03
N GLU B 123 37.21 -19.41 34.51
CA GLU B 123 35.87 -19.12 35.02
C GLU B 123 35.76 -19.83 36.37
N VAL B 124 35.56 -19.05 37.44
CA VAL B 124 35.47 -19.63 38.76
C VAL B 124 34.02 -19.98 39.05
N THR B 125 33.62 -21.16 38.59
CA THR B 125 32.26 -21.66 38.76
C THR B 125 32.05 -22.23 40.15
N ASP B 126 30.79 -22.52 40.46
CA ASP B 126 30.42 -23.10 41.74
C ASP B 126 31.16 -24.45 41.88
N ALA B 127 31.10 -25.25 40.82
CA ALA B 127 31.75 -26.55 40.81
C ALA B 127 33.25 -26.43 41.05
N VAL B 128 33.87 -25.38 40.52
CA VAL B 128 35.31 -25.19 40.70
C VAL B 128 35.63 -24.89 42.16
N GLU B 129 34.83 -24.04 42.79
CA GLU B 129 35.06 -23.70 44.19
C GLU B 129 34.82 -24.94 45.07
N ALA B 130 33.75 -25.66 44.76
CA ALA B 130 33.42 -26.86 45.53
C ALA B 130 34.52 -27.93 45.46
N ARG B 131 35.12 -28.09 44.28
CA ARG B 131 36.16 -29.08 44.10
C ARG B 131 37.45 -28.62 44.79
N SER B 132 37.67 -27.31 44.84
CA SER B 132 38.85 -26.77 45.47
C SER B 132 38.73 -26.86 46.98
N LEU B 133 37.62 -26.38 47.52
CA LEU B 133 37.37 -26.43 48.95
C LEU B 133 37.34 -27.87 49.49
N GLY B 134 36.92 -28.82 48.65
CA GLY B 134 36.84 -30.20 49.08
C GLY B 134 37.92 -31.13 48.57
N LEU B 135 39.07 -30.58 48.21
CA LEU B 135 40.18 -31.38 47.71
C LEU B 135 40.97 -32.07 48.84
N ASN B 136 41.00 -33.40 48.82
CA ASN B 136 41.73 -34.16 49.82
C ASN B 136 41.42 -33.79 51.25
N PRO B 137 40.14 -33.82 51.63
CA PRO B 137 39.76 -33.47 52.99
C PRO B 137 40.55 -34.18 54.09
N ASN B 138 41.04 -35.39 53.81
CA ASN B 138 41.79 -36.13 54.81
C ASN B 138 43.31 -36.07 54.69
N HIS B 139 43.81 -35.29 53.75
CA HIS B 139 45.25 -35.14 53.60
C HIS B 139 45.64 -33.70 53.91
N ILE B 140 44.82 -32.77 53.43
CA ILE B 140 45.06 -31.35 53.67
C ILE B 140 44.37 -30.97 54.97
N HIS B 141 45.08 -30.32 55.89
CA HIS B 141 44.49 -29.91 57.15
C HIS B 141 43.93 -28.49 57.09
N ILE B 142 44.68 -27.61 56.42
CA ILE B 142 44.33 -26.21 56.32
C ILE B 142 44.28 -25.70 54.90
N TYR B 143 43.21 -24.98 54.58
CA TYR B 143 43.06 -24.37 53.27
C TYR B 143 43.17 -22.86 53.44
N SER B 144 43.96 -22.21 52.60
CA SER B 144 44.13 -20.77 52.68
C SER B 144 43.61 -20.13 51.38
N ALA B 145 42.58 -19.30 51.51
CA ALA B 145 41.99 -18.65 50.35
C ALA B 145 42.05 -17.12 50.40
N SER B 146 42.87 -16.53 49.53
CA SER B 146 43.01 -15.07 49.47
C SER B 146 42.30 -14.55 48.23
N TRP B 147 40.97 -14.64 48.23
CA TRP B 147 40.15 -14.18 47.12
C TRP B 147 38.71 -14.13 47.58
N GLY B 148 37.87 -13.52 46.75
CA GLY B 148 36.46 -13.43 47.07
C GLY B 148 35.72 -12.59 46.06
N PRO B 149 34.46 -12.22 46.34
CA PRO B 149 33.68 -11.39 45.41
C PRO B 149 34.40 -10.06 45.22
N GLU B 150 34.07 -9.36 44.14
CA GLU B 150 34.70 -8.08 43.88
C GLU B 150 34.64 -7.13 45.09
N ASP B 151 35.76 -6.46 45.34
CA ASP B 151 35.82 -5.51 46.46
C ASP B 151 35.60 -4.08 46.01
N ASP B 152 34.52 -3.85 45.27
CA ASP B 152 34.21 -2.52 44.77
C ASP B 152 33.27 -1.77 45.71
N GLY B 153 32.85 -2.45 46.78
CA GLY B 153 31.96 -1.84 47.74
C GLY B 153 30.55 -1.70 47.22
N LYS B 154 30.21 -2.46 46.18
CA LYS B 154 28.89 -2.42 45.57
C LYS B 154 28.27 -3.81 45.51
N THR B 155 29.07 -4.85 45.71
CA THR B 155 28.53 -6.19 45.58
C THR B 155 28.23 -7.01 46.85
N VAL B 156 27.22 -7.85 46.73
CA VAL B 156 26.81 -8.75 47.80
C VAL B 156 26.82 -10.12 47.14
N ASP B 157 27.78 -10.96 47.49
CA ASP B 157 27.88 -12.28 46.86
C ASP B 157 28.52 -13.28 47.81
N GLY B 158 28.21 -14.56 47.62
CA GLY B 158 28.77 -15.58 48.48
C GLY B 158 28.80 -16.92 47.79
N PRO B 159 29.20 -17.99 48.48
CA PRO B 159 29.24 -19.30 47.83
C PRO B 159 27.87 -19.73 47.33
N ALA B 160 27.86 -20.46 46.22
CA ALA B 160 26.61 -20.96 45.65
C ALA B 160 26.28 -22.33 46.26
N ARG B 161 25.36 -23.07 45.67
CA ARG B 161 24.94 -24.37 46.22
C ARG B 161 26.03 -25.39 46.54
N LEU B 162 26.85 -25.74 45.55
CA LEU B 162 27.89 -26.76 45.75
C LEU B 162 29.00 -26.30 46.67
N ALA B 163 29.36 -25.03 46.59
CA ALA B 163 30.41 -24.50 47.45
C ALA B 163 29.92 -24.50 48.89
N GLU B 164 28.66 -24.12 49.08
CA GLU B 164 28.09 -24.09 50.41
C GLU B 164 28.13 -25.51 51.00
N GLU B 165 27.80 -26.50 50.19
CA GLU B 165 27.84 -27.90 50.61
C GLU B 165 29.29 -28.27 50.95
N ALA B 166 30.23 -27.90 50.09
CA ALA B 166 31.64 -28.20 50.32
C ALA B 166 32.11 -27.70 51.68
N PHE B 167 31.73 -26.47 52.02
CA PHE B 167 32.12 -25.88 53.30
C PHE B 167 31.61 -26.70 54.45
N PHE B 168 30.33 -27.03 54.43
CA PHE B 168 29.76 -27.80 55.52
C PHE B 168 30.31 -29.23 55.55
N ARG B 169 30.46 -29.82 54.37
CA ARG B 169 30.99 -31.16 54.25
C ARG B 169 32.41 -31.21 54.81
N GLY B 170 33.22 -30.21 54.46
CA GLY B 170 34.60 -30.17 54.92
C GLY B 170 34.75 -29.97 56.41
N VAL B 171 33.84 -29.19 56.95
CA VAL B 171 33.84 -28.87 58.35
C VAL B 171 33.34 -30.05 59.19
N SER B 172 32.55 -30.92 58.57
CA SER B 172 31.99 -32.09 59.23
C SER B 172 32.80 -33.37 59.08
N GLN B 173 33.31 -33.59 57.87
CA GLN B 173 34.03 -34.82 57.56
C GLN B 173 35.54 -34.66 57.33
N GLY B 174 35.98 -33.43 57.08
CA GLY B 174 37.39 -33.22 56.84
C GLY B 174 38.24 -33.63 58.03
N ARG B 175 39.52 -33.89 57.79
CA ARG B 175 40.43 -34.29 58.85
C ARG B 175 39.81 -35.37 59.72
N GLY B 176 39.28 -36.40 59.07
CA GLY B 176 38.68 -37.50 59.79
C GLY B 176 37.60 -37.11 60.76
N GLY B 177 36.86 -36.04 60.44
CA GLY B 177 35.78 -35.62 61.31
C GLY B 177 36.11 -34.46 62.23
N LEU B 178 37.36 -34.05 62.27
CA LEU B 178 37.74 -32.92 63.12
C LEU B 178 37.37 -31.61 62.40
N GLY B 179 37.23 -31.67 61.08
CA GLY B 179 36.85 -30.52 60.30
C GLY B 179 37.97 -29.78 59.59
N SER B 180 37.80 -29.54 58.29
CA SER B 180 38.79 -28.80 57.51
C SER B 180 38.87 -27.40 58.09
N ILE B 181 40.04 -26.80 58.03
CA ILE B 181 40.15 -25.44 58.54
C ILE B 181 40.32 -24.51 57.36
N PHE B 182 39.33 -23.65 57.17
CA PHE B 182 39.35 -22.69 56.06
C PHE B 182 39.73 -21.29 56.52
N VAL B 183 40.89 -20.82 56.10
CA VAL B 183 41.38 -19.49 56.46
C VAL B 183 41.11 -18.57 55.28
N TRP B 184 40.51 -17.42 55.55
CA TRP B 184 40.16 -16.47 54.49
C TRP B 184 40.66 -15.04 54.69
N ALA B 185 41.02 -14.38 53.58
CA ALA B 185 41.47 -12.99 53.60
C ALA B 185 40.20 -12.15 53.59
N SER B 186 40.07 -11.23 54.56
CA SER B 186 38.85 -10.43 54.69
C SER B 186 38.49 -9.46 53.57
N GLY B 187 39.45 -9.06 52.73
CA GLY B 187 39.09 -8.17 51.65
C GLY B 187 39.94 -6.92 51.53
N ASN B 188 40.10 -6.42 50.30
CA ASN B 188 40.89 -5.22 50.07
C ASN B 188 40.08 -4.01 49.63
N GLY B 189 38.77 -4.02 49.84
CA GLY B 189 37.96 -2.90 49.41
C GLY B 189 37.85 -1.71 50.35
N GLY B 190 38.82 -1.56 51.25
CA GLY B 190 38.77 -0.45 52.18
C GLY B 190 38.54 0.92 51.55
N ARG B 191 39.34 1.23 50.54
CA ARG B 191 39.24 2.51 49.86
C ARG B 191 37.81 2.74 49.30
N GLU B 192 37.07 1.67 49.02
CA GLU B 192 35.70 1.80 48.51
C GLU B 192 34.69 1.69 49.63
N HIS B 193 35.18 1.64 50.87
CA HIS B 193 34.32 1.53 52.03
C HIS B 193 33.53 0.24 52.01
N ASP B 194 34.12 -0.81 51.47
CA ASP B 194 33.48 -2.10 51.40
C ASP B 194 33.32 -2.70 52.80
N SER B 195 32.35 -3.60 52.95
CA SER B 195 32.10 -4.27 54.21
C SER B 195 32.27 -5.76 53.98
N CYS B 196 33.13 -6.41 54.76
CA CYS B 196 33.30 -7.84 54.54
C CYS B 196 32.13 -8.72 54.95
N ASN B 197 31.05 -8.12 55.46
CA ASN B 197 29.87 -8.90 55.82
C ASN B 197 29.03 -9.10 54.58
N CYS B 198 29.45 -8.44 53.50
CA CYS B 198 28.77 -8.56 52.22
C CYS B 198 29.50 -9.56 51.35
N ASP B 199 30.45 -10.26 51.97
CA ASP B 199 31.27 -11.28 51.33
C ASP B 199 30.91 -12.60 52.02
N GLY B 200 30.14 -13.44 51.34
CA GLY B 200 29.71 -14.71 51.90
C GLY B 200 30.80 -15.69 52.29
N TYR B 201 32.01 -15.49 51.78
CA TYR B 201 33.09 -16.41 52.13
C TYR B 201 33.70 -16.02 53.45
N THR B 202 33.95 -14.72 53.64
CA THR B 202 34.51 -14.24 54.88
C THR B 202 33.45 -14.22 55.98
N ASN B 203 32.21 -13.99 55.57
CA ASN B 203 31.08 -13.90 56.48
C ASN B 203 30.60 -15.27 56.95
N SER B 204 31.12 -16.33 56.34
CA SER B 204 30.75 -17.70 56.69
C SER B 204 31.28 -18.10 58.06
N ILE B 205 30.54 -18.93 58.79
CA ILE B 205 31.02 -19.35 60.09
C ILE B 205 32.09 -20.42 59.94
N TYR B 206 32.14 -21.04 58.75
CA TYR B 206 33.09 -22.10 58.47
C TYR B 206 34.50 -21.61 58.19
N THR B 207 34.67 -20.31 58.06
CA THR B 207 35.99 -19.77 57.75
C THR B 207 36.50 -18.85 58.83
N LEU B 208 37.82 -18.76 58.97
CA LEU B 208 38.41 -17.83 59.92
C LEU B 208 38.79 -16.66 59.03
N SER B 209 37.99 -15.60 59.11
CA SER B 209 38.25 -14.42 58.31
C SER B 209 39.34 -13.62 59.00
N ILE B 210 40.41 -13.33 58.26
CA ILE B 210 41.55 -12.61 58.82
C ILE B 210 41.78 -11.24 58.18
N SER B 211 41.99 -10.22 59.02
CA SER B 211 42.23 -8.86 58.53
C SER B 211 43.70 -8.49 58.69
N SER B 212 44.03 -7.27 58.28
CA SER B 212 45.42 -6.80 58.34
C SER B 212 45.66 -5.61 59.24
N ALA B 213 46.93 -5.42 59.57
CA ALA B 213 47.38 -4.31 60.40
C ALA B 213 48.71 -3.91 59.80
N THR B 214 49.01 -2.60 59.78
CA THR B 214 50.27 -2.11 59.22
C THR B 214 51.39 -2.30 60.23
N GLN B 215 52.62 -2.17 59.75
CA GLN B 215 53.79 -2.33 60.61
C GLN B 215 53.68 -1.47 61.87
N PHE B 216 53.10 -0.28 61.75
CA PHE B 216 52.98 0.57 62.92
C PHE B 216 51.67 0.40 63.65
N GLY B 217 51.01 -0.72 63.39
CA GLY B 217 49.77 -1.04 64.06
C GLY B 217 48.54 -0.23 63.69
N ASN B 218 48.47 0.23 62.45
CA ASN B 218 47.32 1.01 62.01
C ASN B 218 46.42 0.21 61.08
N VAL B 219 45.21 0.70 60.87
CA VAL B 219 44.28 0.04 59.97
C VAL B 219 44.77 0.36 58.56
N PRO B 220 45.10 -0.68 57.78
CA PRO B 220 45.60 -0.46 56.40
C PRO B 220 44.55 0.26 55.57
N TRP B 221 44.98 0.93 54.51
CA TRP B 221 44.06 1.66 53.67
C TRP B 221 43.09 0.76 52.92
N TYR B 222 43.49 -0.48 52.70
CA TYR B 222 42.67 -1.44 51.96
C TYR B 222 41.73 -2.25 52.83
N SER B 223 41.91 -2.13 54.14
CA SER B 223 41.12 -2.87 55.11
C SER B 223 39.63 -2.60 55.11
N GLU B 224 38.84 -3.67 55.16
CA GLU B 224 37.38 -3.57 55.22
C GLU B 224 36.97 -3.91 56.65
N ALA B 225 36.05 -3.16 57.21
CA ALA B 225 35.60 -3.41 58.56
C ALA B 225 34.32 -4.24 58.52
N CYS B 226 34.14 -5.09 59.51
CA CYS B 226 32.94 -5.92 59.61
C CYS B 226 33.00 -6.75 60.88
N SER B 227 31.83 -7.23 61.30
CA SER B 227 31.72 -8.01 62.52
C SER B 227 32.06 -9.49 62.39
N SER B 228 32.30 -9.97 61.18
CA SER B 228 32.60 -11.38 61.00
C SER B 228 34.08 -11.70 61.08
N THR B 229 34.92 -10.68 61.03
CA THR B 229 36.34 -10.90 61.13
C THR B 229 36.65 -11.49 62.49
N LEU B 230 37.60 -12.43 62.53
CA LEU B 230 37.97 -13.08 63.77
C LEU B 230 39.28 -12.57 64.36
N ALA B 231 40.31 -12.48 63.53
CA ALA B 231 41.60 -12.01 64.02
C ALA B 231 42.41 -11.26 62.94
N THR B 232 43.61 -10.84 63.30
CA THR B 232 44.46 -10.08 62.40
C THR B 232 45.91 -10.56 62.36
N THR B 233 46.61 -10.25 61.27
CA THR B 233 48.03 -10.54 61.17
C THR B 233 48.58 -9.32 60.43
N TYR B 234 49.88 -9.09 60.56
CA TYR B 234 50.52 -7.96 59.92
C TYR B 234 50.54 -8.09 58.40
N SER B 235 50.61 -6.94 57.73
CA SER B 235 50.69 -6.90 56.28
C SER B 235 51.21 -5.52 55.88
N SER B 236 51.06 -5.17 54.61
CA SER B 236 51.54 -3.89 54.10
C SER B 236 50.71 -2.72 54.60
N GLY B 237 51.27 -1.51 54.47
CA GLY B 237 50.59 -0.32 54.92
C GLY B 237 50.89 0.83 53.99
N ASN B 238 51.25 1.99 54.54
CA ASN B 238 51.56 3.13 53.71
C ASN B 238 52.96 3.04 53.15
N GLN B 239 53.35 4.07 52.40
CA GLN B 239 54.65 4.15 51.75
C GLN B 239 55.85 4.05 52.70
N ASN B 240 55.64 4.37 53.97
CA ASN B 240 56.73 4.35 54.94
C ASN B 240 56.80 3.09 55.80
N GLU B 241 55.92 2.13 55.54
CA GLU B 241 55.93 0.90 56.33
C GLU B 241 56.38 -0.28 55.49
N LYS B 242 57.07 -1.21 56.13
CA LYS B 242 57.58 -2.41 55.46
C LYS B 242 56.45 -3.31 55.00
N GLN B 243 56.75 -4.22 54.08
CA GLN B 243 55.74 -5.12 53.57
C GLN B 243 56.14 -6.57 53.83
N ILE B 244 55.42 -7.51 53.21
CA ILE B 244 55.70 -8.92 53.44
C ILE B 244 56.72 -9.52 52.47
N VAL B 245 57.60 -10.35 53.02
CA VAL B 245 58.65 -11.01 52.25
C VAL B 245 58.25 -12.44 51.91
N THR B 246 58.32 -12.80 50.63
CA THR B 246 57.92 -14.14 50.23
C THR B 246 58.43 -14.54 48.85
N THR B 247 58.10 -15.76 48.46
CA THR B 247 58.52 -16.31 47.17
C THR B 247 57.66 -15.72 46.06
N ASP B 248 58.31 -15.32 44.97
CA ASP B 248 57.59 -14.73 43.85
C ASP B 248 57.77 -15.59 42.61
N LEU B 249 56.95 -15.34 41.57
CA LEU B 249 57.06 -16.10 40.34
C LEU B 249 58.45 -15.98 39.73
N ARG B 250 58.77 -16.95 38.87
CA ARG B 250 60.06 -17.01 38.19
C ARG B 250 61.22 -17.17 39.15
N GLN B 251 61.00 -17.97 40.18
CA GLN B 251 62.00 -18.27 41.19
C GLN B 251 62.60 -17.06 41.86
N LYS B 252 61.85 -15.98 41.95
CA LYS B 252 62.37 -14.79 42.58
C LYS B 252 61.90 -14.66 44.01
N CYS B 253 62.34 -13.59 44.66
CA CYS B 253 61.99 -13.31 46.04
C CYS B 253 61.50 -11.87 46.10
N THR B 254 60.37 -11.65 46.76
CA THR B 254 59.85 -10.29 46.84
C THR B 254 59.74 -9.83 48.28
N GLU B 255 59.84 -8.53 48.47
CA GLU B 255 59.72 -7.94 49.80
C GLU B 255 58.55 -6.98 49.78
N SER B 256 57.74 -7.05 48.73
CA SER B 256 56.61 -6.16 48.63
C SER B 256 55.25 -6.83 48.39
N HIS B 257 54.97 -7.90 49.12
CA HIS B 257 53.66 -8.54 48.99
C HIS B 257 52.78 -7.68 49.88
N THR B 258 51.55 -7.45 49.42
CA THR B 258 50.63 -6.57 50.16
C THR B 258 49.21 -7.10 50.28
N GLY B 259 48.39 -6.32 50.99
CA GLY B 259 46.99 -6.66 51.14
C GLY B 259 46.64 -7.77 52.11
N THR B 260 45.34 -8.01 52.27
CA THR B 260 44.87 -9.07 53.15
C THR B 260 45.30 -10.44 52.61
N SER B 261 45.76 -10.49 51.36
CA SER B 261 46.19 -11.75 50.79
C SER B 261 47.46 -12.26 51.45
N ALA B 262 48.19 -11.35 52.09
CA ALA B 262 49.41 -11.73 52.78
C ALA B 262 49.05 -12.16 54.19
N SER B 263 47.96 -11.63 54.71
CA SER B 263 47.52 -11.93 56.06
C SER B 263 46.92 -13.31 56.27
N ALA B 264 46.12 -13.77 55.31
CA ALA B 264 45.49 -15.08 55.43
C ALA B 264 46.53 -16.21 55.50
N PRO B 265 47.49 -16.25 54.56
CA PRO B 265 48.48 -17.32 54.63
C PRO B 265 49.33 -17.27 55.91
N LEU B 266 49.64 -16.08 56.40
CA LEU B 266 50.41 -15.98 57.64
C LEU B 266 49.59 -16.61 58.76
N ALA B 267 48.28 -16.40 58.71
CA ALA B 267 47.42 -16.97 59.73
C ALA B 267 47.39 -18.49 59.57
N ALA B 268 47.35 -18.95 58.33
CA ALA B 268 47.33 -20.38 58.04
C ALA B 268 48.59 -21.03 58.62
N GLY B 269 49.72 -20.37 58.47
CA GLY B 269 50.96 -20.88 59.01
C GLY B 269 50.87 -21.00 60.52
N ILE B 270 50.39 -19.95 61.17
CA ILE B 270 50.25 -19.95 62.63
C ILE B 270 49.29 -21.05 63.07
N ILE B 271 48.27 -21.29 62.26
CA ILE B 271 47.29 -22.30 62.57
C ILE B 271 47.91 -23.68 62.38
N ALA B 272 48.88 -23.74 61.48
CA ALA B 272 49.59 -24.99 61.21
C ALA B 272 50.42 -25.35 62.45
N LEU B 273 51.08 -24.35 63.03
CA LEU B 273 51.89 -24.58 64.22
C LEU B 273 50.99 -25.06 65.36
N THR B 274 49.82 -24.44 65.45
CA THR B 274 48.88 -24.78 66.49
C THR B 274 48.43 -26.25 66.36
N LEU B 275 48.22 -26.69 65.12
CA LEU B 275 47.79 -28.07 64.89
C LEU B 275 48.87 -29.08 65.26
N GLU B 276 50.13 -28.74 64.99
CA GLU B 276 51.22 -29.63 65.33
C GLU B 276 51.19 -29.80 66.85
N ALA B 277 50.95 -28.71 67.56
CA ALA B 277 50.91 -28.74 69.02
C ALA B 277 49.75 -29.56 69.55
N ASN B 278 48.72 -29.73 68.74
CA ASN B 278 47.56 -30.52 69.14
C ASN B 278 46.75 -30.90 67.91
N LYS B 279 47.10 -32.03 67.31
CA LYS B 279 46.44 -32.52 66.11
C LYS B 279 44.96 -32.82 66.26
N ASN B 280 44.44 -32.84 67.49
CA ASN B 280 43.04 -33.16 67.68
C ASN B 280 42.06 -32.01 67.79
N LEU B 281 42.53 -30.80 67.54
CA LEU B 281 41.67 -29.63 67.63
C LEU B 281 40.62 -29.67 66.53
N THR B 282 39.37 -29.37 66.85
CA THR B 282 38.35 -29.38 65.82
C THR B 282 38.33 -28.02 65.16
N TRP B 283 37.60 -27.89 64.05
CA TRP B 283 37.53 -26.60 63.35
C TRP B 283 36.99 -25.51 64.30
N ARG B 284 36.13 -25.90 65.23
CA ARG B 284 35.60 -24.96 66.20
C ARG B 284 36.63 -24.68 67.29
N ASP B 285 37.33 -25.72 67.74
CA ASP B 285 38.36 -25.56 68.76
C ASP B 285 39.30 -24.46 68.31
N MET B 286 39.73 -24.54 67.05
CA MET B 286 40.67 -23.57 66.48
C MET B 286 40.15 -22.13 66.57
N GLN B 287 38.87 -21.94 66.30
CA GLN B 287 38.34 -20.60 66.36
C GLN B 287 38.32 -20.12 67.81
N HIS B 288 38.03 -21.02 68.75
CA HIS B 288 38.05 -20.67 70.17
C HIS B 288 39.45 -20.22 70.56
N LEU B 289 40.47 -20.93 70.09
CA LEU B 289 41.85 -20.58 70.43
C LEU B 289 42.21 -19.19 69.91
N VAL B 290 41.76 -18.87 68.70
CA VAL B 290 42.06 -17.57 68.12
C VAL B 290 41.40 -16.47 68.92
N VAL B 291 40.16 -16.70 69.34
CA VAL B 291 39.44 -15.71 70.12
C VAL B 291 40.08 -15.47 71.47
N GLN B 292 40.51 -16.53 72.14
CA GLN B 292 41.12 -16.38 73.45
C GLN B 292 42.56 -15.84 73.49
N THR B 293 43.35 -16.12 72.45
CA THR B 293 44.75 -15.69 72.43
C THR B 293 45.13 -14.47 71.59
N SER B 294 44.25 -14.00 70.71
CA SER B 294 44.59 -12.85 69.90
C SER B 294 44.72 -11.59 70.73
N LYS B 295 45.77 -10.82 70.46
CA LYS B 295 46.07 -9.62 71.20
C LYS B 295 45.67 -8.31 70.52
N PRO B 296 44.88 -7.49 71.21
CA PRO B 296 44.48 -6.21 70.63
C PRO B 296 45.58 -5.15 70.82
N ALA B 297 46.46 -5.39 71.78
CA ALA B 297 47.54 -4.46 72.10
C ALA B 297 48.40 -3.99 70.92
N HIS B 298 48.66 -2.69 70.90
CA HIS B 298 49.49 -2.08 69.86
C HIS B 298 48.84 -2.01 68.49
N LEU B 299 47.55 -2.31 68.45
CA LEU B 299 46.78 -2.24 67.21
C LEU B 299 45.79 -1.07 67.39
N ASN B 300 46.02 0.00 66.64
CA ASN B 300 45.19 1.20 66.73
C ASN B 300 43.91 1.15 65.91
N ALA B 301 42.81 1.51 66.54
CA ALA B 301 41.51 1.56 65.90
C ALA B 301 40.62 2.48 66.72
N ASP B 302 39.61 3.06 66.10
CA ASP B 302 38.70 3.95 66.81
C ASP B 302 37.48 3.22 67.33
N ASP B 303 37.46 1.90 67.20
CA ASP B 303 36.29 1.15 67.64
C ASP B 303 36.51 -0.01 68.61
N TRP B 304 37.62 -0.03 69.34
CA TRP B 304 37.83 -1.10 70.30
C TRP B 304 36.73 -1.04 71.36
N ALA B 305 35.99 -2.12 71.51
CA ALA B 305 34.92 -2.18 72.50
C ALA B 305 35.03 -3.51 73.24
N THR B 306 34.71 -3.49 74.53
CA THR B 306 34.78 -4.70 75.33
C THR B 306 33.43 -5.41 75.31
N ASN B 307 33.41 -6.71 75.02
CA ASN B 307 32.14 -7.41 74.99
C ASN B 307 31.71 -7.90 76.35
N GLY B 308 30.58 -8.60 76.39
CA GLY B 308 30.01 -9.09 77.63
C GLY B 308 30.88 -10.01 78.47
N VAL B 309 31.96 -10.53 77.91
CA VAL B 309 32.81 -11.41 78.68
C VAL B 309 34.17 -10.79 78.91
N GLY B 310 34.25 -9.47 78.76
CA GLY B 310 35.48 -8.76 79.01
C GLY B 310 36.55 -8.74 77.95
N ARG B 311 36.25 -9.25 76.75
CA ARG B 311 37.26 -9.22 75.71
C ARG B 311 37.09 -8.03 74.78
N LYS B 312 38.21 -7.47 74.33
CA LYS B 312 38.18 -6.32 73.44
C LYS B 312 38.03 -6.78 72.01
N VAL B 313 37.10 -6.18 71.28
CA VAL B 313 36.92 -6.54 69.88
C VAL B 313 36.82 -5.30 69.02
N SER B 314 37.29 -5.41 67.78
CA SER B 314 37.24 -4.31 66.83
C SER B 314 36.74 -4.81 65.48
N HIS B 315 35.97 -4.00 64.77
CA HIS B 315 35.49 -4.40 63.45
C HIS B 315 36.59 -4.39 62.43
N SER B 316 37.74 -3.84 62.80
CA SER B 316 38.86 -3.79 61.89
C SER B 316 39.83 -4.92 62.14
N TYR B 317 39.84 -5.42 63.37
CA TYR B 317 40.78 -6.45 63.76
C TYR B 317 40.21 -7.72 64.40
N GLY B 318 38.90 -7.79 64.55
CA GLY B 318 38.35 -8.95 65.22
C GLY B 318 38.85 -8.89 66.65
N TYR B 319 39.36 -10.01 67.16
CA TYR B 319 39.86 -10.03 68.53
C TYR B 319 41.30 -9.56 68.69
N GLY B 320 41.92 -9.18 67.58
CA GLY B 320 43.29 -8.70 67.66
C GLY B 320 44.30 -9.46 66.82
N LEU B 321 45.57 -9.17 67.10
CA LEU B 321 46.69 -9.79 66.40
C LEU B 321 46.87 -11.23 66.86
N LEU B 322 47.14 -12.13 65.91
CA LEU B 322 47.38 -13.52 66.25
C LEU B 322 48.69 -13.64 67.04
N ASP B 323 48.70 -14.54 68.01
CA ASP B 323 49.88 -14.75 68.85
C ASP B 323 50.29 -16.22 68.76
N ALA B 324 51.23 -16.52 67.88
CA ALA B 324 51.70 -17.89 67.68
C ALA B 324 52.06 -18.58 69.00
N GLY B 325 52.87 -17.92 69.81
CA GLY B 325 53.25 -18.50 71.08
C GLY B 325 52.07 -18.85 71.96
N ALA B 326 51.14 -17.91 72.13
CA ALA B 326 49.96 -18.16 72.95
C ALA B 326 49.09 -19.26 72.35
N MET B 327 48.92 -19.23 71.04
CA MET B 327 48.12 -20.21 70.33
C MET B 327 48.63 -21.61 70.64
N VAL B 328 49.91 -21.81 70.39
CA VAL B 328 50.56 -23.09 70.63
C VAL B 328 50.46 -23.50 72.10
N ALA B 329 50.65 -22.55 73.00
CA ALA B 329 50.61 -22.84 74.43
C ALA B 329 49.23 -23.30 74.87
N LEU B 330 48.19 -22.58 74.45
CA LEU B 330 46.83 -22.91 74.84
C LEU B 330 46.34 -24.19 74.17
N ALA B 331 46.87 -24.50 72.99
CA ALA B 331 46.47 -25.69 72.26
C ALA B 331 46.87 -26.96 72.98
N GLN B 332 48.07 -26.96 73.54
CA GLN B 332 48.60 -28.13 74.23
C GLN B 332 47.67 -28.77 75.25
N ASN B 333 47.07 -27.98 76.13
CA ASN B 333 46.19 -28.61 77.11
C ASN B 333 44.70 -28.31 76.92
N TRP B 334 44.33 -28.03 75.67
CA TRP B 334 42.95 -27.71 75.30
C TRP B 334 41.99 -28.88 75.33
N THR B 335 40.85 -28.70 75.99
CA THR B 335 39.84 -29.75 76.03
C THR B 335 38.86 -29.43 74.90
N THR B 336 38.66 -30.37 73.98
CA THR B 336 37.77 -30.14 72.86
C THR B 336 36.39 -29.66 73.35
N VAL B 337 35.84 -28.65 72.69
CA VAL B 337 34.55 -28.06 73.07
C VAL B 337 33.33 -28.97 72.93
N ALA B 338 32.31 -28.67 73.71
CA ALA B 338 31.09 -29.45 73.70
C ALA B 338 30.41 -29.40 72.34
N PRO B 339 29.46 -30.30 72.09
CA PRO B 339 28.77 -30.33 70.79
C PRO B 339 28.14 -28.98 70.45
N GLN B 340 28.15 -28.65 69.16
CA GLN B 340 27.61 -27.39 68.69
C GLN B 340 26.09 -27.40 68.64
N ARG B 341 25.48 -26.42 69.30
CA ARG B 341 24.03 -26.32 69.29
C ARG B 341 23.70 -25.22 68.28
N LYS B 342 22.50 -25.27 67.70
CA LYS B 342 22.07 -24.29 66.73
C LYS B 342 20.65 -23.88 67.08
N CYS B 343 20.49 -22.66 67.56
CA CYS B 343 19.17 -22.19 67.93
C CYS B 343 18.65 -21.17 66.92
N ILE B 344 17.55 -21.54 66.27
CA ILE B 344 16.93 -20.69 65.25
C ILE B 344 15.72 -19.98 65.85
N VAL B 345 15.72 -18.65 65.79
CA VAL B 345 14.59 -17.92 66.32
C VAL B 345 14.08 -16.84 65.36
N GLU B 346 12.81 -16.96 64.98
CA GLU B 346 12.15 -16.01 64.09
C GLU B 346 11.77 -14.78 64.89
N ILE B 347 12.41 -13.65 64.60
CA ILE B 347 12.14 -12.42 65.33
C ILE B 347 10.88 -11.76 64.82
N LEU B 348 10.66 -11.87 63.51
CA LEU B 348 9.49 -11.32 62.86
C LEU B 348 9.35 -11.87 61.43
N VAL B 349 8.10 -12.01 61.00
CA VAL B 349 7.76 -12.47 59.65
C VAL B 349 6.55 -11.60 59.22
N GLU B 350 6.26 -10.60 60.06
CA GLU B 350 5.19 -9.61 59.86
C GLU B 350 5.93 -8.30 59.49
N PRO B 351 5.98 -7.96 58.19
CA PRO B 351 6.65 -6.77 57.66
C PRO B 351 6.64 -5.49 58.48
N LYS B 352 7.74 -4.77 58.41
CA LYS B 352 7.89 -3.52 59.13
C LYS B 352 8.62 -2.49 58.24
N ASP B 353 8.07 -1.28 58.23
CA ASP B 353 8.61 -0.17 57.45
C ASP B 353 9.96 0.29 58.04
N ILE B 354 10.96 0.49 57.18
CA ILE B 354 12.28 0.94 57.64
C ILE B 354 12.29 2.47 57.71
N GLY B 355 11.92 3.11 56.61
CA GLY B 355 11.90 4.56 56.58
C GLY B 355 13.24 5.16 56.93
N LYS B 356 13.24 6.09 57.88
CA LYS B 356 14.45 6.76 58.31
C LYS B 356 15.25 5.90 59.27
N ARG B 357 14.55 5.23 60.16
CA ARG B 357 15.19 4.37 61.13
C ARG B 357 14.18 3.37 61.68
N LEU B 358 14.66 2.17 61.97
CA LEU B 358 13.81 1.12 62.50
C LEU B 358 14.56 0.37 63.59
N GLU B 359 13.85 0.07 64.66
CA GLU B 359 14.45 -0.66 65.77
C GLU B 359 13.55 -1.85 66.09
N VAL B 360 14.13 -3.04 66.13
CA VAL B 360 13.35 -4.23 66.46
C VAL B 360 13.95 -4.85 67.71
N ARG B 361 13.13 -4.98 68.75
CA ARG B 361 13.57 -5.55 70.02
C ARG B 361 12.82 -6.84 70.23
N LYS B 362 13.51 -7.87 70.71
CA LYS B 362 12.86 -9.15 70.95
C LYS B 362 13.51 -9.88 72.11
N ALA B 363 12.69 -10.41 73.01
CA ALA B 363 13.20 -11.15 74.14
C ALA B 363 13.48 -12.56 73.62
N VAL B 364 14.70 -13.03 73.85
CA VAL B 364 15.10 -14.36 73.39
C VAL B 364 15.48 -15.29 74.54
N THR B 365 14.92 -16.50 74.53
CA THR B 365 15.24 -17.48 75.57
C THR B 365 16.36 -18.42 75.12
N ALA B 366 16.77 -18.30 73.86
CA ALA B 366 17.84 -19.11 73.29
C ALA B 366 17.55 -20.61 73.40
N CYS B 367 16.35 -20.99 72.99
CA CYS B 367 15.93 -22.39 73.01
C CYS B 367 15.97 -23.04 74.39
N LEU B 368 15.58 -22.28 75.41
CA LEU B 368 15.53 -22.79 76.77
C LEU B 368 14.55 -23.96 76.82
N GLY B 369 14.99 -25.04 77.48
CA GLY B 369 14.14 -26.22 77.60
C GLY B 369 14.18 -27.12 76.38
N GLU B 370 15.00 -26.76 75.41
CA GLU B 370 15.12 -27.56 74.20
C GLU B 370 16.55 -28.07 74.07
N PRO B 371 16.77 -29.08 73.22
CA PRO B 371 18.12 -29.65 73.03
C PRO B 371 19.15 -28.65 72.50
N ASN B 372 18.69 -27.60 71.82
CA ASN B 372 19.61 -26.61 71.28
C ASN B 372 19.78 -25.39 72.17
N HIS B 373 19.39 -25.53 73.43
CA HIS B 373 19.53 -24.45 74.39
C HIS B 373 20.99 -24.02 74.41
N ILE B 374 21.24 -22.71 74.32
CA ILE B 374 22.61 -22.19 74.32
C ILE B 374 22.85 -21.21 75.47
N THR B 375 23.97 -21.35 76.16
CA THR B 375 24.27 -20.40 77.24
C THR B 375 25.64 -19.78 77.00
N ARG B 376 26.36 -20.28 76.00
CA ARG B 376 27.68 -19.75 75.66
C ARG B 376 27.74 -19.65 74.13
N LEU B 377 27.62 -18.44 73.62
CA LEU B 377 27.63 -18.19 72.18
C LEU B 377 28.94 -18.43 71.45
N GLU B 378 28.79 -18.68 70.16
CA GLU B 378 29.90 -18.83 69.24
C GLU B 378 29.49 -17.87 68.13
N HIS B 379 29.19 -18.36 66.93
CA HIS B 379 28.78 -17.44 65.87
C HIS B 379 27.31 -17.02 66.02
N VAL B 380 27.01 -15.82 65.56
CA VAL B 380 25.64 -15.30 65.58
C VAL B 380 25.31 -14.75 64.19
N GLN B 381 24.20 -15.21 63.63
CA GLN B 381 23.75 -14.75 62.31
C GLN B 381 22.46 -13.99 62.43
N ALA B 382 22.40 -12.82 61.80
CA ALA B 382 21.18 -12.03 61.77
C ALA B 382 20.79 -12.14 60.30
N ARG B 383 19.84 -13.02 60.00
CA ARG B 383 19.38 -13.25 58.64
C ARG B 383 18.32 -12.27 58.25
N LEU B 384 18.67 -11.34 57.37
CA LEU B 384 17.73 -10.31 56.96
C LEU B 384 17.25 -10.43 55.51
N THR B 385 16.00 -10.06 55.31
CA THR B 385 15.40 -10.02 53.99
C THR B 385 14.71 -8.67 54.03
N LEU B 386 15.18 -7.76 53.21
CA LEU B 386 14.60 -6.43 53.18
C LEU B 386 14.71 -5.81 51.79
N SER B 387 13.88 -4.81 51.55
CA SER B 387 13.92 -4.09 50.30
C SER B 387 14.21 -2.64 50.66
N TYR B 388 15.05 -2.00 49.86
CA TYR B 388 15.39 -0.60 50.09
C TYR B 388 15.77 -0.03 48.73
N ASN B 389 15.62 1.28 48.56
CA ASN B 389 15.92 1.91 47.27
C ASN B 389 17.38 2.21 47.02
N ARG B 390 18.11 2.46 48.09
CA ARG B 390 19.53 2.79 48.02
C ARG B 390 20.22 1.97 49.11
N ARG B 391 20.61 0.74 48.81
CA ARG B 391 21.26 -0.15 49.78
C ARG B 391 22.44 0.43 50.55
N GLY B 392 23.37 1.04 49.83
CA GLY B 392 24.55 1.59 50.47
C GLY B 392 24.28 2.65 51.53
N ASP B 393 23.07 3.18 51.58
CA ASP B 393 22.75 4.19 52.58
C ASP B 393 22.39 3.58 53.92
N LEU B 394 22.20 2.26 53.95
CA LEU B 394 21.84 1.57 55.17
C LEU B 394 23.01 1.25 56.09
N ALA B 395 22.73 1.26 57.38
CA ALA B 395 23.70 0.91 58.41
C ALA B 395 22.87 0.01 59.32
N ILE B 396 23.37 -1.19 59.59
CA ILE B 396 22.64 -2.13 60.42
C ILE B 396 23.47 -2.55 61.63
N HIS B 397 22.85 -2.56 62.79
CA HIS B 397 23.52 -2.95 64.02
C HIS B 397 22.71 -3.98 64.79
N LEU B 398 23.41 -4.87 65.49
CA LEU B 398 22.76 -5.89 66.30
C LEU B 398 23.35 -5.77 67.70
N ILE B 399 22.51 -5.65 68.70
CA ILE B 399 23.00 -5.53 70.08
C ILE B 399 22.57 -6.73 70.89
N SER B 400 23.55 -7.41 71.49
CA SER B 400 23.28 -8.60 72.29
C SER B 400 22.74 -8.21 73.66
N PRO B 401 22.04 -9.14 74.33
CA PRO B 401 21.48 -8.87 75.65
C PRO B 401 22.54 -8.28 76.59
N MET B 402 23.78 -8.71 76.43
CA MET B 402 24.85 -8.21 77.29
C MET B 402 25.47 -6.91 76.78
N GLY B 403 24.73 -6.22 75.92
CA GLY B 403 25.15 -4.93 75.42
C GLY B 403 26.20 -4.82 74.34
N THR B 404 26.62 -5.93 73.74
CA THR B 404 27.62 -5.83 72.70
C THR B 404 27.00 -5.41 71.40
N ARG B 405 27.42 -4.25 70.90
CA ARG B 405 26.87 -3.69 69.68
C ARG B 405 27.73 -4.06 68.47
N SER B 406 27.20 -4.95 67.62
CA SER B 406 27.92 -5.38 66.43
C SER B 406 27.40 -4.62 65.21
N THR B 407 28.31 -4.10 64.41
CA THR B 407 27.88 -3.41 63.20
C THR B 407 27.80 -4.44 62.08
N LEU B 408 26.58 -4.89 61.79
CA LEU B 408 26.36 -5.88 60.75
C LEU B 408 26.64 -5.30 59.36
N LEU B 409 26.35 -4.01 59.19
CA LEU B 409 26.55 -3.35 57.91
C LEU B 409 26.75 -1.86 58.09
N ALA B 410 27.86 -1.34 57.60
CA ALA B 410 28.13 0.09 57.67
C ALA B 410 27.78 0.64 56.30
N ALA B 411 27.61 1.96 56.20
CA ALA B 411 27.25 2.54 54.91
C ALA B 411 28.32 2.27 53.85
N ARG B 412 27.86 2.01 52.62
CA ARG B 412 28.73 1.77 51.48
C ARG B 412 28.30 2.80 50.42
N PRO B 413 28.97 3.97 50.40
CA PRO B 413 28.66 5.04 49.46
C PRO B 413 28.60 4.67 47.98
N HIS B 414 29.27 3.61 47.57
CA HIS B 414 29.24 3.21 46.16
C HIS B 414 28.15 2.20 45.83
N ASP B 415 27.41 1.76 46.85
CA ASP B 415 26.37 0.77 46.62
C ASP B 415 25.02 1.45 46.36
N TYR B 416 24.61 1.47 45.11
CA TYR B 416 23.33 2.09 44.76
C TYR B 416 22.27 1.08 44.45
N SER B 417 22.58 -0.19 44.67
CA SER B 417 21.61 -1.23 44.39
C SER B 417 20.24 -0.96 45.00
N ALA B 418 19.21 -1.45 44.32
CA ALA B 418 17.84 -1.32 44.79
C ALA B 418 17.31 -2.75 45.04
N ASP B 419 18.23 -3.71 45.07
CA ASP B 419 17.86 -5.10 45.26
C ASP B 419 17.72 -5.56 46.71
N GLY B 420 18.21 -4.75 47.65
CA GLY B 420 18.12 -5.12 49.05
C GLY B 420 18.90 -6.37 49.43
N PHE B 421 18.36 -7.12 50.37
CA PHE B 421 18.98 -8.35 50.83
C PHE B 421 17.97 -9.47 50.86
N ASN B 422 18.38 -10.66 50.48
CA ASN B 422 17.46 -11.79 50.51
C ASN B 422 18.04 -12.91 51.33
N ASP B 423 17.55 -12.99 52.56
CA ASP B 423 17.99 -13.99 53.50
C ASP B 423 19.51 -13.94 53.61
N TRP B 424 20.06 -12.73 53.71
CA TRP B 424 21.49 -12.59 53.84
C TRP B 424 21.82 -12.76 55.31
N ALA B 425 22.75 -13.66 55.61
CA ALA B 425 23.12 -13.95 56.99
C ALA B 425 24.30 -13.12 57.52
N PHE B 426 24.05 -11.88 57.94
CA PHE B 426 25.13 -11.08 58.48
C PHE B 426 25.60 -11.82 59.71
N MET B 427 26.91 -12.00 59.84
CA MET B 427 27.45 -12.75 60.97
C MET B 427 28.37 -11.95 61.87
N THR B 428 28.24 -12.13 63.17
CA THR B 428 29.11 -11.44 64.12
C THR B 428 29.82 -12.43 65.07
N THR B 429 31.10 -12.18 65.32
CA THR B 429 31.89 -13.01 66.22
C THR B 429 32.10 -12.26 67.53
N HIS B 430 31.59 -11.04 67.57
CA HIS B 430 31.78 -10.19 68.74
C HIS B 430 31.08 -10.59 70.03
N SER B 431 30.10 -11.49 69.96
CA SER B 431 29.41 -11.92 71.17
C SER B 431 29.83 -13.32 71.59
N TRP B 432 30.97 -13.75 71.07
CA TRP B 432 31.51 -15.07 71.37
C TRP B 432 31.60 -15.24 72.88
N ASP B 433 31.06 -16.37 73.37
CA ASP B 433 31.08 -16.72 74.79
C ASP B 433 30.07 -16.00 75.65
N GLU B 434 29.27 -15.12 75.08
CA GLU B 434 28.28 -14.41 75.89
C GLU B 434 27.05 -15.29 76.02
N ASP B 435 26.23 -15.00 77.02
CA ASP B 435 25.00 -15.73 77.21
C ASP B 435 23.98 -15.01 76.34
N PRO B 436 23.37 -15.70 75.38
CA PRO B 436 22.37 -15.11 74.48
C PRO B 436 21.00 -14.84 75.06
N ALA B 437 20.72 -15.35 76.26
CA ALA B 437 19.39 -15.14 76.85
C ALA B 437 19.18 -13.68 77.19
N GLY B 438 18.04 -13.13 76.77
CA GLY B 438 17.75 -11.73 77.05
C GLY B 438 17.16 -11.03 75.83
N GLU B 439 17.18 -9.71 75.85
CA GLU B 439 16.62 -8.93 74.76
C GLU B 439 17.65 -8.52 73.71
N TRP B 440 17.38 -8.92 72.47
CA TRP B 440 18.25 -8.57 71.36
C TRP B 440 17.62 -7.39 70.63
N VAL B 441 18.47 -6.56 70.04
CA VAL B 441 17.99 -5.38 69.34
C VAL B 441 18.63 -5.24 67.98
N LEU B 442 17.80 -5.09 66.95
CA LEU B 442 18.27 -4.89 65.59
C LEU B 442 18.00 -3.42 65.25
N GLU B 443 19.02 -2.75 64.72
CA GLU B 443 18.89 -1.34 64.33
C GLU B 443 19.19 -1.17 62.84
N ILE B 444 18.24 -0.58 62.11
CA ILE B 444 18.45 -0.30 60.69
C ILE B 444 18.20 1.19 60.52
N GLU B 445 19.16 1.91 59.95
CA GLU B 445 18.98 3.34 59.75
C GLU B 445 19.52 3.85 58.42
N ASN B 446 18.87 4.88 57.92
CA ASN B 446 19.27 5.53 56.68
C ASN B 446 20.29 6.57 57.09
N THR B 447 21.54 6.35 56.72
CA THR B 447 22.61 7.26 57.08
C THR B 447 22.65 8.49 56.19
N SER B 448 21.80 8.51 55.17
CA SER B 448 21.75 9.61 54.22
C SER B 448 20.65 10.60 54.53
N GLU B 449 20.73 11.80 53.93
CA GLU B 449 19.66 12.75 54.17
C GLU B 449 18.58 12.61 53.12
N ALA B 450 18.79 11.73 52.14
CA ALA B 450 17.77 11.54 51.14
C ALA B 450 16.59 10.91 51.87
N ASN B 451 15.38 11.07 51.33
CA ASN B 451 14.24 10.43 51.96
C ASN B 451 14.16 9.05 51.32
N ASN B 452 14.94 8.10 51.84
CA ASN B 452 14.98 6.74 51.36
C ASN B 452 13.84 5.90 51.94
N TYR B 453 13.54 4.76 51.31
CA TYR B 453 12.43 3.93 51.78
C TYR B 453 12.62 2.43 51.51
N GLY B 454 11.94 1.63 52.30
CA GLY B 454 12.05 0.19 52.16
C GLY B 454 11.33 -0.56 53.26
N THR B 455 11.37 -1.89 53.18
CA THR B 455 10.68 -2.72 54.16
C THR B 455 11.51 -3.92 54.62
N LEU B 456 11.52 -4.17 55.93
CA LEU B 456 12.21 -5.34 56.48
C LEU B 456 11.12 -6.40 56.55
N THR B 457 11.24 -7.45 55.75
CA THR B 457 10.21 -8.49 55.71
C THR B 457 10.53 -9.75 56.52
N LYS B 458 11.79 -9.93 56.88
CA LYS B 458 12.17 -11.12 57.64
C LYS B 458 13.45 -10.90 58.43
N PHE B 459 13.46 -11.37 59.68
CA PHE B 459 14.61 -11.26 60.55
C PHE B 459 14.70 -12.52 61.38
N THR B 460 15.61 -13.41 61.01
CA THR B 460 15.81 -14.66 61.73
C THR B 460 17.15 -14.62 62.43
N LEU B 461 17.13 -14.81 63.75
CA LEU B 461 18.35 -14.79 64.53
C LEU B 461 18.77 -16.25 64.68
N VAL B 462 19.97 -16.58 64.23
CA VAL B 462 20.44 -17.95 64.36
C VAL B 462 21.64 -17.90 65.30
N LEU B 463 21.50 -18.61 66.42
CA LEU B 463 22.55 -18.65 67.43
C LEU B 463 23.27 -19.98 67.43
N TYR B 464 24.60 -19.93 67.40
CA TYR B 464 25.41 -21.14 67.45
C TYR B 464 26.15 -21.09 68.79
N GLY B 465 26.36 -22.23 69.41
CA GLY B 465 27.07 -22.24 70.68
C GLY B 465 26.95 -23.53 71.47
N THR B 466 27.29 -23.46 72.76
CA THR B 466 27.21 -24.65 73.60
C THR B 466 26.41 -24.45 74.90
N ALA B 467 26.12 -25.56 75.59
CA ALA B 467 25.33 -25.52 76.83
C ALA B 467 26.25 -25.36 78.04
N PRO B 468 25.76 -24.66 79.09
CA PRO B 468 26.42 -24.33 80.36
C PRO B 468 27.57 -25.23 80.84
N GLU B 469 28.72 -24.59 81.06
CA GLU B 469 29.94 -25.26 81.51
C GLU B 469 31.11 -24.27 81.53
N VAL C 2 12.96 50.83 19.85
CA VAL C 2 13.55 49.46 19.66
C VAL C 2 13.35 48.61 20.92
N TYR C 3 13.59 47.31 20.81
CA TYR C 3 13.45 46.38 21.93
C TYR C 3 14.66 46.50 22.86
N GLN C 4 14.45 46.44 24.16
CA GLN C 4 15.55 46.52 25.12
C GLN C 4 15.81 45.16 25.78
N GLU C 5 17.04 44.67 25.67
CA GLU C 5 17.40 43.39 26.26
C GLU C 5 17.50 43.52 27.79
N PRO C 6 17.37 42.40 28.52
CA PRO C 6 17.44 42.38 29.99
C PRO C 6 18.67 43.08 30.54
N THR C 7 18.48 43.72 31.69
CA THR C 7 19.54 44.46 32.35
C THR C 7 20.11 43.71 33.54
N ASP C 8 19.57 42.51 33.79
CA ASP C 8 19.99 41.69 34.92
C ASP C 8 21.50 41.47 34.91
N PRO C 9 22.13 41.55 36.09
CA PRO C 9 23.57 41.38 36.27
C PRO C 9 24.23 40.16 35.62
N LYS C 10 23.54 39.03 35.58
CA LYS C 10 24.13 37.83 35.01
C LYS C 10 23.68 37.51 33.59
N PHE C 11 22.80 38.34 33.03
CA PHE C 11 22.32 38.08 31.66
C PHE C 11 23.48 37.95 30.67
N PRO C 12 24.50 38.79 30.81
CA PRO C 12 25.61 38.65 29.85
C PRO C 12 26.26 37.28 29.94
N GLN C 13 26.22 36.67 31.11
CA GLN C 13 26.81 35.35 31.32
C GLN C 13 25.95 34.24 30.74
N GLN C 14 24.70 34.57 30.38
CA GLN C 14 23.80 33.57 29.82
C GLN C 14 24.05 33.46 28.33
N TRP C 15 25.26 33.01 28.02
CA TRP C 15 25.73 32.84 26.65
C TRP C 15 24.79 32.10 25.72
N TYR C 16 23.99 31.20 26.28
CA TYR C 16 23.06 30.41 25.48
C TYR C 16 21.79 31.14 25.05
N LEU C 17 21.45 32.22 25.76
CA LEU C 17 20.27 32.99 25.39
C LEU C 17 20.70 33.96 24.30
N SER C 18 21.86 34.60 24.51
CA SER C 18 22.40 35.54 23.53
C SER C 18 23.91 35.73 23.67
N GLY C 19 24.60 35.76 22.54
CA GLY C 19 26.05 35.94 22.54
C GLY C 19 26.53 36.59 21.25
N VAL C 20 27.79 37.06 21.22
CA VAL C 20 28.34 37.69 20.02
C VAL C 20 28.15 36.75 18.81
N THR C 21 28.49 35.48 19.03
CA THR C 21 28.37 34.44 18.02
C THR C 21 26.91 33.99 17.91
N GLN C 22 26.51 33.47 16.76
CA GLN C 22 25.13 33.01 16.61
C GLN C 22 24.97 31.58 17.15
N ARG C 23 25.76 31.27 18.18
CA ARG C 23 25.72 29.96 18.82
C ARG C 23 24.88 30.10 20.08
N ASP C 24 23.57 30.25 19.90
CA ASP C 24 22.65 30.42 21.02
C ASP C 24 21.26 29.90 20.66
N LEU C 25 20.34 29.96 21.61
CA LEU C 25 18.99 29.48 21.37
C LEU C 25 18.14 30.48 20.58
N ASN C 26 18.77 31.59 20.22
CA ASN C 26 18.10 32.63 19.44
C ASN C 26 16.76 33.08 20.04
N VAL C 27 16.79 33.35 21.35
CA VAL C 27 15.59 33.80 22.08
C VAL C 27 15.34 35.29 21.92
N LYS C 28 16.42 36.06 21.88
CA LYS C 28 16.33 37.51 21.74
C LYS C 28 15.41 37.87 20.58
N GLU C 29 15.51 37.12 19.49
CA GLU C 29 14.65 37.43 18.36
C GLU C 29 13.20 37.21 18.66
N ALA C 30 12.90 36.27 19.55
CA ALA C 30 11.50 36.01 19.91
C ALA C 30 11.02 37.11 20.85
N TRP C 31 11.88 37.51 21.78
CA TRP C 31 11.54 38.58 22.72
C TRP C 31 11.21 39.86 21.97
N ALA C 32 12.05 40.20 20.99
CA ALA C 32 11.87 41.40 20.20
C ALA C 32 10.51 41.43 19.53
N GLN C 33 10.03 40.27 19.10
CA GLN C 33 8.72 40.18 18.44
C GLN C 33 7.59 40.27 19.46
N GLY C 34 7.94 40.51 20.72
CA GLY C 34 6.93 40.63 21.76
C GLY C 34 6.56 39.34 22.47
N PHE C 35 7.33 38.27 22.31
CA PHE C 35 7.01 37.02 22.98
C PHE C 35 7.96 36.72 24.14
N THR C 36 7.43 36.78 25.35
CA THR C 36 8.22 36.54 26.55
C THR C 36 7.54 35.61 27.55
N GLY C 37 6.42 35.01 27.15
CA GLY C 37 5.75 34.09 28.04
C GLY C 37 4.46 34.56 28.70
N HIS C 38 4.05 35.79 28.41
CA HIS C 38 2.81 36.33 29.01
C HIS C 38 1.66 35.37 28.85
N GLY C 39 0.93 35.14 29.93
CA GLY C 39 -0.23 34.29 29.88
C GLY C 39 0.03 32.80 29.85
N ILE C 40 1.31 32.40 29.85
CA ILE C 40 1.64 30.98 29.82
C ILE C 40 2.08 30.48 31.19
N VAL C 41 1.61 29.30 31.54
CA VAL C 41 1.92 28.69 32.82
C VAL C 41 2.77 27.43 32.68
N VAL C 42 3.91 27.42 33.36
CA VAL C 42 4.81 26.29 33.33
C VAL C 42 5.03 25.71 34.73
N SER C 43 5.06 24.38 34.83
CA SER C 43 5.27 23.74 36.12
C SER C 43 6.48 22.81 36.09
N ILE C 44 7.33 22.91 37.09
CA ILE C 44 8.53 22.06 37.22
C ILE C 44 8.24 20.88 38.13
N LEU C 45 8.25 19.67 37.58
CA LEU C 45 8.00 18.47 38.39
C LEU C 45 9.37 18.04 38.88
N ASP C 46 9.67 18.29 40.16
CA ASP C 46 10.98 17.94 40.69
C ASP C 46 10.96 17.79 42.23
N ASP C 47 11.96 18.35 42.90
CA ASP C 47 12.04 18.26 44.36
C ASP C 47 11.51 19.51 45.07
N GLY C 48 10.75 20.33 44.37
CA GLY C 48 10.21 21.52 45.00
C GLY C 48 10.76 22.79 44.40
N ILE C 49 10.15 23.92 44.76
CA ILE C 49 10.57 25.22 44.23
C ILE C 49 10.62 26.24 45.35
N GLU C 50 11.72 26.99 45.42
CA GLU C 50 11.86 28.02 46.43
C GLU C 50 11.03 29.19 45.92
N LYS C 51 9.72 29.13 46.20
CA LYS C 51 8.78 30.14 45.73
C LYS C 51 9.05 31.58 46.14
N ASN C 52 9.82 31.79 47.20
CA ASN C 52 10.11 33.16 47.58
C ASN C 52 11.50 33.61 47.18
N HIS C 53 12.05 32.93 46.18
CA HIS C 53 13.37 33.28 45.71
C HIS C 53 13.24 34.65 45.06
N PRO C 54 14.18 35.57 45.37
CA PRO C 54 14.12 36.91 44.79
C PRO C 54 13.98 36.97 43.27
N ASP C 55 14.37 35.92 42.56
CA ASP C 55 14.24 35.95 41.11
C ASP C 55 13.11 35.06 40.58
N LEU C 56 12.32 34.52 41.49
CA LEU C 56 11.21 33.65 41.11
C LEU C 56 9.87 34.18 41.65
N ALA C 57 9.91 34.76 42.85
CA ALA C 57 8.70 35.27 43.49
C ALA C 57 7.77 36.04 42.55
N GLY C 58 8.34 36.93 41.74
CA GLY C 58 7.55 37.71 40.82
C GLY C 58 6.71 36.91 39.86
N ASN C 59 7.18 35.73 39.44
CA ASN C 59 6.42 34.92 38.50
C ASN C 59 5.83 33.68 39.14
N TYR C 60 6.06 33.49 40.43
CA TYR C 60 5.53 32.31 41.09
C TYR C 60 4.03 32.18 40.97
N ASP C 61 3.55 30.96 40.74
CA ASP C 61 2.13 30.70 40.59
C ASP C 61 1.71 29.52 41.47
N PRO C 62 0.97 29.80 42.55
CA PRO C 62 0.52 28.74 43.46
C PRO C 62 -0.33 27.71 42.74
N GLY C 63 -1.00 28.14 41.68
CA GLY C 63 -1.88 27.27 40.95
C GLY C 63 -1.17 26.25 40.10
N ALA C 64 0.11 26.47 39.88
CA ALA C 64 0.90 25.54 39.08
C ALA C 64 1.82 24.77 40.02
N SER C 65 1.50 24.83 41.30
CA SER C 65 2.33 24.17 42.30
C SER C 65 1.58 23.26 43.25
N PHE C 66 2.33 22.33 43.83
CA PHE C 66 1.78 21.39 44.80
C PHE C 66 2.88 20.51 45.38
N ASP C 67 2.65 20.01 46.57
CA ASP C 67 3.62 19.12 47.21
C ASP C 67 2.96 17.76 47.30
N VAL C 68 3.24 16.89 46.34
CA VAL C 68 2.64 15.57 46.31
C VAL C 68 3.27 14.64 47.33
N ASN C 69 4.53 14.92 47.67
CA ASN C 69 5.25 14.11 48.65
C ASN C 69 4.61 14.25 50.02
N ASP C 70 4.14 15.45 50.36
CA ASP C 70 3.51 15.66 51.65
C ASP C 70 2.04 16.00 51.59
N GLN C 71 1.42 15.73 50.44
CA GLN C 71 0.00 16.01 50.27
C GLN C 71 -0.35 17.38 50.85
N ASP C 72 0.28 18.42 50.32
CA ASP C 72 0.07 19.79 50.77
C ASP C 72 0.27 20.73 49.58
N PRO C 73 -0.35 21.93 49.60
CA PRO C 73 -0.18 22.84 48.46
C PRO C 73 1.17 23.58 48.35
N ASP C 74 1.91 23.66 49.45
CA ASP C 74 3.19 24.35 49.46
C ASP C 74 4.34 23.50 48.92
N PRO C 75 4.94 23.92 47.79
CA PRO C 75 6.05 23.22 47.14
C PRO C 75 7.45 23.57 47.63
N GLN C 76 7.56 24.27 48.77
CA GLN C 76 8.87 24.66 49.29
C GLN C 76 9.77 23.44 49.40
N PRO C 77 11.01 23.54 48.95
CA PRO C 77 11.91 22.38 49.05
C PRO C 77 12.39 22.16 50.47
N ARG C 78 12.83 20.94 50.77
CA ARG C 78 13.36 20.57 52.09
C ARG C 78 14.83 20.94 52.14
N TYR C 79 15.21 21.83 53.06
CA TYR C 79 16.60 22.28 53.13
C TYR C 79 17.56 21.37 53.86
N THR C 80 18.69 21.08 53.22
CA THR C 80 19.71 20.23 53.81
C THR C 80 21.04 20.91 53.56
N GLN C 81 22.06 20.58 54.35
CA GLN C 81 23.33 21.25 54.17
C GLN C 81 24.00 21.03 52.84
N MET C 82 23.76 19.90 52.22
CA MET C 82 24.37 19.68 50.90
C MET C 82 23.46 20.15 49.77
N ASN C 83 22.38 20.84 50.14
CA ASN C 83 21.44 21.41 49.19
C ASN C 83 20.98 20.37 48.22
N ASP C 84 20.67 19.21 48.75
CA ASP C 84 20.25 18.14 47.89
C ASP C 84 19.02 18.47 47.10
N ASN C 85 18.12 19.27 47.65
CA ASN C 85 16.88 19.60 46.94
C ASN C 85 16.82 20.95 46.23
N ARG C 86 17.90 21.28 45.52
CA ARG C 86 18.01 22.54 44.80
C ARG C 86 17.63 22.34 43.34
N HIS C 87 17.47 21.09 42.95
CA HIS C 87 17.17 20.72 41.57
C HIS C 87 15.98 21.47 40.97
N GLY C 88 14.84 21.43 41.65
CA GLY C 88 13.66 22.11 41.13
C GLY C 88 13.82 23.61 40.96
N THR C 89 14.41 24.26 41.96
CA THR C 89 14.60 25.70 41.91
C THR C 89 15.47 26.11 40.74
N ARG C 90 16.54 25.35 40.49
CA ARG C 90 17.42 25.66 39.39
C ARG C 90 16.68 25.57 38.06
N CYS C 91 15.80 24.58 37.92
CA CYS C 91 15.05 24.43 36.69
C CYS C 91 14.03 25.54 36.52
N ALA C 92 13.42 25.96 37.62
CA ALA C 92 12.42 27.01 37.57
C ALA C 92 13.03 28.30 37.00
N GLY C 93 14.17 28.68 37.54
CA GLY C 93 14.82 29.90 37.07
C GLY C 93 15.14 29.94 35.60
N GLU C 94 15.46 28.79 35.01
CA GLU C 94 15.78 28.76 33.60
C GLU C 94 14.55 28.99 32.74
N VAL C 95 13.40 28.61 33.26
CA VAL C 95 12.16 28.79 32.53
C VAL C 95 11.66 30.23 32.69
N ALA C 96 11.52 30.68 33.94
CA ALA C 96 10.96 31.99 34.17
C ALA C 96 11.57 32.86 35.26
N ALA C 97 12.89 32.95 35.34
CA ALA C 97 13.47 33.82 36.35
C ALA C 97 13.06 35.22 35.93
N VAL C 98 12.72 36.07 36.90
CA VAL C 98 12.28 37.44 36.61
C VAL C 98 13.36 38.29 35.93
N ALA C 99 12.92 39.10 34.97
CA ALA C 99 13.83 39.97 34.22
C ALA C 99 13.85 41.42 34.67
N ASN C 100 14.96 42.09 34.41
CA ASN C 100 15.13 43.50 34.75
C ASN C 100 14.81 43.83 36.20
N ASN C 101 15.23 42.96 37.12
CA ASN C 101 14.98 43.22 38.52
C ASN C 101 16.30 43.27 39.26
N GLY C 102 17.38 43.43 38.51
CA GLY C 102 18.69 43.51 39.13
C GLY C 102 19.17 42.28 39.88
N VAL C 103 18.55 41.14 39.62
CA VAL C 103 18.94 39.93 40.29
C VAL C 103 19.26 38.81 39.33
N CYS C 104 20.39 38.14 39.60
CA CYS C 104 20.84 37.02 38.80
C CYS C 104 20.68 37.26 37.28
N GLY C 105 20.00 36.34 36.59
CA GLY C 105 19.79 36.48 35.17
C GLY C 105 18.33 36.53 34.83
N VAL C 106 17.94 35.88 33.74
CA VAL C 106 16.54 35.85 33.33
C VAL C 106 16.20 34.48 32.76
N GLY C 107 14.92 34.14 32.76
CA GLY C 107 14.49 32.87 32.20
C GLY C 107 14.14 33.08 30.74
N VAL C 108 14.04 32.00 29.98
CA VAL C 108 13.68 32.11 28.57
C VAL C 108 12.34 32.82 28.42
N ALA C 109 11.38 32.42 29.24
CA ALA C 109 10.06 33.02 29.22
C ALA C 109 9.93 33.81 30.51
N TYR C 110 10.69 34.90 30.61
CA TYR C 110 10.69 35.71 31.82
C TYR C 110 9.39 36.39 32.23
N ASN C 111 8.34 36.26 31.41
CA ASN C 111 7.05 36.84 31.79
C ASN C 111 6.01 35.76 31.99
N ALA C 112 6.44 34.52 31.97
CA ALA C 112 5.52 33.40 32.16
C ALA C 112 5.34 33.20 33.65
N ARG C 113 4.34 32.42 34.03
CA ARG C 113 4.14 32.14 35.44
C ARG C 113 4.78 30.77 35.67
N ILE C 114 5.51 30.66 36.78
CA ILE C 114 6.19 29.42 37.07
C ILE C 114 5.76 28.78 38.38
N GLY C 115 5.54 27.49 38.34
CA GLY C 115 5.13 26.77 39.52
C GLY C 115 6.02 25.56 39.72
N GLY C 116 5.85 24.87 40.84
CA GLY C 116 6.67 23.70 41.09
C GLY C 116 5.89 22.60 41.80
N VAL C 117 6.19 21.36 41.46
CA VAL C 117 5.55 20.24 42.11
C VAL C 117 6.63 19.45 42.82
N ARG C 118 6.55 19.39 44.14
CA ARG C 118 7.51 18.65 44.93
C ARG C 118 7.05 17.18 44.93
N MET C 119 7.73 16.34 44.17
CA MET C 119 7.35 14.94 44.09
C MET C 119 8.49 13.93 44.03
N LEU C 120 9.73 14.41 44.08
CA LEU C 120 10.87 13.51 44.05
C LEU C 120 11.52 13.32 45.42
N ASP C 121 11.16 14.14 46.40
CA ASP C 121 11.75 14.03 47.73
C ASP C 121 11.03 13.02 48.60
N GLY C 122 11.04 11.77 48.17
CA GLY C 122 10.38 10.71 48.90
C GLY C 122 10.21 9.53 47.97
N GLU C 123 9.31 8.61 48.31
CA GLU C 123 9.09 7.46 47.45
C GLU C 123 8.29 7.95 46.26
N VAL C 124 8.85 7.81 45.06
CA VAL C 124 8.16 8.25 43.85
C VAL C 124 7.31 7.12 43.30
N THR C 125 6.11 6.99 43.84
CA THR C 125 5.20 5.95 43.44
C THR C 125 4.49 6.28 42.13
N ASP C 126 3.81 5.29 41.58
CA ASP C 126 3.05 5.46 40.37
C ASP C 126 2.01 6.57 40.59
N ALA C 127 1.30 6.49 41.71
CA ALA C 127 0.29 7.49 42.04
C ALA C 127 0.89 8.89 42.16
N VAL C 128 2.12 8.99 42.65
CA VAL C 128 2.78 10.28 42.79
C VAL C 128 3.04 10.87 41.43
N GLU C 129 3.57 10.05 40.52
CA GLU C 129 3.84 10.55 39.18
C GLU C 129 2.53 10.93 38.48
N ALA C 130 1.50 10.11 38.63
CA ALA C 130 0.22 10.38 38.00
C ALA C 130 -0.43 11.67 38.48
N ARG C 131 -0.30 11.96 39.77
CA ARG C 131 -0.89 13.16 40.31
C ARG C 131 -0.09 14.38 39.89
N SER C 132 1.22 14.19 39.73
CA SER C 132 2.08 15.28 39.31
C SER C 132 1.87 15.61 37.83
N LEU C 133 1.88 14.60 36.98
CA LEU C 133 1.69 14.81 35.55
C LEU C 133 0.29 15.35 35.24
N GLY C 134 -0.68 15.01 36.09
CA GLY C 134 -2.04 15.45 35.86
C GLY C 134 -2.53 16.59 36.74
N LEU C 135 -1.60 17.38 37.25
CA LEU C 135 -1.94 18.51 38.13
C LEU C 135 -2.42 19.72 37.34
N ASN C 136 -3.66 20.15 37.60
CA ASN C 136 -4.23 21.31 36.90
C ASN C 136 -4.08 21.29 35.39
N PRO C 137 -4.57 20.24 34.74
CA PRO C 137 -4.46 20.13 33.29
C PRO C 137 -4.94 21.36 32.51
N ASN C 138 -5.90 22.10 33.07
CA ASN C 138 -6.40 23.29 32.38
C ASN C 138 -5.85 24.63 32.86
N HIS C 139 -4.86 24.60 33.75
CA HIS C 139 -4.23 25.84 34.19
C HIS C 139 -2.76 25.82 33.76
N ILE C 140 -2.10 24.67 33.91
CA ILE C 140 -0.71 24.51 33.53
C ILE C 140 -0.67 24.10 32.07
N HIS C 141 0.12 24.81 31.25
CA HIS C 141 0.23 24.51 29.83
C HIS C 141 1.38 23.57 29.54
N ILE C 142 2.48 23.81 30.24
CA ILE C 142 3.69 23.03 30.05
C ILE C 142 4.25 22.44 31.32
N TYR C 143 4.62 21.17 31.25
CA TYR C 143 5.22 20.49 32.40
C TYR C 143 6.66 20.19 32.01
N SER C 144 7.59 20.51 32.91
CA SER C 144 9.00 20.25 32.65
C SER C 144 9.52 19.22 33.67
N ALA C 145 9.97 18.06 33.18
CA ALA C 145 10.45 17.01 34.07
C ALA C 145 11.90 16.62 33.81
N SER C 146 12.77 16.96 34.75
CA SER C 146 14.18 16.64 34.63
C SER C 146 14.55 15.49 35.57
N TRP C 147 14.00 14.31 35.28
CA TRP C 147 14.26 13.13 36.08
C TRP C 147 13.78 11.90 35.31
N GLY C 148 14.15 10.73 35.80
CA GLY C 148 13.74 9.50 35.14
C GLY C 148 14.38 8.29 35.80
N PRO C 149 14.30 7.10 35.19
CA PRO C 149 14.90 5.91 35.79
C PRO C 149 16.40 6.09 35.91
N GLU C 150 17.01 5.26 36.75
CA GLU C 150 18.44 5.27 37.01
C GLU C 150 19.22 5.37 35.68
N ASP C 151 20.22 6.25 35.61
CA ASP C 151 21.01 6.36 34.39
C ASP C 151 22.32 5.60 34.57
N ASP C 152 22.23 4.35 34.99
CA ASP C 152 23.42 3.53 35.21
C ASP C 152 23.79 2.71 33.98
N GLY C 153 22.95 2.78 32.96
CA GLY C 153 23.20 2.04 31.73
C GLY C 153 22.86 0.57 31.89
N LYS C 154 22.08 0.23 32.91
CA LYS C 154 21.70 -1.16 33.19
C LYS C 154 20.21 -1.31 33.31
N THR C 155 19.49 -0.21 33.46
CA THR C 155 18.06 -0.34 33.66
C THR C 155 17.11 -0.02 32.51
N VAL C 156 15.98 -0.69 32.52
CA VAL C 156 14.93 -0.50 31.53
C VAL C 156 13.69 -0.31 32.37
N ASP C 157 13.17 0.91 32.38
CA ASP C 157 11.99 1.19 33.19
C ASP C 157 11.21 2.35 32.58
N GLY C 158 9.93 2.43 32.89
CA GLY C 158 9.10 3.49 32.34
C GLY C 158 7.89 3.71 33.21
N PRO C 159 6.97 4.61 32.82
CA PRO C 159 5.78 4.86 33.62
C PRO C 159 4.96 3.60 33.86
N ALA C 160 4.33 3.51 35.02
CA ALA C 160 3.50 2.37 35.36
C ALA C 160 2.07 2.66 34.91
N ARG C 161 1.10 1.88 35.37
CA ARG C 161 -0.30 2.04 34.96
C ARG C 161 -0.93 3.42 35.08
N LEU C 162 -0.91 4.02 36.28
CA LEU C 162 -1.52 5.32 36.48
C LEU C 162 -0.79 6.45 35.78
N ALA C 163 0.53 6.40 35.75
CA ALA C 163 1.30 7.43 35.07
C ALA C 163 1.04 7.35 33.56
N GLU C 164 0.93 6.14 33.03
CA GLU C 164 0.68 5.97 31.61
C GLU C 164 -0.67 6.59 31.30
N GLU C 165 -1.63 6.38 32.19
CA GLU C 165 -2.95 6.95 32.01
C GLU C 165 -2.85 8.46 32.06
N ALA C 166 -2.12 8.98 33.05
CA ALA C 166 -1.95 10.41 33.19
C ALA C 166 -1.43 11.04 31.90
N PHE C 167 -0.42 10.43 31.31
CA PHE C 167 0.17 10.93 30.08
C PHE C 167 -0.86 11.03 28.98
N PHE C 168 -1.60 9.96 28.72
CA PHE C 168 -2.57 10.01 27.65
C PHE C 168 -3.73 10.93 27.98
N ARG C 169 -4.12 10.93 29.25
CA ARG C 169 -5.22 11.78 29.69
C ARG C 169 -4.86 13.24 29.49
N GLY C 170 -3.63 13.60 29.86
CA GLY C 170 -3.22 14.98 29.72
C GLY C 170 -3.08 15.44 28.29
N VAL C 171 -2.64 14.53 27.44
CA VAL C 171 -2.42 14.82 26.05
C VAL C 171 -3.77 14.91 25.32
N SER C 172 -4.79 14.27 25.88
CA SER C 172 -6.13 14.27 25.30
C SER C 172 -7.05 15.36 25.82
N GLN C 173 -7.04 15.55 27.13
CA GLN C 173 -7.90 16.53 27.77
C GLN C 173 -7.24 17.79 28.32
N GLY C 174 -5.92 17.78 28.47
CA GLY C 174 -5.24 18.94 28.99
C GLY C 174 -5.41 20.16 28.11
N ARG C 175 -5.22 21.34 28.68
CA ARG C 175 -5.37 22.59 27.93
C ARG C 175 -6.66 22.56 27.11
N GLY C 176 -7.77 22.24 27.77
CA GLY C 176 -9.04 22.20 27.11
C GLY C 176 -9.08 21.36 25.85
N GLY C 177 -8.32 20.27 25.81
CA GLY C 177 -8.35 19.41 24.64
C GLY C 177 -7.22 19.61 23.68
N LEU C 178 -6.39 20.62 23.89
CA LEU C 178 -5.26 20.84 23.00
C LEU C 178 -4.11 19.91 23.40
N GLY C 179 -4.14 19.46 24.66
CA GLY C 179 -3.13 18.54 25.16
C GLY C 179 -2.00 19.16 25.97
N SER C 180 -1.72 18.58 27.13
CA SER C 180 -0.65 19.07 27.98
C SER C 180 0.66 18.86 27.23
N ILE C 181 1.64 19.71 27.47
CA ILE C 181 2.92 19.55 26.81
C ILE C 181 3.93 19.13 27.84
N PHE C 182 4.42 17.91 27.69
CA PHE C 182 5.38 17.34 28.61
C PHE C 182 6.79 17.38 28.04
N VAL C 183 7.64 18.21 28.63
CA VAL C 183 9.03 18.35 28.20
C VAL C 183 9.91 17.51 29.13
N TRP C 184 10.76 16.67 28.55
CA TRP C 184 11.61 15.79 29.35
C TRP C 184 13.10 15.89 29.08
N ALA C 185 13.91 15.70 30.12
CA ALA C 185 15.36 15.71 29.98
C ALA C 185 15.73 14.29 29.54
N SER C 186 16.49 14.14 28.46
CA SER C 186 16.81 12.80 27.96
C SER C 186 17.69 11.88 28.80
N GLY C 187 18.43 12.41 29.78
CA GLY C 187 19.26 11.53 30.59
C GLY C 187 20.72 11.90 30.70
N ASN C 188 21.32 11.58 31.84
CA ASN C 188 22.73 11.89 32.07
C ASN C 188 23.64 10.66 32.13
N GLY C 189 23.18 9.54 31.60
CA GLY C 189 23.99 8.33 31.66
C GLY C 189 25.01 8.12 30.56
N GLY C 190 25.44 9.20 29.92
CA GLY C 190 26.40 9.07 28.84
C GLY C 190 27.65 8.29 29.19
N ARG C 191 28.25 8.64 30.31
CA ARG C 191 29.48 7.98 30.74
C ARG C 191 29.27 6.47 30.90
N GLU C 192 28.03 6.06 31.17
CA GLU C 192 27.72 4.63 31.33
C GLU C 192 27.23 4.03 30.03
N HIS C 193 27.24 4.83 28.97
CA HIS C 193 26.79 4.38 27.66
C HIS C 193 25.33 4.01 27.68
N ASP C 194 24.58 4.74 28.50
CA ASP C 194 23.15 4.51 28.62
C ASP C 194 22.43 4.93 27.34
N SER C 195 21.25 4.36 27.11
CA SER C 195 20.45 4.67 25.94
C SER C 195 19.11 5.20 26.40
N CYS C 196 18.72 6.38 25.93
CA CYS C 196 17.45 6.93 26.39
C CYS C 196 16.22 6.21 25.86
N ASN C 197 16.42 5.20 25.02
CA ASN C 197 15.27 4.44 24.53
C ASN C 197 14.87 3.41 25.58
N CYS C 198 15.71 3.28 26.60
CA CYS C 198 15.46 2.35 27.71
C CYS C 198 14.82 3.10 28.86
N ASP C 199 14.40 4.33 28.58
CA ASP C 199 13.77 5.23 29.55
C ASP C 199 12.35 5.49 29.00
N GLY C 200 11.36 4.84 29.58
CA GLY C 200 9.98 4.99 29.14
C GLY C 200 9.38 6.39 29.19
N TYR C 201 10.02 7.31 29.90
CA TYR C 201 9.48 8.65 29.96
C TYR C 201 9.96 9.45 28.75
N THR C 202 11.24 9.36 28.46
CA THR C 202 11.79 10.09 27.32
C THR C 202 11.37 9.38 26.04
N ASN C 203 11.22 8.07 26.11
CA ASN C 203 10.87 7.25 24.96
C ASN C 203 9.39 7.36 24.61
N SER C 204 8.61 7.99 25.48
CA SER C 204 7.18 8.16 25.25
C SER C 204 6.89 9.13 24.10
N ILE C 205 5.79 8.91 23.38
CA ILE C 205 5.49 9.82 22.29
C ILE C 205 4.83 11.08 22.86
N TYR C 206 4.36 10.98 24.10
CA TYR C 206 3.70 12.10 24.75
C TYR C 206 4.64 13.15 25.29
N THR C 207 5.93 12.89 25.22
CA THR C 207 6.89 13.84 25.75
C THR C 207 7.86 14.31 24.71
N LEU C 208 8.35 15.55 24.85
CA LEU C 208 9.37 16.06 23.93
C LEU C 208 10.67 15.82 24.69
N SER C 209 11.39 14.79 24.29
CA SER C 209 12.64 14.46 24.94
C SER C 209 13.70 15.41 24.39
N ILE C 210 14.40 16.10 25.29
CA ILE C 210 15.42 17.07 24.93
C ILE C 210 16.84 16.69 25.39
N SER C 211 17.80 16.77 24.48
CA SER C 211 19.19 16.46 24.81
C SER C 211 20.00 17.73 24.94
N SER C 212 21.30 17.59 25.20
CA SER C 212 22.17 18.74 25.40
C SER C 212 23.30 18.84 24.40
N ALA C 213 23.89 20.03 24.35
CA ALA C 213 25.04 20.33 23.49
C ALA C 213 25.90 21.27 24.31
N THR C 214 27.23 21.11 24.22
CA THR C 214 28.12 21.97 24.98
C THR C 214 28.26 23.33 24.29
N GLN C 215 28.84 24.29 25.00
CA GLN C 215 29.02 25.63 24.46
C GLN C 215 29.71 25.63 23.09
N PHE C 216 30.64 24.70 22.90
CA PHE C 216 31.34 24.62 21.64
C PHE C 216 30.67 23.68 20.65
N GLY C 217 29.40 23.35 20.92
CA GLY C 217 28.64 22.48 20.04
C GLY C 217 29.04 21.01 19.98
N ASN C 218 29.55 20.48 21.08
CA ASN C 218 29.94 19.08 21.13
C ASN C 218 28.95 18.26 21.94
N VAL C 219 29.03 16.94 21.78
CA VAL C 219 28.16 16.04 22.54
C VAL C 219 28.70 16.01 23.96
N PRO C 220 27.88 16.44 24.93
CA PRO C 220 28.32 16.44 26.33
C PRO C 220 28.73 15.05 26.79
N TRP C 221 29.59 14.98 27.79
CA TRP C 221 30.05 13.70 28.29
C TRP C 221 28.92 12.87 28.95
N TYR C 222 27.89 13.54 29.44
CA TYR C 222 26.77 12.86 30.10
C TYR C 222 25.64 12.51 29.15
N SER C 223 25.75 12.95 27.91
CA SER C 223 24.73 12.72 26.90
C SER C 223 24.47 11.27 26.52
N GLU C 224 23.20 10.90 26.46
CA GLU C 224 22.80 9.56 26.06
C GLU C 224 22.24 9.67 24.64
N ALA C 225 22.60 8.74 23.78
CA ALA C 225 22.10 8.78 22.42
C ALA C 225 20.91 7.84 22.29
N CYS C 226 19.98 8.20 21.42
CA CYS C 226 18.81 7.37 21.16
C CYS C 226 17.97 8.02 20.08
N SER C 227 17.09 7.22 19.48
CA SER C 227 16.24 7.67 18.40
C SER C 227 14.96 8.40 18.83
N SER C 228 14.67 8.43 20.11
CA SER C 228 13.46 9.08 20.58
C SER C 228 13.65 10.56 20.90
N THR C 229 14.90 11.01 20.97
CA THR C 229 15.16 12.41 21.23
C THR C 229 14.60 13.25 20.09
N LEU C 230 13.99 14.39 20.42
CA LEU C 230 13.42 15.25 19.42
C LEU C 230 14.31 16.45 19.06
N ALA C 231 14.81 17.15 20.06
CA ALA C 231 15.65 18.33 19.82
C ALA C 231 16.68 18.55 20.93
N THR C 232 17.46 19.61 20.80
CA THR C 232 18.52 19.91 21.76
C THR C 232 18.55 21.36 22.20
N THR C 233 19.15 21.60 23.36
CA THR C 233 19.35 22.97 23.84
C THR C 233 20.73 22.91 24.47
N TYR C 234 21.36 24.07 24.63
CA TYR C 234 22.69 24.12 25.22
C TYR C 234 22.68 23.78 26.72
N SER C 235 23.83 23.33 27.20
CA SER C 235 24.00 23.03 28.61
C SER C 235 25.48 22.98 28.91
N SER C 236 25.85 22.37 30.04
CA SER C 236 27.24 22.29 30.44
C SER C 236 28.04 21.32 29.56
N GLY C 237 29.37 21.42 29.65
CA GLY C 237 30.23 20.56 28.87
C GLY C 237 31.49 20.22 29.65
N ASN C 238 32.65 20.37 29.01
CA ASN C 238 33.90 20.07 29.70
C ASN C 238 34.31 21.23 30.63
N GLN C 239 35.44 21.08 31.30
CA GLN C 239 35.90 22.10 32.23
C GLN C 239 36.21 23.46 31.60
N ASN C 240 36.36 23.51 30.27
CA ASN C 240 36.65 24.77 29.60
C ASN C 240 35.44 25.44 28.96
N GLU C 241 34.25 24.89 29.16
CA GLU C 241 33.05 25.48 28.59
C GLU C 241 32.13 26.02 29.67
N LYS C 242 31.44 27.11 29.36
CA LYS C 242 30.52 27.76 30.29
C LYS C 242 29.33 26.86 30.63
N GLN C 243 28.64 27.18 31.71
CA GLN C 243 27.48 26.39 32.11
C GLN C 243 26.24 27.26 32.21
N ILE C 244 25.16 26.71 32.76
CA ILE C 244 23.91 27.46 32.83
C ILE C 244 23.75 28.31 34.07
N VAL C 245 23.22 29.52 33.88
CA VAL C 245 23.03 30.46 34.99
C VAL C 245 21.58 30.44 35.41
N THR C 246 21.34 30.28 36.71
CA THR C 246 19.97 30.22 37.18
C THR C 246 19.86 30.44 38.70
N THR C 247 18.62 30.39 39.18
CA THR C 247 18.31 30.57 40.59
C THR C 247 18.67 29.31 41.39
N ASP C 248 19.35 29.49 42.52
CA ASP C 248 19.75 28.36 43.34
C ASP C 248 19.09 28.45 44.71
N LEU C 249 19.13 27.36 45.48
CA LEU C 249 18.53 27.35 46.80
C LEU C 249 19.12 28.42 47.69
N ARG C 250 18.38 28.78 48.73
CA ARG C 250 18.81 29.78 49.69
C ARG C 250 18.98 31.15 49.06
N GLN C 251 18.07 31.47 48.14
CA GLN C 251 18.06 32.76 47.46
C GLN C 251 19.35 33.12 46.78
N LYS C 252 20.10 32.13 46.33
CA LYS C 252 21.35 32.41 45.67
C LYS C 252 21.22 32.32 44.16
N CYS C 253 22.33 32.58 43.48
CA CYS C 253 22.38 32.55 42.02
C CYS C 253 23.59 31.69 41.63
N THR C 254 23.37 30.73 40.74
CA THR C 254 24.44 29.85 40.32
C THR C 254 24.76 30.01 38.85
N GLU C 255 26.01 29.78 38.51
CA GLU C 255 26.49 29.86 37.14
C GLU C 255 26.99 28.50 36.74
N SER C 256 26.69 27.50 37.55
CA SER C 256 27.16 26.17 37.24
C SER C 256 26.10 25.07 37.25
N HIS C 257 24.94 25.33 36.66
CA HIS C 257 23.92 24.30 36.58
C HIS C 257 24.38 23.45 35.38
N THR C 258 24.22 22.14 35.49
CA THR C 258 24.69 21.24 34.44
C THR C 258 23.71 20.14 34.07
N GLY C 259 24.12 19.32 33.10
CA GLY C 259 23.33 18.18 32.67
C GLY C 259 22.10 18.45 31.84
N THR C 260 21.43 17.38 31.43
CA THR C 260 20.24 17.51 30.63
C THR C 260 19.11 18.16 31.42
N SER C 261 19.30 18.28 32.73
CA SER C 261 18.28 18.90 33.57
C SER C 261 18.19 20.39 33.28
N ALA C 262 19.25 20.95 32.71
CA ALA C 262 19.27 22.36 32.37
C ALA C 262 18.64 22.55 31.00
N SER C 263 18.76 21.52 30.17
CA SER C 263 18.21 21.57 28.82
C SER C 263 16.70 21.50 28.72
N ALA C 264 16.09 20.65 29.53
CA ALA C 264 14.63 20.52 29.48
C ALA C 264 13.91 21.82 29.81
N PRO C 265 14.24 22.45 30.95
CA PRO C 265 13.55 23.70 31.27
C PRO C 265 13.78 24.81 30.24
N LEU C 266 14.97 24.86 29.64
CA LEU C 266 15.24 25.88 28.62
C LEU C 266 14.29 25.60 27.45
N ALA C 267 14.09 24.33 27.13
CA ALA C 267 13.19 23.97 26.05
C ALA C 267 11.77 24.35 26.42
N ALA C 268 11.39 24.14 27.68
CA ALA C 268 10.04 24.47 28.15
C ALA C 268 9.81 25.96 28.00
N GLY C 269 10.84 26.75 28.29
CA GLY C 269 10.72 28.19 28.15
C GLY C 269 10.45 28.56 26.71
N ILE C 270 11.24 28.00 25.80
CA ILE C 270 11.08 28.27 24.38
C ILE C 270 9.72 27.82 23.91
N ILE C 271 9.22 26.73 24.47
CA ILE C 271 7.91 26.24 24.08
C ILE C 271 6.85 27.17 24.65
N ALA C 272 7.18 27.84 25.75
CA ALA C 272 6.23 28.78 26.36
C ALA C 272 6.09 29.99 25.42
N LEU C 273 7.22 30.44 24.85
CA LEU C 273 7.18 31.57 23.94
C LEU C 273 6.34 31.20 22.71
N THR C 274 6.54 29.97 22.25
CA THR C 274 5.81 29.50 21.09
C THR C 274 4.32 29.50 21.35
N LEU C 275 3.92 29.05 22.54
CA LEU C 275 2.50 29.03 22.87
C LEU C 275 1.91 30.44 22.93
N GLU C 276 2.68 31.40 23.43
CA GLU C 276 2.17 32.76 23.47
C GLU C 276 1.87 33.20 22.05
N ALA C 277 2.79 32.89 21.13
CA ALA C 277 2.62 33.25 19.74
C ALA C 277 1.42 32.56 19.10
N ASN C 278 0.99 31.44 19.66
CA ASN C 278 -0.18 30.72 19.12
C ASN C 278 -0.73 29.76 20.17
N LYS C 279 -1.64 30.26 21.00
CA LYS C 279 -2.25 29.46 22.06
C LYS C 279 -3.04 28.26 21.61
N ASN C 280 -3.29 28.13 20.31
CA ASN C 280 -4.09 27.00 19.84
C ASN C 280 -3.33 25.79 19.32
N LEU C 281 -2.02 25.78 19.53
CA LEU C 281 -1.20 24.66 19.10
C LEU C 281 -1.52 23.42 19.92
N THR C 282 -1.70 22.27 19.27
CA THR C 282 -1.96 21.04 20.02
C THR C 282 -0.63 20.45 20.43
N TRP C 283 -0.65 19.43 21.30
CA TRP C 283 0.59 18.80 21.75
C TRP C 283 1.37 18.26 20.56
N ARG C 284 0.66 17.84 19.51
CA ARG C 284 1.32 17.32 18.32
C ARG C 284 1.85 18.48 17.48
N ASP C 285 1.05 19.54 17.35
CA ASP C 285 1.46 20.71 16.60
C ASP C 285 2.85 21.13 17.08
N MET C 286 2.99 21.20 18.40
CA MET C 286 4.25 21.60 19.02
C MET C 286 5.43 20.73 18.62
N GLN C 287 5.22 19.43 18.54
CA GLN C 287 6.31 18.55 18.15
C GLN C 287 6.65 18.78 16.69
N HIS C 288 5.64 19.06 15.87
CA HIS C 288 5.89 19.33 14.46
C HIS C 288 6.75 20.58 14.33
N LEU C 289 6.44 21.62 15.10
CA LEU C 289 7.20 22.86 15.01
C LEU C 289 8.65 22.62 15.38
N VAL C 290 8.89 21.81 16.42
CA VAL C 290 10.25 21.51 16.85
C VAL C 290 11.03 20.79 15.74
N VAL C 291 10.37 19.84 15.10
CA VAL C 291 11.02 19.08 14.04
C VAL C 291 11.38 19.97 12.87
N GLN C 292 10.47 20.85 12.47
CA GLN C 292 10.70 21.72 11.33
C GLN C 292 11.65 22.88 11.54
N THR C 293 11.67 23.45 12.74
CA THR C 293 12.52 24.60 13.01
C THR C 293 13.88 24.38 13.65
N SER C 294 14.11 23.21 14.23
CA SER C 294 15.39 22.94 14.88
C SER C 294 16.56 22.93 13.91
N LYS C 295 17.73 23.33 14.37
CA LYS C 295 18.88 23.42 13.49
C LYS C 295 20.05 22.52 13.87
N PRO C 296 20.57 21.75 12.90
CA PRO C 296 21.71 20.87 13.15
C PRO C 296 22.98 21.71 13.20
N ALA C 297 22.97 22.77 12.40
CA ALA C 297 24.10 23.70 12.27
C ALA C 297 24.89 23.98 13.56
N HIS C 298 26.19 23.76 13.47
CA HIS C 298 27.11 23.99 14.57
C HIS C 298 27.10 22.98 15.69
N LEU C 299 26.31 21.93 15.52
CA LEU C 299 26.26 20.88 16.52
C LEU C 299 27.04 19.72 15.93
N ASN C 300 28.19 19.42 16.53
CA ASN C 300 29.05 18.34 16.06
C ASN C 300 28.65 16.97 16.56
N ALA C 301 28.60 16.02 15.64
CA ALA C 301 28.26 14.65 15.96
C ALA C 301 28.78 13.79 14.84
N ASP C 302 29.04 12.52 15.11
CA ASP C 302 29.53 11.63 14.06
C ASP C 302 28.39 10.85 13.40
N ASP C 303 27.15 11.20 13.70
CA ASP C 303 26.05 10.45 13.13
C ASP C 303 24.96 11.25 12.42
N TRP C 304 25.27 12.47 11.98
CA TRP C 304 24.26 13.25 11.29
C TRP C 304 23.87 12.52 10.01
N ALA C 305 22.58 12.24 9.85
CA ALA C 305 22.11 11.54 8.66
C ALA C 305 20.86 12.24 8.16
N THR C 306 20.66 12.23 6.85
CA THR C 306 19.51 12.87 6.26
C THR C 306 18.43 11.83 6.09
N ASN C 307 17.21 12.13 6.51
CA ASN C 307 16.16 11.15 6.37
C ASN C 307 15.40 11.31 5.06
N GLY C 308 14.39 10.47 4.87
CA GLY C 308 13.62 10.47 3.66
C GLY C 308 12.98 11.76 3.21
N VAL C 309 12.90 12.77 4.07
CA VAL C 309 12.29 14.03 3.66
C VAL C 309 13.32 15.13 3.64
N GLY C 310 14.59 14.74 3.60
CA GLY C 310 15.64 15.73 3.52
C GLY C 310 16.12 16.40 4.80
N ARG C 311 15.58 16.00 5.95
CA ARG C 311 16.03 16.63 7.20
C ARG C 311 17.17 15.87 7.85
N LYS C 312 18.11 16.59 8.45
CA LYS C 312 19.24 15.96 9.12
C LYS C 312 18.87 15.62 10.55
N VAL C 313 19.16 14.38 10.96
CA VAL C 313 18.86 13.92 12.31
C VAL C 313 20.07 13.25 12.93
N SER C 314 20.16 13.33 14.25
CA SER C 314 21.26 12.72 14.98
C SER C 314 20.72 12.07 16.24
N HIS C 315 21.30 10.94 16.63
CA HIS C 315 20.82 10.27 17.83
C HIS C 315 21.26 11.02 19.08
N SER C 316 22.15 11.98 18.91
CA SER C 316 22.60 12.76 20.05
C SER C 316 21.84 14.07 20.19
N TYR C 317 21.28 14.55 19.08
CA TYR C 317 20.59 15.84 19.09
C TYR C 317 19.20 15.85 18.50
N GLY C 318 18.69 14.69 18.09
CA GLY C 318 17.37 14.70 17.48
C GLY C 318 17.49 15.53 16.21
N TYR C 319 16.58 16.48 16.01
CA TYR C 319 16.63 17.32 14.82
C TYR C 319 17.53 18.54 14.92
N GLY C 320 18.17 18.71 16.08
CA GLY C 320 19.07 19.83 16.24
C GLY C 320 18.74 20.76 17.38
N LEU C 321 19.40 21.91 17.38
CA LEU C 321 19.23 22.94 18.40
C LEU C 321 17.91 23.68 18.23
N LEU C 322 17.22 23.93 19.33
CA LEU C 322 15.96 24.67 19.27
C LEU C 322 16.24 26.09 18.82
N ASP C 323 15.31 26.65 18.06
CA ASP C 323 15.44 28.01 17.55
C ASP C 323 14.19 28.79 17.95
N ALA C 324 14.29 29.53 19.04
CA ALA C 324 13.17 30.32 19.56
C ALA C 324 12.53 31.20 18.48
N GLY C 325 13.39 31.95 17.78
CA GLY C 325 12.89 32.81 16.72
C GLY C 325 12.08 32.05 15.68
N ALA C 326 12.66 30.99 15.14
CA ALA C 326 11.98 30.20 14.11
C ALA C 326 10.71 29.57 14.65
N MET C 327 10.78 29.05 15.88
CA MET C 327 9.62 28.43 16.53
C MET C 327 8.46 29.42 16.55
N VAL C 328 8.71 30.58 17.13
CA VAL C 328 7.71 31.62 17.23
C VAL C 328 7.20 32.06 15.85
N ALA C 329 8.11 32.18 14.89
CA ALA C 329 7.73 32.59 13.55
C ALA C 329 6.79 31.59 12.88
N LEU C 330 7.16 30.32 12.92
CA LEU C 330 6.35 29.29 12.29
C LEU C 330 5.03 29.04 13.03
N ALA C 331 5.03 29.29 14.33
CA ALA C 331 3.83 29.08 15.12
C ALA C 331 2.70 30.01 14.69
N GLN C 332 3.06 31.23 14.31
CA GLN C 332 2.06 32.20 13.88
C GLN C 332 1.38 31.76 12.59
N ASN C 333 2.15 31.34 11.59
CA ASN C 333 1.52 30.88 10.35
C ASN C 333 1.43 29.35 10.38
N TRP C 334 0.65 28.81 11.30
CA TRP C 334 0.52 27.36 11.42
C TRP C 334 -0.90 26.84 11.47
N THR C 335 -1.17 25.84 10.63
CA THR C 335 -2.48 25.21 10.57
C THR C 335 -2.43 23.93 11.37
N THR C 336 -3.29 23.82 12.37
CA THR C 336 -3.31 22.64 13.21
C THR C 336 -3.36 21.37 12.35
N VAL C 337 -2.52 20.38 12.70
CA VAL C 337 -2.42 19.13 11.94
C VAL C 337 -3.69 18.26 11.92
N ALA C 338 -3.79 17.42 10.90
CA ALA C 338 -4.95 16.55 10.75
C ALA C 338 -5.02 15.54 11.90
N PRO C 339 -6.20 14.92 12.11
CA PRO C 339 -6.30 13.95 13.21
C PRO C 339 -5.27 12.83 13.14
N GLN C 340 -4.79 12.42 14.31
CA GLN C 340 -3.77 11.39 14.44
C GLN C 340 -4.29 10.00 14.14
N ARG C 341 -3.62 9.31 13.24
CA ARG C 341 -4.00 7.95 12.91
C ARG C 341 -3.00 7.03 13.62
N LYS C 342 -3.41 5.81 13.91
CA LYS C 342 -2.57 4.84 14.61
C LYS C 342 -2.66 3.53 13.87
N CYS C 343 -1.59 3.13 13.21
CA CYS C 343 -1.63 1.89 12.47
C CYS C 343 -0.77 0.83 13.17
N ILE C 344 -1.42 -0.24 13.61
CA ILE C 344 -0.76 -1.34 14.30
C ILE C 344 -0.53 -2.47 13.32
N VAL C 345 0.72 -2.91 13.19
CA VAL C 345 1.01 -4.01 12.29
C VAL C 345 1.92 -5.07 12.94
N GLU C 346 1.42 -6.30 13.02
CA GLU C 346 2.14 -7.42 13.59
C GLU C 346 3.12 -7.91 12.53
N ILE C 347 4.42 -7.77 12.81
CA ILE C 347 5.44 -8.18 11.86
C ILE C 347 5.75 -9.66 11.94
N LEU C 348 5.90 -10.17 13.16
CA LEU C 348 6.16 -11.57 13.38
C LEU C 348 5.58 -12.00 14.73
N VAL C 349 4.89 -13.13 14.72
CA VAL C 349 4.30 -13.68 15.94
C VAL C 349 4.97 -15.04 16.22
N GLU C 350 5.63 -15.59 15.19
CA GLU C 350 6.35 -16.87 15.29
C GLU C 350 7.82 -16.56 15.63
N PRO C 351 8.35 -17.12 16.73
CA PRO C 351 9.71 -16.95 17.23
C PRO C 351 10.88 -17.05 16.26
N LYS C 352 11.95 -16.33 16.57
CA LYS C 352 13.15 -16.37 15.75
C LYS C 352 14.40 -16.31 16.62
N ASP C 353 15.38 -17.16 16.29
CA ASP C 353 16.63 -17.19 17.04
C ASP C 353 17.44 -16.00 16.62
N ILE C 354 17.82 -15.21 17.60
CA ILE C 354 18.64 -14.04 17.33
C ILE C 354 20.05 -14.50 16.99
N GLY C 355 20.60 -15.35 17.85
CA GLY C 355 21.94 -15.84 17.61
C GLY C 355 22.93 -14.70 17.53
N LYS C 356 23.72 -14.70 16.47
CA LYS C 356 24.75 -13.67 16.26
C LYS C 356 24.17 -12.44 15.58
N ARG C 357 23.22 -12.68 14.67
CA ARG C 357 22.60 -11.59 13.95
C ARG C 357 21.25 -12.06 13.41
N LEU C 358 20.28 -11.16 13.41
CA LEU C 358 18.95 -11.45 12.93
C LEU C 358 18.41 -10.27 12.15
N GLU C 359 17.80 -10.53 11.01
CA GLU C 359 17.24 -9.46 10.20
C GLU C 359 15.82 -9.85 9.85
N VAL C 360 14.88 -8.96 10.13
CA VAL C 360 13.47 -9.21 9.81
C VAL C 360 13.01 -8.14 8.83
N ARG C 361 12.54 -8.58 7.66
CA ARG C 361 12.06 -7.70 6.62
C ARG C 361 10.57 -7.93 6.46
N LYS C 362 9.81 -6.85 6.27
CA LYS C 362 8.37 -7.00 6.09
C LYS C 362 7.83 -5.87 5.25
N ALA C 363 7.00 -6.21 4.27
CA ALA C 363 6.37 -5.22 3.40
C ALA C 363 5.17 -4.69 4.17
N VAL C 364 5.11 -3.37 4.33
CA VAL C 364 4.04 -2.74 5.07
C VAL C 364 3.23 -1.80 4.19
N THR C 365 1.90 -1.92 4.26
CA THR C 365 1.02 -1.05 3.48
C THR C 365 0.51 0.11 4.33
N ALA C 366 0.88 0.12 5.61
CA ALA C 366 0.47 1.18 6.51
C ALA C 366 -1.05 1.40 6.56
N CYS C 367 -1.78 0.30 6.73
CA CYS C 367 -3.24 0.35 6.85
C CYS C 367 -3.94 0.94 5.61
N LEU C 368 -3.41 0.65 4.43
CA LEU C 368 -3.99 1.12 3.19
C LEU C 368 -5.43 0.60 3.10
N GLY C 369 -6.35 1.48 2.73
CA GLY C 369 -7.73 1.08 2.62
C GLY C 369 -8.49 1.05 3.94
N GLU C 370 -7.82 1.46 5.00
CA GLU C 370 -8.46 1.49 6.32
C GLU C 370 -8.44 2.91 6.86
N PRO C 371 -9.27 3.19 7.87
CA PRO C 371 -9.35 4.52 8.47
C PRO C 371 -8.02 5.04 9.03
N ASN C 372 -7.14 4.12 9.41
CA ASN C 372 -5.85 4.50 9.98
C ASN C 372 -4.72 4.53 8.97
N HIS C 373 -5.07 4.55 7.70
CA HIS C 373 -4.06 4.62 6.64
C HIS C 373 -3.20 5.85 6.91
N ILE C 374 -1.87 5.68 6.85
CA ILE C 374 -0.94 6.77 7.09
C ILE C 374 -0.03 6.99 5.89
N THR C 375 0.20 8.25 5.53
CA THR C 375 1.09 8.54 4.42
C THR C 375 2.15 9.52 4.87
N ARG C 376 1.97 10.07 6.07
CA ARG C 376 2.94 10.99 6.62
C ARG C 376 3.15 10.62 8.10
N LEU C 377 4.32 10.06 8.39
CA LEU C 377 4.65 9.60 9.72
C LEU C 377 4.92 10.66 10.76
N GLU C 378 4.73 10.25 12.01
CA GLU C 378 5.02 11.06 13.17
C GLU C 378 5.86 10.08 13.99
N HIS C 379 5.36 9.64 15.14
CA HIS C 379 6.15 8.70 15.94
C HIS C 379 6.07 7.29 15.39
N VAL C 380 7.14 6.51 15.57
CA VAL C 380 7.20 5.12 15.15
C VAL C 380 7.67 4.29 16.33
N GLN C 381 6.90 3.26 16.69
CA GLN C 381 7.27 2.38 17.79
C GLN C 381 7.56 0.99 17.24
N ALA C 382 8.68 0.41 17.67
CA ALA C 382 9.03 -0.94 17.29
C ALA C 382 8.90 -1.66 18.63
N ARG C 383 7.77 -2.34 18.83
CA ARG C 383 7.51 -3.07 20.07
C ARG C 383 8.12 -4.46 20.03
N LEU C 384 9.17 -4.66 20.82
CA LEU C 384 9.86 -5.95 20.84
C LEU C 384 9.70 -6.73 22.14
N THR C 385 9.62 -8.04 21.99
CA THR C 385 9.56 -8.94 23.12
C THR C 385 10.58 -9.97 22.73
N LEU C 386 11.67 -10.01 23.50
CA LEU C 386 12.74 -10.95 23.20
C LEU C 386 13.43 -11.42 24.48
N SER C 387 14.13 -12.54 24.36
CA SER C 387 14.89 -13.06 25.49
C SER C 387 16.32 -13.15 25.01
N TYR C 388 17.25 -12.77 25.88
CA TYR C 388 18.66 -12.83 25.53
C TYR C 388 19.40 -13.04 26.85
N ASN C 389 20.61 -13.58 26.79
CA ASN C 389 21.36 -13.84 28.01
C ASN C 389 22.13 -12.63 28.54
N ARG C 390 22.58 -11.75 27.66
CA ARG C 390 23.34 -10.55 28.06
C ARG C 390 22.79 -9.40 27.22
N ARG C 391 21.76 -8.75 27.77
CA ARG C 391 21.07 -7.66 27.08
C ARG C 391 21.95 -6.56 26.52
N GLY C 392 22.88 -6.07 27.32
CA GLY C 392 23.77 -5.00 26.90
C GLY C 392 24.60 -5.28 25.67
N ASP C 393 24.67 -6.53 25.23
CA ASP C 393 25.46 -6.85 24.06
C ASP C 393 24.67 -6.64 22.77
N LEU C 394 23.37 -6.45 22.90
CA LEU C 394 22.51 -6.25 21.73
C LEU C 394 22.55 -4.82 21.18
N ALA C 395 22.37 -4.72 19.88
CA ALA C 395 22.29 -3.45 19.17
C ALA C 395 21.11 -3.68 18.22
N ILE C 396 20.10 -2.81 18.30
CA ILE C 396 18.92 -2.97 17.46
C ILE C 396 18.70 -1.77 16.56
N HIS C 397 18.43 -2.03 15.28
CA HIS C 397 18.19 -0.97 14.31
C HIS C 397 16.90 -1.17 13.53
N LEU C 398 16.26 -0.08 13.14
CA LEU C 398 15.03 -0.14 12.38
C LEU C 398 15.27 0.73 11.15
N ILE C 399 15.02 0.20 9.96
CA ILE C 399 15.22 0.96 8.74
C ILE C 399 13.87 1.16 8.05
N SER C 400 13.53 2.42 7.79
CA SER C 400 12.27 2.75 7.14
C SER C 400 12.34 2.49 5.65
N PRO C 401 11.18 2.34 4.99
CA PRO C 401 11.18 2.09 3.55
C PRO C 401 12.01 3.14 2.80
N MET C 402 11.98 4.38 3.29
CA MET C 402 12.74 5.46 2.66
C MET C 402 14.23 5.47 3.07
N GLY C 403 14.67 4.35 3.65
CA GLY C 403 16.07 4.21 4.01
C GLY C 403 16.60 4.86 5.27
N THR C 404 15.74 5.40 6.12
CA THR C 404 16.25 6.02 7.35
C THR C 404 16.52 4.94 8.39
N ARG C 405 17.78 4.83 8.78
CA ARG C 405 18.20 3.83 9.75
C ARG C 405 18.23 4.40 11.16
N SER C 406 17.28 3.96 11.98
CA SER C 406 17.19 4.42 13.36
C SER C 406 17.81 3.39 14.31
N THR C 407 18.68 3.84 15.20
CA THR C 407 19.28 2.94 16.17
C THR C 407 18.34 2.89 17.36
N LEU C 408 17.55 1.82 17.45
CA LEU C 408 16.61 1.65 18.55
C LEU C 408 17.33 1.36 19.85
N LEU C 409 18.45 0.65 19.76
CA LEU C 409 19.24 0.30 20.94
C LEU C 409 20.70 0.07 20.58
N ALA C 410 21.59 0.79 21.25
CA ALA C 410 23.02 0.65 21.03
C ALA C 410 23.55 -0.19 22.18
N ALA C 411 24.72 -0.77 22.04
CA ALA C 411 25.27 -1.60 23.10
C ALA C 411 25.40 -0.85 24.42
N ARG C 412 25.09 -1.53 25.52
CA ARG C 412 25.23 -0.96 26.86
C ARG C 412 26.14 -1.93 27.64
N PRO C 413 27.45 -1.69 27.62
CA PRO C 413 28.42 -2.53 28.31
C PRO C 413 28.16 -2.89 29.76
N HIS C 414 27.38 -2.09 30.47
CA HIS C 414 27.11 -2.38 31.88
C HIS C 414 25.83 -3.16 32.09
N ASP C 415 25.09 -3.41 31.02
CA ASP C 415 23.84 -4.12 31.15
C ASP C 415 24.05 -5.62 30.98
N TYR C 416 24.00 -6.34 32.09
CA TYR C 416 24.21 -7.79 32.07
C TYR C 416 22.91 -8.56 32.27
N SER C 417 21.80 -7.83 32.30
CA SER C 417 20.50 -8.45 32.50
C SER C 417 20.24 -9.62 31.57
N ALA C 418 19.50 -10.61 32.05
CA ALA C 418 19.14 -11.78 31.26
C ALA C 418 17.60 -11.77 31.11
N ASP C 419 17.00 -10.63 31.46
CA ASP C 419 15.56 -10.43 31.39
C ASP C 419 15.01 -10.06 30.03
N GLY C 420 15.87 -9.61 29.11
CA GLY C 420 15.40 -9.25 27.78
C GLY C 420 14.45 -8.06 27.78
N PHE C 421 13.49 -8.07 26.85
CA PHE C 421 12.51 -7.00 26.75
C PHE C 421 11.10 -7.60 26.67
N ASN C 422 10.16 -6.98 27.34
CA ASN C 422 8.78 -7.47 27.31
C ASN C 422 7.86 -6.38 26.76
N ASP C 423 7.56 -6.48 25.47
CA ASP C 423 6.71 -5.51 24.78
C ASP C 423 7.23 -4.11 25.02
N TRP C 424 8.53 -3.93 24.86
CA TRP C 424 9.14 -2.62 25.05
C TRP C 424 9.01 -1.87 23.73
N ALA C 425 8.46 -0.67 23.80
CA ALA C 425 8.21 0.14 22.61
C ALA C 425 9.33 1.08 22.24
N PHE C 426 10.39 0.58 21.62
CA PHE C 426 11.48 1.47 21.21
C PHE C 426 10.84 2.44 20.25
N MET C 427 11.09 3.74 20.45
CA MET C 427 10.47 4.76 19.62
C MET C 427 11.47 5.60 18.85
N THR C 428 11.14 5.91 17.60
CA THR C 428 12.02 6.75 16.78
C THR C 428 11.26 7.93 16.19
N THR C 429 11.92 9.09 16.19
CA THR C 429 11.34 10.31 15.65
C THR C 429 12.03 10.64 14.34
N HIS C 430 13.03 9.85 13.98
CA HIS C 430 13.79 10.08 12.76
C HIS C 430 13.08 9.90 11.42
N SER C 431 11.93 9.25 11.40
CA SER C 431 11.21 9.07 10.13
C SER C 431 10.00 10.01 10.06
N TRP C 432 10.02 11.03 10.89
CA TRP C 432 8.94 12.01 10.93
C TRP C 432 8.67 12.55 9.52
N ASP C 433 7.41 12.52 9.10
CA ASP C 433 6.97 13.00 7.79
C ASP C 433 7.25 12.09 6.61
N GLU C 434 7.91 10.95 6.83
CA GLU C 434 8.17 10.03 5.73
C GLU C 434 6.92 9.20 5.44
N ASP C 435 6.88 8.62 4.26
CA ASP C 435 5.75 7.76 3.88
C ASP C 435 6.16 6.39 4.39
N PRO C 436 5.34 5.78 5.26
CA PRO C 436 5.61 4.47 5.82
C PRO C 436 5.39 3.26 4.92
N ALA C 437 4.74 3.47 3.77
CA ALA C 437 4.47 2.35 2.87
C ALA C 437 5.76 1.83 2.26
N GLY C 438 5.94 0.50 2.32
CA GLY C 438 7.14 -0.09 1.78
C GLY C 438 7.70 -1.16 2.69
N GLU C 439 8.95 -1.54 2.46
CA GLU C 439 9.58 -2.58 3.27
C GLU C 439 10.36 -2.06 4.46
N TRP C 440 9.98 -2.53 5.66
CA TRP C 440 10.67 -2.14 6.88
C TRP C 440 11.63 -3.25 7.24
N VAL C 441 12.75 -2.89 7.86
CA VAL C 441 13.74 -3.87 8.25
C VAL C 441 14.18 -3.69 9.70
N LEU C 442 14.11 -4.78 10.47
CA LEU C 442 14.54 -4.76 11.86
C LEU C 442 15.86 -5.53 11.91
N GLU C 443 16.86 -4.95 12.57
CA GLU C 443 18.15 -5.59 12.71
C GLU C 443 18.52 -5.77 14.18
N ILE C 444 18.83 -6.99 14.57
CA ILE C 444 19.26 -7.26 15.93
C ILE C 444 20.59 -8.00 15.82
N GLU C 445 21.61 -7.49 16.51
CA GLU C 445 22.91 -8.13 16.42
C GLU C 445 23.66 -8.17 17.73
N ASN C 446 24.45 -9.22 17.92
CA ASN C 446 25.27 -9.38 19.12
C ASN C 446 26.57 -8.64 18.82
N THR C 447 26.79 -7.51 19.48
CA THR C 447 28.00 -6.72 19.24
C THR C 447 29.22 -7.29 19.92
N SER C 448 29.03 -8.36 20.68
CA SER C 448 30.11 -8.99 21.43
C SER C 448 30.67 -10.23 20.75
N GLU C 449 31.86 -10.65 21.16
CA GLU C 449 32.46 -11.86 20.60
C GLU C 449 31.96 -13.06 21.39
N ALA C 450 31.28 -12.79 22.49
CA ALA C 450 30.74 -13.83 23.36
C ALA C 450 29.70 -14.73 22.68
N ASN C 451 29.46 -15.90 23.29
CA ASN C 451 28.49 -16.87 22.79
C ASN C 451 27.12 -16.59 23.40
N ASN C 452 26.49 -15.50 22.98
CA ASN C 452 25.18 -15.16 23.48
C ASN C 452 24.12 -15.88 22.71
N TYR C 453 22.90 -15.85 23.23
CA TYR C 453 21.80 -16.55 22.61
C TYR C 453 20.48 -15.98 23.10
N GLY C 454 19.45 -16.14 22.28
CA GLY C 454 18.14 -15.62 22.64
C GLY C 454 17.15 -15.72 21.50
N THR C 455 15.92 -15.29 21.76
CA THR C 455 14.87 -15.39 20.77
C THR C 455 13.99 -14.15 20.73
N LEU C 456 13.65 -13.72 19.51
CA LEU C 456 12.74 -12.58 19.32
C LEU C 456 11.39 -13.25 19.15
N THR C 457 10.48 -13.00 20.09
CA THR C 457 9.17 -13.65 20.05
C THR C 457 8.03 -12.77 19.55
N LYS C 458 8.24 -11.47 19.53
CA LYS C 458 7.22 -10.55 19.06
C LYS C 458 7.79 -9.25 18.55
N PHE C 459 7.26 -8.79 17.43
CA PHE C 459 7.67 -7.54 16.82
C PHE C 459 6.45 -6.87 16.21
N THR C 460 5.94 -5.87 16.93
CA THR C 460 4.79 -5.12 16.48
C THR C 460 5.24 -3.72 16.12
N LEU C 461 4.95 -3.32 14.88
CA LEU C 461 5.31 -1.99 14.42
C LEU C 461 4.07 -1.12 14.58
N VAL C 462 4.18 -0.05 15.35
CA VAL C 462 3.05 0.85 15.53
C VAL C 462 3.41 2.18 14.89
N LEU C 463 2.62 2.54 13.90
CA LEU C 463 2.84 3.78 13.16
C LEU C 463 1.84 4.87 13.54
N TYR C 464 2.34 6.04 13.88
CA TYR C 464 1.48 7.16 14.20
C TYR C 464 1.68 8.17 13.08
N GLY C 465 0.61 8.88 12.70
CA GLY C 465 0.76 9.86 11.64
C GLY C 465 -0.55 10.34 11.05
N THR C 466 -0.47 10.92 9.85
CA THR C 466 -1.67 11.43 9.20
C THR C 466 -1.73 11.06 7.72
N ALA C 467 -2.89 11.32 7.13
CA ALA C 467 -3.14 11.10 5.72
C ALA C 467 -3.51 12.48 5.19
N PRO C 468 -3.17 12.78 3.93
CA PRO C 468 -3.51 14.10 3.37
C PRO C 468 -5.03 14.29 3.29
N VAL D 2 -50.98 2.54 15.91
CA VAL D 2 -50.31 3.18 14.75
C VAL D 2 -49.14 2.31 14.30
N TYR D 3 -48.21 2.04 15.22
CA TYR D 3 -47.04 1.21 14.95
C TYR D 3 -47.43 -0.27 14.89
N GLN D 4 -46.85 -1.03 13.97
CA GLN D 4 -47.16 -2.45 13.86
C GLN D 4 -45.96 -3.34 14.23
N GLU D 5 -46.15 -4.20 15.24
CA GLU D 5 -45.07 -5.07 15.69
C GLU D 5 -44.65 -6.11 14.64
N PRO D 6 -43.39 -6.56 14.72
CA PRO D 6 -42.84 -7.53 13.77
C PRO D 6 -43.75 -8.71 13.46
N THR D 7 -43.70 -9.16 12.21
CA THR D 7 -44.52 -10.28 11.76
C THR D 7 -43.68 -11.52 11.58
N ASP D 8 -42.40 -11.42 11.91
CA ASP D 8 -41.48 -12.56 11.79
C ASP D 8 -42.00 -13.78 12.55
N PRO D 9 -41.87 -14.96 11.94
CA PRO D 9 -42.32 -16.23 12.52
C PRO D 9 -41.92 -16.55 13.96
N LYS D 10 -40.72 -16.17 14.37
CA LYS D 10 -40.27 -16.45 15.73
C LYS D 10 -40.38 -15.29 16.71
N PHE D 11 -40.89 -14.16 16.25
CA PHE D 11 -41.02 -13.01 17.15
C PHE D 11 -41.85 -13.37 18.38
N PRO D 12 -42.91 -14.17 18.21
CA PRO D 12 -43.70 -14.51 19.39
C PRO D 12 -42.85 -15.23 20.43
N GLN D 13 -41.87 -16.01 19.97
CA GLN D 13 -40.99 -16.75 20.87
C GLN D 13 -39.97 -15.86 21.56
N GLN D 14 -39.80 -14.64 21.07
CA GLN D 14 -38.84 -13.72 21.68
C GLN D 14 -39.48 -13.04 22.88
N TRP D 15 -39.80 -13.88 23.86
CA TRP D 15 -40.42 -13.46 25.11
C TRP D 15 -39.79 -12.27 25.82
N TYR D 16 -38.47 -12.11 25.64
CA TYR D 16 -37.74 -11.02 26.29
C TYR D 16 -37.92 -9.68 25.62
N LEU D 17 -38.39 -9.70 24.39
CA LEU D 17 -38.62 -8.47 23.65
C LEU D 17 -40.03 -7.98 23.99
N SER D 18 -41.04 -8.71 23.51
CA SER D 18 -42.44 -8.37 23.73
C SER D 18 -43.15 -9.56 24.34
N GLY D 19 -43.55 -9.43 25.61
CA GLY D 19 -44.25 -10.49 26.30
C GLY D 19 -45.44 -9.98 27.11
N VAL D 20 -46.60 -10.61 26.93
CA VAL D 20 -47.84 -10.22 27.62
C VAL D 20 -47.73 -10.35 29.13
N THR D 21 -46.52 -10.66 29.61
CA THR D 21 -46.27 -10.78 31.04
C THR D 21 -45.78 -9.41 31.52
N GLN D 22 -45.49 -8.53 30.55
CA GLN D 22 -44.97 -7.18 30.81
C GLN D 22 -43.80 -7.35 31.77
N ARG D 23 -42.99 -8.36 31.45
CA ARG D 23 -41.80 -8.76 32.20
C ARG D 23 -40.77 -9.05 31.10
N ASP D 24 -40.23 -7.97 30.54
CA ASP D 24 -39.28 -8.05 29.44
C ASP D 24 -38.42 -6.80 29.36
N LEU D 25 -37.72 -6.64 28.24
CA LEU D 25 -36.83 -5.49 28.03
C LEU D 25 -37.53 -4.19 27.59
N ASN D 26 -38.86 -4.26 27.42
CA ASN D 26 -39.65 -3.09 27.05
C ASN D 26 -39.16 -2.38 25.78
N VAL D 27 -38.84 -3.17 24.76
CA VAL D 27 -38.35 -2.63 23.50
C VAL D 27 -39.50 -2.09 22.63
N LYS D 28 -40.62 -2.81 22.62
CA LYS D 28 -41.79 -2.42 21.84
C LYS D 28 -42.13 -0.94 22.08
N GLU D 29 -42.01 -0.50 23.32
CA GLU D 29 -42.29 0.90 23.65
C GLU D 29 -41.35 1.85 22.92
N ALA D 30 -40.12 1.40 22.72
CA ALA D 30 -39.13 2.23 22.03
C ALA D 30 -39.41 2.21 20.52
N TRP D 31 -39.75 1.05 20.01
CA TRP D 31 -40.05 0.92 18.59
C TRP D 31 -41.23 1.84 18.21
N ALA D 32 -42.27 1.80 19.03
CA ALA D 32 -43.46 2.60 18.81
C ALA D 32 -43.12 4.08 18.68
N GLN D 33 -42.17 4.56 19.49
CA GLN D 33 -41.78 5.96 19.43
C GLN D 33 -40.93 6.23 18.20
N GLY D 34 -40.75 5.23 17.34
CA GLY D 34 -39.97 5.41 16.14
C GLY D 34 -38.48 5.11 16.22
N PHE D 35 -38.05 4.43 17.29
CA PHE D 35 -36.63 4.10 17.44
C PHE D 35 -36.38 2.62 17.21
N THR D 36 -35.69 2.32 16.12
CA THR D 36 -35.39 0.93 15.77
C THR D 36 -33.93 0.74 15.35
N GLY D 37 -33.12 1.77 15.50
CA GLY D 37 -31.73 1.64 15.13
C GLY D 37 -31.26 2.32 13.86
N HIS D 38 -32.15 3.00 13.14
CA HIS D 38 -31.76 3.68 11.92
C HIS D 38 -30.55 4.57 12.11
N GLY D 39 -29.59 4.44 11.20
CA GLY D 39 -28.39 5.26 11.26
C GLY D 39 -27.36 4.85 12.30
N ILE D 40 -27.64 3.79 13.07
CA ILE D 40 -26.69 3.34 14.08
C ILE D 40 -25.94 2.11 13.60
N VAL D 41 -24.64 2.07 13.86
CA VAL D 41 -23.79 0.97 13.43
C VAL D 41 -23.22 0.20 14.63
N VAL D 42 -23.42 -1.11 14.61
CA VAL D 42 -22.96 -1.98 15.68
C VAL D 42 -22.05 -3.07 15.15
N SER D 43 -20.98 -3.34 15.86
CA SER D 43 -20.04 -4.38 15.43
C SER D 43 -19.86 -5.45 16.51
N ILE D 44 -19.89 -6.70 16.09
CA ILE D 44 -19.73 -7.83 17.00
C ILE D 44 -18.28 -8.33 16.95
N LEU D 45 -17.56 -8.20 18.07
CA LEU D 45 -16.18 -8.68 18.11
C LEU D 45 -16.26 -10.11 18.59
N ASP D 46 -16.09 -11.06 17.67
CA ASP D 46 -16.20 -12.47 18.02
C ASP D 46 -15.44 -13.38 17.03
N ASP D 47 -16.07 -14.50 16.66
CA ASP D 47 -15.44 -15.45 15.74
C ASP D 47 -15.91 -15.28 14.30
N GLY D 48 -16.49 -14.12 13.99
CA GLY D 48 -16.96 -13.89 12.63
C GLY D 48 -18.47 -13.75 12.53
N ILE D 49 -18.93 -13.32 11.37
CA ILE D 49 -20.37 -13.15 11.14
C ILE D 49 -20.77 -13.68 9.78
N GLU D 50 -21.82 -14.50 9.75
CA GLU D 50 -22.29 -15.07 8.49
C GLU D 50 -23.05 -13.94 7.81
N LYS D 51 -22.31 -13.07 7.13
CA LYS D 51 -22.87 -11.89 6.47
C LYS D 51 -23.96 -12.17 5.42
N ASN D 52 -24.02 -13.39 4.92
CA ASN D 52 -25.01 -13.75 3.92
C ASN D 52 -26.20 -14.46 4.53
N HIS D 53 -26.33 -14.38 5.85
CA HIS D 53 -27.46 -15.02 6.54
C HIS D 53 -28.74 -14.33 6.12
N PRO D 54 -29.77 -15.12 5.76
CA PRO D 54 -31.05 -14.53 5.33
C PRO D 54 -31.67 -13.53 6.29
N ASP D 55 -31.28 -13.55 7.55
CA ASP D 55 -31.84 -12.59 8.49
C ASP D 55 -30.83 -11.52 8.91
N LEU D 56 -29.67 -11.50 8.26
CA LEU D 56 -28.63 -10.52 8.58
C LEU D 56 -28.21 -9.72 7.34
N ALA D 57 -28.18 -10.38 6.20
CA ALA D 57 -27.78 -9.72 4.95
C ALA D 57 -28.33 -8.32 4.78
N GLY D 58 -29.63 -8.17 5.04
CA GLY D 58 -30.29 -6.89 4.91
C GLY D 58 -29.67 -5.77 5.70
N ASN D 59 -29.10 -6.09 6.87
CA ASN D 59 -28.48 -5.06 7.68
C ASN D 59 -26.96 -5.14 7.74
N TYR D 60 -26.39 -6.14 7.06
CA TYR D 60 -24.94 -6.28 7.08
C TYR D 60 -24.21 -5.02 6.61
N ASP D 61 -23.11 -4.69 7.29
CA ASP D 61 -22.32 -3.52 6.95
C ASP D 61 -20.83 -3.88 6.86
N PRO D 62 -20.29 -3.91 5.63
CA PRO D 62 -18.88 -4.26 5.41
C PRO D 62 -17.96 -3.31 6.16
N GLY D 63 -18.42 -2.07 6.36
CA GLY D 63 -17.64 -1.07 7.05
C GLY D 63 -17.49 -1.32 8.54
N ALA D 64 -18.36 -2.13 9.10
CA ALA D 64 -18.30 -2.44 10.52
C ALA D 64 -17.73 -3.85 10.71
N SER D 65 -17.08 -4.36 9.67
CA SER D 65 -16.53 -5.71 9.69
C SER D 65 -15.09 -5.80 9.25
N PHE D 66 -14.47 -6.90 9.67
CA PHE D 66 -13.10 -7.18 9.30
C PHE D 66 -12.66 -8.50 9.90
N ASP D 67 -11.67 -9.12 9.27
CA ASP D 67 -11.15 -10.38 9.75
C ASP D 67 -9.72 -10.10 10.20
N VAL D 68 -9.56 -9.87 11.50
CA VAL D 68 -8.25 -9.59 12.06
C VAL D 68 -7.40 -10.86 12.15
N ASN D 69 -8.05 -12.01 12.32
CA ASN D 69 -7.33 -13.27 12.42
C ASN D 69 -6.61 -13.58 11.11
N ASP D 70 -7.23 -13.22 9.99
CA ASP D 70 -6.63 -13.48 8.69
C ASP D 70 -6.21 -12.24 7.94
N GLN D 71 -6.22 -11.09 8.63
CA GLN D 71 -5.83 -9.84 8.01
C GLN D 71 -6.50 -9.69 6.65
N ASP D 72 -7.83 -9.72 6.67
CA ASP D 72 -8.65 -9.61 5.47
C ASP D 72 -9.98 -8.92 5.81
N PRO D 73 -10.63 -8.28 4.83
CA PRO D 73 -11.90 -7.59 5.11
C PRO D 73 -13.12 -8.48 5.34
N ASP D 74 -13.09 -9.71 4.82
CA ASP D 74 -14.22 -10.64 4.95
C ASP D 74 -14.28 -11.35 6.31
N PRO D 75 -15.32 -11.08 7.10
CA PRO D 75 -15.54 -11.66 8.42
C PRO D 75 -16.28 -12.99 8.45
N GLN D 76 -16.41 -13.64 7.30
CA GLN D 76 -17.13 -14.92 7.23
C GLN D 76 -16.51 -15.90 8.24
N PRO D 77 -17.35 -16.59 9.02
CA PRO D 77 -16.82 -17.54 10.00
C PRO D 77 -16.27 -18.81 9.34
N ARG D 78 -15.37 -19.50 10.03
CA ARG D 78 -14.77 -20.73 9.52
C ARG D 78 -15.73 -21.86 9.87
N TYR D 79 -16.25 -22.53 8.84
CA TYR D 79 -17.19 -23.62 9.05
C TYR D 79 -16.52 -24.93 9.48
N THR D 80 -17.12 -25.56 10.48
CA THR D 80 -16.63 -26.80 11.05
C THR D 80 -17.79 -27.74 11.28
N GLN D 81 -17.48 -29.03 11.32
CA GLN D 81 -18.50 -30.07 11.54
C GLN D 81 -19.30 -29.79 12.80
N MET D 82 -18.69 -29.16 13.80
CA MET D 82 -19.39 -28.85 15.04
C MET D 82 -19.92 -27.43 15.07
N ASN D 83 -19.62 -26.65 14.04
CA ASN D 83 -20.07 -25.26 13.96
C ASN D 83 -19.59 -24.44 15.16
N ASP D 84 -18.37 -24.75 15.59
CA ASP D 84 -17.70 -24.10 16.71
C ASP D 84 -17.73 -22.57 16.60
N ASN D 85 -17.74 -22.06 15.37
CA ASN D 85 -17.71 -20.62 15.16
C ASN D 85 -19.04 -19.96 14.83
N ARG D 86 -20.06 -20.33 15.57
CA ARG D 86 -21.41 -19.79 15.39
C ARG D 86 -21.66 -18.66 16.39
N HIS D 87 -20.72 -18.46 17.32
CA HIS D 87 -20.87 -17.44 18.36
C HIS D 87 -21.17 -16.03 17.85
N GLY D 88 -20.34 -15.54 16.94
CA GLY D 88 -20.54 -14.20 16.40
C GLY D 88 -21.86 -14.00 15.71
N THR D 89 -22.25 -14.95 14.87
CA THR D 89 -23.51 -14.86 14.14
C THR D 89 -24.71 -14.79 15.08
N ARG D 90 -24.67 -15.59 16.14
CA ARG D 90 -25.78 -15.59 17.09
C ARG D 90 -25.91 -14.22 17.75
N CYS D 91 -24.78 -13.61 18.06
CA CYS D 91 -24.81 -12.31 18.69
C CYS D 91 -25.31 -11.25 17.72
N ALA D 92 -24.89 -11.34 16.47
CA ALA D 92 -25.30 -10.38 15.46
C ALA D 92 -26.82 -10.33 15.37
N GLY D 93 -27.43 -11.51 15.21
CA GLY D 93 -28.88 -11.58 15.12
C GLY D 93 -29.63 -10.89 16.25
N GLU D 94 -29.11 -11.01 17.47
CA GLU D 94 -29.77 -10.39 18.63
C GLU D 94 -29.77 -8.88 18.55
N VAL D 95 -28.74 -8.32 17.95
CA VAL D 95 -28.64 -6.89 17.81
C VAL D 95 -29.48 -6.37 16.65
N ALA D 96 -29.26 -6.94 15.47
CA ALA D 96 -29.97 -6.44 14.30
C ALA D 96 -30.49 -7.45 13.28
N ALA D 97 -31.16 -8.50 13.73
CA ALA D 97 -31.70 -9.45 12.76
C ALA D 97 -32.81 -8.66 12.05
N VAL D 98 -32.91 -8.85 10.74
CA VAL D 98 -33.91 -8.16 9.93
C VAL D 98 -35.34 -8.45 10.37
N ALA D 99 -36.18 -7.42 10.36
CA ALA D 99 -37.57 -7.58 10.75
C ALA D 99 -38.55 -7.64 9.56
N ASN D 100 -39.71 -8.24 9.82
CA ASN D 100 -40.77 -8.37 8.82
C ASN D 100 -40.32 -8.95 7.48
N ASN D 101 -39.45 -9.94 7.54
CA ASN D 101 -38.95 -10.56 6.32
C ASN D 101 -39.29 -12.03 6.32
N GLY D 102 -40.22 -12.41 7.18
CA GLY D 102 -40.66 -13.80 7.27
C GLY D 102 -39.58 -14.79 7.66
N VAL D 103 -38.49 -14.29 8.25
CA VAL D 103 -37.42 -15.18 8.66
C VAL D 103 -37.08 -15.03 10.13
N CYS D 104 -36.96 -16.18 10.80
CA CYS D 104 -36.61 -16.25 12.21
C CYS D 104 -37.32 -15.17 13.03
N GLY D 105 -36.56 -14.40 13.80
CA GLY D 105 -37.16 -13.35 14.60
C GLY D 105 -36.67 -11.98 14.21
N VAL D 106 -36.40 -11.12 15.18
CA VAL D 106 -35.90 -9.78 14.91
C VAL D 106 -34.92 -9.36 15.99
N GLY D 107 -34.06 -8.39 15.67
CA GLY D 107 -33.10 -7.92 16.65
C GLY D 107 -33.68 -6.74 17.39
N VAL D 108 -33.05 -6.36 18.50
CA VAL D 108 -33.55 -5.22 19.26
C VAL D 108 -33.55 -3.97 18.38
N ALA D 109 -32.46 -3.78 17.64
CA ALA D 109 -32.35 -2.63 16.74
C ALA D 109 -32.40 -3.21 15.33
N TYR D 110 -33.57 -3.68 14.91
CA TYR D 110 -33.71 -4.30 13.60
C TYR D 110 -33.50 -3.41 12.38
N ASN D 111 -33.27 -2.11 12.59
CA ASN D 111 -33.00 -1.23 11.46
C ASN D 111 -31.58 -0.67 11.51
N ALA D 112 -30.78 -1.19 12.44
CA ALA D 112 -29.41 -0.74 12.59
C ALA D 112 -28.56 -1.54 11.62
N ARG D 113 -27.34 -1.07 11.41
CA ARG D 113 -26.42 -1.77 10.51
C ARG D 113 -25.57 -2.66 11.43
N ILE D 114 -25.36 -3.91 11.02
CA ILE D 114 -24.60 -4.82 11.83
C ILE D 114 -23.35 -5.35 11.12
N GLY D 115 -22.23 -5.32 11.82
CA GLY D 115 -21.00 -5.83 11.24
C GLY D 115 -20.37 -6.84 12.18
N GLY D 116 -19.31 -7.49 11.73
CA GLY D 116 -18.64 -8.46 12.58
C GLY D 116 -17.14 -8.44 12.42
N VAL D 117 -16.42 -8.66 13.51
CA VAL D 117 -14.97 -8.70 13.46
C VAL D 117 -14.55 -10.10 13.90
N ARG D 118 -13.96 -10.84 12.97
CA ARG D 118 -13.47 -12.18 13.26
C ARG D 118 -12.10 -12.01 13.91
N MET D 119 -12.04 -12.23 15.23
CA MET D 119 -10.78 -12.09 15.94
C MET D 119 -10.53 -13.12 17.04
N LEU D 120 -11.46 -14.05 17.24
CA LEU D 120 -11.29 -15.05 18.28
C LEU D 120 -10.86 -16.38 17.71
N ASP D 121 -10.98 -16.55 16.40
CA ASP D 121 -10.62 -17.81 15.77
C ASP D 121 -9.14 -17.88 15.43
N GLY D 122 -8.31 -17.85 16.48
CA GLY D 122 -6.88 -17.91 16.29
C GLY D 122 -6.23 -17.42 17.58
N GLU D 123 -4.94 -17.08 17.52
CA GLU D 123 -4.26 -16.59 18.72
C GLU D 123 -4.79 -15.17 18.94
N VAL D 124 -5.40 -14.94 20.09
CA VAL D 124 -5.94 -13.62 20.40
C VAL D 124 -4.87 -12.82 21.11
N THR D 125 -4.02 -12.20 20.31
CA THR D 125 -2.93 -11.38 20.81
C THR D 125 -3.39 -9.99 21.21
N ASP D 126 -2.51 -9.27 21.90
CA ASP D 126 -2.80 -7.91 22.34
C ASP D 126 -3.12 -7.07 21.10
N ALA D 127 -2.27 -7.21 20.08
CA ALA D 127 -2.46 -6.46 18.83
C ALA D 127 -3.80 -6.78 18.18
N VAL D 128 -4.24 -8.03 18.27
CA VAL D 128 -5.51 -8.42 17.69
C VAL D 128 -6.65 -7.74 18.42
N GLU D 129 -6.62 -7.73 19.74
CA GLU D 129 -7.69 -7.08 20.49
C GLU D 129 -7.69 -5.58 20.19
N ALA D 130 -6.51 -4.96 20.19
CA ALA D 130 -6.38 -3.53 19.94
C ALA D 130 -6.92 -3.13 18.57
N ARG D 131 -6.65 -3.94 17.55
CA ARG D 131 -7.14 -3.64 16.22
C ARG D 131 -8.65 -3.84 16.14
N SER D 132 -9.16 -4.78 16.90
CA SER D 132 -10.59 -5.04 16.91
C SER D 132 -11.35 -3.93 17.65
N LEU D 133 -10.90 -3.60 18.84
CA LEU D 133 -11.53 -2.55 19.63
C LEU D 133 -11.42 -1.19 18.94
N GLY D 134 -10.37 -1.01 18.15
CA GLY D 134 -10.17 0.25 17.47
C GLY D 134 -10.53 0.28 16.00
N LEU D 135 -11.36 -0.65 15.55
CA LEU D 135 -11.78 -0.71 14.16
C LEU D 135 -12.83 0.35 13.81
N ASN D 136 -12.52 1.23 12.86
CA ASN D 136 -13.45 2.28 12.42
C ASN D 136 -14.11 3.06 13.53
N PRO D 137 -13.31 3.66 14.42
CA PRO D 137 -13.85 4.43 15.53
C PRO D 137 -14.92 5.45 15.14
N ASN D 138 -14.86 5.97 13.91
CA ASN D 138 -15.85 6.96 13.50
C ASN D 138 -16.98 6.44 12.61
N HIS D 139 -17.04 5.13 12.42
CA HIS D 139 -18.11 4.55 11.62
C HIS D 139 -18.95 3.64 12.51
N ILE D 140 -18.28 2.88 13.38
CA ILE D 140 -18.95 1.98 14.31
C ILE D 140 -19.25 2.75 15.59
N HIS D 141 -20.50 2.74 16.04
CA HIS D 141 -20.85 3.47 17.26
C HIS D 141 -20.72 2.58 18.49
N ILE D 142 -21.17 1.34 18.34
CA ILE D 142 -21.20 0.38 19.44
C ILE D 142 -20.49 -0.91 19.13
N TYR D 143 -19.64 -1.34 20.06
CA TYR D 143 -18.90 -2.60 19.93
C TYR D 143 -19.47 -3.55 20.96
N SER D 144 -19.77 -4.77 20.54
CA SER D 144 -20.33 -5.77 21.44
C SER D 144 -19.36 -6.93 21.58
N ALA D 145 -18.84 -7.16 22.78
CA ALA D 145 -17.88 -8.25 22.99
C ALA D 145 -18.33 -9.30 24.01
N SER D 146 -18.61 -10.50 23.52
CA SER D 146 -19.05 -11.60 24.37
C SER D 146 -17.92 -12.60 24.54
N TRP D 147 -16.86 -12.17 25.21
CA TRP D 147 -15.71 -13.03 25.46
C TRP D 147 -14.85 -12.37 26.51
N GLY D 148 -13.87 -13.12 27.00
CA GLY D 148 -12.97 -12.60 28.02
C GLY D 148 -12.05 -13.69 28.51
N PRO D 149 -11.30 -13.44 29.60
CA PRO D 149 -10.39 -14.45 30.15
C PRO D 149 -11.18 -15.68 30.57
N GLU D 150 -10.49 -16.82 30.66
CA GLU D 150 -11.12 -18.06 31.06
C GLU D 150 -12.00 -17.88 32.31
N ASP D 151 -13.19 -18.46 32.28
CA ASP D 151 -14.12 -18.37 33.40
C ASP D 151 -14.04 -19.61 34.29
N ASP D 152 -12.83 -19.99 34.68
CA ASP D 152 -12.64 -21.18 35.51
C ASP D 152 -12.64 -20.83 37.00
N GLY D 153 -12.73 -19.55 37.30
CA GLY D 153 -12.75 -19.11 38.68
C GLY D 153 -11.38 -19.19 39.31
N LYS D 154 -10.35 -19.27 38.47
CA LYS D 154 -8.97 -19.36 38.93
C LYS D 154 -8.10 -18.25 38.33
N THR D 155 -8.59 -17.60 37.29
CA THR D 155 -7.76 -16.60 36.64
C THR D 155 -8.04 -15.10 36.86
N VAL D 156 -6.97 -14.33 36.81
CA VAL D 156 -7.02 -12.88 36.96
C VAL D 156 -6.31 -12.38 35.72
N ASP D 157 -7.04 -11.77 34.80
CA ASP D 157 -6.43 -11.30 33.58
C ASP D 157 -7.22 -10.16 32.98
N GLY D 158 -6.55 -9.33 32.19
CA GLY D 158 -7.23 -8.20 31.58
C GLY D 158 -6.52 -7.74 30.32
N PRO D 159 -6.95 -6.62 29.72
CA PRO D 159 -6.29 -6.16 28.51
C PRO D 159 -4.82 -5.82 28.73
N ALA D 160 -4.01 -6.07 27.71
CA ALA D 160 -2.59 -5.78 27.78
C ALA D 160 -2.33 -4.32 27.36
N ARG D 161 -1.08 -3.98 27.10
CA ARG D 161 -0.74 -2.60 26.75
C ARG D 161 -1.48 -1.96 25.56
N LEU D 162 -1.48 -2.59 24.39
CA LEU D 162 -2.16 -2.01 23.24
C LEU D 162 -3.67 -2.02 23.36
N ALA D 163 -4.23 -3.04 23.97
CA ALA D 163 -5.68 -3.09 24.13
C ALA D 163 -6.10 -2.00 25.13
N GLU D 164 -5.30 -1.81 26.17
CA GLU D 164 -5.62 -0.79 27.15
C GLU D 164 -5.65 0.57 26.44
N GLU D 165 -4.66 0.79 25.57
CA GLU D 165 -4.59 2.03 24.80
C GLU D 165 -5.83 2.16 23.91
N ALA D 166 -6.19 1.06 23.25
CA ALA D 166 -7.34 1.05 22.36
C ALA D 166 -8.61 1.50 23.09
N PHE D 167 -8.81 0.97 24.29
CA PHE D 167 -9.99 1.31 25.07
C PHE D 167 -10.03 2.79 25.36
N PHE D 168 -8.92 3.34 25.84
CA PHE D 168 -8.88 4.74 26.18
C PHE D 168 -8.98 5.62 24.94
N ARG D 169 -8.31 5.19 23.88
CA ARG D 169 -8.31 5.91 22.63
C ARG D 169 -9.72 5.97 22.06
N GLY D 170 -10.41 4.84 22.09
CA GLY D 170 -11.75 4.78 21.54
C GLY D 170 -12.77 5.59 22.32
N VAL D 171 -12.58 5.65 23.62
CA VAL D 171 -13.46 6.36 24.51
C VAL D 171 -13.25 7.87 24.41
N SER D 172 -12.05 8.25 23.98
CA SER D 172 -11.69 9.66 23.84
C SER D 172 -11.91 10.22 22.46
N GLN D 173 -11.58 9.43 21.44
CA GLN D 173 -11.66 9.88 20.07
C GLN D 173 -12.73 9.24 19.21
N GLY D 174 -13.25 8.10 19.65
CA GLY D 174 -14.28 7.43 18.87
C GLY D 174 -15.52 8.28 18.69
N ARG D 175 -16.33 7.95 17.69
CA ARG D 175 -17.54 8.72 17.43
C ARG D 175 -17.27 10.21 17.48
N GLY D 176 -16.23 10.62 16.77
CA GLY D 176 -15.88 12.02 16.70
C GLY D 176 -15.70 12.67 18.04
N GLY D 177 -15.20 11.93 19.02
CA GLY D 177 -14.96 12.52 20.32
C GLY D 177 -16.03 12.26 21.36
N LEU D 178 -17.13 11.63 20.95
CA LEU D 178 -18.20 11.32 21.90
C LEU D 178 -17.83 10.02 22.64
N GLY D 179 -16.93 9.24 22.05
CA GLY D 179 -16.48 8.00 22.65
C GLY D 179 -17.16 6.74 22.18
N SER D 180 -16.35 5.73 21.82
CA SER D 180 -16.89 4.45 21.39
C SER D 180 -17.61 3.84 22.57
N ILE D 181 -18.64 3.05 22.28
CA ILE D 181 -19.37 2.42 23.37
C ILE D 181 -19.07 0.93 23.34
N PHE D 182 -18.42 0.47 24.40
CA PHE D 182 -18.04 -0.93 24.51
C PHE D 182 -18.95 -1.71 25.45
N VAL D 183 -19.75 -2.61 24.90
CA VAL D 183 -20.67 -3.43 25.69
C VAL D 183 -20.03 -4.79 25.87
N TRP D 184 -19.99 -5.27 27.12
CA TRP D 184 -19.34 -6.54 27.43
C TRP D 184 -20.21 -7.52 28.21
N ALA D 185 -20.01 -8.81 27.94
CA ALA D 185 -20.72 -9.88 28.62
C ALA D 185 -19.95 -10.13 29.93
N SER D 186 -20.62 -10.08 31.07
CA SER D 186 -19.92 -10.24 32.34
C SER D 186 -19.26 -11.58 32.65
N GLY D 187 -19.65 -12.66 31.98
CA GLY D 187 -18.98 -13.92 32.27
C GLY D 187 -19.90 -15.08 32.57
N ASN D 188 -19.46 -16.29 32.24
CA ASN D 188 -20.25 -17.48 32.48
C ASN D 188 -19.65 -18.42 33.54
N GLY D 189 -18.77 -17.90 34.38
CA GLY D 189 -18.14 -18.76 35.38
C GLY D 189 -18.88 -18.95 36.69
N GLY D 190 -20.19 -18.72 36.68
CA GLY D 190 -20.97 -18.86 37.91
C GLY D 190 -20.79 -20.16 38.65
N ARG D 191 -20.91 -21.26 37.93
CA ARG D 191 -20.76 -22.59 38.52
C ARG D 191 -19.41 -22.75 39.21
N GLU D 192 -18.40 -22.00 38.75
CA GLU D 192 -17.06 -22.06 39.34
C GLU D 192 -16.87 -20.98 40.40
N HIS D 193 -17.92 -20.24 40.68
CA HIS D 193 -17.87 -19.16 41.66
C HIS D 193 -16.90 -18.08 41.24
N ASP D 194 -16.81 -17.87 39.94
CA ASP D 194 -15.93 -16.86 39.40
C ASP D 194 -16.46 -15.48 39.74
N SER D 195 -15.56 -14.50 39.76
CA SER D 195 -15.91 -13.11 40.06
C SER D 195 -15.54 -12.26 38.84
N CYS D 196 -16.48 -11.49 38.30
CA CYS D 196 -16.14 -10.68 37.14
C CYS D 196 -15.23 -9.50 37.42
N ASN D 197 -14.85 -9.29 38.68
CA ASN D 197 -13.94 -8.21 38.98
C ASN D 197 -12.51 -8.70 38.72
N CYS D 198 -12.39 -9.99 38.39
CA CYS D 198 -11.10 -10.60 38.08
C CYS D 198 -10.95 -10.67 36.57
N ASP D 199 -11.85 -9.99 35.87
CA ASP D 199 -11.85 -9.93 34.42
C ASP D 199 -11.64 -8.45 34.08
N GLY D 200 -10.43 -8.11 33.63
CA GLY D 200 -10.10 -6.74 33.30
C GLY D 200 -10.93 -6.10 32.20
N TYR D 201 -11.65 -6.88 31.40
CA TYR D 201 -12.47 -6.29 30.34
C TYR D 201 -13.78 -5.83 30.92
N THR D 202 -14.43 -6.69 31.70
CA THR D 202 -15.69 -6.33 32.31
C THR D 202 -15.47 -5.34 33.44
N ASN D 203 -14.34 -5.47 34.11
CA ASN D 203 -13.98 -4.62 35.24
C ASN D 203 -13.52 -3.22 34.79
N SER D 204 -13.36 -3.03 33.49
CA SER D 204 -12.92 -1.74 32.95
C SER D 204 -14.01 -0.68 33.05
N ILE D 205 -13.63 0.57 33.24
CA ILE D 205 -14.64 1.62 33.33
C ILE D 205 -15.10 1.98 31.92
N TYR D 206 -14.31 1.62 30.93
CA TYR D 206 -14.64 1.93 29.55
C TYR D 206 -15.70 1.00 28.96
N THR D 207 -16.08 -0.04 29.67
CA THR D 207 -17.07 -0.97 29.14
C THR D 207 -18.31 -1.02 29.99
N LEU D 208 -19.45 -1.31 29.35
CA LEU D 208 -20.70 -1.46 30.08
C LEU D 208 -20.78 -2.97 30.26
N SER D 209 -20.48 -3.46 31.46
CA SER D 209 -20.52 -4.89 31.72
C SER D 209 -21.97 -5.27 31.99
N ILE D 210 -22.46 -6.25 31.23
CA ILE D 210 -23.84 -6.70 31.33
C ILE D 210 -24.00 -8.14 31.83
N SER D 211 -24.89 -8.33 32.81
CA SER D 211 -25.14 -9.65 33.36
C SER D 211 -26.49 -10.19 32.86
N SER D 212 -26.83 -11.42 33.28
CA SER D 212 -28.07 -12.04 32.83
C SER D 212 -29.08 -12.32 33.94
N ALA D 213 -30.31 -12.59 33.51
CA ALA D 213 -31.41 -12.92 34.42
C ALA D 213 -32.24 -13.93 33.64
N THR D 214 -32.77 -14.94 34.33
CA THR D 214 -33.57 -15.97 33.69
C THR D 214 -34.97 -15.47 33.41
N GLN D 215 -35.70 -16.23 32.60
CA GLN D 215 -37.07 -15.85 32.25
C GLN D 215 -37.91 -15.56 33.49
N PHE D 216 -37.70 -16.33 34.55
CA PHE D 216 -38.48 -16.12 35.77
C PHE D 216 -37.80 -15.13 36.72
N GLY D 217 -36.84 -14.37 36.20
CA GLY D 217 -36.17 -13.36 37.01
C GLY D 217 -35.23 -13.85 38.08
N ASN D 218 -34.55 -14.97 37.84
CA ASN D 218 -33.61 -15.51 38.82
C ASN D 218 -32.19 -15.34 38.32
N VAL D 219 -31.23 -15.53 39.23
CA VAL D 219 -29.82 -15.43 38.87
C VAL D 219 -29.47 -16.72 38.13
N PRO D 220 -29.05 -16.59 36.87
CA PRO D 220 -28.69 -17.77 36.07
C PRO D 220 -27.60 -18.56 36.77
N TRP D 221 -27.53 -19.86 36.48
CA TRP D 221 -26.50 -20.69 37.08
C TRP D 221 -25.08 -20.32 36.64
N TYR D 222 -24.95 -19.70 35.47
CA TYR D 222 -23.63 -19.32 34.93
C TYR D 222 -23.22 -17.93 35.35
N SER D 223 -24.12 -17.21 35.99
CA SER D 223 -23.87 -15.85 36.41
C SER D 223 -22.74 -15.63 37.41
N GLU D 224 -21.90 -14.63 37.13
CA GLU D 224 -20.80 -14.27 38.04
C GLU D 224 -21.22 -12.98 38.72
N ALA D 225 -21.00 -12.89 40.02
CA ALA D 225 -21.35 -11.69 40.73
C ALA D 225 -20.13 -10.80 40.88
N CYS D 226 -20.33 -9.50 40.86
CA CYS D 226 -19.24 -8.54 41.04
C CYS D 226 -19.78 -7.13 41.08
N SER D 227 -19.00 -6.21 41.62
CA SER D 227 -19.41 -4.82 41.76
C SER D 227 -19.23 -3.96 40.51
N SER D 228 -18.59 -4.50 39.48
CA SER D 228 -18.37 -3.73 38.27
C SER D 228 -19.51 -3.85 37.26
N THR D 229 -20.41 -4.81 37.45
CA THR D 229 -21.51 -4.96 36.52
C THR D 229 -22.38 -3.71 36.60
N LEU D 230 -22.92 -3.28 35.47
CA LEU D 230 -23.74 -2.08 35.42
C LEU D 230 -25.24 -2.37 35.30
N ALA D 231 -25.62 -3.27 34.40
CA ALA D 231 -27.02 -3.61 34.23
C ALA D 231 -27.22 -5.05 33.75
N THR D 232 -28.48 -5.43 33.55
CA THR D 232 -28.82 -6.79 33.14
C THR D 232 -29.81 -6.88 31.98
N THR D 233 -29.81 -8.00 31.29
CA THR D 233 -30.76 -8.26 30.22
C THR D 233 -31.10 -9.72 30.37
N TYR D 234 -32.26 -10.13 29.87
CA TYR D 234 -32.67 -11.51 29.98
C TYR D 234 -31.79 -12.43 29.15
N SER D 235 -31.78 -13.71 29.54
CA SER D 235 -31.02 -14.73 28.83
C SER D 235 -31.54 -16.08 29.27
N SER D 236 -30.80 -17.15 28.96
CA SER D 236 -31.21 -18.51 29.32
C SER D 236 -31.15 -18.75 30.83
N GLY D 237 -31.79 -19.84 31.27
CA GLY D 237 -31.82 -20.18 32.68
C GLY D 237 -31.81 -21.69 32.85
N ASN D 238 -32.69 -22.21 33.70
CA ASN D 238 -32.74 -23.65 33.91
C ASN D 238 -33.50 -24.33 32.76
N GLN D 239 -33.64 -25.66 32.85
CA GLN D 239 -34.31 -26.44 31.82
C GLN D 239 -35.78 -26.08 31.58
N ASN D 240 -36.40 -25.38 32.52
CA ASN D 240 -37.79 -24.99 32.41
C ASN D 240 -38.00 -23.57 31.93
N GLU D 241 -36.93 -22.85 31.60
CA GLU D 241 -37.08 -21.47 31.16
C GLU D 241 -36.68 -21.31 29.70
N LYS D 242 -37.36 -20.39 29.01
CA LYS D 242 -37.11 -20.13 27.60
C LYS D 242 -35.71 -19.56 27.40
N GLN D 243 -35.21 -19.60 26.17
CA GLN D 243 -33.87 -19.07 25.89
C GLN D 243 -33.97 -18.01 24.80
N ILE D 244 -32.83 -17.56 24.28
CA ILE D 244 -32.82 -16.51 23.28
C ILE D 244 -32.92 -17.01 21.85
N VAL D 245 -33.72 -16.31 21.05
CA VAL D 245 -33.93 -16.66 19.64
C VAL D 245 -33.07 -15.77 18.74
N THR D 246 -32.32 -16.39 17.85
CA THR D 246 -31.45 -15.61 16.97
C THR D 246 -30.96 -16.40 15.76
N THR D 247 -30.17 -15.72 14.94
CA THR D 247 -29.62 -16.30 13.73
C THR D 247 -28.47 -17.24 14.07
N ASP D 248 -28.45 -18.42 13.45
CA ASP D 248 -27.39 -19.39 13.70
C ASP D 248 -26.62 -19.70 12.42
N LEU D 249 -25.46 -20.33 12.56
CA LEU D 249 -24.65 -20.67 11.40
C LEU D 249 -25.42 -21.51 10.40
N ARG D 250 -24.93 -21.49 9.15
CA ARG D 250 -25.55 -22.23 8.07
C ARG D 250 -26.96 -21.77 7.78
N GLN D 251 -27.16 -20.46 7.87
CA GLN D 251 -28.42 -19.81 7.60
C GLN D 251 -29.61 -20.39 8.35
N LYS D 252 -29.35 -20.88 9.55
CA LYS D 252 -30.40 -21.46 10.37
C LYS D 252 -30.88 -20.46 11.41
N CYS D 253 -31.86 -20.88 12.18
CA CYS D 253 -32.46 -20.05 13.22
C CYS D 253 -32.46 -20.89 14.49
N THR D 254 -32.02 -20.32 15.61
CA THR D 254 -31.99 -21.07 16.84
C THR D 254 -32.83 -20.40 17.92
N GLU D 255 -33.35 -21.23 18.82
CA GLU D 255 -34.16 -20.70 19.91
C GLU D 255 -33.48 -21.08 21.22
N SER D 256 -32.22 -21.52 21.13
CA SER D 256 -31.50 -21.92 22.31
C SER D 256 -30.13 -21.26 22.51
N HIS D 257 -30.06 -19.95 22.28
CA HIS D 257 -28.80 -19.26 22.52
C HIS D 257 -28.81 -19.02 24.04
N THR D 258 -27.66 -19.18 24.67
CA THR D 258 -27.57 -19.07 26.12
C THR D 258 -26.40 -18.22 26.63
N GLY D 259 -26.34 -18.10 27.95
CA GLY D 259 -25.25 -17.38 28.61
C GLY D 259 -25.25 -15.87 28.51
N THR D 260 -24.27 -15.27 29.15
CA THR D 260 -24.14 -13.83 29.13
C THR D 260 -23.84 -13.32 27.72
N SER D 261 -23.45 -14.23 26.82
CA SER D 261 -23.15 -13.84 25.45
C SER D 261 -24.40 -13.38 24.71
N ALA D 262 -25.56 -13.77 25.23
CA ALA D 262 -26.81 -13.38 24.63
C ALA D 262 -27.23 -12.03 25.21
N SER D 263 -26.81 -11.78 26.46
CA SER D 263 -27.14 -10.54 27.15
C SER D 263 -26.45 -9.30 26.62
N ALA D 264 -25.15 -9.41 26.31
CA ALA D 264 -24.40 -8.27 25.82
C ALA D 264 -24.97 -7.70 24.53
N PRO D 265 -25.18 -8.55 23.51
CA PRO D 265 -25.73 -8.01 22.27
C PRO D 265 -27.12 -7.41 22.43
N LEU D 266 -27.94 -7.98 23.31
CA LEU D 266 -29.28 -7.43 23.52
C LEU D 266 -29.11 -6.03 24.10
N ALA D 267 -28.10 -5.88 24.96
CA ALA D 267 -27.86 -4.56 25.56
C ALA D 267 -27.36 -3.60 24.48
N ALA D 268 -26.52 -4.11 23.58
CA ALA D 268 -25.99 -3.28 22.50
C ALA D 268 -27.13 -2.76 21.63
N GLY D 269 -28.11 -3.62 21.39
CA GLY D 269 -29.25 -3.23 20.59
C GLY D 269 -30.01 -2.11 21.28
N ILE D 270 -30.26 -2.27 22.58
CA ILE D 270 -30.97 -1.29 23.35
C ILE D 270 -30.19 0.03 23.36
N ILE D 271 -28.88 -0.07 23.39
CA ILE D 271 -28.06 1.13 23.41
C ILE D 271 -28.10 1.77 22.02
N ALA D 272 -28.32 0.95 21.00
CA ALA D 272 -28.40 1.47 19.64
C ALA D 272 -29.66 2.32 19.53
N LEU D 273 -30.77 1.84 20.09
CA LEU D 273 -32.01 2.59 20.05
C LEU D 273 -31.82 3.91 20.78
N THR D 274 -31.14 3.85 21.92
CA THR D 274 -30.90 5.04 22.70
C THR D 274 -30.09 6.07 21.91
N LEU D 275 -29.11 5.60 21.14
CA LEU D 275 -28.29 6.52 20.34
C LEU D 275 -29.10 7.19 19.25
N GLU D 276 -30.01 6.44 18.62
CA GLU D 276 -30.83 7.02 17.57
C GLU D 276 -31.64 8.15 18.18
N ALA D 277 -32.14 7.93 19.39
CA ALA D 277 -32.92 8.93 20.08
C ALA D 277 -32.10 10.15 20.45
N ASN D 278 -30.79 9.98 20.53
CA ASN D 278 -29.90 11.12 20.85
C ASN D 278 -28.46 10.78 20.47
N LYS D 279 -28.11 11.11 19.22
CA LYS D 279 -26.78 10.84 18.68
C LYS D 279 -25.64 11.55 19.40
N ASN D 280 -25.95 12.49 20.27
CA ASN D 280 -24.85 13.18 20.91
C ASN D 280 -24.46 12.75 22.33
N LEU D 281 -24.97 11.59 22.74
CA LEU D 281 -24.65 11.05 24.06
C LEU D 281 -23.20 10.61 24.07
N THR D 282 -22.45 10.94 25.12
CA THR D 282 -21.06 10.51 25.19
C THR D 282 -21.03 9.12 25.81
N TRP D 283 -19.87 8.47 25.78
CA TRP D 283 -19.76 7.13 26.37
C TRP D 283 -20.14 7.16 27.86
N ARG D 284 -19.89 8.28 28.55
CA ARG D 284 -20.27 8.41 29.94
C ARG D 284 -21.77 8.68 30.07
N ASP D 285 -22.30 9.55 29.21
CA ASP D 285 -23.74 9.84 29.22
C ASP D 285 -24.49 8.51 29.19
N MET D 286 -24.08 7.63 28.29
CA MET D 286 -24.73 6.33 28.14
C MET D 286 -24.74 5.52 29.44
N GLN D 287 -23.64 5.53 30.16
CA GLN D 287 -23.60 4.77 31.40
C GLN D 287 -24.53 5.41 32.42
N HIS D 288 -24.59 6.74 32.42
CA HIS D 288 -25.49 7.44 33.33
C HIS D 288 -26.95 7.03 33.05
N LEU D 289 -27.31 6.94 31.77
CA LEU D 289 -28.67 6.58 31.40
C LEU D 289 -29.00 5.18 31.89
N VAL D 290 -28.06 4.25 31.75
CA VAL D 290 -28.26 2.89 32.18
C VAL D 290 -28.50 2.83 33.69
N VAL D 291 -27.70 3.58 34.43
CA VAL D 291 -27.82 3.62 35.88
C VAL D 291 -29.17 4.19 36.33
N GLN D 292 -29.62 5.25 35.68
CA GLN D 292 -30.88 5.87 36.08
C GLN D 292 -32.13 5.17 35.61
N THR D 293 -32.08 4.54 34.46
CA THR D 293 -33.25 3.88 33.91
C THR D 293 -33.39 2.39 34.15
N SER D 294 -32.35 1.72 34.62
CA SER D 294 -32.45 0.27 34.85
C SER D 294 -33.37 -0.06 36.04
N LYS D 295 -34.29 -0.99 35.81
CA LYS D 295 -35.27 -1.37 36.81
C LYS D 295 -34.91 -2.65 37.59
N PRO D 296 -34.73 -2.52 38.91
CA PRO D 296 -34.40 -3.69 39.73
C PRO D 296 -35.60 -4.61 39.90
N ALA D 297 -36.78 -4.01 39.91
CA ALA D 297 -38.03 -4.74 40.08
C ALA D 297 -38.14 -6.04 39.29
N HIS D 298 -38.70 -7.06 39.93
CA HIS D 298 -38.91 -8.40 39.38
C HIS D 298 -37.69 -9.28 39.26
N LEU D 299 -36.56 -8.74 39.65
CA LEU D 299 -35.30 -9.47 39.60
C LEU D 299 -35.05 -9.99 41.00
N ASN D 300 -34.93 -11.31 41.12
CA ASN D 300 -34.68 -11.93 42.40
C ASN D 300 -33.19 -12.13 42.69
N ALA D 301 -32.78 -11.66 43.86
CA ALA D 301 -31.40 -11.78 44.28
C ALA D 301 -31.41 -11.63 45.79
N ASP D 302 -30.40 -12.20 46.43
CA ASP D 302 -30.30 -12.15 47.89
C ASP D 302 -29.49 -10.95 48.36
N ASP D 303 -29.05 -10.11 47.42
CA ASP D 303 -28.20 -8.99 47.81
C ASP D 303 -28.62 -7.60 47.37
N TRP D 304 -29.90 -7.39 47.09
CA TRP D 304 -30.33 -6.05 46.70
C TRP D 304 -30.09 -5.11 47.86
N ALA D 305 -29.33 -4.05 47.62
CA ALA D 305 -29.05 -3.07 48.64
C ALA D 305 -29.24 -1.67 48.06
N THR D 306 -29.68 -0.74 48.89
CA THR D 306 -29.91 0.62 48.45
C THR D 306 -28.66 1.44 48.73
N ASN D 307 -28.17 2.18 47.73
CA ASN D 307 -26.97 2.96 47.93
C ASN D 307 -27.28 4.33 48.51
N GLY D 308 -26.23 5.13 48.64
CA GLY D 308 -26.35 6.46 49.22
C GLY D 308 -27.25 7.46 48.53
N VAL D 309 -27.68 7.14 47.31
CA VAL D 309 -28.57 8.05 46.60
C VAL D 309 -29.92 7.40 46.37
N GLY D 310 -30.20 6.38 47.15
CA GLY D 310 -31.49 5.72 47.07
C GLY D 310 -31.74 4.72 45.98
N ARG D 311 -30.72 4.36 45.21
CA ARG D 311 -30.94 3.38 44.16
C ARG D 311 -30.58 1.98 44.62
N LYS D 312 -31.35 1.01 44.17
CA LYS D 312 -31.11 -0.37 44.53
C LYS D 312 -30.08 -0.98 43.59
N VAL D 313 -29.11 -1.68 44.15
CA VAL D 313 -28.06 -2.30 43.34
C VAL D 313 -27.75 -3.71 43.84
N SER D 314 -27.41 -4.59 42.90
CA SER D 314 -27.07 -5.97 43.22
C SER D 314 -25.80 -6.39 42.50
N HIS D 315 -25.02 -7.26 43.13
CA HIS D 315 -23.78 -7.71 42.52
C HIS D 315 -24.07 -8.68 41.40
N SER D 316 -25.31 -9.14 41.32
CA SER D 316 -25.71 -10.08 40.26
C SER D 316 -26.34 -9.34 39.08
N TYR D 317 -26.93 -8.18 39.34
CA TYR D 317 -27.62 -7.44 38.29
C TYR D 317 -27.22 -5.98 38.09
N GLY D 318 -26.23 -5.51 38.83
CA GLY D 318 -25.87 -4.12 38.69
C GLY D 318 -27.09 -3.32 39.13
N TYR D 319 -27.51 -2.34 38.33
CA TYR D 319 -28.66 -1.54 38.68
C TYR D 319 -30.01 -2.14 38.26
N GLY D 320 -29.97 -3.31 37.65
CA GLY D 320 -31.21 -3.96 37.26
C GLY D 320 -31.35 -4.24 35.78
N LEU D 321 -32.58 -4.57 35.38
CA LEU D 321 -32.89 -4.90 34.00
C LEU D 321 -32.95 -3.64 33.12
N LEU D 322 -32.38 -3.71 31.93
CA LEU D 322 -32.41 -2.57 31.03
C LEU D 322 -33.84 -2.31 30.59
N ASP D 323 -34.18 -1.03 30.43
CA ASP D 323 -35.52 -0.63 30.02
C ASP D 323 -35.42 0.23 28.76
N ALA D 324 -35.59 -0.41 27.60
CA ALA D 324 -35.50 0.31 26.33
C ALA D 324 -36.36 1.57 26.30
N GLY D 325 -37.62 1.42 26.68
CA GLY D 325 -38.51 2.56 26.71
C GLY D 325 -37.99 3.70 27.54
N ALA D 326 -37.60 3.42 28.79
CA ALA D 326 -37.08 4.47 29.66
C ALA D 326 -35.77 5.06 29.13
N MET D 327 -34.92 4.19 28.58
CA MET D 327 -33.63 4.61 28.04
C MET D 327 -33.85 5.67 26.98
N VAL D 328 -34.65 5.31 25.98
CA VAL D 328 -34.97 6.20 24.89
C VAL D 328 -35.64 7.48 25.38
N ALA D 329 -36.54 7.35 26.35
CA ALA D 329 -37.23 8.51 26.88
C ALA D 329 -36.28 9.49 27.54
N LEU D 330 -35.41 8.99 28.41
CA LEU D 330 -34.47 9.84 29.13
C LEU D 330 -33.40 10.42 28.22
N ALA D 331 -33.07 9.68 27.17
CA ALA D 331 -32.04 10.11 26.23
C ALA D 331 -32.42 11.41 25.51
N GLN D 332 -33.68 11.49 25.11
CA GLN D 332 -34.17 12.66 24.38
C GLN D 332 -34.02 13.98 25.14
N ASN D 333 -34.17 13.96 26.45
CA ASN D 333 -34.05 15.19 27.22
C ASN D 333 -32.73 15.27 28.01
N TRP D 334 -31.73 14.49 27.60
CA TRP D 334 -30.47 14.46 28.34
C TRP D 334 -29.47 15.58 28.08
N THR D 335 -28.97 16.19 29.16
CA THR D 335 -27.94 17.22 29.06
C THR D 335 -26.61 16.49 29.28
N THR D 336 -25.72 16.57 28.31
CA THR D 336 -24.43 15.89 28.43
C THR D 336 -23.75 16.26 29.77
N VAL D 337 -23.22 15.26 30.44
CA VAL D 337 -22.57 15.44 31.75
C VAL D 337 -21.31 16.29 31.74
N ALA D 338 -21.00 16.87 32.91
CA ALA D 338 -19.83 17.73 33.07
C ALA D 338 -18.55 16.97 32.82
N PRO D 339 -17.44 17.68 32.60
CA PRO D 339 -16.18 16.98 32.35
C PRO D 339 -15.79 16.02 33.49
N GLN D 340 -15.21 14.88 33.09
CA GLN D 340 -14.79 13.84 34.01
C GLN D 340 -13.56 14.20 34.81
N ARG D 341 -13.69 14.14 36.14
CA ARG D 341 -12.57 14.41 37.03
C ARG D 341 -12.02 13.06 37.48
N LYS D 342 -10.75 13.04 37.85
CA LYS D 342 -10.11 11.82 38.29
C LYS D 342 -9.30 12.14 39.54
N CYS D 343 -9.75 11.64 40.68
CA CYS D 343 -9.05 11.92 41.92
C CYS D 343 -8.32 10.68 42.41
N ILE D 344 -6.99 10.77 42.46
CA ILE D 344 -6.14 9.67 42.89
C ILE D 344 -5.72 9.87 44.33
N VAL D 345 -6.01 8.90 45.19
CA VAL D 345 -5.61 9.04 46.59
C VAL D 345 -4.94 7.79 47.16
N GLU D 346 -3.70 7.94 47.60
CA GLU D 346 -2.91 6.85 48.17
C GLU D 346 -3.37 6.63 49.60
N ILE D 347 -3.94 5.48 49.87
CA ILE D 347 -4.47 5.18 51.19
C ILE D 347 -3.45 4.70 52.24
N LEU D 348 -2.58 3.75 51.91
CA LEU D 348 -1.66 3.23 52.93
C LEU D 348 -0.43 4.08 53.23
N VAL D 349 0.06 3.96 54.46
CA VAL D 349 1.25 4.67 54.92
C VAL D 349 2.33 3.65 55.29
N GLU D 350 1.94 2.38 55.25
CA GLU D 350 2.85 1.27 55.56
C GLU D 350 2.11 -0.03 55.30
N PRO D 351 2.84 -1.14 55.11
CA PRO D 351 2.24 -2.45 54.83
C PRO D 351 1.40 -2.94 56.00
N LYS D 352 0.25 -3.53 55.66
CA LYS D 352 -0.65 -4.06 56.65
C LYS D 352 -0.68 -5.59 56.56
N ASP D 353 -0.64 -6.25 57.73
CA ASP D 353 -0.71 -7.70 57.75
C ASP D 353 -2.15 -8.09 57.50
N ILE D 354 -2.38 -8.96 56.53
CA ILE D 354 -3.75 -9.35 56.31
C ILE D 354 -4.16 -10.35 57.38
N GLY D 355 -3.37 -11.42 57.49
CA GLY D 355 -3.67 -12.42 58.50
C GLY D 355 -5.06 -12.97 58.31
N LYS D 356 -5.84 -13.00 59.38
CA LYS D 356 -7.21 -13.52 59.34
C LYS D 356 -8.19 -12.47 58.84
N ARG D 357 -7.93 -11.21 59.22
CA ARG D 357 -8.83 -10.12 58.86
C ARG D 357 -8.08 -8.79 58.95
N LEU D 358 -8.36 -7.89 58.01
CA LEU D 358 -7.72 -6.60 57.99
C LEU D 358 -8.74 -5.53 57.61
N GLU D 359 -8.71 -4.40 58.31
CA GLU D 359 -9.63 -3.31 58.00
C GLU D 359 -8.80 -2.04 57.87
N VAL D 360 -8.97 -1.33 56.76
CA VAL D 360 -8.25 -0.08 56.56
C VAL D 360 -9.26 1.03 56.42
N ARG D 361 -9.18 2.03 57.29
CA ARG D 361 -10.09 3.17 57.26
C ARG D 361 -9.29 4.42 56.93
N LYS D 362 -9.84 5.28 56.07
CA LYS D 362 -9.14 6.51 55.71
C LYS D 362 -10.14 7.61 55.40
N ALA D 363 -9.86 8.79 55.92
CA ALA D 363 -10.70 9.95 55.67
C ALA D 363 -10.26 10.50 54.31
N VAL D 364 -11.22 10.66 53.41
CA VAL D 364 -10.93 11.16 52.07
C VAL D 364 -11.66 12.48 51.79
N THR D 365 -10.93 13.48 51.28
CA THR D 365 -11.52 14.77 50.94
C THR D 365 -11.88 14.83 49.47
N ALA D 366 -11.53 13.78 48.73
CA ALA D 366 -11.83 13.70 47.31
C ALA D 366 -11.30 14.91 46.52
N CYS D 367 -10.01 15.21 46.75
CA CYS D 367 -9.35 16.31 46.04
C CYS D 367 -10.00 17.67 46.26
N LEU D 368 -10.47 17.91 47.48
CA LEU D 368 -11.08 19.19 47.81
C LEU D 368 -10.06 20.30 47.59
N GLY D 369 -10.48 21.38 46.93
CA GLY D 369 -9.58 22.49 46.68
C GLY D 369 -8.68 22.29 45.47
N GLU D 370 -8.88 21.20 44.75
CA GLU D 370 -8.07 20.91 43.57
C GLU D 370 -9.00 20.81 42.37
N PRO D 371 -8.44 20.91 41.15
CA PRO D 371 -9.26 20.82 39.93
C PRO D 371 -10.02 19.51 39.79
N ASN D 372 -9.53 18.44 40.41
CA ASN D 372 -10.18 17.14 40.31
C ASN D 372 -11.13 16.83 41.44
N HIS D 373 -11.51 17.86 42.19
CA HIS D 373 -12.44 17.72 43.30
C HIS D 373 -13.71 17.06 42.78
N ILE D 374 -14.18 16.01 43.46
CA ILE D 374 -15.37 15.28 43.04
C ILE D 374 -16.46 15.33 44.12
N THR D 375 -17.70 15.57 43.70
CA THR D 375 -18.82 15.62 44.64
C THR D 375 -19.88 14.62 44.20
N ARG D 376 -19.78 14.13 42.98
CA ARG D 376 -20.70 13.12 42.45
C ARG D 376 -19.91 12.05 41.75
N LEU D 377 -19.87 10.88 42.36
CA LEU D 377 -19.12 9.75 41.84
C LEU D 377 -19.68 9.09 40.60
N GLU D 378 -18.78 8.43 39.90
CA GLU D 378 -19.10 7.62 38.73
C GLU D 378 -18.36 6.31 39.07
N HIS D 379 -17.31 5.96 38.35
CA HIS D 379 -16.59 4.73 38.67
C HIS D 379 -15.66 4.93 39.86
N VAL D 380 -15.44 3.84 40.60
CA VAL D 380 -14.53 3.85 41.74
C VAL D 380 -13.62 2.62 41.62
N GLN D 381 -12.31 2.85 41.68
CA GLN D 381 -11.35 1.77 41.59
C GLN D 381 -10.61 1.67 42.92
N ALA D 382 -10.47 0.44 43.41
CA ALA D 382 -9.71 0.17 44.63
C ALA D 382 -8.52 -0.63 44.08
N ARG D 383 -7.40 0.05 43.90
CA ARG D 383 -6.20 -0.57 43.35
C ARG D 383 -5.38 -1.25 44.42
N LEU D 384 -5.40 -2.58 44.43
CA LEU D 384 -4.69 -3.31 45.45
C LEU D 384 -3.49 -4.09 44.94
N THR D 385 -2.48 -4.12 45.79
CA THR D 385 -1.26 -4.86 45.53
C THR D 385 -1.08 -5.62 46.83
N LEU D 386 -1.21 -6.93 46.78
CA LEU D 386 -1.09 -7.75 47.98
C LEU D 386 -0.54 -9.13 47.68
N SER D 387 -0.01 -9.76 48.71
CA SER D 387 0.52 -11.11 48.58
C SER D 387 -0.29 -11.97 49.54
N TYR D 388 -0.65 -13.17 49.10
CA TYR D 388 -1.40 -14.08 49.95
C TYR D 388 -1.07 -15.48 49.48
N ASN D 389 -1.20 -16.47 50.36
CA ASN D 389 -0.85 -17.83 49.99
C ASN D 389 -1.93 -18.59 49.23
N ARG D 390 -3.20 -18.28 49.51
CA ARG D 390 -4.34 -18.90 48.84
C ARG D 390 -5.33 -17.79 48.47
N ARG D 391 -5.15 -17.24 47.28
CA ARG D 391 -5.96 -16.12 46.80
C ARG D 391 -7.47 -16.32 46.87
N GLY D 392 -7.95 -17.48 46.43
CA GLY D 392 -9.37 -17.75 46.46
C GLY D 392 -10.03 -17.70 47.82
N ASP D 393 -9.25 -17.70 48.89
CA ASP D 393 -9.83 -17.65 50.23
C ASP D 393 -10.15 -16.24 50.67
N LEU D 394 -9.66 -15.26 49.93
CA LEU D 394 -9.91 -13.86 50.27
C LEU D 394 -11.27 -13.34 49.82
N ALA D 395 -11.80 -12.42 50.61
CA ALA D 395 -13.05 -11.73 50.31
C ALA D 395 -12.70 -10.27 50.60
N ILE D 396 -12.92 -9.39 49.62
CA ILE D 396 -12.59 -7.99 49.79
C ILE D 396 -13.81 -7.09 49.61
N HIS D 397 -13.99 -6.16 50.54
CA HIS D 397 -15.11 -5.22 50.49
C HIS D 397 -14.65 -3.78 50.63
N LEU D 398 -15.38 -2.87 49.97
CA LEU D 398 -15.07 -1.46 50.04
C LEU D 398 -16.36 -0.79 50.47
N ILE D 399 -16.28 0.06 51.48
CA ILE D 399 -17.48 0.74 51.96
C ILE D 399 -17.31 2.23 51.77
N SER D 400 -18.24 2.85 51.06
CA SER D 400 -18.20 4.30 50.80
C SER D 400 -18.66 5.09 52.01
N PRO D 401 -18.26 6.37 52.09
CA PRO D 401 -18.65 7.20 53.23
C PRO D 401 -20.16 7.17 53.48
N MET D 402 -20.93 7.05 52.41
CA MET D 402 -22.39 7.01 52.56
C MET D 402 -22.90 5.61 52.88
N GLY D 403 -22.00 4.73 53.31
CA GLY D 403 -22.39 3.38 53.70
C GLY D 403 -22.67 2.32 52.65
N THR D 404 -22.31 2.54 51.40
CA THR D 404 -22.54 1.51 50.39
C THR D 404 -21.39 0.51 50.40
N ARG D 405 -21.71 -0.74 50.72
CA ARG D 405 -20.71 -1.79 50.81
C ARG D 405 -20.64 -2.57 49.51
N SER D 406 -19.52 -2.40 48.81
CA SER D 406 -19.31 -3.08 47.54
C SER D 406 -18.38 -4.28 47.74
N THR D 407 -18.78 -5.42 47.22
CA THR D 407 -17.95 -6.61 47.33
C THR D 407 -16.99 -6.60 46.15
N LEU D 408 -15.75 -6.17 46.40
CA LEU D 408 -14.76 -6.12 45.34
C LEU D 408 -14.34 -7.51 44.91
N LEU D 409 -14.32 -8.44 45.86
CA LEU D 409 -13.92 -9.83 45.58
C LEU D 409 -14.54 -10.81 46.57
N ALA D 410 -15.27 -11.78 46.07
CA ALA D 410 -15.87 -12.81 46.90
C ALA D 410 -14.98 -14.03 46.80
N ALA D 411 -15.13 -14.97 47.73
CA ALA D 411 -14.29 -16.17 47.68
C ALA D 411 -14.43 -16.94 46.38
N ARG D 412 -13.30 -17.44 45.89
CA ARG D 412 -13.26 -18.27 44.68
C ARG D 412 -12.60 -19.59 45.10
N PRO D 413 -13.40 -20.58 45.51
CA PRO D 413 -12.89 -21.88 45.96
C PRO D 413 -11.90 -22.60 45.05
N HIS D 414 -11.90 -22.28 43.76
CA HIS D 414 -11.00 -22.94 42.84
C HIS D 414 -9.70 -22.18 42.61
N ASP D 415 -9.60 -21.00 43.22
CA ASP D 415 -8.41 -20.19 43.04
C ASP D 415 -7.37 -20.50 44.12
N TYR D 416 -6.33 -21.24 43.75
CA TYR D 416 -5.31 -21.60 44.72
C TYR D 416 -4.03 -20.80 44.53
N SER D 417 -4.04 -19.87 43.58
CA SER D 417 -2.88 -19.06 43.28
C SER D 417 -2.22 -18.47 44.52
N ALA D 418 -0.91 -18.31 44.44
CA ALA D 418 -0.15 -17.73 45.53
C ALA D 418 0.47 -16.42 45.02
N ASP D 419 0.01 -16.00 43.84
CA ASP D 419 0.52 -14.79 43.19
C ASP D 419 -0.10 -13.48 43.66
N GLY D 420 -1.20 -13.54 44.41
CA GLY D 420 -1.83 -12.33 44.90
C GLY D 420 -2.32 -11.40 43.79
N PHE D 421 -2.27 -10.10 44.05
CA PHE D 421 -2.69 -9.11 43.08
C PHE D 421 -1.63 -8.03 42.93
N ASN D 422 -1.40 -7.58 41.70
CA ASN D 422 -0.41 -6.53 41.47
C ASN D 422 -1.07 -5.34 40.80
N ASP D 423 -1.37 -4.34 41.62
CA ASP D 423 -2.01 -3.13 41.17
C ASP D 423 -3.26 -3.48 40.39
N TRP D 424 -4.05 -4.40 40.94
CA TRP D 424 -5.30 -4.79 40.29
C TRP D 424 -6.37 -3.78 40.69
N ALA D 425 -7.04 -3.20 39.71
CA ALA D 425 -8.05 -2.18 39.98
C ALA D 425 -9.48 -2.72 40.12
N PHE D 426 -9.84 -3.21 41.29
CA PHE D 426 -11.20 -3.71 41.48
C PHE D 426 -12.06 -2.47 41.30
N MET D 427 -13.13 -2.61 40.52
CA MET D 427 -13.99 -1.48 40.23
C MET D 427 -15.42 -1.67 40.68
N THR D 428 -16.01 -0.61 41.23
CA THR D 428 -17.40 -0.69 41.67
C THR D 428 -18.23 0.44 41.07
N THR D 429 -19.44 0.10 40.63
CA THR D 429 -20.36 1.09 40.06
C THR D 429 -21.45 1.39 41.08
N HIS D 430 -21.42 0.67 42.20
CA HIS D 430 -22.44 0.83 43.23
C HIS D 430 -22.52 2.17 43.96
N SER D 431 -21.48 2.98 43.90
CA SER D 431 -21.53 4.27 44.58
C SER D 431 -21.76 5.41 43.60
N TRP D 432 -22.22 5.07 42.41
CA TRP D 432 -22.48 6.06 41.37
C TRP D 432 -23.36 7.18 41.92
N ASP D 433 -22.94 8.42 41.70
CA ASP D 433 -23.67 9.62 42.14
C ASP D 433 -23.53 9.97 43.62
N GLU D 434 -22.83 9.14 44.38
CA GLU D 434 -22.65 9.45 45.81
C GLU D 434 -21.55 10.48 45.99
N ASP D 435 -21.56 11.14 47.14
CA ASP D 435 -20.53 12.11 47.44
C ASP D 435 -19.42 11.29 48.07
N PRO D 436 -18.22 11.31 47.47
CA PRO D 436 -17.07 10.55 47.98
C PRO D 436 -16.38 11.11 49.21
N ALA D 437 -16.72 12.32 49.62
CA ALA D 437 -16.08 12.91 50.78
C ALA D 437 -16.46 12.17 52.05
N GLY D 438 -15.47 11.84 52.87
CA GLY D 438 -15.75 11.11 54.10
C GLY D 438 -14.79 9.95 54.33
N GLU D 439 -15.18 9.05 55.22
CA GLU D 439 -14.32 7.91 55.53
C GLU D 439 -14.61 6.67 54.71
N TRP D 440 -13.58 6.17 54.03
CA TRP D 440 -13.70 4.96 53.22
C TRP D 440 -13.11 3.82 54.03
N VAL D 441 -13.65 2.63 53.82
CA VAL D 441 -13.19 1.46 54.54
C VAL D 441 -12.96 0.27 53.63
N LEU D 442 -11.76 -0.29 53.71
CA LEU D 442 -11.40 -1.46 52.92
C LEU D 442 -11.39 -2.66 53.88
N GLU D 443 -12.03 -3.74 53.48
CA GLU D 443 -12.08 -4.94 54.30
C GLU D 443 -11.51 -6.13 53.57
N ILE D 444 -10.51 -6.80 54.16
CA ILE D 444 -9.93 -7.99 53.56
C ILE D 444 -10.03 -9.09 54.60
N GLU D 445 -10.63 -10.21 54.25
CA GLU D 445 -10.77 -11.29 55.22
C GLU D 445 -10.55 -12.67 54.63
N ASN D 446 -10.00 -13.56 55.46
CA ASN D 446 -9.76 -14.94 55.07
C ASN D 446 -11.06 -15.68 55.37
N THR D 447 -11.77 -16.07 54.33
CA THR D 447 -13.03 -16.76 54.49
C THR D 447 -12.88 -18.23 54.86
N SER D 448 -11.64 -18.70 54.89
CA SER D 448 -11.35 -20.10 55.21
C SER D 448 -10.93 -20.30 56.66
N GLU D 449 -10.95 -21.56 57.11
CA GLU D 449 -10.51 -21.88 58.47
C GLU D 449 -9.01 -22.15 58.47
N ALA D 450 -8.43 -22.32 57.29
CA ALA D 450 -7.01 -22.55 57.21
C ALA D 450 -6.33 -21.29 57.73
N ASN D 451 -5.14 -21.44 58.30
CA ASN D 451 -4.41 -20.28 58.79
C ASN D 451 -3.58 -19.72 57.64
N ASN D 452 -4.22 -18.90 56.80
CA ASN D 452 -3.55 -18.29 55.66
C ASN D 452 -2.78 -17.04 56.07
N TYR D 453 -1.95 -16.53 55.17
CA TYR D 453 -1.15 -15.36 55.49
C TYR D 453 -0.77 -14.54 54.26
N GLY D 454 -0.51 -13.26 54.49
CA GLY D 454 -0.15 -12.38 53.39
C GLY D 454 -0.05 -10.92 53.81
N THR D 455 0.32 -10.06 52.87
CA THR D 455 0.47 -8.65 53.17
C THR D 455 -0.14 -7.74 52.10
N LEU D 456 -0.81 -6.67 52.55
CA LEU D 456 -1.38 -5.67 51.66
C LEU D 456 -0.30 -4.60 51.58
N THR D 457 0.34 -4.43 50.43
CA THR D 457 1.40 -3.45 50.35
C THR D 457 1.02 -2.13 49.70
N LYS D 458 -0.14 -2.09 49.04
CA LYS D 458 -0.57 -0.84 48.41
C LYS D 458 -2.08 -0.82 48.19
N PHE D 459 -2.66 0.34 48.46
CA PHE D 459 -4.09 0.54 48.28
C PHE D 459 -4.30 1.96 47.79
N THR D 460 -4.57 2.09 46.49
CA THR D 460 -4.80 3.38 45.88
C THR D 460 -6.27 3.47 45.49
N LEU D 461 -6.94 4.49 46.00
CA LEU D 461 -8.34 4.69 45.69
C LEU D 461 -8.41 5.70 44.56
N VAL D 462 -9.00 5.31 43.44
CA VAL D 462 -9.12 6.23 42.32
C VAL D 462 -10.60 6.53 42.11
N LEU D 463 -10.95 7.80 42.27
CA LEU D 463 -12.33 8.24 42.13
C LEU D 463 -12.54 8.98 40.84
N TYR D 464 -13.57 8.58 40.09
CA TYR D 464 -13.94 9.24 38.84
C TYR D 464 -15.29 9.91 39.09
N GLY D 465 -15.51 11.08 38.51
CA GLY D 465 -16.79 11.73 38.73
C GLY D 465 -16.81 13.18 38.34
N THR D 466 -17.79 13.91 38.88
CA THR D 466 -17.94 15.32 38.57
C THR D 466 -18.17 16.22 39.79
N ALA D 467 -18.12 17.53 39.52
CA ALA D 467 -18.34 18.58 40.52
C ALA D 467 -19.49 19.40 39.92
N PRO D 468 -20.15 20.25 40.73
CA PRO D 468 -21.25 21.07 40.19
C PRO D 468 -20.81 22.16 39.18
N VAL E 2 23.93 -41.39 -24.05
CA VAL E 2 24.42 -40.01 -24.35
C VAL E 2 23.77 -39.44 -25.61
N TYR E 3 23.09 -38.31 -25.46
CA TYR E 3 22.41 -37.63 -26.56
C TYR E 3 23.45 -37.21 -27.60
N GLN E 4 23.09 -37.23 -28.88
CA GLN E 4 24.03 -36.82 -29.93
C GLN E 4 23.56 -35.56 -30.68
N GLU E 5 24.34 -34.49 -30.60
CA GLU E 5 23.97 -33.24 -31.26
C GLU E 5 23.83 -33.37 -32.79
N PRO E 6 23.06 -32.47 -33.42
CA PRO E 6 22.83 -32.46 -34.86
C PRO E 6 24.10 -32.54 -35.69
N THR E 7 24.00 -33.24 -36.82
CA THR E 7 25.13 -33.43 -37.71
C THR E 7 25.02 -32.56 -38.95
N ASP E 8 23.96 -31.77 -39.02
CA ASP E 8 23.72 -30.88 -40.15
C ASP E 8 24.93 -29.99 -40.43
N PRO E 9 25.27 -29.81 -41.71
CA PRO E 9 26.41 -28.99 -42.14
C PRO E 9 26.54 -27.59 -41.53
N LYS E 10 25.44 -26.89 -41.32
CA LYS E 10 25.49 -25.54 -40.79
C LYS E 10 25.25 -25.40 -39.31
N PHE E 11 25.00 -26.52 -38.63
CA PHE E 11 24.76 -26.47 -37.19
C PHE E 11 25.90 -25.78 -36.45
N PRO E 12 27.15 -26.03 -36.86
CA PRO E 12 28.23 -25.37 -36.15
C PRO E 12 28.13 -23.85 -36.25
N GLN E 13 27.55 -23.36 -37.35
CA GLN E 13 27.40 -21.93 -37.58
C GLN E 13 26.26 -21.34 -36.76
N GLN E 14 25.42 -22.21 -36.21
CA GLN E 14 24.30 -21.76 -35.40
C GLN E 14 24.77 -21.48 -33.98
N TRP E 15 25.70 -20.53 -33.88
CA TRP E 15 26.29 -20.10 -32.63
C TRP E 15 25.31 -19.84 -31.49
N TYR E 16 24.10 -19.43 -31.82
CA TYR E 16 23.09 -19.12 -30.81
C TYR E 16 22.42 -20.36 -30.21
N LEU E 17 22.56 -21.51 -30.85
CA LEU E 17 21.95 -22.72 -30.31
C LEU E 17 22.88 -23.39 -29.32
N SER E 18 24.14 -23.48 -29.71
CA SER E 18 25.15 -24.09 -28.86
C SER E 18 26.50 -23.55 -29.31
N GLY E 19 27.44 -23.52 -28.38
CA GLY E 19 28.75 -23.03 -28.75
C GLY E 19 29.78 -23.70 -27.87
N VAL E 20 30.28 -22.91 -26.94
CA VAL E 20 31.27 -23.31 -25.96
C VAL E 20 31.34 -22.10 -25.05
N THR E 21 31.26 -20.92 -25.67
CA THR E 21 31.30 -19.64 -24.97
C THR E 21 30.32 -19.64 -23.81
N GLN E 22 29.39 -20.61 -23.82
CA GLN E 22 28.37 -20.73 -22.79
C GLN E 22 27.62 -19.40 -22.82
N ARG E 23 27.28 -19.00 -24.04
CA ARG E 23 26.60 -17.75 -24.31
C ARG E 23 25.66 -17.96 -25.51
N ASP E 24 24.62 -18.77 -25.26
CA ASP E 24 23.62 -19.12 -26.26
C ASP E 24 22.26 -19.29 -25.59
N LEU E 25 21.31 -19.85 -26.30
CA LEU E 25 19.97 -20.04 -25.77
C LEU E 25 19.80 -21.29 -24.91
N ASN E 26 20.90 -22.00 -24.68
CA ASN E 26 20.90 -23.21 -23.85
C ASN E 26 19.88 -24.24 -24.33
N VAL E 27 19.83 -24.46 -25.64
CA VAL E 27 18.88 -25.40 -26.24
C VAL E 27 19.38 -26.85 -26.16
N LYS E 28 20.67 -27.05 -26.36
CA LYS E 28 21.23 -28.39 -26.31
C LYS E 28 20.86 -29.09 -25.00
N GLU E 29 20.82 -28.32 -23.91
CA GLU E 29 20.47 -28.89 -22.62
C GLU E 29 19.04 -29.44 -22.64
N ALA E 30 18.16 -28.77 -23.37
CA ALA E 30 16.77 -29.20 -23.48
C ALA E 30 16.67 -30.42 -24.37
N TRP E 31 17.43 -30.43 -25.45
CA TRP E 31 17.42 -31.57 -26.36
C TRP E 31 17.87 -32.84 -25.64
N ALA E 32 18.96 -32.69 -24.88
CA ALA E 32 19.52 -33.81 -24.14
C ALA E 32 18.49 -34.43 -23.21
N GLN E 33 17.63 -33.61 -22.63
CA GLN E 33 16.61 -34.13 -21.74
C GLN E 33 15.46 -34.77 -22.52
N GLY E 34 15.61 -34.84 -23.84
CA GLY E 34 14.59 -35.46 -24.66
C GLY E 34 13.50 -34.55 -25.21
N PHE E 35 13.72 -33.24 -25.15
CA PHE E 35 12.71 -32.30 -25.65
C PHE E 35 13.18 -31.65 -26.95
N THR E 36 12.49 -31.98 -28.03
CA THR E 36 12.83 -31.46 -29.34
C THR E 36 11.62 -30.96 -30.13
N GLY E 37 10.46 -30.98 -29.51
CA GLY E 37 9.27 -30.49 -30.19
C GLY E 37 8.27 -31.54 -30.61
N HIS E 38 8.53 -32.80 -30.31
CA HIS E 38 7.61 -33.89 -30.67
C HIS E 38 6.19 -33.55 -30.26
N GLY E 39 5.24 -33.73 -31.18
CA GLY E 39 3.84 -33.49 -30.87
C GLY E 39 3.38 -32.05 -30.78
N ILE E 40 4.29 -31.11 -30.97
CA ILE E 40 3.94 -29.70 -30.91
C ILE E 40 3.80 -29.11 -32.32
N VAL E 41 2.80 -28.28 -32.51
CA VAL E 41 2.54 -27.67 -33.80
C VAL E 41 2.70 -26.16 -33.75
N VAL E 42 3.53 -25.64 -34.63
CA VAL E 42 3.80 -24.20 -34.70
C VAL E 42 3.43 -23.64 -36.07
N SER E 43 2.82 -22.45 -36.08
CA SER E 43 2.44 -21.82 -37.34
C SER E 43 3.08 -20.45 -37.49
N ILE E 44 3.64 -20.18 -38.67
CA ILE E 44 4.27 -18.90 -38.97
C ILE E 44 3.29 -18.02 -39.74
N LEU E 45 2.85 -16.91 -39.13
CA LEU E 45 1.94 -15.99 -39.81
C LEU E 45 2.81 -14.98 -40.53
N ASP E 46 2.95 -15.13 -41.85
CA ASP E 46 3.81 -14.24 -42.61
C ASP E 46 3.40 -14.19 -44.09
N ASP E 47 4.39 -14.19 -44.99
CA ASP E 47 4.12 -14.15 -46.42
C ASP E 47 4.10 -15.52 -47.10
N GLY E 48 3.95 -16.58 -46.31
CA GLY E 48 3.92 -17.92 -46.88
C GLY E 48 5.11 -18.77 -46.46
N ILE E 49 5.04 -20.06 -46.77
CA ILE E 49 6.09 -20.99 -46.41
C ILE E 49 6.40 -21.92 -47.57
N GLU E 50 7.68 -22.06 -47.92
CA GLU E 50 8.07 -22.96 -49.00
C GLU E 50 8.00 -24.37 -48.42
N LYS E 51 6.79 -24.93 -48.42
CA LYS E 51 6.52 -26.24 -47.85
C LYS E 51 7.34 -27.40 -48.40
N ASN E 52 7.90 -27.26 -49.59
CA ASN E 52 8.69 -28.36 -50.13
C ASN E 52 10.17 -28.08 -50.03
N HIS E 53 10.54 -27.20 -49.11
CA HIS E 53 11.95 -26.88 -48.91
C HIS E 53 12.60 -28.13 -48.35
N PRO E 54 13.76 -28.52 -48.88
CA PRO E 54 14.44 -29.72 -48.39
C PRO E 54 14.66 -29.79 -46.88
N ASP E 55 14.66 -28.66 -46.19
CA ASP E 55 14.87 -28.69 -44.75
C ASP E 55 13.60 -28.38 -43.96
N LEU E 56 12.46 -28.32 -44.65
CA LEU E 56 11.19 -28.05 -44.01
C LEU E 56 10.16 -29.15 -44.31
N ALA E 57 10.20 -29.70 -45.52
CA ALA E 57 9.25 -30.73 -45.94
C ALA E 57 9.01 -31.80 -44.88
N GLY E 58 10.08 -32.27 -44.25
CA GLY E 58 9.98 -33.31 -43.24
C GLY E 58 9.06 -32.96 -42.09
N ASN E 59 9.00 -31.68 -41.72
CA ASN E 59 8.15 -31.27 -40.61
C ASN E 59 6.95 -30.46 -41.04
N TYR E 60 6.80 -30.23 -42.34
CA TYR E 60 5.67 -29.44 -42.81
C TYR E 60 4.32 -30.04 -42.39
N ASP E 61 3.40 -29.18 -41.99
CA ASP E 61 2.07 -29.61 -41.56
C ASP E 61 0.97 -28.80 -42.27
N PRO E 62 0.27 -29.42 -43.21
CA PRO E 62 -0.81 -28.76 -43.95
C PRO E 62 -1.87 -28.21 -43.01
N GLY E 63 -2.05 -28.88 -41.88
CA GLY E 63 -3.06 -28.46 -40.92
C GLY E 63 -2.73 -27.19 -40.17
N ALA E 64 -1.48 -26.79 -40.21
CA ALA E 64 -1.06 -25.57 -39.53
C ALA E 64 -0.80 -24.50 -40.57
N SER E 65 -1.31 -24.73 -41.78
CA SER E 65 -1.12 -23.82 -42.89
C SER E 65 -2.38 -23.38 -43.59
N PHE E 66 -2.27 -22.26 -44.29
CA PHE E 66 -3.37 -21.72 -45.07
C PHE E 66 -2.94 -20.45 -45.76
N ASP E 67 -3.60 -20.15 -46.88
CA ASP E 67 -3.30 -18.93 -47.62
C ASP E 67 -4.52 -18.05 -47.51
N VAL E 68 -4.50 -17.14 -46.55
CA VAL E 68 -5.62 -16.24 -46.34
C VAL E 68 -5.69 -15.16 -47.41
N ASN E 69 -4.55 -14.81 -47.99
CA ASN E 69 -4.50 -13.81 -49.04
C ASN E 69 -5.26 -14.27 -50.28
N ASP E 70 -5.18 -15.55 -50.59
CA ASP E 70 -5.90 -16.07 -51.74
C ASP E 70 -7.01 -17.05 -51.41
N GLN E 71 -7.43 -17.08 -50.16
CA GLN E 71 -8.50 -17.97 -49.73
C GLN E 71 -8.29 -19.37 -50.32
N ASP E 72 -7.16 -19.99 -49.99
CA ASP E 72 -6.80 -21.32 -50.45
C ASP E 72 -5.94 -21.99 -49.39
N PRO E 73 -5.95 -23.34 -49.34
CA PRO E 73 -5.12 -23.98 -48.32
C PRO E 73 -3.60 -24.04 -48.54
N ASP E 74 -3.15 -23.82 -49.76
CA ASP E 74 -1.72 -23.86 -50.06
C ASP E 74 -1.01 -22.55 -49.72
N PRO E 75 -0.09 -22.58 -48.75
CA PRO E 75 0.69 -21.41 -48.29
C PRO E 75 1.96 -21.12 -49.06
N GLN E 76 2.13 -21.71 -50.24
CA GLN E 76 3.35 -21.48 -51.02
C GLN E 76 3.55 -19.98 -51.23
N PRO E 77 4.77 -19.49 -51.03
CA PRO E 77 5.01 -18.05 -51.24
C PRO E 77 5.04 -17.68 -52.72
N ARG E 78 4.78 -16.41 -53.01
CA ARG E 78 4.80 -15.91 -54.39
C ARG E 78 6.24 -15.54 -54.72
N TYR E 79 6.84 -16.20 -55.71
CA TYR E 79 8.23 -15.95 -56.04
C TYR E 79 8.51 -14.71 -56.87
N THR E 80 9.48 -13.90 -56.45
CA THR E 80 9.81 -12.68 -57.19
C THR E 80 11.32 -12.49 -57.33
N GLN E 81 11.72 -11.66 -58.29
CA GLN E 81 13.13 -11.38 -58.54
C GLN E 81 13.92 -11.03 -57.26
N MET E 82 13.37 -10.11 -56.47
CA MET E 82 14.03 -9.69 -55.22
C MET E 82 13.77 -10.65 -54.04
N ASN E 83 13.09 -11.76 -54.31
CA ASN E 83 12.77 -12.74 -53.28
C ASN E 83 12.09 -12.06 -52.12
N ASP E 84 11.19 -11.15 -52.47
CA ASP E 84 10.48 -10.37 -51.48
C ASP E 84 9.72 -11.20 -50.45
N ASN E 85 9.22 -12.35 -50.86
CA ASN E 85 8.42 -13.19 -49.94
C ASN E 85 9.14 -14.39 -49.35
N ARG E 86 10.36 -14.15 -48.88
CA ARG E 86 11.19 -15.18 -48.28
C ARG E 86 11.06 -15.12 -46.76
N HIS E 87 10.42 -14.09 -46.26
CA HIS E 87 10.26 -13.86 -44.83
C HIS E 87 9.68 -15.05 -44.06
N GLY E 88 8.55 -15.58 -44.51
CA GLY E 88 7.94 -16.70 -43.81
C GLY E 88 8.79 -17.95 -43.76
N THR E 89 9.40 -18.31 -44.87
CA THR E 89 10.25 -19.48 -44.97
C THR E 89 11.44 -19.38 -44.02
N ARG E 90 12.06 -18.21 -43.95
CA ARG E 90 13.19 -18.03 -43.05
C ARG E 90 12.78 -18.25 -41.59
N CYS E 91 11.60 -17.78 -41.22
CA CYS E 91 11.15 -17.94 -39.87
C CYS E 91 10.80 -19.39 -39.58
N ALA E 92 10.23 -20.09 -40.56
CA ALA E 92 9.86 -21.48 -40.39
C ALA E 92 11.10 -22.31 -40.02
N GLY E 93 12.17 -22.13 -40.79
CA GLY E 93 13.38 -22.87 -40.55
C GLY E 93 13.95 -22.71 -39.15
N GLU E 94 13.83 -21.51 -38.59
CA GLU E 94 14.34 -21.24 -37.26
C GLU E 94 13.60 -22.01 -36.19
N VAL E 95 12.31 -22.25 -36.44
CA VAL E 95 11.49 -22.98 -35.50
C VAL E 95 11.67 -24.48 -35.66
N ALA E 96 11.50 -24.98 -36.88
CA ALA E 96 11.57 -26.41 -37.09
C ALA E 96 12.28 -26.95 -38.32
N ALA E 97 13.46 -26.42 -38.65
CA ALA E 97 14.18 -26.96 -39.78
C ALA E 97 14.54 -28.39 -39.38
N VAL E 98 14.44 -29.33 -40.32
CA VAL E 98 14.75 -30.73 -40.06
C VAL E 98 16.20 -30.95 -39.64
N ALA E 99 16.39 -31.86 -38.69
CA ALA E 99 17.73 -32.17 -38.18
C ALA E 99 18.31 -33.47 -38.71
N ASN E 100 19.64 -33.55 -38.69
CA ASN E 100 20.38 -34.72 -39.14
C ASN E 100 19.97 -35.21 -40.52
N ASN E 101 19.76 -34.29 -41.45
CA ASN E 101 19.38 -34.68 -42.79
C ASN E 101 20.39 -34.14 -43.79
N GLY E 102 21.54 -33.75 -43.27
CA GLY E 102 22.59 -33.24 -44.13
C GLY E 102 22.29 -31.97 -44.87
N VAL E 103 21.26 -31.24 -44.44
CA VAL E 103 20.91 -30.00 -45.09
C VAL E 103 20.88 -28.82 -44.13
N CYS E 104 21.51 -27.73 -44.56
CA CYS E 104 21.55 -26.48 -43.80
C CYS E 104 21.82 -26.71 -42.32
N GLY E 105 20.94 -26.20 -41.46
CA GLY E 105 21.13 -26.38 -40.04
C GLY E 105 19.93 -27.08 -39.43
N VAL E 106 19.51 -26.64 -38.24
CA VAL E 106 18.36 -27.24 -37.56
C VAL E 106 17.55 -26.17 -36.84
N GLY E 107 16.29 -26.46 -36.57
CA GLY E 107 15.47 -25.50 -35.86
C GLY E 107 15.52 -25.80 -34.38
N VAL E 108 15.13 -24.84 -33.54
CA VAL E 108 15.14 -25.05 -32.10
C VAL E 108 14.31 -26.30 -31.75
N ALA E 109 13.13 -26.42 -32.34
CA ALA E 109 12.25 -27.56 -32.13
C ALA E 109 12.26 -28.37 -33.42
N TYR E 110 13.39 -29.00 -33.73
CA TYR E 110 13.50 -29.76 -34.97
C TYR E 110 12.61 -30.98 -35.13
N ASN E 111 11.82 -31.31 -34.12
CA ASN E 111 10.92 -32.44 -34.26
C ASN E 111 9.47 -32.00 -34.18
N ALA E 112 9.27 -30.68 -34.17
CA ALA E 112 7.92 -30.15 -34.13
C ALA E 112 7.38 -30.10 -35.55
N ARG E 113 6.07 -29.89 -35.67
CA ARG E 113 5.43 -29.77 -36.97
C ARG E 113 5.39 -28.25 -37.26
N ILE E 114 5.72 -27.87 -38.48
CA ILE E 114 5.72 -26.46 -38.83
C ILE E 114 4.77 -26.16 -39.98
N GLY E 115 3.97 -25.12 -39.80
CA GLY E 115 3.03 -24.71 -40.83
C GLY E 115 3.23 -23.24 -41.14
N GLY E 116 2.55 -22.74 -42.16
CA GLY E 116 2.67 -21.35 -42.51
C GLY E 116 1.37 -20.75 -43.00
N VAL E 117 1.11 -19.50 -42.65
CA VAL E 117 -0.10 -18.82 -43.08
C VAL E 117 0.33 -17.66 -43.94
N ARG E 118 -0.05 -17.71 -45.22
CA ARG E 118 0.29 -16.63 -46.14
C ARG E 118 -0.80 -15.55 -45.95
N MET E 119 -0.44 -14.46 -45.29
CA MET E 119 -1.39 -13.39 -45.06
C MET E 119 -0.85 -11.96 -45.16
N LEU E 120 0.42 -11.81 -45.48
CA LEU E 120 1.02 -10.48 -45.61
C LEU E 120 1.20 -10.05 -47.06
N ASP E 121 1.08 -10.99 -47.99
CA ASP E 121 1.26 -10.68 -49.40
C ASP E 121 0.00 -10.16 -50.05
N GLY E 122 -0.48 -9.03 -49.55
CA GLY E 122 -1.69 -8.43 -50.08
C GLY E 122 -2.20 -7.43 -49.07
N GLU E 123 -3.46 -7.03 -49.18
CA GLU E 123 -4.02 -6.08 -48.23
C GLU E 123 -4.24 -6.84 -46.92
N VAL E 124 -3.59 -6.39 -45.86
CA VAL E 124 -3.72 -7.04 -44.57
C VAL E 124 -4.87 -6.42 -43.79
N THR E 125 -6.08 -6.90 -44.08
CA THR E 125 -7.27 -6.39 -43.44
C THR E 125 -7.47 -6.97 -42.06
N ASP E 126 -8.43 -6.41 -41.33
CA ASP E 126 -8.75 -6.86 -40.00
C ASP E 126 -9.19 -8.32 -40.09
N ALA E 127 -10.05 -8.62 -41.06
CA ALA E 127 -10.52 -9.98 -41.24
C ALA E 127 -9.39 -10.95 -41.54
N VAL E 128 -8.39 -10.49 -42.29
CA VAL E 128 -7.23 -11.33 -42.62
C VAL E 128 -6.46 -11.68 -41.36
N GLU E 129 -6.20 -10.68 -40.53
CA GLU E 129 -5.48 -10.94 -39.29
C GLU E 129 -6.29 -11.85 -38.36
N ALA E 130 -7.59 -11.60 -38.27
CA ALA E 130 -8.44 -12.41 -37.41
C ALA E 130 -8.51 -13.87 -37.84
N ARG E 131 -8.51 -14.10 -39.14
CA ARG E 131 -8.58 -15.47 -39.63
C ARG E 131 -7.24 -16.16 -39.44
N SER E 132 -6.16 -15.39 -39.52
CA SER E 132 -4.83 -15.94 -39.33
C SER E 132 -4.60 -16.29 -37.87
N LEU E 133 -4.84 -15.34 -36.98
CA LEU E 133 -4.64 -15.57 -35.55
C LEU E 133 -5.55 -16.68 -35.02
N GLY E 134 -6.70 -16.86 -35.66
CA GLY E 134 -7.63 -17.88 -35.20
C GLY E 134 -7.69 -19.15 -36.04
N LEU E 135 -6.62 -19.44 -36.78
CA LEU E 135 -6.55 -20.62 -37.63
C LEU E 135 -6.29 -21.90 -36.83
N ASN E 136 -7.21 -22.86 -36.86
CA ASN E 136 -7.02 -24.13 -36.14
C ASN E 136 -6.60 -23.99 -34.69
N PRO E 137 -7.36 -23.23 -33.91
CA PRO E 137 -7.03 -23.02 -32.49
C PRO E 137 -6.72 -24.31 -31.71
N ASN E 138 -7.31 -25.44 -32.13
CA ASN E 138 -7.06 -26.69 -31.44
C ASN E 138 -6.07 -27.63 -32.09
N HIS E 139 -5.39 -27.19 -33.14
CA HIS E 139 -4.39 -28.02 -33.78
C HIS E 139 -3.04 -27.32 -33.66
N ILE E 140 -3.05 -26.00 -33.83
CA ILE E 140 -1.84 -25.20 -33.72
C ILE E 140 -1.68 -24.77 -32.27
N HIS E 141 -0.53 -25.01 -31.66
CA HIS E 141 -0.29 -24.62 -30.27
C HIS E 141 0.32 -23.24 -30.18
N ILE E 142 1.27 -22.96 -31.08
CA ILE E 142 1.99 -21.71 -31.07
C ILE E 142 1.97 -20.97 -32.40
N TYR E 143 1.64 -19.68 -32.36
CA TYR E 143 1.65 -18.84 -33.55
C TYR E 143 2.84 -17.89 -33.44
N SER E 144 3.61 -17.77 -34.51
CA SER E 144 4.77 -16.88 -34.51
C SER E 144 4.57 -15.77 -35.53
N ALA E 145 4.52 -14.52 -35.07
CA ALA E 145 4.28 -13.40 -35.96
C ALA E 145 5.40 -12.37 -35.97
N SER E 146 6.13 -12.30 -37.07
CA SER E 146 7.21 -11.35 -37.20
C SER E 146 6.81 -10.19 -38.12
N TRP E 147 5.83 -9.41 -37.67
CA TRP E 147 5.34 -8.27 -38.42
C TRP E 147 4.54 -7.39 -37.51
N GLY E 148 4.20 -6.20 -37.98
CA GLY E 148 3.42 -5.27 -37.19
C GLY E 148 3.27 -3.94 -37.91
N PRO E 149 2.80 -2.90 -37.23
CA PRO E 149 2.64 -1.60 -37.86
C PRO E 149 3.99 -1.03 -38.27
N GLU E 150 3.96 -0.09 -39.19
CA GLU E 150 5.15 0.58 -39.70
C GLU E 150 6.14 0.91 -38.57
N ASP E 151 7.41 0.57 -38.75
CA ASP E 151 8.41 0.89 -37.73
C ASP E 151 9.17 2.17 -38.09
N ASP E 152 8.43 3.23 -38.43
CA ASP E 152 9.05 4.49 -38.81
C ASP E 152 9.21 5.43 -37.62
N GLY E 153 8.70 5.01 -36.46
CA GLY E 153 8.81 5.82 -35.27
C GLY E 153 7.84 6.97 -35.28
N LYS E 154 6.81 6.86 -36.11
CA LYS E 154 5.80 7.91 -36.24
C LYS E 154 4.41 7.38 -36.05
N THR E 155 4.25 6.05 -36.11
CA THR E 155 2.91 5.51 -36.02
C THR E 155 2.47 4.85 -34.72
N VAL E 156 1.16 4.90 -34.48
CA VAL E 156 0.56 4.28 -33.31
C VAL E 156 -0.59 3.47 -33.88
N ASP E 157 -0.46 2.16 -33.88
CA ASP E 157 -1.50 1.34 -34.44
C ASP E 157 -1.52 -0.02 -33.76
N GLY E 158 -2.67 -0.69 -33.81
CA GLY E 158 -2.79 -1.99 -33.19
C GLY E 158 -3.91 -2.80 -33.84
N PRO E 159 -4.20 -4.00 -33.33
CA PRO E 159 -5.28 -4.81 -33.91
C PRO E 159 -6.62 -4.07 -33.91
N ALA E 160 -7.44 -4.33 -34.92
CA ALA E 160 -8.77 -3.72 -35.01
C ALA E 160 -9.78 -4.63 -34.31
N ARG E 161 -11.06 -4.39 -34.54
CA ARG E 161 -12.11 -5.15 -33.87
C ARG E 161 -12.05 -6.67 -33.94
N LEU E 162 -12.01 -7.23 -35.15
CA LEU E 162 -11.99 -8.67 -35.29
C LEU E 162 -10.71 -9.32 -34.80
N ALA E 163 -9.57 -8.67 -35.04
CA ALA E 163 -8.29 -9.21 -34.59
C ALA E 163 -8.24 -9.20 -33.07
N GLU E 164 -8.78 -8.14 -32.46
CA GLU E 164 -8.80 -8.05 -31.02
C GLU E 164 -9.59 -9.22 -30.48
N GLU E 165 -10.73 -9.50 -31.11
CA GLU E 165 -11.57 -10.61 -30.71
C GLU E 165 -10.79 -11.91 -30.87
N ALA E 166 -10.12 -12.07 -32.01
CA ALA E 166 -9.36 -13.27 -32.27
C ALA E 166 -8.34 -13.54 -31.16
N PHE E 167 -7.63 -12.49 -30.74
CA PHE E 167 -6.64 -12.63 -29.69
C PHE E 167 -7.26 -13.16 -28.41
N PHE E 168 -8.36 -12.54 -27.98
CA PHE E 168 -9.01 -12.97 -26.75
C PHE E 168 -9.60 -14.35 -26.89
N ARG E 169 -10.23 -14.60 -28.03
CA ARG E 169 -10.85 -15.88 -28.29
C ARG E 169 -9.80 -17.00 -28.26
N GLY E 170 -8.66 -16.74 -28.88
CA GLY E 170 -7.62 -17.76 -28.93
C GLY E 170 -7.00 -18.05 -27.58
N VAL E 171 -6.88 -17.01 -26.78
CA VAL E 171 -6.28 -17.12 -25.47
C VAL E 171 -7.25 -17.80 -24.50
N SER E 172 -8.54 -17.73 -24.80
CA SER E 172 -9.58 -18.33 -23.96
C SER E 172 -9.97 -19.75 -24.37
N GLN E 173 -10.11 -19.96 -25.66
CA GLN E 173 -10.56 -21.24 -26.20
C GLN E 173 -9.52 -22.06 -26.95
N GLY E 174 -8.42 -21.45 -27.36
CA GLY E 174 -7.41 -22.20 -28.09
C GLY E 174 -6.84 -23.33 -27.26
N ARG E 175 -6.22 -24.30 -27.92
CA ARG E 175 -5.64 -25.44 -27.21
C ARG E 175 -6.59 -25.96 -26.16
N GLY E 176 -7.81 -26.22 -26.59
CA GLY E 176 -8.80 -26.75 -25.68
C GLY E 176 -8.98 -25.98 -24.40
N GLY E 177 -8.81 -24.66 -24.45
CA GLY E 177 -9.00 -23.87 -23.25
C GLY E 177 -7.74 -23.48 -22.52
N LEU E 178 -6.59 -24.00 -22.95
CA LEU E 178 -5.34 -23.64 -22.29
C LEU E 178 -4.85 -22.31 -22.86
N GLY E 179 -5.35 -21.96 -24.04
CA GLY E 179 -4.99 -20.70 -24.67
C GLY E 179 -3.91 -20.76 -25.74
N SER E 180 -4.17 -20.15 -26.89
CA SER E 180 -3.18 -20.13 -27.96
C SER E 180 -2.00 -19.32 -27.48
N ILE E 181 -0.81 -19.64 -27.96
CA ILE E 181 0.37 -18.90 -27.56
C ILE E 181 0.82 -18.07 -28.74
N PHE E 182 0.74 -16.76 -28.58
CA PHE E 182 1.13 -15.83 -29.63
C PHE E 182 2.48 -15.20 -29.35
N VAL E 183 3.47 -15.55 -30.17
CA VAL E 183 4.83 -15.01 -30.01
C VAL E 183 5.01 -13.92 -31.06
N TRP E 184 5.50 -12.75 -30.62
CA TRP E 184 5.65 -11.62 -31.51
C TRP E 184 7.04 -10.99 -31.53
N ALA E 185 7.44 -10.49 -32.70
CA ALA E 185 8.73 -9.83 -32.84
C ALA E 185 8.48 -8.38 -32.40
N SER E 186 9.30 -7.85 -31.48
CA SER E 186 9.07 -6.50 -30.97
C SER E 186 9.23 -5.31 -31.93
N GLY E 187 9.93 -5.46 -33.04
CA GLY E 187 10.05 -4.34 -33.95
C GLY E 187 11.46 -3.99 -34.36
N ASN E 188 11.59 -3.48 -35.58
CA ASN E 188 12.90 -3.09 -36.11
C ASN E 188 13.11 -1.59 -36.28
N GLY E 189 12.32 -0.78 -35.58
CA GLY E 189 12.45 0.66 -35.73
C GLY E 189 13.46 1.36 -34.83
N GLY E 190 14.44 0.63 -34.34
CA GLY E 190 15.44 1.21 -33.46
C GLY E 190 16.08 2.46 -34.00
N ARG E 191 16.55 2.40 -35.24
CA ARG E 191 17.19 3.55 -35.88
C ARG E 191 16.30 4.77 -35.89
N GLU E 192 14.99 4.57 -35.91
CA GLU E 192 14.05 5.68 -35.90
C GLU E 192 13.59 6.03 -34.49
N HIS E 193 14.17 5.37 -33.50
CA HIS E 193 13.84 5.60 -32.11
C HIS E 193 12.41 5.22 -31.83
N ASP E 194 11.91 4.24 -32.54
CA ASP E 194 10.55 3.76 -32.35
C ASP E 194 10.39 3.10 -30.99
N SER E 195 9.16 3.09 -30.49
CA SER E 195 8.86 2.47 -29.20
C SER E 195 7.84 1.35 -29.44
N CYS E 196 8.14 0.14 -28.97
CA CYS E 196 7.20 -0.95 -29.20
C CYS E 196 5.90 -0.86 -28.41
N ASN E 197 5.76 0.14 -27.55
CA ASN E 197 4.50 0.27 -26.82
C ASN E 197 3.49 0.99 -27.69
N CYS E 198 3.95 1.43 -28.87
CA CYS E 198 3.10 2.12 -29.83
C CYS E 198 2.65 1.12 -30.88
N ASP E 199 2.93 -0.15 -30.60
CA ASP E 199 2.59 -1.27 -31.48
C ASP E 199 1.61 -2.13 -30.68
N GLY E 200 0.34 -2.04 -31.04
CA GLY E 200 -0.70 -2.78 -30.34
C GLY E 200 -0.58 -4.30 -30.33
N TYR E 201 0.24 -4.85 -31.23
CA TYR E 201 0.39 -6.30 -31.25
C TYR E 201 1.42 -6.73 -30.22
N THR E 202 2.55 -6.06 -30.17
CA THR E 202 3.58 -6.39 -29.19
C THR E 202 3.15 -5.91 -27.81
N ASN E 203 2.40 -4.82 -27.78
CA ASN E 203 1.95 -4.22 -26.54
C ASN E 203 0.77 -4.98 -25.91
N SER E 204 0.24 -5.95 -26.64
CA SER E 204 -0.88 -6.75 -26.16
C SER E 204 -0.47 -7.70 -25.05
N ILE E 205 -1.36 -7.97 -24.11
CA ILE E 205 -1.01 -8.88 -23.03
C ILE E 205 -1.12 -10.32 -23.53
N TYR E 206 -1.81 -10.50 -24.65
CA TYR E 206 -2.00 -11.83 -25.22
C TYR E 206 -0.79 -12.35 -25.99
N THR E 207 0.22 -11.51 -26.19
CA THR E 207 1.38 -11.95 -26.95
C THR E 207 2.66 -11.87 -26.12
N LEU E 208 3.62 -12.74 -26.44
CA LEU E 208 4.91 -12.67 -25.77
C LEU E 208 5.77 -11.89 -26.75
N SER E 209 6.01 -10.62 -26.43
CA SER E 209 6.82 -9.78 -27.31
C SER E 209 8.28 -10.09 -27.04
N ILE E 210 9.01 -10.42 -28.09
CA ILE E 210 10.41 -10.80 -27.98
C ILE E 210 11.36 -9.83 -28.68
N SER E 211 12.42 -9.42 -27.98
CA SER E 211 13.40 -8.51 -28.59
C SER E 211 14.66 -9.27 -28.94
N SER E 212 15.66 -8.55 -29.44
CA SER E 212 16.91 -9.17 -29.86
C SER E 212 18.15 -8.72 -29.10
N ALA E 213 19.20 -9.51 -29.26
CA ALA E 213 20.50 -9.23 -28.64
C ALA E 213 21.54 -9.68 -29.68
N THR E 214 22.63 -8.92 -29.83
CA THR E 214 23.65 -9.27 -30.79
C THR E 214 24.54 -10.38 -30.25
N GLN E 215 25.34 -10.98 -31.12
CA GLN E 215 26.21 -12.05 -30.71
C GLN E 215 27.08 -11.68 -29.50
N PHE E 216 27.51 -10.42 -29.44
CA PHE E 216 28.34 -9.97 -28.34
C PHE E 216 27.52 -9.43 -27.17
N GLY E 217 26.22 -9.73 -27.16
CA GLY E 217 25.35 -9.29 -26.10
C GLY E 217 25.01 -7.82 -26.03
N ASN E 218 24.97 -7.14 -27.17
CA ASN E 218 24.63 -5.72 -27.18
C ASN E 218 23.24 -5.48 -27.74
N VAL E 219 22.75 -4.27 -27.54
CA VAL E 219 21.44 -3.90 -28.06
C VAL E 219 21.62 -3.68 -29.56
N PRO E 220 20.91 -4.46 -30.38
CA PRO E 220 21.01 -4.34 -31.84
C PRO E 220 20.63 -2.92 -32.27
N TRP E 221 21.11 -2.49 -33.43
CA TRP E 221 20.80 -1.16 -33.92
C TRP E 221 19.34 -0.98 -34.29
N TYR E 222 18.67 -2.07 -34.61
CA TYR E 222 17.26 -2.03 -35.00
C TYR E 222 16.30 -2.20 -33.84
N SER E 223 16.85 -2.50 -32.67
CA SER E 223 16.05 -2.73 -31.48
C SER E 223 15.23 -1.54 -30.98
N GLU E 224 13.97 -1.80 -30.64
CA GLU E 224 13.09 -0.77 -30.09
C GLU E 224 12.93 -1.08 -28.59
N ALA E 225 13.01 -0.05 -27.75
CA ALA E 225 12.87 -0.27 -26.33
C ALA E 225 11.44 0.01 -25.89
N CYS E 226 10.97 -0.73 -24.90
CA CYS E 226 9.62 -0.52 -24.38
C CYS E 226 9.41 -1.45 -23.20
N SER E 227 8.41 -1.12 -22.39
CA SER E 227 8.10 -1.88 -21.19
C SER E 227 7.23 -3.11 -21.40
N SER E 228 6.74 -3.31 -22.61
CA SER E 228 5.89 -4.47 -22.87
C SER E 228 6.69 -5.70 -23.30
N THR E 229 7.95 -5.51 -23.66
CA THR E 229 8.76 -6.66 -24.05
C THR E 229 8.91 -7.62 -22.86
N LEU E 230 8.87 -8.92 -23.13
CA LEU E 230 8.96 -9.93 -22.09
C LEU E 230 10.34 -10.56 -21.99
N ALA E 231 10.88 -11.01 -23.12
CA ALA E 231 12.20 -11.63 -23.12
C ALA E 231 12.98 -11.38 -24.41
N THR E 232 14.18 -11.95 -24.49
CA THR E 232 15.06 -11.75 -25.64
C THR E 232 15.62 -13.05 -26.19
N THR E 233 16.10 -12.97 -27.42
CA THR E 233 16.67 -14.10 -28.12
C THR E 233 17.77 -13.48 -28.96
N TYR E 234 18.82 -14.24 -29.28
CA TYR E 234 19.87 -13.68 -30.11
C TYR E 234 19.42 -13.44 -31.54
N SER E 235 20.12 -12.56 -32.23
CA SER E 235 19.84 -12.27 -33.63
C SER E 235 21.04 -11.53 -34.21
N SER E 236 20.85 -10.88 -35.36
CA SER E 236 21.94 -10.16 -36.01
C SER E 236 22.35 -8.90 -35.25
N GLY E 237 23.55 -8.39 -35.58
CA GLY E 237 24.06 -7.20 -34.94
C GLY E 237 24.83 -6.36 -35.93
N ASN E 238 26.02 -5.90 -35.56
CA ASN E 238 26.83 -5.09 -36.46
C ASN E 238 27.53 -5.96 -37.49
N GLN E 239 28.31 -5.32 -38.35
CA GLN E 239 29.03 -6.03 -39.41
C GLN E 239 30.03 -7.07 -38.94
N ASN E 240 30.43 -6.99 -37.67
CA ASN E 240 31.40 -7.96 -37.11
C ASN E 240 30.77 -9.09 -36.32
N GLU E 241 29.45 -9.15 -36.23
CA GLU E 241 28.79 -10.22 -35.49
C GLU E 241 28.04 -11.17 -36.41
N LYS E 242 27.99 -12.44 -36.00
CA LYS E 242 27.32 -13.49 -36.76
C LYS E 242 25.81 -13.24 -36.82
N GLN E 243 25.15 -13.91 -37.76
CA GLN E 243 23.71 -13.73 -37.90
C GLN E 243 23.01 -15.09 -37.80
N ILE E 244 21.71 -15.14 -38.09
CA ILE E 244 20.96 -16.38 -37.98
C ILE E 244 20.97 -17.24 -39.23
N VAL E 245 21.11 -18.54 -39.02
CA VAL E 245 21.14 -19.52 -40.09
C VAL E 245 19.79 -20.19 -40.23
N THR E 246 19.26 -20.22 -41.45
CA THR E 246 17.96 -20.81 -41.67
C THR E 246 17.66 -21.11 -43.14
N THR E 247 16.48 -21.66 -43.37
CA THR E 247 16.02 -22.01 -44.71
C THR E 247 15.58 -20.75 -45.47
N ASP E 248 16.00 -20.64 -46.72
CA ASP E 248 15.68 -19.49 -47.55
C ASP E 248 14.87 -19.92 -48.77
N LEU E 249 14.26 -18.95 -49.46
CA LEU E 249 13.47 -19.25 -50.64
C LEU E 249 14.29 -19.96 -51.69
N ARG E 250 13.60 -20.68 -52.58
CA ARG E 250 14.27 -21.38 -53.67
C ARG E 250 15.14 -22.51 -53.14
N GLN E 251 14.68 -23.16 -52.09
CA GLN E 251 15.38 -24.29 -51.49
C GLN E 251 16.83 -24.01 -51.10
N LYS E 252 17.11 -22.77 -50.76
CA LYS E 252 18.46 -22.39 -50.37
C LYS E 252 18.59 -22.34 -48.86
N CYS E 253 19.80 -22.03 -48.41
CA CYS E 253 20.12 -21.93 -47.00
C CYS E 253 20.84 -20.60 -46.81
N THR E 254 20.42 -19.83 -45.80
CA THR E 254 21.04 -18.55 -45.57
C THR E 254 21.67 -18.48 -44.20
N GLU E 255 22.71 -17.66 -44.10
CA GLU E 255 23.41 -17.46 -42.85
C GLU E 255 23.31 -16.01 -42.46
N SER E 256 22.45 -15.28 -43.15
CA SER E 256 22.30 -13.88 -42.85
C SER E 256 20.88 -13.40 -42.59
N HIS E 257 20.11 -14.15 -41.82
CA HIS E 257 18.77 -13.72 -41.47
C HIS E 257 18.99 -12.70 -40.35
N THR E 258 18.23 -11.62 -40.35
CA THR E 258 18.43 -10.56 -39.37
C THR E 258 17.16 -10.02 -38.73
N GLY E 259 17.34 -9.07 -37.82
CA GLY E 259 16.23 -8.41 -37.16
C GLY E 259 15.46 -9.19 -36.13
N THR E 260 14.46 -8.54 -35.52
CA THR E 260 13.65 -9.19 -34.52
C THR E 260 12.81 -10.30 -35.13
N SER E 261 12.79 -10.38 -36.45
CA SER E 261 12.01 -11.42 -37.13
C SER E 261 12.67 -12.78 -36.94
N ALA E 262 13.94 -12.78 -36.60
CA ALA E 262 14.68 -14.01 -36.38
C ALA E 262 14.48 -14.40 -34.91
N SER E 263 14.29 -13.42 -34.04
CA SER E 263 14.12 -13.68 -32.62
C SER E 263 12.79 -14.32 -32.23
N ALA E 264 11.70 -13.87 -32.84
CA ALA E 264 10.39 -14.39 -32.51
C ALA E 264 10.29 -15.89 -32.77
N PRO E 265 10.66 -16.34 -33.98
CA PRO E 265 10.59 -17.77 -34.24
C PRO E 265 11.50 -18.61 -33.34
N LEU E 266 12.69 -18.09 -33.02
CA LEU E 266 13.58 -18.82 -32.12
C LEU E 266 12.87 -18.98 -30.77
N ALA E 267 12.15 -17.95 -30.36
CA ALA E 267 11.43 -18.02 -29.09
C ALA E 267 10.30 -19.03 -29.20
N ALA E 268 9.64 -19.06 -30.36
CA ALA E 268 8.54 -19.97 -30.57
C ALA E 268 9.05 -21.40 -30.46
N GLY E 269 10.25 -21.64 -30.98
CA GLY E 269 10.84 -22.95 -30.90
C GLY E 269 11.08 -23.34 -29.45
N ILE E 270 11.68 -22.44 -28.69
CA ILE E 270 11.96 -22.70 -27.29
C ILE E 270 10.64 -22.93 -26.54
N ILE E 271 9.59 -22.22 -26.93
CA ILE E 271 8.31 -22.39 -26.27
C ILE E 271 7.70 -23.72 -26.67
N ALA E 272 8.08 -24.22 -27.84
CA ALA E 272 7.58 -25.51 -28.30
C ALA E 272 8.20 -26.59 -27.44
N LEU E 273 9.49 -26.46 -27.15
CA LEU E 273 10.17 -27.44 -26.30
C LEU E 273 9.53 -27.45 -24.91
N THR E 274 9.22 -26.26 -24.42
CA THR E 274 8.60 -26.11 -23.12
C THR E 274 7.24 -26.81 -23.09
N LEU E 275 6.48 -26.68 -24.17
CA LEU E 275 5.17 -27.32 -24.20
C LEU E 275 5.28 -28.84 -24.23
N GLU E 276 6.29 -29.36 -24.92
CA GLU E 276 6.47 -30.81 -24.95
C GLU E 276 6.71 -31.27 -23.51
N ALA E 277 7.53 -30.53 -22.79
CA ALA E 277 7.84 -30.85 -21.41
C ALA E 277 6.61 -30.78 -20.49
N ASN E 278 5.60 -30.00 -20.89
CA ASN E 278 4.38 -29.89 -20.09
C ASN E 278 3.24 -29.34 -20.94
N LYS E 279 2.53 -30.25 -21.61
CA LYS E 279 1.41 -29.91 -22.47
C LYS E 279 0.27 -29.15 -21.81
N ASN E 280 0.24 -29.10 -20.49
CA ASN E 280 -0.88 -28.43 -19.85
C ASN E 280 -0.67 -26.99 -19.39
N LEU E 281 0.42 -26.39 -19.85
CA LEU E 281 0.71 -25.00 -19.49
C LEU E 281 -0.31 -24.08 -20.17
N THR E 282 -0.85 -23.11 -19.43
CA THR E 282 -1.80 -22.19 -20.03
C THR E 282 -1.01 -21.05 -20.67
N TRP E 283 -1.67 -20.23 -21.47
CA TRP E 283 -1.00 -19.11 -22.12
C TRP E 283 -0.34 -18.22 -21.07
N ARG E 284 -0.94 -18.13 -19.88
CA ARG E 284 -0.38 -17.34 -18.80
C ARG E 284 0.79 -18.08 -18.15
N ASP E 285 0.62 -19.38 -17.91
CA ASP E 285 1.70 -20.17 -17.31
C ASP E 285 2.99 -19.92 -18.10
N MET E 286 2.88 -19.97 -19.42
CA MET E 286 4.02 -19.78 -20.31
C MET E 286 4.71 -18.46 -20.07
N GLN E 287 3.95 -17.39 -19.89
CA GLN E 287 4.55 -16.10 -19.66
C GLN E 287 5.26 -16.08 -18.31
N HIS E 288 4.67 -16.77 -17.33
CA HIS E 288 5.29 -16.85 -16.02
C HIS E 288 6.64 -17.54 -16.13
N LEU E 289 6.68 -18.62 -16.90
CA LEU E 289 7.92 -19.36 -17.06
C LEU E 289 9.00 -18.50 -17.68
N VAL E 290 8.63 -17.71 -18.68
CA VAL E 290 9.60 -16.85 -19.35
C VAL E 290 10.15 -15.83 -18.37
N VAL E 291 9.28 -15.25 -17.56
CA VAL E 291 9.70 -14.25 -16.58
C VAL E 291 10.65 -14.81 -15.54
N GLN E 292 10.34 -16.01 -15.03
CA GLN E 292 11.18 -16.61 -14.02
C GLN E 292 12.50 -17.18 -14.49
N THR E 293 12.53 -17.72 -15.70
CA THR E 293 13.74 -18.33 -16.21
C THR E 293 14.64 -17.48 -17.10
N SER E 294 14.14 -16.37 -17.62
CA SER E 294 14.98 -15.59 -18.51
C SER E 294 16.16 -14.92 -17.81
N LYS E 295 17.32 -15.06 -18.46
CA LYS E 295 18.59 -14.57 -17.93
C LYS E 295 19.11 -13.25 -18.48
N PRO E 296 19.23 -12.26 -17.60
CA PRO E 296 19.73 -10.93 -17.99
C PRO E 296 21.23 -10.96 -18.12
N ALA E 297 21.83 -12.03 -17.62
CA ALA E 297 23.27 -12.18 -17.65
C ALA E 297 23.87 -12.12 -19.04
N HIS E 298 24.97 -11.38 -19.13
CA HIS E 298 25.73 -11.19 -20.36
C HIS E 298 25.10 -10.34 -21.43
N LEU E 299 23.96 -9.75 -21.11
CA LEU E 299 23.27 -8.86 -22.03
C LEU E 299 23.56 -7.43 -21.55
N ASN E 300 24.21 -6.65 -22.40
CA ASN E 300 24.58 -5.29 -22.07
C ASN E 300 23.50 -4.26 -22.40
N ALA E 301 23.18 -3.44 -21.42
CA ALA E 301 22.17 -2.40 -21.58
C ALA E 301 22.45 -1.35 -20.52
N ASP E 302 22.03 -0.12 -20.76
CA ASP E 302 22.28 0.89 -19.75
C ASP E 302 21.08 1.11 -18.86
N ASP E 303 20.09 0.24 -18.94
CA ASP E 303 18.89 0.42 -18.10
C ASP E 303 18.47 -0.78 -17.26
N TRP E 304 19.39 -1.69 -16.97
CA TRP E 304 19.02 -2.83 -16.13
C TRP E 304 18.60 -2.30 -14.76
N ALA E 305 17.38 -2.62 -14.34
CA ALA E 305 16.89 -2.18 -13.05
C ALA E 305 16.23 -3.36 -12.35
N THR E 306 16.32 -3.39 -11.03
CA THR E 306 15.75 -4.48 -10.24
C THR E 306 14.34 -4.08 -9.82
N ASN E 307 13.35 -4.93 -10.06
CA ASN E 307 12.00 -4.58 -9.67
C ASN E 307 11.71 -4.94 -8.22
N GLY E 308 10.47 -4.76 -7.79
CA GLY E 308 10.07 -5.01 -6.42
C GLY E 308 10.17 -6.44 -5.92
N VAL E 309 10.43 -7.38 -6.81
CA VAL E 309 10.55 -8.76 -6.38
C VAL E 309 11.96 -9.27 -6.64
N GLY E 310 12.89 -8.34 -6.82
CA GLY E 310 14.27 -8.71 -7.02
C GLY E 310 14.73 -9.16 -8.38
N ARG E 311 13.87 -9.08 -9.38
CA ARG E 311 14.29 -9.49 -10.72
C ARG E 311 14.79 -8.31 -11.54
N LYS E 312 15.80 -8.55 -12.35
CA LYS E 312 16.36 -7.50 -13.19
C LYS E 312 15.58 -7.40 -14.51
N VAL E 313 15.21 -6.18 -14.89
CA VAL E 313 14.48 -5.99 -16.14
C VAL E 313 15.08 -4.84 -16.92
N SER E 314 14.97 -4.94 -18.24
CA SER E 314 15.47 -3.93 -19.14
C SER E 314 14.44 -3.63 -20.21
N HIS E 315 14.33 -2.38 -20.63
CA HIS E 315 13.37 -2.03 -21.67
C HIS E 315 13.84 -2.53 -23.02
N SER E 316 15.09 -2.95 -23.10
CA SER E 316 15.64 -3.49 -24.34
C SER E 316 15.52 -5.00 -24.41
N TYR E 317 15.50 -5.64 -23.25
CA TYR E 317 15.47 -7.10 -23.21
C TYR E 317 14.39 -7.74 -22.36
N GLY E 318 13.51 -6.95 -21.77
CA GLY E 318 12.49 -7.53 -20.93
C GLY E 318 13.24 -8.17 -19.76
N TYR E 319 12.92 -9.42 -19.45
CA TYR E 319 13.59 -10.10 -18.34
C TYR E 319 14.91 -10.78 -18.70
N GLY E 320 15.33 -10.65 -19.95
CA GLY E 320 16.58 -11.24 -20.36
C GLY E 320 16.50 -12.26 -21.47
N LEU E 321 17.60 -12.97 -21.66
CA LEU E 321 17.72 -13.99 -22.68
C LEU E 321 16.96 -15.24 -22.30
N LEU E 322 16.27 -15.83 -23.26
CA LEU E 322 15.53 -17.05 -23.01
C LEU E 322 16.51 -18.18 -22.71
N ASP E 323 16.12 -19.08 -21.81
CA ASP E 323 16.96 -20.21 -21.44
C ASP E 323 16.16 -21.49 -21.63
N ALA E 324 16.38 -22.14 -22.77
CA ALA E 324 15.66 -23.36 -23.10
C ALA E 324 15.74 -24.40 -21.98
N GLY E 325 16.95 -24.65 -21.49
CA GLY E 325 17.14 -25.60 -20.42
C GLY E 325 16.31 -25.29 -19.19
N ALA E 326 16.41 -24.05 -18.70
CA ALA E 326 15.64 -23.65 -17.52
C ALA E 326 14.15 -23.72 -17.78
N MET E 327 13.73 -23.25 -18.95
CA MET E 327 12.32 -23.24 -19.34
C MET E 327 11.75 -24.64 -19.18
N VAL E 328 12.38 -25.58 -19.86
CA VAL E 328 11.99 -26.98 -19.83
C VAL E 328 12.03 -27.56 -18.42
N ALA E 329 13.05 -27.22 -17.66
CA ALA E 329 13.19 -27.71 -16.31
C ALA E 329 12.05 -27.22 -15.42
N LEU E 330 11.79 -25.92 -15.44
CA LEU E 330 10.74 -25.34 -14.61
C LEU E 330 9.34 -25.77 -15.04
N ALA E 331 9.18 -26.04 -16.33
CA ALA E 331 7.89 -26.44 -16.86
C ALA E 331 7.42 -27.78 -16.30
N GLN E 332 8.35 -28.72 -16.15
CA GLN E 332 7.99 -30.06 -15.66
C GLN E 332 7.38 -30.06 -14.27
N ASN E 333 7.97 -29.29 -13.36
CA ASN E 333 7.44 -29.16 -12.01
C ASN E 333 6.79 -27.75 -11.93
N TRP E 334 5.63 -27.60 -12.57
CA TRP E 334 4.93 -26.32 -12.58
C TRP E 334 3.45 -26.48 -12.29
N THR E 335 2.96 -25.72 -11.33
CA THR E 335 1.56 -25.78 -10.96
C THR E 335 0.86 -24.65 -11.68
N THR E 336 -0.16 -24.98 -12.47
CA THR E 336 -0.87 -23.96 -13.21
C THR E 336 -1.32 -22.84 -12.26
N VAL E 337 -1.14 -21.60 -12.71
CA VAL E 337 -1.48 -20.42 -11.92
C VAL E 337 -2.96 -20.24 -11.61
N ALA E 338 -3.24 -19.50 -10.54
CA ALA E 338 -4.60 -19.25 -10.11
C ALA E 338 -5.36 -18.43 -11.16
N PRO E 339 -6.69 -18.41 -11.08
CA PRO E 339 -7.48 -17.64 -12.05
C PRO E 339 -7.05 -16.18 -12.15
N GLN E 340 -7.08 -15.66 -13.37
CA GLN E 340 -6.68 -14.29 -13.64
C GLN E 340 -7.72 -13.28 -13.17
N ARG E 341 -7.29 -12.32 -12.37
CA ARG E 341 -8.18 -11.28 -11.89
C ARG E 341 -7.89 -10.04 -12.73
N LYS E 342 -8.87 -9.16 -12.85
CA LYS E 342 -8.72 -7.94 -13.64
C LYS E 342 -9.27 -6.79 -12.81
N CYS E 343 -8.39 -5.91 -12.36
CA CYS E 343 -8.84 -4.79 -11.57
C CYS E 343 -8.72 -3.50 -12.36
N ILE E 344 -9.87 -2.86 -12.58
CA ILE E 344 -9.95 -1.60 -13.31
C ILE E 344 -10.07 -0.45 -12.34
N VAL E 345 -9.16 0.51 -12.42
CA VAL E 345 -9.24 1.66 -11.54
C VAL E 345 -9.06 3.00 -12.27
N GLU E 346 -10.08 3.85 -12.15
CA GLU E 346 -10.09 5.15 -12.79
C GLU E 346 -9.25 6.09 -11.92
N ILE E 347 -8.13 6.55 -12.47
CA ILE E 347 -7.24 7.42 -11.71
C ILE E 347 -7.60 8.88 -11.79
N LEU E 348 -7.75 9.33 -13.04
CA LEU E 348 -8.06 10.71 -13.36
C LEU E 348 -9.15 10.76 -14.42
N VAL E 349 -10.21 11.52 -14.13
CA VAL E 349 -11.31 11.68 -15.07
C VAL E 349 -11.46 13.17 -15.41
N GLU E 350 -10.87 14.04 -14.58
CA GLU E 350 -10.93 15.48 -14.84
C GLU E 350 -9.65 15.94 -15.53
N PRO E 351 -9.78 16.62 -16.68
CA PRO E 351 -8.69 17.15 -17.51
C PRO E 351 -7.53 17.82 -16.78
N LYS E 352 -6.32 17.51 -17.20
CA LYS E 352 -5.14 18.12 -16.59
C LYS E 352 -4.17 18.63 -17.64
N ASP E 353 -3.72 19.86 -17.46
CA ASP E 353 -2.77 20.44 -18.41
C ASP E 353 -1.46 19.70 -18.23
N ILE E 354 -0.92 19.21 -19.33
CA ILE E 354 0.36 18.52 -19.28
C ILE E 354 1.44 19.58 -19.21
N GLY E 355 1.36 20.55 -20.11
CA GLY E 355 2.34 21.61 -20.13
C GLY E 355 3.75 21.07 -20.30
N LYS E 356 4.65 21.49 -19.42
CA LYS E 356 6.05 21.05 -19.47
C LYS E 356 6.24 19.73 -18.76
N ARG E 357 5.51 19.53 -17.66
CA ARG E 357 5.62 18.30 -16.89
C ARG E 357 4.35 18.10 -16.07
N LEU E 358 3.90 16.85 -15.97
CA LEU E 358 2.71 16.52 -15.20
C LEU E 358 2.95 15.25 -14.40
N GLU E 359 2.52 15.24 -13.15
CA GLU E 359 2.70 14.07 -12.31
C GLU E 359 1.35 13.77 -11.68
N VAL E 360 0.90 12.53 -11.82
CA VAL E 360 -0.38 12.12 -11.23
C VAL E 360 -0.10 11.00 -10.24
N ARG E 361 -0.46 11.22 -8.98
CA ARG E 361 -0.23 10.22 -7.95
C ARG E 361 -1.58 9.76 -7.44
N LYS E 362 -1.72 8.47 -7.20
CA LYS E 362 -2.97 7.93 -6.71
C LYS E 362 -2.76 6.69 -5.85
N ALA E 363 -3.43 6.67 -4.69
CA ALA E 363 -3.33 5.52 -3.79
C ALA E 363 -4.31 4.47 -4.34
N VAL E 364 -3.79 3.28 -4.58
CA VAL E 364 -4.58 2.18 -5.14
C VAL E 364 -4.69 0.99 -4.21
N THR E 365 -5.91 0.51 -3.99
CA THR E 365 -6.12 -0.63 -3.11
C THR E 365 -6.19 -1.93 -3.91
N ALA E 366 -6.11 -1.81 -5.23
CA ALA E 366 -6.16 -2.97 -6.12
C ALA E 366 -7.36 -3.86 -5.87
N CYS E 367 -8.54 -3.25 -5.85
CA CYS E 367 -9.78 -3.97 -5.66
C CYS E 367 -9.87 -4.77 -4.35
N LEU E 368 -9.33 -4.19 -3.28
CA LEU E 368 -9.38 -4.83 -1.97
C LEU E 368 -10.83 -5.04 -1.56
N GLY E 369 -11.15 -6.25 -1.09
CA GLY E 369 -12.49 -6.54 -0.66
C GLY E 369 -13.42 -6.92 -1.80
N GLU E 370 -12.89 -7.00 -3.01
CA GLU E 370 -13.69 -7.36 -4.17
C GLU E 370 -13.14 -8.66 -4.78
N PRO E 371 -13.93 -9.32 -5.64
CA PRO E 371 -13.49 -10.56 -6.27
C PRO E 371 -12.23 -10.43 -7.12
N ASN E 372 -11.98 -9.22 -7.63
CA ASN E 372 -10.80 -9.00 -8.46
C ASN E 372 -9.58 -8.48 -7.71
N HIS E 373 -9.62 -8.58 -6.38
CA HIS E 373 -8.51 -8.14 -5.55
C HIS E 373 -7.24 -8.80 -6.08
N ILE E 374 -6.18 -8.03 -6.26
CA ILE E 374 -4.91 -8.58 -6.75
C ILE E 374 -3.79 -8.32 -5.74
N THR E 375 -2.94 -9.33 -5.53
CA THR E 375 -1.82 -9.20 -4.59
C THR E 375 -0.54 -9.55 -5.32
N ARG E 376 -0.68 -10.15 -6.50
CA ARG E 376 0.48 -10.52 -7.30
C ARG E 376 0.20 -10.16 -8.75
N LEU E 377 0.88 -9.12 -9.22
CA LEU E 377 0.69 -8.61 -10.57
C LEU E 377 1.20 -9.46 -11.70
N GLU E 378 0.59 -9.24 -12.87
CA GLU E 378 0.99 -9.88 -14.09
C GLU E 378 1.12 -8.65 -15.00
N HIS E 379 0.25 -8.53 -16.00
CA HIS E 379 0.35 -7.35 -16.87
C HIS E 379 -0.27 -6.11 -16.23
N VAL E 380 0.27 -4.95 -16.59
CA VAL E 380 -0.26 -3.68 -16.10
C VAL E 380 -0.47 -2.75 -17.31
N GLN E 381 -1.68 -2.22 -17.44
CA GLN E 381 -1.99 -1.29 -18.53
C GLN E 381 -2.25 0.09 -17.97
N ALA E 382 -1.64 1.10 -18.57
CA ALA E 382 -1.88 2.48 -18.18
C ALA E 382 -2.60 3.00 -19.42
N ARG E 383 -3.93 3.08 -19.35
CA ARG E 383 -4.73 3.54 -20.49
C ARG E 383 -4.84 5.05 -20.49
N LEU E 384 -4.17 5.68 -21.45
CA LEU E 384 -4.18 7.13 -21.53
C LEU E 384 -4.92 7.69 -22.72
N THR E 385 -5.57 8.83 -22.49
CA THR E 385 -6.27 9.56 -23.52
C THR E 385 -5.79 10.97 -23.27
N LEU E 386 -5.04 11.50 -24.22
CA LEU E 386 -4.50 12.84 -24.08
C LEU E 386 -4.35 13.52 -25.43
N SER E 387 -4.25 14.84 -25.40
CA SER E 387 -4.05 15.60 -26.61
C SER E 387 -2.77 16.36 -26.40
N TYR E 388 -1.95 16.43 -27.45
CA TYR E 388 -0.68 17.15 -27.40
C TYR E 388 -0.40 17.61 -28.82
N ASN E 389 0.41 18.67 -28.95
CA ASN E 389 0.71 19.22 -30.28
C ASN E 389 1.82 18.47 -31.03
N ARG E 390 2.80 17.95 -30.30
CA ARG E 390 3.90 17.19 -30.91
C ARG E 390 4.14 15.93 -30.07
N ARG E 391 3.43 14.88 -30.42
CA ARG E 391 3.46 13.61 -29.70
C ARG E 391 4.84 13.05 -29.39
N GLY E 392 5.71 13.04 -30.38
CA GLY E 392 7.04 12.52 -30.20
C GLY E 392 7.90 13.19 -29.14
N ASP E 393 7.48 14.35 -28.66
CA ASP E 393 8.24 15.06 -27.64
C ASP E 393 7.92 14.55 -26.24
N LEU E 394 6.85 13.78 -26.12
CA LEU E 394 6.42 13.24 -24.84
C LEU E 394 7.22 12.01 -24.38
N ALA E 395 7.37 11.89 -23.07
CA ALA E 395 8.04 10.76 -22.43
C ALA E 395 7.11 10.45 -21.29
N ILE E 396 6.63 9.21 -21.21
CA ILE E 396 5.70 8.83 -20.15
C ILE E 396 6.26 7.70 -19.30
N HIS E 397 6.12 7.82 -17.98
CA HIS E 397 6.61 6.79 -17.07
C HIS E 397 5.55 6.43 -16.05
N LEU E 398 5.57 5.18 -15.62
CA LEU E 398 4.63 4.70 -14.60
C LEU E 398 5.48 4.09 -13.50
N ILE E 399 5.24 4.49 -12.25
CA ILE E 399 6.01 3.97 -11.13
C ILE E 399 5.10 3.20 -10.20
N SER E 400 5.44 1.94 -9.96
CA SER E 400 4.65 1.08 -9.10
C SER E 400 4.89 1.39 -7.62
N PRO E 401 3.95 1.03 -6.75
CA PRO E 401 4.12 1.30 -5.32
C PRO E 401 5.47 0.78 -4.81
N MET E 402 5.92 -0.34 -5.37
CA MET E 402 7.21 -0.91 -4.97
C MET E 402 8.39 -0.25 -5.66
N GLY E 403 8.15 0.91 -6.25
CA GLY E 403 9.22 1.67 -6.88
C GLY E 403 9.74 1.30 -8.24
N THR E 404 9.06 0.38 -8.93
CA THR E 404 9.54 0.02 -10.27
C THR E 404 9.06 1.05 -11.27
N ARG E 405 10.03 1.71 -11.90
CA ARG E 405 9.75 2.75 -12.87
C ARG E 405 9.76 2.21 -14.29
N SER E 406 8.57 2.13 -14.90
CA SER E 406 8.45 1.64 -16.26
C SER E 406 8.30 2.81 -17.24
N THR E 407 9.07 2.78 -18.31
CA THR E 407 8.98 3.82 -19.31
C THR E 407 7.89 3.39 -20.29
N LEU E 408 6.71 3.97 -20.16
CA LEU E 408 5.60 3.64 -21.03
C LEU E 408 5.85 4.19 -22.43
N LEU E 409 6.49 5.34 -22.52
CA LEU E 409 6.79 5.94 -23.82
C LEU E 409 8.01 6.86 -23.74
N ALA E 410 8.99 6.59 -24.60
CA ALA E 410 10.18 7.41 -24.65
C ALA E 410 10.01 8.35 -25.85
N ALA E 411 10.80 9.41 -25.91
CA ALA E 411 10.68 10.36 -27.00
C ALA E 411 10.88 9.71 -28.36
N ARG E 412 10.08 10.14 -29.34
CA ARG E 412 10.21 9.63 -30.71
C ARG E 412 10.38 10.87 -31.59
N PRO E 413 11.63 11.26 -31.86
CA PRO E 413 11.96 12.43 -32.66
C PRO E 413 11.27 12.58 -34.01
N HIS E 414 10.84 11.47 -34.60
CA HIS E 414 10.16 11.55 -35.90
C HIS E 414 8.65 11.63 -35.81
N ASP E 415 8.12 11.58 -34.59
CA ASP E 415 6.67 11.61 -34.42
C ASP E 415 6.18 13.04 -34.21
N TYR E 416 5.62 13.63 -35.26
CA TYR E 416 5.12 14.99 -35.19
C TYR E 416 3.60 15.07 -35.08
N SER E 417 2.97 13.92 -34.96
CA SER E 417 1.52 13.86 -34.86
C SER E 417 0.93 14.81 -33.81
N ALA E 418 -0.26 15.30 -34.09
CA ALA E 418 -0.96 16.20 -33.20
C ALA E 418 -2.23 15.49 -32.74
N ASP E 419 -2.28 14.19 -33.03
CA ASP E 419 -3.41 13.33 -32.69
C ASP E 419 -3.47 12.85 -31.26
N GLY E 420 -2.34 12.88 -30.55
CA GLY E 420 -2.32 12.40 -29.19
C GLY E 420 -2.59 10.90 -29.07
N PHE E 421 -3.23 10.50 -27.97
CA PHE E 421 -3.58 9.09 -27.76
C PHE E 421 -5.04 8.99 -27.35
N ASN E 422 -5.72 7.96 -27.86
CA ASN E 422 -7.12 7.76 -27.56
C ASN E 422 -7.29 6.40 -26.90
N ASP E 423 -7.37 6.38 -25.57
CA ASP E 423 -7.53 5.15 -24.80
C ASP E 423 -6.48 4.14 -25.21
N TRP E 424 -5.23 4.59 -25.34
CA TRP E 424 -4.14 3.69 -25.71
C TRP E 424 -3.65 3.02 -24.43
N ALA E 425 -3.59 1.70 -24.45
CA ALA E 425 -3.18 0.96 -23.27
C ALA E 425 -1.70 0.64 -23.20
N PHE E 426 -0.88 1.60 -22.78
CA PHE E 426 0.55 1.33 -22.67
C PHE E 426 0.65 0.18 -21.66
N MET E 427 1.42 -0.86 -21.97
CA MET E 427 1.52 -2.00 -21.09
C MET E 427 2.93 -2.28 -20.58
N THR E 428 3.03 -2.64 -19.31
CA THR E 428 4.34 -2.96 -18.75
C THR E 428 4.36 -4.34 -18.09
N THR E 429 5.46 -5.06 -18.28
CA THR E 429 5.61 -6.38 -17.69
C THR E 429 6.62 -6.30 -16.56
N HIS E 430 7.20 -5.12 -16.36
CA HIS E 430 8.20 -4.91 -15.34
C HIS E 430 7.78 -5.04 -13.89
N SER E 431 6.49 -5.00 -13.60
CA SER E 431 6.04 -5.12 -12.21
C SER E 431 5.43 -6.49 -11.96
N TRP E 432 5.74 -7.43 -12.84
CA TRP E 432 5.25 -8.79 -12.72
C TRP E 432 5.56 -9.35 -11.31
N ASP E 433 4.54 -9.88 -10.65
CA ASP E 433 4.66 -10.47 -9.32
C ASP E 433 4.70 -9.49 -8.16
N GLU E 434 4.71 -8.20 -8.42
CA GLU E 434 4.74 -7.21 -7.34
C GLU E 434 3.34 -7.05 -6.77
N ASP E 435 3.27 -6.52 -5.57
CA ASP E 435 1.98 -6.27 -4.93
C ASP E 435 1.59 -4.87 -5.43
N PRO E 436 0.43 -4.76 -6.09
CA PRO E 436 -0.04 -3.48 -6.62
C PRO E 436 -0.62 -2.49 -5.60
N ALA E 437 -0.83 -2.93 -4.37
CA ALA E 437 -1.39 -2.05 -3.35
C ALA E 437 -0.41 -0.93 -2.99
N GLY E 438 -0.90 0.31 -3.00
CA GLY E 438 -0.03 1.42 -2.68
C GLY E 438 -0.21 2.59 -3.62
N GLU E 439 0.75 3.50 -3.62
CA GLU E 439 0.65 4.68 -4.48
C GLU E 439 1.30 4.52 -5.84
N TRP E 440 0.50 4.73 -6.89
CA TRP E 440 1.02 4.67 -8.25
C TRP E 440 1.27 6.08 -8.73
N VAL E 441 2.27 6.24 -9.59
CA VAL E 441 2.62 7.56 -10.10
C VAL E 441 2.80 7.56 -11.60
N LEU E 442 2.10 8.46 -12.28
CA LEU E 442 2.22 8.59 -13.72
C LEU E 442 2.99 9.87 -13.98
N GLU E 443 3.99 9.80 -14.85
CA GLU E 443 4.79 10.98 -15.19
C GLU E 443 4.72 11.24 -16.69
N ILE E 444 4.37 12.47 -17.06
CA ILE E 444 4.32 12.86 -18.46
C ILE E 444 5.14 14.14 -18.56
N GLU E 445 6.13 14.15 -19.45
CA GLU E 445 6.98 15.32 -19.59
C GLU E 445 7.33 15.64 -21.04
N ASN E 446 7.51 16.92 -21.30
CA ASN E 446 7.90 17.39 -22.62
C ASN E 446 9.42 17.33 -22.62
N THR E 447 9.98 16.42 -23.40
CA THR E 447 11.43 16.27 -23.44
C THR E 447 12.10 17.33 -24.31
N SER E 448 11.28 18.15 -24.95
CA SER E 448 11.79 19.19 -25.84
C SER E 448 11.86 20.57 -25.21
N GLU E 449 12.59 21.48 -25.85
CA GLU E 449 12.70 22.85 -25.36
C GLU E 449 11.53 23.63 -25.95
N ALA E 450 10.86 23.00 -26.92
CA ALA E 450 9.72 23.58 -27.62
C ALA E 450 8.54 23.95 -26.75
N ASN E 451 7.75 24.90 -27.24
CA ASN E 451 6.56 25.39 -26.55
C ASN E 451 5.36 24.52 -26.93
N ASN E 452 5.37 23.28 -26.44
CA ASN E 452 4.28 22.35 -26.71
C ASN E 452 3.18 22.56 -25.68
N TYR E 453 2.06 21.86 -25.85
CA TYR E 453 0.92 22.01 -24.97
C TYR E 453 -0.06 20.86 -25.20
N GLY E 454 -0.86 20.55 -24.18
CA GLY E 454 -1.82 19.47 -24.30
C GLY E 454 -2.50 19.14 -23.00
N THR E 455 -3.42 18.19 -23.05
CA THR E 455 -4.17 17.83 -21.86
C THR E 455 -4.37 16.32 -21.71
N LEU E 456 -4.22 15.83 -20.49
CA LEU E 456 -4.45 14.41 -20.19
C LEU E 456 -5.90 14.39 -19.74
N THR E 457 -6.77 13.71 -20.48
CA THR E 457 -8.18 13.70 -20.11
C THR E 457 -8.66 12.41 -19.47
N LYS E 458 -7.86 11.36 -19.55
CA LYS E 458 -8.24 10.09 -18.95
C LYS E 458 -7.04 9.22 -18.66
N PHE E 459 -7.06 8.58 -17.50
CA PHE E 459 -6.00 7.68 -17.08
C PHE E 459 -6.63 6.55 -16.29
N THR E 460 -6.76 5.41 -16.94
CA THR E 460 -7.32 4.24 -16.31
C THR E 460 -6.22 3.22 -16.11
N LEU E 461 -6.05 2.77 -14.87
CA LEU E 461 -5.03 1.78 -14.56
C LEU E 461 -5.73 0.42 -14.54
N VAL E 462 -5.29 -0.51 -15.38
CA VAL E 462 -5.90 -1.83 -15.40
C VAL E 462 -4.84 -2.82 -14.95
N LEU E 463 -5.12 -3.48 -13.83
CA LEU E 463 -4.20 -4.44 -13.25
C LEU E 463 -4.67 -5.87 -13.48
N TYR E 464 -3.78 -6.70 -13.96
CA TYR E 464 -4.07 -8.11 -14.17
C TYR E 464 -3.19 -8.88 -13.19
N GLY E 465 -3.73 -9.94 -12.60
CA GLY E 465 -2.94 -10.71 -11.67
C GLY E 465 -3.71 -11.75 -10.87
N THR E 466 -3.10 -12.26 -9.81
CA THR E 466 -3.74 -13.27 -9.00
C THR E 466 -3.75 -12.95 -7.51
N ALA E 467 -4.61 -13.65 -6.78
CA ALA E 467 -4.74 -13.51 -5.33
C ALA E 467 -4.39 -14.86 -4.71
N PRO E 468 -4.00 -14.87 -3.42
CA PRO E 468 -3.67 -16.15 -2.77
C PRO E 468 -4.92 -17.04 -2.71
N ASP F 1 21.48 52.60 -76.81
CA ASP F 1 22.58 53.50 -76.39
C ASP F 1 23.92 53.06 -77.02
N VAL F 2 23.82 52.20 -78.03
CA VAL F 2 24.98 51.66 -78.75
C VAL F 2 25.57 50.46 -77.99
N TYR F 3 25.18 49.27 -78.41
CA TYR F 3 25.64 48.04 -77.77
C TYR F 3 27.08 47.62 -78.01
N GLN F 4 27.72 47.18 -76.94
CA GLN F 4 29.09 46.67 -76.96
C GLN F 4 29.10 45.56 -75.94
N GLU F 5 29.76 44.45 -76.26
CA GLU F 5 29.80 43.33 -75.35
C GLU F 5 30.39 43.71 -73.98
N PRO F 6 29.81 43.19 -72.89
CA PRO F 6 30.32 43.51 -71.55
C PRO F 6 31.81 43.34 -71.42
N THR F 7 32.42 44.23 -70.63
CA THR F 7 33.86 44.22 -70.44
C THR F 7 34.22 43.66 -69.06
N ASP F 8 33.20 43.29 -68.30
CA ASP F 8 33.41 42.75 -66.96
C ASP F 8 34.41 41.61 -66.97
N PRO F 9 35.29 41.55 -65.97
CA PRO F 9 36.32 40.52 -65.85
C PRO F 9 35.86 39.06 -65.94
N LYS F 10 34.70 38.74 -65.39
CA LYS F 10 34.22 37.36 -65.43
C LYS F 10 33.23 37.05 -66.55
N PHE F 11 32.91 38.03 -67.38
CA PHE F 11 31.96 37.79 -68.46
C PHE F 11 32.40 36.63 -69.34
N PRO F 12 33.71 36.53 -69.62
CA PRO F 12 34.16 35.41 -70.47
C PRO F 12 33.82 34.06 -69.86
N GLN F 13 33.81 34.01 -68.53
CA GLN F 13 33.52 32.78 -67.81
C GLN F 13 32.02 32.45 -67.81
N GLN F 14 31.19 33.43 -68.19
CA GLN F 14 29.75 33.21 -68.23
C GLN F 14 29.36 32.54 -69.53
N TRP F 15 29.88 31.32 -69.70
CA TRP F 15 29.69 30.50 -70.88
C TRP F 15 28.25 30.37 -71.36
N TYR F 16 27.30 30.44 -70.42
CA TYR F 16 25.88 30.30 -70.74
C TYR F 16 25.29 31.55 -71.40
N LEU F 17 26.04 32.65 -71.38
CA LEU F 17 25.58 33.90 -71.99
C LEU F 17 26.29 34.12 -73.33
N SER F 18 27.61 34.32 -73.25
CA SER F 18 28.42 34.52 -74.44
C SER F 18 29.12 33.21 -74.71
N GLY F 19 28.62 32.46 -75.68
CA GLY F 19 29.25 31.18 -76.00
C GLY F 19 29.61 31.05 -77.47
N VAL F 20 30.91 31.03 -77.74
CA VAL F 20 31.40 30.90 -79.13
C VAL F 20 31.12 29.52 -79.71
N THR F 21 30.33 28.71 -78.99
CA THR F 21 30.02 27.35 -79.43
C THR F 21 28.56 27.18 -79.85
N GLN F 22 27.75 28.23 -79.69
CA GLN F 22 26.34 28.12 -80.05
C GLN F 22 25.64 27.15 -79.07
N ARG F 23 25.93 27.35 -77.78
CA ARG F 23 25.36 26.54 -76.70
C ARG F 23 25.16 27.47 -75.50
N ASP F 24 24.22 28.40 -75.64
CA ASP F 24 23.94 29.37 -74.58
C ASP F 24 22.53 29.91 -74.63
N LEU F 25 22.21 30.80 -73.69
CA LEU F 25 20.87 31.38 -73.61
C LEU F 25 20.60 32.40 -74.72
N ASN F 26 21.55 32.55 -75.64
CA ASN F 26 21.41 33.47 -76.76
C ASN F 26 20.94 34.86 -76.32
N VAL F 27 21.59 35.40 -75.31
CA VAL F 27 21.19 36.71 -74.81
C VAL F 27 21.88 37.83 -75.56
N LYS F 28 23.12 37.59 -76.01
CA LYS F 28 23.84 38.63 -76.76
C LYS F 28 23.00 39.15 -77.91
N GLU F 29 22.25 38.27 -78.57
CA GLU F 29 21.42 38.71 -79.67
C GLU F 29 20.34 39.66 -79.18
N ALA F 30 19.84 39.44 -77.97
CA ALA F 30 18.80 40.31 -77.43
C ALA F 30 19.41 41.64 -77.02
N TRP F 31 20.60 41.61 -76.43
CA TRP F 31 21.27 42.84 -76.03
C TRP F 31 21.53 43.72 -77.26
N ALA F 32 22.02 43.08 -78.32
CA ALA F 32 22.33 43.80 -79.54
C ALA F 32 21.12 44.55 -80.08
N GLN F 33 19.92 43.98 -79.95
CA GLN F 33 18.72 44.64 -80.43
C GLN F 33 18.28 45.74 -79.47
N GLY F 34 19.09 46.00 -78.45
CA GLY F 34 18.76 47.05 -77.51
C GLY F 34 17.95 46.66 -76.28
N PHE F 35 17.84 45.37 -76.00
CA PHE F 35 17.09 44.91 -74.84
C PHE F 35 17.99 44.39 -73.74
N THR F 36 18.06 45.13 -72.64
CA THR F 36 18.92 44.76 -71.52
C THR F 36 18.21 44.86 -70.18
N GLY F 37 16.91 45.13 -70.21
CA GLY F 37 16.16 45.21 -68.97
C GLY F 37 15.74 46.58 -68.50
N HIS F 38 16.04 47.63 -69.26
CA HIS F 38 15.65 48.99 -68.89
C HIS F 38 14.18 49.09 -68.55
N GLY F 39 13.87 49.70 -67.41
CA GLY F 39 12.49 49.86 -67.02
C GLY F 39 11.79 48.66 -66.43
N ILE F 40 12.49 47.54 -66.35
CA ILE F 40 11.89 46.33 -65.77
C ILE F 40 12.39 46.12 -64.35
N VAL F 41 11.48 45.69 -63.47
CA VAL F 41 11.78 45.44 -62.08
C VAL F 41 11.62 43.98 -61.71
N VAL F 42 12.65 43.40 -61.13
CA VAL F 42 12.65 42.00 -60.72
C VAL F 42 12.94 41.87 -59.24
N SER F 43 12.21 41.00 -58.56
CA SER F 43 12.43 40.78 -57.15
C SER F 43 12.74 39.32 -56.85
N ILE F 44 13.76 39.10 -56.04
CA ILE F 44 14.20 37.76 -55.64
C ILE F 44 13.59 37.41 -54.29
N LEU F 45 12.71 36.41 -54.26
CA LEU F 45 12.10 35.97 -52.99
C LEU F 45 13.01 34.89 -52.45
N ASP F 46 13.81 35.24 -51.43
CA ASP F 46 14.77 34.31 -50.87
C ASP F 46 15.18 34.68 -49.44
N ASP F 47 16.46 34.55 -49.13
CA ASP F 47 16.96 34.84 -47.79
C ASP F 47 17.52 36.25 -47.64
N GLY F 48 17.21 37.12 -48.59
CA GLY F 48 17.72 38.48 -48.52
C GLY F 48 18.68 38.81 -49.65
N ILE F 49 19.03 40.08 -49.78
CA ILE F 49 19.92 40.52 -50.84
C ILE F 49 20.93 41.50 -50.30
N GLU F 50 22.20 41.30 -50.64
CA GLU F 50 23.25 42.19 -50.20
C GLU F 50 23.15 43.41 -51.11
N LYS F 51 22.25 44.32 -50.76
CA LYS F 51 21.98 45.51 -51.55
C LYS F 51 23.17 46.44 -51.80
N ASN F 52 24.21 46.33 -51.00
CA ASN F 52 25.39 47.18 -51.17
C ASN F 52 26.50 46.45 -51.89
N HIS F 53 26.18 45.33 -52.51
CA HIS F 53 27.20 44.56 -53.22
C HIS F 53 27.71 45.41 -54.38
N PRO F 54 29.04 45.48 -54.56
CA PRO F 54 29.59 46.27 -55.66
C PRO F 54 29.02 45.98 -57.04
N ASP F 55 28.44 44.80 -57.24
CA ASP F 55 27.88 44.49 -58.57
C ASP F 55 26.36 44.49 -58.58
N LEU F 56 25.75 44.91 -57.47
CA LEU F 56 24.30 44.97 -57.36
C LEU F 56 23.79 46.37 -57.02
N ALA F 57 24.56 47.09 -56.20
CA ALA F 57 24.17 48.42 -55.77
C ALA F 57 23.63 49.30 -56.90
N GLY F 58 24.32 49.30 -58.04
CA GLY F 58 23.89 50.11 -59.17
C GLY F 58 22.47 49.85 -59.67
N ASN F 59 21.98 48.61 -59.54
CA ASN F 59 20.63 48.29 -59.97
C ASN F 59 19.68 48.02 -58.83
N TYR F 60 20.17 48.12 -57.59
CA TYR F 60 19.32 47.84 -56.45
C TYR F 60 18.08 48.74 -56.40
N ASP F 61 16.95 48.16 -56.05
CA ASP F 61 15.70 48.90 -55.98
C ASP F 61 14.98 48.64 -54.65
N PRO F 62 14.98 49.63 -53.76
CA PRO F 62 14.33 49.49 -52.45
C PRO F 62 12.86 49.15 -52.60
N GLY F 63 12.27 49.62 -53.69
CA GLY F 63 10.85 49.38 -53.94
C GLY F 63 10.48 47.96 -54.29
N ALA F 64 11.48 47.17 -54.67
CA ALA F 64 11.27 45.79 -55.02
C ALA F 64 11.81 44.92 -53.90
N SER F 65 12.03 45.54 -52.75
CA SER F 65 12.59 44.83 -51.61
C SER F 65 11.82 44.98 -50.30
N PHE F 66 12.04 44.02 -49.41
CA PHE F 66 11.42 44.05 -48.11
C PHE F 66 11.90 42.86 -47.30
N ASP F 67 11.82 42.99 -45.98
CA ASP F 67 12.21 41.93 -45.08
C ASP F 67 10.95 41.50 -44.34
N VAL F 68 10.31 40.45 -44.86
CA VAL F 68 9.09 39.94 -44.28
C VAL F 68 9.38 39.17 -42.98
N ASN F 69 10.56 38.57 -42.88
CA ASN F 69 10.93 37.82 -41.68
C ASN F 69 11.04 38.75 -40.49
N ASP F 70 11.53 39.96 -40.70
CA ASP F 70 11.68 40.94 -39.63
C ASP F 70 10.71 42.10 -39.72
N GLN F 71 9.75 42.04 -40.62
CA GLN F 71 8.78 43.10 -40.73
C GLN F 71 9.49 44.44 -40.83
N ASP F 72 10.41 44.56 -41.79
CA ASP F 72 11.19 45.78 -41.97
C ASP F 72 11.50 45.93 -43.46
N PRO F 73 11.76 47.17 -43.91
CA PRO F 73 12.07 47.36 -45.34
C PRO F 73 13.44 46.91 -45.84
N ASP F 74 14.41 46.79 -44.93
CA ASP F 74 15.76 46.39 -45.29
C ASP F 74 15.93 44.87 -45.48
N PRO F 75 16.22 44.45 -46.72
CA PRO F 75 16.41 43.04 -47.07
C PRO F 75 17.82 42.49 -46.87
N GLN F 76 18.66 43.21 -46.16
CA GLN F 76 20.03 42.75 -45.96
C GLN F 76 20.02 41.34 -45.37
N PRO F 77 20.85 40.43 -45.91
CA PRO F 77 20.87 39.06 -45.39
C PRO F 77 21.57 38.99 -44.04
N ARG F 78 21.24 37.96 -43.25
CA ARG F 78 21.85 37.77 -41.93
C ARG F 78 23.20 37.10 -42.09
N TYR F 79 24.23 37.84 -41.66
CA TYR F 79 25.63 37.41 -41.71
C TYR F 79 25.89 36.17 -40.86
N THR F 80 26.67 35.24 -41.39
CA THR F 80 27.02 34.03 -40.66
C THR F 80 28.44 33.60 -41.02
N GLN F 81 29.11 32.87 -40.11
CA GLN F 81 30.48 32.42 -40.36
C GLN F 81 30.58 31.64 -41.66
N MET F 82 29.63 30.74 -41.88
CA MET F 82 29.62 29.91 -43.10
C MET F 82 28.90 30.50 -44.31
N ASN F 83 28.21 31.62 -44.14
CA ASN F 83 27.47 32.27 -45.22
C ASN F 83 26.24 31.47 -45.67
N ASP F 84 25.41 31.07 -44.71
CA ASP F 84 24.21 30.29 -45.01
C ASP F 84 23.18 31.05 -45.82
N ASN F 85 23.16 32.38 -45.65
CA ASN F 85 22.18 33.23 -46.33
C ASN F 85 22.70 33.99 -47.55
N ARG F 86 23.44 33.28 -48.39
CA ARG F 86 24.02 33.84 -49.60
C ARG F 86 23.15 33.53 -50.82
N HIS F 87 22.12 32.71 -50.61
CA HIS F 87 21.25 32.28 -51.69
C HIS F 87 20.60 33.43 -52.50
N GLY F 88 19.97 34.36 -51.80
CA GLY F 88 19.32 35.46 -52.49
C GLY F 88 20.26 36.33 -53.30
N THR F 89 21.42 36.64 -52.72
CA THR F 89 22.39 37.48 -53.40
C THR F 89 22.89 36.82 -54.68
N ARG F 90 23.11 35.51 -54.63
CA ARG F 90 23.58 34.81 -55.81
C ARG F 90 22.53 34.89 -56.92
N CYS F 91 21.27 34.75 -56.55
CA CYS F 91 20.22 34.82 -57.54
C CYS F 91 20.08 36.21 -58.12
N ALA F 92 20.22 37.23 -57.28
CA ALA F 92 20.12 38.61 -57.71
C ALA F 92 21.10 38.90 -58.82
N GLY F 93 22.35 38.56 -58.58
CA GLY F 93 23.40 38.80 -59.56
C GLY F 93 23.13 38.19 -60.92
N GLU F 94 22.51 37.01 -60.94
CA GLU F 94 22.25 36.36 -62.20
C GLU F 94 21.22 37.11 -63.03
N VAL F 95 20.30 37.76 -62.34
CA VAL F 95 19.28 38.53 -63.02
C VAL F 95 19.78 39.89 -63.46
N ALA F 96 20.37 40.65 -62.53
CA ALA F 96 20.80 42.00 -62.87
C ALA F 96 22.12 42.49 -62.30
N ALA F 97 23.17 41.70 -62.36
CA ALA F 97 24.45 42.19 -61.86
C ALA F 97 24.83 43.30 -62.83
N VAL F 98 25.38 44.39 -62.30
CA VAL F 98 25.79 45.52 -63.12
C VAL F 98 26.84 45.18 -64.17
N ALA F 99 26.69 45.77 -65.35
CA ALA F 99 27.61 45.53 -66.46
C ALA F 99 28.63 46.65 -66.69
N ASN F 100 29.76 46.27 -67.28
CA ASN F 100 30.83 47.21 -67.61
C ASN F 100 31.27 48.08 -66.44
N ASN F 101 31.39 47.47 -65.26
CA ASN F 101 31.83 48.20 -64.08
C ASN F 101 33.09 47.57 -63.52
N GLY F 102 33.74 46.73 -64.33
CA GLY F 102 34.96 46.07 -63.91
C GLY F 102 34.82 45.12 -62.72
N VAL F 103 33.60 44.71 -62.43
CA VAL F 103 33.38 43.80 -61.32
C VAL F 103 32.64 42.54 -61.71
N CYS F 104 33.17 41.41 -61.25
CA CYS F 104 32.57 40.10 -61.49
C CYS F 104 32.10 39.95 -62.94
N GLY F 105 30.84 39.58 -63.11
CA GLY F 105 30.29 39.40 -64.45
C GLY F 105 29.14 40.34 -64.68
N VAL F 106 28.11 39.85 -65.36
CA VAL F 106 26.91 40.65 -65.64
C VAL F 106 25.66 39.77 -65.56
N GLY F 107 24.52 40.39 -65.31
CA GLY F 107 23.28 39.64 -65.27
C GLY F 107 22.65 39.62 -66.64
N VAL F 108 21.68 38.73 -66.84
CA VAL F 108 21.00 38.64 -68.13
C VAL F 108 20.37 39.98 -68.48
N ALA F 109 19.74 40.60 -67.49
CA ALA F 109 19.10 41.91 -67.67
C ALA F 109 19.90 42.89 -66.85
N TYR F 110 21.11 43.19 -67.31
CA TYR F 110 22.00 44.07 -66.56
C TYR F 110 21.58 45.52 -66.42
N ASN F 111 20.47 45.90 -67.02
CA ASN F 111 19.99 47.27 -66.88
C ASN F 111 18.65 47.31 -66.18
N ALA F 112 18.21 46.15 -65.68
CA ALA F 112 16.96 46.07 -64.96
C ALA F 112 17.22 46.47 -63.52
N ARG F 113 16.14 46.73 -62.78
CA ARG F 113 16.21 47.09 -61.37
C ARG F 113 16.04 45.77 -60.62
N ILE F 114 16.86 45.54 -59.60
CA ILE F 114 16.76 44.30 -58.84
C ILE F 114 16.51 44.53 -57.36
N GLY F 115 15.55 43.80 -56.82
CA GLY F 115 15.22 43.91 -55.40
C GLY F 115 15.22 42.54 -54.76
N GLY F 116 15.11 42.49 -53.45
CA GLY F 116 15.10 41.21 -52.76
C GLY F 116 14.14 41.18 -51.58
N VAL F 117 13.49 40.06 -51.37
CA VAL F 117 12.59 39.92 -50.25
C VAL F 117 13.15 38.85 -49.34
N ARG F 118 13.53 39.26 -48.13
CA ARG F 118 14.04 38.33 -47.15
C ARG F 118 12.83 37.65 -46.50
N MET F 119 12.59 36.39 -46.86
CA MET F 119 11.46 35.67 -46.29
C MET F 119 11.71 34.20 -45.97
N LEU F 120 12.91 33.71 -46.20
CA LEU F 120 13.21 32.31 -45.92
C LEU F 120 14.00 32.13 -44.65
N ASP F 121 14.56 33.22 -44.14
CA ASP F 121 15.35 33.15 -42.93
C ASP F 121 14.49 33.23 -41.66
N GLY F 122 13.63 32.24 -41.49
CA GLY F 122 12.77 32.19 -40.31
C GLY F 122 11.68 31.20 -40.61
N GLU F 123 10.60 31.26 -39.84
CA GLU F 123 9.49 30.35 -40.09
C GLU F 123 8.76 30.87 -41.33
N VAL F 124 8.70 30.04 -42.37
CA VAL F 124 8.06 30.43 -43.60
C VAL F 124 6.59 30.08 -43.54
N THR F 125 5.80 30.97 -42.95
CA THR F 125 4.37 30.78 -42.81
C THR F 125 3.62 31.11 -44.08
N ASP F 126 2.34 30.76 -44.10
CA ASP F 126 1.48 31.02 -45.24
C ASP F 126 1.44 32.54 -45.45
N ALA F 127 1.26 33.28 -44.35
CA ALA F 127 1.21 34.74 -44.39
C ALA F 127 2.50 35.33 -44.95
N VAL F 128 3.62 34.70 -44.64
CA VAL F 128 4.91 35.19 -45.12
C VAL F 128 5.01 35.03 -46.64
N GLU F 129 4.61 33.88 -47.15
CA GLU F 129 4.67 33.65 -48.58
C GLU F 129 3.69 34.57 -49.29
N ALA F 130 2.51 34.75 -48.72
CA ALA F 130 1.49 35.60 -49.31
C ALA F 130 1.96 37.05 -49.42
N ARG F 131 2.63 37.53 -48.38
CA ARG F 131 3.12 38.89 -48.38
C ARG F 131 4.27 39.05 -49.35
N SER F 132 5.07 38.01 -49.50
CA SER F 132 6.19 38.07 -50.42
C SER F 132 5.71 38.02 -51.87
N LEU F 133 4.87 37.04 -52.19
CA LEU F 133 4.36 36.92 -53.54
C LEU F 133 3.53 38.14 -53.96
N GLY F 134 2.91 38.81 -52.99
CA GLY F 134 2.09 39.96 -53.30
C GLY F 134 2.70 41.31 -53.00
N LEU F 135 4.02 41.37 -52.92
CA LEU F 135 4.72 42.62 -52.64
C LEU F 135 4.79 43.55 -53.85
N ASN F 136 4.23 44.76 -53.74
CA ASN F 136 4.26 45.73 -54.83
C ASN F 136 3.86 45.18 -56.18
N PRO F 137 2.66 44.62 -56.27
CA PRO F 137 2.21 44.05 -57.54
C PRO F 137 2.32 45.01 -58.73
N ASN F 138 2.22 46.33 -58.50
CA ASN F 138 2.32 47.27 -59.60
C ASN F 138 3.69 47.91 -59.81
N HIS F 139 4.68 47.50 -59.04
CA HIS F 139 6.03 48.04 -59.21
C HIS F 139 6.95 46.92 -59.68
N ILE F 140 6.79 45.74 -59.09
CA ILE F 140 7.59 44.57 -59.45
C ILE F 140 6.91 43.83 -60.61
N HIS F 141 7.64 43.58 -61.68
CA HIS F 141 7.07 42.89 -62.82
C HIS F 141 7.26 41.39 -62.73
N ILE F 142 8.44 41.00 -62.27
CA ILE F 142 8.82 39.61 -62.20
C ILE F 142 9.32 39.18 -60.84
N TYR F 143 8.78 38.07 -60.35
CA TYR F 143 9.20 37.51 -59.07
C TYR F 143 9.98 36.23 -59.36
N SER F 144 11.14 36.07 -58.74
CA SER F 144 11.95 34.87 -58.95
C SER F 144 12.08 34.12 -57.64
N ALA F 145 11.55 32.90 -57.59
CA ALA F 145 11.60 32.10 -56.37
C ALA F 145 12.34 30.78 -56.53
N SER F 146 13.51 30.69 -55.90
CA SER F 146 14.33 29.48 -55.94
C SER F 146 14.23 28.73 -54.61
N TRP F 147 13.04 28.24 -54.32
CA TRP F 147 12.79 27.49 -53.10
C TRP F 147 11.48 26.73 -53.23
N GLY F 148 11.20 25.85 -52.28
CA GLY F 148 9.97 25.09 -52.33
C GLY F 148 9.96 24.04 -51.24
N PRO F 149 9.01 23.10 -51.27
CA PRO F 149 8.93 22.06 -50.24
C PRO F 149 10.20 21.20 -50.28
N GLU F 150 10.47 20.48 -49.20
CA GLU F 150 11.66 19.63 -49.15
C GLU F 150 11.79 18.73 -50.37
N ASP F 151 13.00 18.65 -50.91
CA ASP F 151 13.23 17.82 -52.08
C ASP F 151 13.81 16.46 -51.66
N ASP F 152 13.15 15.79 -50.73
CA ASP F 152 13.62 14.50 -50.26
C ASP F 152 12.97 13.35 -51.02
N GLY F 153 12.06 13.68 -51.92
CA GLY F 153 11.38 12.65 -52.69
C GLY F 153 10.33 11.92 -51.89
N LYS F 154 9.92 12.49 -50.77
CA LYS F 154 8.91 11.88 -49.91
C LYS F 154 7.76 12.82 -49.66
N THR F 155 7.93 14.11 -49.95
CA THR F 155 6.87 15.05 -49.63
C THR F 155 5.98 15.57 -50.75
N VAL F 156 4.74 15.85 -50.38
CA VAL F 156 3.73 16.40 -51.28
C VAL F 156 3.24 17.64 -50.55
N ASP F 157 3.60 18.81 -51.06
CA ASP F 157 3.19 20.04 -50.40
C ASP F 157 3.08 21.18 -51.38
N GLY F 158 2.28 22.19 -51.04
CA GLY F 158 2.11 23.32 -51.92
C GLY F 158 1.65 24.55 -51.17
N PRO F 159 1.34 25.65 -51.87
CA PRO F 159 0.90 26.85 -51.18
C PRO F 159 -0.38 26.61 -50.39
N ALA F 160 -0.50 27.30 -49.25
CA ALA F 160 -1.68 27.18 -48.40
C ALA F 160 -2.71 28.23 -48.85
N ARG F 161 -3.71 28.48 -48.00
CA ARG F 161 -4.79 29.41 -48.32
C ARG F 161 -4.41 30.80 -48.83
N LEU F 162 -3.64 31.54 -48.03
CA LEU F 162 -3.26 32.90 -48.38
C LEU F 162 -2.30 32.98 -49.54
N ALA F 163 -1.37 32.03 -49.62
CA ALA F 163 -0.42 32.03 -50.72
C ALA F 163 -1.14 31.72 -52.01
N GLU F 164 -2.10 30.79 -51.96
CA GLU F 164 -2.87 30.45 -53.15
C GLU F 164 -3.62 31.69 -53.62
N GLU F 165 -4.17 32.46 -52.67
CA GLU F 165 -4.89 33.68 -53.00
C GLU F 165 -3.91 34.66 -53.64
N ALA F 166 -2.73 34.80 -53.04
CA ALA F 166 -1.72 35.71 -53.55
C ALA F 166 -1.37 35.42 -55.01
N PHE F 167 -1.19 34.15 -55.34
CA PHE F 167 -0.87 33.75 -56.70
C PHE F 167 -1.95 34.19 -57.68
N PHE F 168 -3.21 33.89 -57.36
CA PHE F 168 -4.29 34.26 -58.25
C PHE F 168 -4.45 35.78 -58.29
N ARG F 169 -4.34 36.41 -57.13
CA ARG F 169 -4.45 37.85 -57.03
C ARG F 169 -3.41 38.53 -57.90
N GLY F 170 -2.17 38.07 -57.80
CA GLY F 170 -1.09 38.66 -58.55
C GLY F 170 -1.20 38.47 -60.05
N VAL F 171 -1.71 37.31 -60.43
CA VAL F 171 -1.85 36.97 -61.83
C VAL F 171 -3.04 37.74 -62.46
N SER F 172 -3.98 38.16 -61.62
CA SER F 172 -5.16 38.90 -62.07
C SER F 172 -5.01 40.42 -62.03
N GLN F 173 -4.43 40.90 -60.93
CA GLN F 173 -4.29 42.32 -60.70
C GLN F 173 -2.88 42.90 -60.81
N GLY F 174 -1.87 42.04 -60.73
CA GLY F 174 -0.51 42.51 -60.81
C GLY F 174 -0.24 43.23 -62.12
N ARG F 175 0.81 44.06 -62.15
CA ARG F 175 1.16 44.81 -63.34
C ARG F 175 -0.07 45.43 -64.00
N GLY F 176 -0.84 46.15 -63.20
CA GLY F 176 -2.03 46.79 -63.71
C GLY F 176 -2.98 45.89 -64.46
N GLY F 177 -3.08 44.63 -64.04
CA GLY F 177 -3.98 43.71 -64.71
C GLY F 177 -3.35 42.78 -65.73
N LEU F 178 -2.09 43.00 -66.06
CA LEU F 178 -1.44 42.13 -67.04
C LEU F 178 -0.98 40.83 -66.35
N GLY F 179 -0.87 40.89 -65.02
CA GLY F 179 -0.47 39.73 -64.25
C GLY F 179 0.98 39.64 -63.83
N SER F 180 1.23 39.39 -62.56
CA SER F 180 2.60 39.26 -62.05
C SER F 180 3.17 38.03 -62.73
N ILE F 181 4.49 38.04 -62.93
CA ILE F 181 5.12 36.89 -63.53
C ILE F 181 5.96 36.18 -62.47
N PHE F 182 5.55 34.97 -62.14
CA PHE F 182 6.22 34.18 -61.11
C PHE F 182 7.11 33.10 -61.72
N VAL F 183 8.41 33.27 -61.59
CA VAL F 183 9.38 32.32 -62.13
C VAL F 183 9.82 31.40 -60.99
N TRP F 184 9.78 30.09 -61.20
CA TRP F 184 10.15 29.13 -60.15
C TRP F 184 11.20 28.10 -60.55
N ALA F 185 12.04 27.74 -59.57
CA ALA F 185 13.08 26.72 -59.77
C ALA F 185 12.37 25.38 -59.57
N SER F 186 12.49 24.46 -60.52
CA SER F 186 11.78 23.20 -60.44
C SER F 186 12.17 22.20 -59.33
N GLY F 187 13.35 22.34 -58.74
CA GLY F 187 13.70 21.44 -57.66
C GLY F 187 15.03 20.73 -57.79
N ASN F 188 15.66 20.43 -56.66
CA ASN F 188 16.96 19.75 -56.70
C ASN F 188 16.92 18.33 -56.17
N GLY F 189 15.74 17.73 -56.13
CA GLY F 189 15.63 16.38 -55.58
C GLY F 189 15.90 15.23 -56.54
N GLY F 190 16.62 15.50 -57.61
CA GLY F 190 16.91 14.46 -58.59
C GLY F 190 17.49 13.18 -58.02
N ARG F 191 18.55 13.29 -57.22
CA ARG F 191 19.14 12.09 -56.63
C ARG F 191 18.18 11.30 -55.78
N GLU F 192 17.11 11.93 -55.29
CA GLU F 192 16.12 11.22 -54.48
C GLU F 192 14.96 10.78 -55.36
N HIS F 193 15.08 11.01 -56.67
CA HIS F 193 14.03 10.64 -57.61
C HIS F 193 12.76 11.40 -57.35
N ASP F 194 12.91 12.64 -56.90
CA ASP F 194 11.76 13.48 -56.61
C ASP F 194 11.06 13.87 -57.91
N SER F 195 9.78 14.20 -57.80
CA SER F 195 8.96 14.62 -58.93
C SER F 195 8.46 16.03 -58.65
N CYS F 196 8.71 16.97 -59.55
CA CYS F 196 8.25 18.33 -59.28
C CYS F 196 6.74 18.53 -59.35
N ASN F 197 5.99 17.48 -59.70
CA ASN F 197 4.54 17.59 -59.74
C ASN F 197 4.00 17.42 -58.33
N CYS F 198 4.90 17.10 -57.40
CA CYS F 198 4.53 16.94 -56.00
C CYS F 198 4.88 18.21 -55.26
N ASP F 199 5.24 19.24 -56.02
CA ASP F 199 5.61 20.55 -55.51
C ASP F 199 4.53 21.52 -56.02
N GLY F 200 3.62 21.92 -55.14
CA GLY F 200 2.55 22.81 -55.52
C GLY F 200 2.95 24.17 -56.07
N TYR F 201 4.19 24.60 -55.83
CA TYR F 201 4.61 25.90 -56.35
C TYR F 201 5.01 25.77 -57.80
N THR F 202 5.83 24.76 -58.10
CA THR F 202 6.27 24.53 -59.46
C THR F 202 5.12 23.96 -60.30
N ASN F 203 4.24 23.23 -59.64
CA ASN F 203 3.12 22.57 -60.32
C ASN F 203 1.97 23.54 -60.60
N SER F 204 2.07 24.76 -60.07
CA SER F 204 1.03 25.76 -60.25
C SER F 204 1.00 26.30 -61.68
N ILE F 205 -0.18 26.65 -62.18
CA ILE F 205 -0.24 27.19 -63.53
C ILE F 205 0.21 28.65 -63.51
N TYR F 206 0.23 29.26 -62.31
CA TYR F 206 0.61 30.65 -62.16
C TYR F 206 2.12 30.88 -62.22
N THR F 207 2.90 29.82 -62.19
CA THR F 207 4.34 29.97 -62.21
C THR F 207 4.96 29.34 -63.44
N LEU F 208 6.11 29.88 -63.85
CA LEU F 208 6.86 29.32 -64.97
C LEU F 208 7.90 28.49 -64.28
N SER F 209 7.70 27.18 -64.23
CA SER F 209 8.65 26.29 -63.58
C SER F 209 9.82 26.05 -64.54
N ILE F 210 11.03 26.33 -64.07
CA ILE F 210 12.23 26.19 -64.88
C ILE F 210 13.19 25.11 -64.40
N SER F 211 13.66 24.27 -65.32
CA SER F 211 14.61 23.21 -65.00
C SER F 211 16.01 23.56 -65.47
N SER F 212 16.95 22.65 -65.23
CA SER F 212 18.33 22.90 -65.61
C SER F 212 18.91 21.92 -66.61
N ALA F 213 20.02 22.31 -67.23
CA ALA F 213 20.74 21.49 -68.18
C ALA F 213 22.22 21.80 -67.94
N THR F 214 23.07 20.78 -68.01
CA THR F 214 24.50 21.00 -67.78
C THR F 214 25.16 21.64 -69.00
N GLN F 215 26.38 22.10 -68.80
CA GLN F 215 27.12 22.73 -69.89
C GLN F 215 27.16 21.88 -71.15
N PHE F 216 27.22 20.57 -70.99
CA PHE F 216 27.26 19.73 -72.16
C PHE F 216 25.90 19.19 -72.57
N GLY F 217 24.87 19.89 -72.11
CA GLY F 217 23.50 19.55 -72.46
C GLY F 217 22.89 18.29 -71.88
N ASN F 218 23.32 17.89 -70.70
CA ASN F 218 22.77 16.69 -70.09
C ASN F 218 21.87 17.03 -68.94
N VAL F 219 21.10 16.04 -68.49
CA VAL F 219 20.20 16.22 -67.37
C VAL F 219 21.07 16.25 -66.12
N PRO F 220 21.04 17.36 -65.37
CA PRO F 220 21.84 17.47 -64.16
C PRO F 220 21.47 16.37 -63.17
N TRP F 221 22.39 16.04 -62.27
CA TRP F 221 22.12 15.00 -61.29
C TRP F 221 21.03 15.38 -60.30
N TYR F 222 20.84 16.68 -60.08
CA TYR F 222 19.84 17.17 -59.13
C TYR F 222 18.47 17.41 -59.76
N SER F 223 18.41 17.31 -61.08
CA SER F 223 17.17 17.53 -61.81
C SER F 223 16.01 16.58 -61.51
N GLU F 224 14.83 17.17 -61.30
CA GLU F 224 13.60 16.43 -61.06
C GLU F 224 12.80 16.49 -62.35
N ALA F 225 12.22 15.37 -62.76
CA ALA F 225 11.43 15.34 -63.97
C ALA F 225 9.96 15.46 -63.61
N CYS F 226 9.20 16.12 -64.47
CA CYS F 226 7.76 16.27 -64.27
C CYS F 226 7.14 16.97 -65.47
N SER F 227 5.84 16.81 -65.61
CA SER F 227 5.11 17.38 -66.74
C SER F 227 4.73 18.86 -66.59
N SER F 228 4.97 19.43 -65.41
CA SER F 228 4.61 20.83 -65.21
C SER F 228 5.73 21.80 -65.59
N THR F 229 6.95 21.29 -65.78
CA THR F 229 8.05 22.16 -66.16
C THR F 229 7.75 22.78 -67.52
N LEU F 230 8.11 24.04 -67.70
CA LEU F 230 7.84 24.72 -68.95
C LEU F 230 9.07 24.85 -69.84
N ALA F 231 10.18 25.29 -69.27
CA ALA F 231 11.40 25.47 -70.03
C ALA F 231 12.68 25.22 -69.20
N THR F 232 13.83 25.39 -69.83
CA THR F 232 15.11 25.15 -69.18
C THR F 232 16.14 26.24 -69.41
N THR F 233 17.11 26.33 -68.51
CA THR F 233 18.22 27.27 -68.66
C THR F 233 19.42 26.48 -68.16
N TYR F 234 20.61 26.88 -68.57
CA TYR F 234 21.82 26.19 -68.16
C TYR F 234 22.12 26.38 -66.68
N SER F 235 22.87 25.44 -66.11
CA SER F 235 23.28 25.52 -64.73
C SER F 235 24.43 24.56 -64.53
N SER F 236 24.74 24.25 -63.28
CA SER F 236 25.85 23.34 -62.98
C SER F 236 25.58 21.91 -63.36
N GLY F 237 26.63 21.12 -63.42
CA GLY F 237 26.52 19.73 -63.78
C GLY F 237 27.50 18.89 -63.00
N ASN F 238 28.22 17.99 -63.68
CA ASN F 238 29.20 17.14 -62.99
C ASN F 238 30.48 17.93 -62.71
N GLN F 239 31.46 17.25 -62.13
CA GLN F 239 32.73 17.89 -61.77
C GLN F 239 33.53 18.44 -62.96
N ASN F 240 33.20 18.02 -64.18
CA ASN F 240 33.93 18.47 -65.35
C ASN F 240 33.23 19.56 -66.14
N GLU F 241 32.09 20.03 -65.65
CA GLU F 241 31.36 21.08 -66.35
C GLU F 241 31.38 22.40 -65.56
N LYS F 242 31.42 23.51 -66.29
CA LYS F 242 31.44 24.83 -65.68
C LYS F 242 30.15 25.13 -64.93
N GLN F 243 30.20 26.12 -64.04
CA GLN F 243 29.01 26.46 -63.28
C GLN F 243 28.62 27.91 -63.50
N ILE F 244 27.67 28.42 -62.72
CA ILE F 244 27.21 29.80 -62.88
C ILE F 244 28.01 30.85 -62.11
N VAL F 245 28.29 31.95 -62.78
CA VAL F 245 29.05 33.06 -62.20
C VAL F 245 28.11 34.14 -61.71
N THR F 246 28.28 34.57 -60.47
CA THR F 246 27.41 35.59 -59.92
C THR F 246 27.97 36.25 -58.65
N THR F 247 27.18 37.17 -58.11
CA THR F 247 27.55 37.90 -56.91
C THR F 247 27.34 37.03 -55.67
N ASP F 248 28.32 37.05 -54.76
CA ASP F 248 28.24 36.25 -53.54
C ASP F 248 28.26 37.15 -52.32
N LEU F 249 27.91 36.60 -51.17
CA LEU F 249 27.92 37.38 -49.94
C LEU F 249 29.29 37.94 -49.67
N ARG F 250 29.34 38.95 -48.82
CA ARG F 250 30.58 39.60 -48.45
C ARG F 250 31.25 40.29 -49.62
N GLN F 251 30.46 40.86 -50.52
CA GLN F 251 30.99 41.59 -51.67
C GLN F 251 31.89 40.73 -52.56
N LYS F 252 31.73 39.42 -52.53
CA LYS F 252 32.60 38.61 -53.36
C LYS F 252 31.93 38.19 -54.66
N CYS F 253 32.67 37.42 -55.46
CA CYS F 253 32.17 36.96 -56.74
C CYS F 253 32.40 35.46 -56.77
N THR F 254 31.41 34.70 -57.20
CA THR F 254 31.56 33.24 -57.25
C THR F 254 31.38 32.72 -58.65
N GLU F 255 32.03 31.60 -58.93
CA GLU F 255 31.94 30.96 -60.23
C GLU F 255 31.38 29.55 -60.02
N SER F 256 30.89 29.31 -58.82
CA SER F 256 30.35 28.00 -58.53
C SER F 256 28.92 27.96 -57.98
N HIS F 257 28.03 28.75 -58.58
CA HIS F 257 26.64 28.72 -58.15
C HIS F 257 26.07 27.50 -58.86
N THR F 258 25.21 26.74 -58.16
CA THR F 258 24.70 25.50 -58.72
C THR F 258 23.19 25.29 -58.53
N GLY F 259 22.69 24.18 -59.07
CA GLY F 259 21.29 23.82 -58.94
C GLY F 259 20.27 24.60 -59.74
N THR F 260 19.01 24.21 -59.59
CA THR F 260 17.95 24.89 -60.30
C THR F 260 17.78 26.31 -59.76
N SER F 261 18.44 26.61 -58.65
CA SER F 261 18.36 27.96 -58.09
C SER F 261 19.05 28.96 -58.99
N ALA F 262 19.96 28.47 -59.82
CA ALA F 262 20.67 29.34 -60.74
C ALA F 262 19.87 29.51 -62.02
N SER F 263 19.06 28.50 -62.34
CA SER F 263 18.24 28.50 -63.54
C SER F 263 17.05 29.44 -63.50
N ALA F 264 16.35 29.49 -62.38
CA ALA F 264 15.18 30.35 -62.26
C ALA F 264 15.52 31.82 -62.51
N PRO F 265 16.52 32.35 -61.79
CA PRO F 265 16.88 33.77 -62.00
C PRO F 265 17.35 34.07 -63.43
N LEU F 266 18.07 33.13 -64.05
CA LEU F 266 18.52 33.34 -65.41
C LEU F 266 17.28 33.47 -66.30
N ALA F 267 16.26 32.67 -66.01
CA ALA F 267 15.03 32.72 -66.77
C ALA F 267 14.32 34.06 -66.50
N ALA F 268 14.36 34.53 -65.26
CA ALA F 268 13.73 35.79 -64.89
C ALA F 268 14.37 36.94 -65.67
N GLY F 269 15.68 36.86 -65.83
CA GLY F 269 16.39 37.87 -66.58
C GLY F 269 15.93 37.88 -68.02
N ILE F 270 15.88 36.70 -68.64
CA ILE F 270 15.43 36.58 -70.02
C ILE F 270 13.99 37.07 -70.18
N ILE F 271 13.17 36.84 -69.15
CA ILE F 271 11.80 37.27 -69.21
C ILE F 271 11.76 38.79 -69.06
N ALA F 272 12.75 39.34 -68.37
CA ALA F 272 12.83 40.78 -68.18
C ALA F 272 13.11 41.43 -69.54
N LEU F 273 14.01 40.84 -70.32
CA LEU F 273 14.35 41.36 -71.62
C LEU F 273 13.10 41.31 -72.50
N THR F 274 12.37 40.21 -72.39
CA THR F 274 11.17 40.04 -73.18
C THR F 274 10.14 41.11 -72.86
N LEU F 275 10.02 41.46 -71.58
CA LEU F 275 9.06 42.49 -71.18
C LEU F 275 9.45 43.85 -71.70
N GLU F 276 10.74 44.15 -71.73
CA GLU F 276 11.18 45.44 -72.26
C GLU F 276 10.75 45.51 -73.72
N ALA F 277 10.92 44.39 -74.43
CA ALA F 277 10.55 44.32 -75.83
C ALA F 277 9.05 44.49 -76.05
N ASN F 278 8.25 44.18 -75.04
CA ASN F 278 6.80 44.32 -75.13
C ASN F 278 6.18 44.34 -73.74
N LYS F 279 6.07 45.54 -73.18
CA LYS F 279 5.53 45.76 -71.84
C LYS F 279 4.10 45.31 -71.64
N ASN F 280 3.38 45.02 -72.72
CA ASN F 280 2.00 44.64 -72.59
C ASN F 280 1.67 43.17 -72.57
N LEU F 281 2.69 42.32 -72.48
CA LEU F 281 2.47 40.86 -72.45
C LEU F 281 1.81 40.49 -71.15
N THR F 282 0.79 39.64 -71.21
CA THR F 282 0.13 39.21 -69.99
C THR F 282 0.91 38.01 -69.44
N TRP F 283 0.59 37.59 -68.22
CA TRP F 283 1.28 36.46 -67.62
C TRP F 283 1.12 35.23 -68.48
N ARG F 284 0.00 35.13 -69.19
CA ARG F 284 -0.25 34.01 -70.08
C ARG F 284 0.54 34.18 -71.38
N ASP F 285 0.55 35.39 -71.93
CA ASP F 285 1.29 35.69 -73.14
C ASP F 285 2.72 35.19 -72.95
N MET F 286 3.30 35.51 -71.81
CA MET F 286 4.67 35.14 -71.51
C MET F 286 4.90 33.63 -71.57
N GLN F 287 3.95 32.85 -71.06
CA GLN F 287 4.11 31.41 -71.09
C GLN F 287 4.01 30.91 -72.52
N HIS F 288 3.13 31.54 -73.31
CA HIS F 288 3.01 31.16 -74.71
C HIS F 288 4.33 31.41 -75.44
N LEU F 289 4.98 32.54 -75.16
CA LEU F 289 6.26 32.84 -75.82
C LEU F 289 7.31 31.80 -75.45
N VAL F 290 7.34 31.38 -74.19
CA VAL F 290 8.32 30.39 -73.77
C VAL F 290 8.09 29.07 -74.50
N VAL F 291 6.83 28.66 -74.62
CA VAL F 291 6.51 27.43 -75.31
C VAL F 291 6.88 27.46 -76.78
N GLN F 292 6.63 28.58 -77.44
CA GLN F 292 6.93 28.65 -78.87
C GLN F 292 8.40 28.85 -79.24
N THR F 293 9.18 29.46 -78.38
CA THR F 293 10.57 29.74 -78.71
C THR F 293 11.65 28.86 -78.07
N SER F 294 11.32 28.12 -77.02
CA SER F 294 12.32 27.29 -76.37
C SER F 294 12.90 26.22 -77.32
N LYS F 295 14.18 25.95 -77.16
CA LYS F 295 14.89 25.02 -78.03
C LYS F 295 15.32 23.68 -77.42
N PRO F 296 14.79 22.57 -77.97
CA PRO F 296 15.10 21.20 -77.52
C PRO F 296 16.49 20.80 -77.95
N ALA F 297 16.91 21.30 -79.11
CA ALA F 297 18.21 21.02 -79.68
C ALA F 297 19.38 21.08 -78.70
N HIS F 298 20.29 20.12 -78.83
CA HIS F 298 21.48 20.10 -78.00
C HIS F 298 21.27 19.73 -76.55
N LEU F 299 20.02 19.51 -76.18
CA LEU F 299 19.70 19.10 -74.81
C LEU F 299 19.40 17.61 -74.89
N ASN F 300 20.22 16.80 -74.22
CA ASN F 300 20.07 15.34 -74.23
C ASN F 300 19.13 14.83 -73.16
N ALA F 301 18.21 13.97 -73.57
CA ALA F 301 17.24 13.35 -72.67
C ALA F 301 16.73 12.09 -73.35
N ASP F 302 16.26 11.14 -72.56
CA ASP F 302 15.75 9.89 -73.11
C ASP F 302 14.25 9.93 -73.34
N ASP F 303 13.63 11.09 -73.11
CA ASP F 303 12.19 11.17 -73.26
C ASP F 303 11.63 12.25 -74.17
N TRP F 304 12.42 12.76 -75.10
CA TRP F 304 11.91 13.77 -76.02
C TRP F 304 10.77 13.16 -76.83
N ALA F 305 9.58 13.78 -76.76
CA ALA F 305 8.44 13.28 -77.50
C ALA F 305 7.74 14.47 -78.16
N THR F 306 7.20 14.25 -79.35
CA THR F 306 6.52 15.29 -80.09
C THR F 306 5.04 15.27 -79.74
N ASN F 307 4.46 16.42 -79.42
CA ASN F 307 3.05 16.42 -79.07
C ASN F 307 2.16 16.65 -80.27
N GLY F 308 0.86 16.66 -80.01
CA GLY F 308 -0.12 16.83 -81.05
C GLY F 308 0.02 18.01 -81.99
N VAL F 309 0.81 19.01 -81.63
CA VAL F 309 0.96 20.16 -82.51
C VAL F 309 2.37 20.22 -83.07
N GLY F 310 3.08 19.10 -83.00
CA GLY F 310 4.41 19.06 -83.56
C GLY F 310 5.58 19.59 -82.75
N ARG F 311 5.35 19.94 -81.50
CA ARG F 311 6.45 20.43 -80.69
C ARG F 311 7.07 19.33 -79.83
N LYS F 312 8.39 19.36 -79.67
CA LYS F 312 9.08 18.36 -78.86
C LYS F 312 9.06 18.78 -77.40
N VAL F 313 8.68 17.86 -76.52
CA VAL F 313 8.64 18.16 -75.09
C VAL F 313 9.33 17.04 -74.29
N SER F 314 9.96 17.42 -73.19
CA SER F 314 10.64 16.48 -72.32
C SER F 314 10.26 16.75 -70.87
N HIS F 315 10.14 15.71 -70.06
CA HIS F 315 9.81 15.91 -68.66
C HIS F 315 11.00 16.47 -67.87
N SER F 316 12.17 16.49 -68.50
CA SER F 316 13.35 17.03 -67.83
C SER F 316 13.60 18.47 -68.24
N TYR F 317 13.11 18.86 -69.41
CA TYR F 317 13.34 20.20 -69.92
C TYR F 317 12.12 20.98 -70.36
N GLY F 318 10.93 20.41 -70.21
CA GLY F 318 9.77 21.13 -70.68
C GLY F 318 9.93 21.26 -72.20
N TYR F 319 9.77 22.48 -72.73
CA TYR F 319 9.88 22.66 -74.17
C TYR F 319 11.29 22.95 -74.65
N GLY F 320 12.24 22.94 -73.73
CA GLY F 320 13.61 23.15 -74.13
C GLY F 320 14.31 24.33 -73.49
N LEU F 321 15.47 24.66 -74.03
CA LEU F 321 16.29 25.76 -73.56
C LEU F 321 15.71 27.10 -73.96
N LEU F 322 15.72 28.06 -73.04
CA LEU F 322 15.20 29.39 -73.33
C LEU F 322 16.08 30.06 -74.37
N ASP F 323 15.47 30.83 -75.26
CA ASP F 323 16.21 31.53 -76.30
C ASP F 323 15.87 33.01 -76.21
N ALA F 324 16.74 33.76 -75.54
CA ALA F 324 16.53 35.19 -75.36
C ALA F 324 16.23 35.90 -76.69
N GLY F 325 17.06 35.64 -77.69
CA GLY F 325 16.86 36.27 -78.98
C GLY F 325 15.49 36.01 -79.57
N ALA F 326 15.08 34.75 -79.59
CA ALA F 326 13.79 34.38 -80.14
C ALA F 326 12.66 34.96 -79.29
N MET F 327 12.82 34.92 -77.97
CA MET F 327 11.81 35.45 -77.05
C MET F 327 11.54 36.91 -77.38
N VAL F 328 12.60 37.70 -77.41
CA VAL F 328 12.49 39.11 -77.71
C VAL F 328 11.91 39.36 -79.10
N ALA F 329 12.35 38.58 -80.07
CA ALA F 329 11.86 38.73 -81.43
C ALA F 329 10.35 38.50 -81.50
N LEU F 330 9.90 37.38 -80.97
CA LEU F 330 8.48 37.04 -81.01
C LEU F 330 7.61 37.97 -80.18
N ALA F 331 8.18 38.54 -79.13
CA ALA F 331 7.45 39.45 -78.26
C ALA F 331 7.07 40.76 -78.96
N GLN F 332 8.02 41.32 -79.69
CA GLN F 332 7.82 42.59 -80.37
C GLN F 332 6.55 42.68 -81.18
N ASN F 333 6.13 41.58 -81.79
CA ASN F 333 4.86 41.63 -82.48
C ASN F 333 4.08 40.39 -82.11
N TRP F 334 3.59 40.40 -80.88
CA TRP F 334 2.79 39.31 -80.35
C TRP F 334 1.43 39.92 -80.11
N THR F 335 0.38 39.22 -80.50
CA THR F 335 -0.97 39.68 -80.28
C THR F 335 -1.43 39.03 -78.98
N THR F 336 -1.81 39.82 -78.00
CA THR F 336 -2.23 39.27 -76.71
C THR F 336 -3.29 38.19 -76.93
N VAL F 337 -3.15 37.07 -76.23
CA VAL F 337 -4.06 35.92 -76.36
C VAL F 337 -5.50 36.17 -75.92
N ALA F 338 -6.42 35.40 -76.48
CA ALA F 338 -7.84 35.53 -76.15
C ALA F 338 -8.10 35.22 -74.69
N PRO F 339 -9.26 35.62 -74.17
CA PRO F 339 -9.54 35.33 -72.76
C PRO F 339 -9.45 33.86 -72.38
N GLN F 340 -8.95 33.62 -71.18
CA GLN F 340 -8.76 32.27 -70.66
C GLN F 340 -10.05 31.59 -70.31
N ARG F 341 -10.27 30.41 -70.88
CA ARG F 341 -11.46 29.63 -70.58
C ARG F 341 -11.01 28.56 -69.57
N LYS F 342 -11.95 28.07 -68.76
CA LYS F 342 -11.65 27.05 -67.78
C LYS F 342 -12.77 26.00 -67.85
N CYS F 343 -12.44 24.83 -68.37
CA CYS F 343 -13.44 23.78 -68.48
C CYS F 343 -13.19 22.68 -67.44
N ILE F 344 -14.16 22.51 -66.55
CA ILE F 344 -14.08 21.53 -65.48
C ILE F 344 -14.91 20.32 -65.85
N VAL F 345 -14.30 19.15 -65.85
CA VAL F 345 -15.04 17.94 -66.19
C VAL F 345 -14.77 16.79 -65.21
N GLU F 346 -15.85 16.32 -64.58
CA GLU F 346 -15.78 15.23 -63.61
C GLU F 346 -15.70 13.93 -64.37
N ILE F 347 -14.58 13.22 -64.24
CA ILE F 347 -14.40 11.98 -64.98
C ILE F 347 -15.02 10.76 -64.34
N LEU F 348 -14.85 10.57 -63.04
CA LEU F 348 -15.39 9.36 -62.42
C LEU F 348 -16.89 9.40 -62.15
N VAL F 349 -17.50 8.22 -62.21
CA VAL F 349 -18.93 8.08 -61.96
C VAL F 349 -19.11 7.00 -60.88
N GLU F 350 -18.02 6.32 -60.55
CA GLU F 350 -17.96 5.25 -59.54
C GLU F 350 -16.51 5.26 -59.00
N PRO F 351 -16.31 4.90 -57.72
CA PRO F 351 -14.92 4.90 -57.27
C PRO F 351 -14.28 3.71 -57.99
N LYS F 352 -12.96 3.73 -58.18
CA LYS F 352 -12.29 2.64 -58.89
C LYS F 352 -11.13 2.03 -58.10
N ASP F 353 -11.04 0.70 -58.15
CA ASP F 353 -9.98 -0.04 -57.46
C ASP F 353 -8.68 0.03 -58.28
N ILE F 354 -7.60 0.50 -57.66
CA ILE F 354 -6.32 0.62 -58.38
C ILE F 354 -5.63 -0.72 -58.55
N GLY F 355 -5.41 -1.42 -57.45
CA GLY F 355 -4.77 -2.71 -57.51
C GLY F 355 -3.42 -2.62 -58.17
N LYS F 356 -3.19 -3.48 -59.15
CA LYS F 356 -1.91 -3.51 -59.85
C LYS F 356 -1.84 -2.47 -60.96
N ARG F 357 -2.97 -2.26 -61.61
CA ARG F 357 -3.06 -1.34 -62.73
C ARG F 357 -4.51 -0.87 -62.91
N LEU F 358 -4.68 0.40 -63.23
CA LEU F 358 -6.00 0.96 -63.48
C LEU F 358 -5.96 1.90 -64.67
N GLU F 359 -6.94 1.79 -65.55
CA GLU F 359 -7.00 2.65 -66.71
C GLU F 359 -8.38 3.27 -66.76
N VAL F 360 -8.45 4.60 -66.83
CA VAL F 360 -9.75 5.27 -66.93
C VAL F 360 -9.79 6.03 -68.24
N ARG F 361 -10.77 5.70 -69.08
CA ARG F 361 -10.96 6.36 -70.38
C ARG F 361 -12.27 7.14 -70.35
N LYS F 362 -12.26 8.35 -70.90
CA LYS F 362 -13.47 9.15 -70.92
C LYS F 362 -13.48 10.09 -72.11
N ALA F 363 -14.61 10.12 -72.80
CA ALA F 363 -14.79 10.98 -73.97
C ALA F 363 -15.09 12.36 -73.43
N VAL F 364 -14.32 13.35 -73.87
CA VAL F 364 -14.49 14.73 -73.41
C VAL F 364 -14.82 15.67 -74.54
N THR F 365 -15.86 16.48 -74.37
CA THR F 365 -16.26 17.45 -75.38
C THR F 365 -15.64 18.83 -75.12
N ALA F 366 -14.96 18.96 -73.98
CA ALA F 366 -14.30 20.20 -73.60
C ALA F 366 -15.27 21.38 -73.57
N CYS F 367 -16.40 21.18 -72.90
CA CYS F 367 -17.41 22.22 -72.75
C CYS F 367 -17.97 22.74 -74.06
N LEU F 368 -18.16 21.85 -75.02
CA LEU F 368 -18.72 22.23 -76.31
C LEU F 368 -20.12 22.78 -76.06
N GLY F 369 -20.43 23.90 -76.72
CA GLY F 369 -21.73 24.52 -76.56
C GLY F 369 -21.84 25.42 -75.35
N GLU F 370 -20.76 25.53 -74.59
CA GLU F 370 -20.76 26.36 -73.39
C GLU F 370 -19.75 27.48 -73.54
N PRO F 371 -19.84 28.52 -72.70
CA PRO F 371 -18.91 29.65 -72.75
C PRO F 371 -17.44 29.26 -72.55
N ASN F 372 -17.21 28.16 -71.84
CA ASN F 372 -15.84 27.74 -71.56
C ASN F 372 -15.30 26.72 -72.55
N HIS F 373 -15.98 26.59 -73.67
CA HIS F 373 -15.55 25.65 -74.70
C HIS F 373 -14.11 25.96 -75.07
N ILE F 374 -13.26 24.93 -75.11
CA ILE F 374 -11.85 25.12 -75.45
C ILE F 374 -11.46 24.32 -76.69
N THR F 375 -10.68 24.92 -77.58
CA THR F 375 -10.22 24.22 -78.77
C THR F 375 -8.71 24.28 -78.84
N ARG F 376 -8.12 25.12 -77.99
CA ARG F 376 -6.66 25.27 -77.94
C ARG F 376 -6.24 25.29 -76.48
N LEU F 377 -5.64 24.19 -76.03
CA LEU F 377 -5.21 24.04 -74.64
C LEU F 377 -4.05 24.86 -74.18
N GLU F 378 -4.01 25.07 -72.89
CA GLU F 378 -2.92 25.76 -72.21
C GLU F 378 -2.60 24.77 -71.09
N HIS F 379 -2.82 25.13 -69.83
CA HIS F 379 -2.52 24.16 -68.77
C HIS F 379 -3.61 23.10 -68.65
N VAL F 380 -3.23 21.92 -68.19
CA VAL F 380 -4.16 20.83 -67.96
C VAL F 380 -3.89 20.27 -66.58
N GLN F 381 -4.94 20.17 -65.77
CA GLN F 381 -4.83 19.61 -64.43
C GLN F 381 -5.61 18.32 -64.32
N ALA F 382 -4.98 17.31 -63.75
CA ALA F 382 -5.66 16.03 -63.52
C ALA F 382 -5.72 16.01 -62.00
N ARG F 383 -6.88 16.35 -61.46
CA ARG F 383 -7.09 16.41 -60.01
C ARG F 383 -7.46 15.07 -59.47
N LEU F 384 -6.55 14.44 -58.72
CA LEU F 384 -6.82 13.12 -58.19
C LEU F 384 -6.92 13.04 -56.68
N THR F 385 -7.83 12.19 -56.24
CA THR F 385 -8.03 11.92 -54.83
C THR F 385 -7.99 10.41 -54.80
N LEU F 386 -6.98 9.85 -54.15
CA LEU F 386 -6.87 8.41 -54.09
C LEU F 386 -6.18 7.98 -52.81
N SER F 387 -6.39 6.72 -52.45
CA SER F 387 -5.76 6.13 -51.28
C SER F 387 -4.88 4.99 -51.77
N TYR F 388 -3.70 4.84 -51.19
CA TYR F 388 -2.80 3.77 -51.58
C TYR F 388 -1.93 3.50 -50.37
N ASN F 389 -1.40 2.29 -50.25
CA ASN F 389 -0.59 1.94 -49.11
C ASN F 389 0.87 2.39 -49.21
N ARG F 390 1.41 2.42 -50.42
CA ARG F 390 2.80 2.86 -50.67
C ARG F 390 2.78 3.82 -51.84
N ARG F 391 2.61 5.10 -51.55
CA ARG F 391 2.52 6.13 -52.58
C ARG F 391 3.64 6.14 -53.61
N GLY F 392 4.88 6.08 -53.14
CA GLY F 392 6.02 6.09 -54.03
C GLY F 392 6.05 5.00 -55.08
N ASP F 393 5.25 3.96 -54.91
CA ASP F 393 5.24 2.87 -55.87
C ASP F 393 4.36 3.18 -57.08
N LEU F 394 3.56 4.24 -56.97
CA LEU F 394 2.67 4.61 -58.05
C LEU F 394 3.31 5.41 -59.20
N ALA F 395 2.80 5.20 -60.39
CA ALA F 395 3.26 5.92 -61.57
C ALA F 395 1.94 6.28 -62.23
N ILE F 396 1.75 7.57 -62.51
CA ILE F 396 0.50 8.03 -63.11
C ILE F 396 0.75 8.76 -64.43
N HIS F 397 -0.03 8.41 -65.45
CA HIS F 397 0.10 9.03 -66.76
C HIS F 397 -1.25 9.53 -67.26
N LEU F 398 -1.21 10.60 -68.06
CA LEU F 398 -2.42 11.15 -68.65
C LEU F 398 -2.12 11.23 -70.14
N ILE F 399 -3.06 10.74 -70.94
CA ILE F 399 -2.88 10.74 -72.38
C ILE F 399 -3.96 11.57 -73.03
N SER F 400 -3.56 12.60 -73.77
CA SER F 400 -4.49 13.50 -74.44
C SER F 400 -5.09 12.85 -75.67
N PRO F 401 -6.26 13.34 -76.13
CA PRO F 401 -6.89 12.76 -77.32
C PRO F 401 -5.91 12.68 -78.48
N MET F 402 -5.00 13.65 -78.57
CA MET F 402 -4.05 13.66 -79.67
C MET F 402 -2.82 12.81 -79.39
N GLY F 403 -2.96 11.89 -78.44
CA GLY F 403 -1.88 10.98 -78.12
C GLY F 403 -0.69 11.43 -77.31
N THR F 404 -0.72 12.63 -76.73
CA THR F 404 0.43 13.06 -75.93
C THR F 404 0.35 12.46 -74.54
N ARG F 405 1.36 11.65 -74.23
CA ARG F 405 1.44 10.96 -72.95
C ARG F 405 2.24 11.76 -71.93
N SER F 406 1.54 12.29 -70.93
CA SER F 406 2.19 13.07 -69.88
C SER F 406 2.37 12.24 -68.62
N THR F 407 3.58 12.21 -68.07
CA THR F 407 3.82 11.46 -66.85
C THR F 407 3.50 12.41 -65.70
N LEU F 408 2.32 12.24 -65.11
CA LEU F 408 1.89 13.06 -63.99
C LEU F 408 2.69 12.75 -62.73
N LEU F 409 3.08 11.48 -62.59
CA LEU F 409 3.83 11.04 -61.41
C LEU F 409 4.64 9.79 -61.72
N ALA F 410 5.94 9.87 -61.52
CA ALA F 410 6.83 8.75 -61.73
C ALA F 410 7.08 8.16 -60.35
N ALA F 411 7.59 6.94 -60.29
CA ALA F 411 7.84 6.31 -59.00
C ALA F 411 8.85 7.10 -58.17
N ARG F 412 8.60 7.16 -56.87
CA ARG F 412 9.49 7.83 -55.92
C ARG F 412 9.83 6.78 -54.86
N PRO F 413 10.94 6.07 -55.05
CA PRO F 413 11.38 5.03 -54.12
C PRO F 413 11.47 5.38 -52.63
N HIS F 414 11.61 6.66 -52.30
CA HIS F 414 11.70 7.05 -50.90
C HIS F 414 10.36 7.44 -50.30
N ASP F 415 9.31 7.44 -51.10
CA ASP F 415 8.01 7.84 -50.61
C ASP F 415 7.24 6.62 -50.11
N TYR F 416 7.18 6.46 -48.79
CA TYR F 416 6.45 5.33 -48.23
C TYR F 416 5.11 5.74 -47.65
N SER F 417 4.73 7.00 -47.85
CA SER F 417 3.48 7.50 -47.31
C SER F 417 2.30 6.61 -47.64
N ALA F 418 1.33 6.58 -46.72
CA ALA F 418 0.12 5.81 -46.90
C ALA F 418 -1.05 6.79 -46.95
N ASP F 419 -0.73 8.07 -47.10
CA ASP F 419 -1.78 9.08 -47.13
C ASP F 419 -2.38 9.38 -48.49
N GLY F 420 -1.81 8.85 -49.55
CA GLY F 420 -2.35 9.08 -50.88
C GLY F 420 -2.34 10.52 -51.33
N PHE F 421 -3.35 10.89 -52.13
CA PHE F 421 -3.47 12.24 -52.64
C PHE F 421 -4.89 12.75 -52.37
N ASN F 422 -5.00 14.03 -51.99
CA ASN F 422 -6.30 14.63 -51.71
C ASN F 422 -6.51 15.83 -52.62
N ASP F 423 -7.26 15.60 -53.69
CA ASP F 423 -7.54 16.63 -54.67
C ASP F 423 -6.24 17.30 -55.10
N TRP F 424 -5.22 16.50 -55.35
CA TRP F 424 -3.95 17.06 -55.80
C TRP F 424 -4.06 17.28 -57.31
N ALA F 425 -3.72 18.49 -57.75
CA ALA F 425 -3.83 18.84 -59.16
C ALA F 425 -2.58 18.63 -59.98
N PHE F 426 -2.31 17.40 -60.38
CA PHE F 426 -1.12 17.15 -61.20
C PHE F 426 -1.32 17.99 -62.46
N MET F 427 -0.30 18.74 -62.84
CA MET F 427 -0.43 19.62 -64.00
C MET F 427 0.54 19.30 -65.13
N THR F 428 0.05 19.38 -66.36
CA THR F 428 0.92 19.14 -67.51
C THR F 428 0.86 20.29 -68.53
N THR F 429 2.01 20.64 -69.07
CA THR F 429 2.10 21.70 -70.06
C THR F 429 2.37 21.09 -71.42
N HIS F 430 2.48 19.76 -71.46
CA HIS F 430 2.80 19.04 -72.69
C HIS F 430 1.74 19.01 -73.77
N SER F 431 0.50 19.36 -73.44
CA SER F 431 -0.55 19.37 -74.44
C SER F 431 -0.94 20.77 -74.85
N TRP F 432 -0.06 21.71 -74.53
CA TRP F 432 -0.26 23.12 -74.85
C TRP F 432 -0.60 23.24 -76.35
N ASP F 433 -1.69 23.96 -76.65
CA ASP F 433 -2.13 24.20 -78.01
C ASP F 433 -2.89 23.07 -78.70
N GLU F 434 -2.99 21.92 -78.06
CA GLU F 434 -3.72 20.80 -78.65
C GLU F 434 -5.21 20.98 -78.45
N ASP F 435 -5.98 20.28 -79.27
CA ASP F 435 -7.42 20.34 -79.15
C ASP F 435 -7.78 19.29 -78.12
N PRO F 436 -8.42 19.69 -77.03
CA PRO F 436 -8.81 18.76 -75.97
C PRO F 436 -9.99 17.84 -76.26
N ALA F 437 -10.71 18.09 -77.34
CA ALA F 437 -11.87 17.26 -77.65
C ALA F 437 -11.46 15.82 -78.03
N GLY F 438 -12.11 14.84 -77.42
CA GLY F 438 -11.78 13.47 -77.70
C GLY F 438 -11.68 12.63 -76.44
N GLU F 439 -11.06 11.46 -76.55
CA GLU F 439 -10.94 10.58 -75.41
C GLU F 439 -9.64 10.74 -74.63
N TRP F 440 -9.79 11.02 -73.34
CA TRP F 440 -8.64 11.18 -72.45
C TRP F 440 -8.46 9.86 -71.68
N VAL F 441 -7.22 9.55 -71.35
CA VAL F 441 -6.93 8.32 -70.64
C VAL F 441 -6.02 8.56 -69.45
N LEU F 442 -6.43 8.06 -68.29
CA LEU F 442 -5.64 8.17 -67.08
C LEU F 442 -5.11 6.78 -66.79
N GLU F 443 -3.82 6.68 -66.49
CA GLU F 443 -3.21 5.39 -66.18
C GLU F 443 -2.54 5.46 -64.82
N ILE F 444 -2.92 4.54 -63.94
CA ILE F 444 -2.31 4.46 -62.62
C ILE F 444 -1.79 3.04 -62.47
N GLU F 445 -0.51 2.89 -62.13
CA GLU F 445 -0.01 1.54 -61.95
C GLU F 445 1.02 1.39 -60.85
N ASN F 446 1.05 0.20 -60.29
CA ASN F 446 1.97 -0.14 -59.22
C ASN F 446 3.25 -0.59 -59.89
N THR F 447 4.31 0.21 -59.79
CA THR F 447 5.57 -0.12 -60.42
C THR F 447 6.38 -1.15 -59.63
N SER F 448 5.86 -1.53 -58.47
CA SER F 448 6.53 -2.47 -57.59
C SER F 448 5.98 -3.87 -57.72
N GLU F 449 6.75 -4.86 -57.24
CA GLU F 449 6.32 -6.24 -57.26
C GLU F 449 5.46 -6.55 -56.03
N ALA F 450 5.38 -5.63 -55.09
CA ALA F 450 4.57 -5.87 -53.91
C ALA F 450 3.10 -5.91 -54.32
N ASN F 451 2.29 -6.59 -53.53
CA ASN F 451 0.86 -6.63 -53.83
C ASN F 451 0.23 -5.42 -53.11
N ASN F 452 0.49 -4.22 -53.63
CA ASN F 452 -0.01 -2.97 -53.08
C ASN F 452 -1.49 -2.80 -53.39
N TYR F 453 -2.16 -1.90 -52.68
CA TYR F 453 -3.59 -1.70 -52.90
C TYR F 453 -4.08 -0.29 -52.57
N GLY F 454 -5.22 0.07 -53.14
CA GLY F 454 -5.79 1.38 -52.92
C GLY F 454 -6.97 1.69 -53.83
N THR F 455 -7.53 2.88 -53.68
CA THR F 455 -8.71 3.26 -54.46
C THR F 455 -8.66 4.69 -55.00
N LEU F 456 -9.07 4.86 -56.25
CA LEU F 456 -9.14 6.19 -56.87
C LEU F 456 -10.57 6.62 -56.66
N THR F 457 -10.79 7.64 -55.84
CA THR F 457 -12.16 8.09 -55.56
C THR F 457 -12.62 9.31 -56.32
N LYS F 458 -11.70 10.06 -56.91
CA LYS F 458 -12.09 11.23 -57.67
C LYS F 458 -11.05 11.61 -58.70
N PHE F 459 -11.54 11.94 -59.89
CA PHE F 459 -10.66 12.35 -60.99
C PHE F 459 -11.37 13.48 -61.74
N THR F 460 -10.90 14.69 -61.51
CA THR F 460 -11.46 15.85 -62.17
C THR F 460 -10.43 16.38 -63.14
N LEU F 461 -10.84 16.50 -64.40
CA LEU F 461 -9.96 17.02 -65.44
C LEU F 461 -10.31 18.49 -65.59
N VAL F 462 -9.33 19.37 -65.38
CA VAL F 462 -9.57 20.79 -65.52
C VAL F 462 -8.75 21.28 -66.71
N LEU F 463 -9.45 21.78 -67.72
CA LEU F 463 -8.81 22.28 -68.93
C LEU F 463 -8.80 23.81 -69.00
N TYR F 464 -7.63 24.37 -69.25
CA TYR F 464 -7.47 25.80 -69.39
C TYR F 464 -7.09 26.05 -70.85
N GLY F 465 -7.61 27.10 -71.44
CA GLY F 465 -7.25 27.37 -72.82
C GLY F 465 -8.14 28.37 -73.50
N THR F 466 -8.15 28.33 -74.83
CA THR F 466 -8.95 29.26 -75.61
C THR F 466 -9.76 28.65 -76.75
N ALA F 467 -10.73 29.43 -77.20
CA ALA F 467 -11.62 29.05 -78.30
C ALA F 467 -11.24 29.99 -79.42
N PRO F 468 -11.64 29.68 -80.67
CA PRO F 468 -11.30 30.54 -81.80
C PRO F 468 -11.99 31.92 -81.68
N VAL G 2 -45.92 55.33 -69.59
CA VAL G 2 -45.83 55.81 -68.18
C VAL G 2 -45.86 54.60 -67.23
N TYR G 3 -45.44 54.80 -65.98
CA TYR G 3 -45.44 53.71 -65.01
C TYR G 3 -46.73 53.63 -64.20
N GLN G 4 -47.28 52.43 -64.13
CA GLN G 4 -48.49 52.15 -63.36
C GLN G 4 -48.14 50.90 -62.57
N GLU G 5 -48.43 50.89 -61.28
CA GLU G 5 -48.10 49.73 -60.48
C GLU G 5 -48.76 48.47 -61.05
N PRO G 6 -48.12 47.31 -60.84
CA PRO G 6 -48.60 46.02 -61.33
C PRO G 6 -50.07 45.76 -61.06
N THR G 7 -50.71 45.09 -62.02
CA THR G 7 -52.13 44.76 -61.93
C THR G 7 -52.33 43.29 -61.58
N ASP G 8 -51.22 42.56 -61.44
CA ASP G 8 -51.28 41.13 -61.12
C ASP G 8 -52.16 40.86 -59.89
N PRO G 9 -52.96 39.79 -59.94
CA PRO G 9 -53.86 39.39 -58.87
C PRO G 9 -53.30 39.29 -57.44
N LYS G 10 -52.05 38.83 -57.31
CA LYS G 10 -51.46 38.70 -55.98
C LYS G 10 -50.55 39.85 -55.56
N PHE G 11 -50.39 40.84 -56.44
CA PHE G 11 -49.53 41.98 -56.09
C PHE G 11 -49.93 42.63 -54.76
N PRO G 12 -51.24 42.74 -54.51
CA PRO G 12 -51.67 43.36 -53.25
C PRO G 12 -51.15 42.58 -52.05
N GLN G 13 -51.02 41.27 -52.24
CA GLN G 13 -50.52 40.34 -51.21
C GLN G 13 -49.03 40.47 -50.97
N GLN G 14 -48.31 41.07 -51.91
CA GLN G 14 -46.88 41.23 -51.78
C GLN G 14 -46.56 42.45 -50.93
N TRP G 15 -46.98 42.37 -49.67
CA TRP G 15 -46.81 43.41 -48.69
C TRP G 15 -45.41 43.98 -48.58
N TYR G 16 -44.40 43.18 -48.89
CA TYR G 16 -43.01 43.64 -48.79
C TYR G 16 -42.67 44.55 -49.96
N LEU G 17 -43.63 44.65 -50.88
CA LEU G 17 -43.55 45.45 -52.11
C LEU G 17 -44.58 46.58 -52.28
N SER G 18 -45.64 46.55 -51.49
CA SER G 18 -46.72 47.51 -51.65
C SER G 18 -46.49 48.91 -51.11
N GLY G 19 -45.58 49.07 -50.18
CA GLY G 19 -45.37 50.40 -49.66
C GLY G 19 -44.03 51.06 -49.85
N VAL G 20 -44.04 52.38 -49.71
CA VAL G 20 -42.82 53.14 -49.79
C VAL G 20 -42.89 54.02 -48.55
N THR G 21 -42.25 53.52 -47.50
CA THR G 21 -42.21 54.19 -46.22
C THR G 21 -40.83 53.99 -45.60
N GLN G 22 -40.68 54.49 -44.38
CA GLN G 22 -39.43 54.40 -43.65
C GLN G 22 -39.09 52.95 -43.27
N ARG G 23 -40.06 52.05 -43.34
CA ARG G 23 -39.76 50.67 -43.02
C ARG G 23 -40.00 49.70 -44.17
N ASP G 24 -39.93 50.19 -45.41
CA ASP G 24 -40.15 49.32 -46.56
C ASP G 24 -38.99 49.29 -47.55
N LEU G 25 -38.92 48.23 -48.34
CA LEU G 25 -37.87 48.06 -49.31
C LEU G 25 -37.92 49.18 -50.36
N ASN G 26 -39.11 49.75 -50.50
CA ASN G 26 -39.36 50.84 -51.44
C ASN G 26 -39.08 50.49 -52.90
N VAL G 27 -39.52 49.32 -53.37
CA VAL G 27 -39.24 48.99 -54.76
C VAL G 27 -40.04 49.86 -55.71
N LYS G 28 -41.28 50.17 -55.35
CA LYS G 28 -42.13 51.00 -56.21
C LYS G 28 -41.40 52.28 -56.60
N GLU G 29 -40.66 52.83 -55.66
CA GLU G 29 -39.88 54.04 -55.86
C GLU G 29 -38.91 53.88 -57.01
N ALA G 30 -38.30 52.70 -57.09
CA ALA G 30 -37.35 52.40 -58.15
C ALA G 30 -38.05 52.16 -59.48
N TRP G 31 -39.18 51.47 -59.42
CA TRP G 31 -39.95 51.19 -60.62
C TRP G 31 -40.39 52.49 -61.27
N ALA G 32 -40.87 53.41 -60.44
CA ALA G 32 -41.35 54.70 -60.92
C ALA G 32 -40.26 55.45 -61.69
N GLN G 33 -39.02 55.34 -61.24
CA GLN G 33 -37.94 56.02 -61.91
C GLN G 33 -37.50 55.30 -63.18
N GLY G 34 -38.25 54.27 -63.55
CA GLY G 34 -37.96 53.50 -64.76
C GLY G 34 -37.01 52.30 -64.61
N PHE G 35 -36.79 51.85 -63.40
CA PHE G 35 -35.90 50.72 -63.19
C PHE G 35 -36.65 49.46 -62.80
N THR G 36 -36.71 48.50 -63.70
CA THR G 36 -37.41 47.26 -63.46
C THR G 36 -36.60 46.01 -63.82
N GLY G 37 -35.34 46.19 -64.18
CA GLY G 37 -34.52 45.05 -64.51
C GLY G 37 -34.17 44.85 -65.98
N HIS G 38 -34.64 45.75 -66.86
CA HIS G 38 -34.35 45.63 -68.28
C HIS G 38 -32.86 45.45 -68.55
N GLY G 39 -32.54 44.46 -69.37
CA GLY G 39 -31.15 44.23 -69.70
C GLY G 39 -30.31 43.51 -68.66
N ILE G 40 -30.89 43.19 -67.51
CA ILE G 40 -30.14 42.49 -66.47
C ILE G 40 -30.50 41.01 -66.44
N VAL G 41 -29.49 40.17 -66.24
CA VAL G 41 -29.69 38.72 -66.21
C VAL G 41 -29.34 38.15 -64.86
N VAL G 42 -30.28 37.42 -64.29
CA VAL G 42 -30.10 36.81 -62.98
C VAL G 42 -30.27 35.29 -63.08
N SER G 43 -29.41 34.57 -62.37
CA SER G 43 -29.50 33.11 -62.36
C SER G 43 -29.67 32.56 -60.95
N ILE G 44 -30.60 31.62 -60.82
CA ILE G 44 -30.85 30.99 -59.53
C ILE G 44 -30.11 29.64 -59.44
N LEU G 45 -29.14 29.53 -58.54
CA LEU G 45 -28.39 28.29 -58.36
C LEU G 45 -29.16 27.49 -57.31
N ASP G 46 -29.92 26.49 -57.74
CA ASP G 46 -30.73 25.72 -56.80
C ASP G 46 -31.06 24.32 -57.34
N ASP G 47 -32.30 23.89 -57.20
CA ASP G 47 -32.74 22.57 -57.66
C ASP G 47 -33.42 22.59 -59.02
N GLY G 48 -33.24 23.68 -59.77
CA GLY G 48 -33.86 23.78 -61.08
C GLY G 48 -34.91 24.87 -61.15
N ILE G 49 -35.39 25.14 -62.36
CA ILE G 49 -36.39 26.16 -62.57
C ILE G 49 -37.45 25.69 -63.55
N GLU G 50 -38.71 25.86 -63.17
CA GLU G 50 -39.82 25.48 -64.05
C GLU G 50 -39.91 26.58 -65.10
N LYS G 51 -39.06 26.47 -66.12
CA LYS G 51 -38.97 27.45 -67.18
C LYS G 51 -40.25 27.73 -67.96
N ASN G 52 -41.21 26.82 -67.87
CA ASN G 52 -42.48 26.91 -68.57
C ASN G 52 -43.57 27.44 -67.67
N HIS G 53 -43.20 27.92 -66.49
CA HIS G 53 -44.19 28.44 -65.57
C HIS G 53 -44.84 29.67 -66.19
N PRO G 54 -46.18 29.74 -66.13
CA PRO G 54 -46.89 30.89 -66.70
C PRO G 54 -46.41 32.26 -66.23
N ASP G 55 -45.76 32.34 -65.08
CA ASP G 55 -45.28 33.63 -64.60
C ASP G 55 -43.77 33.79 -64.69
N LEU G 56 -43.12 32.84 -65.37
CA LEU G 56 -41.67 32.86 -65.54
C LEU G 56 -41.26 32.77 -67.00
N ALA G 57 -42.04 32.04 -67.79
CA ALA G 57 -41.73 31.85 -69.18
C ALA G 57 -41.37 33.14 -69.92
N GLY G 58 -42.13 34.20 -69.68
CA GLY G 58 -41.86 35.47 -70.33
C GLY G 58 -40.48 36.04 -70.10
N ASN G 59 -39.89 35.77 -68.94
CA ASN G 59 -38.54 36.28 -68.65
C ASN G 59 -37.48 35.21 -68.65
N TYR G 60 -37.86 33.96 -68.92
CA TYR G 60 -36.90 32.87 -68.90
C TYR G 60 -35.76 33.07 -69.88
N ASP G 61 -34.55 32.77 -69.44
CA ASP G 61 -33.35 32.92 -70.27
C ASP G 61 -32.52 31.63 -70.29
N PRO G 62 -32.57 30.89 -71.41
CA PRO G 62 -31.80 29.64 -71.52
C PRO G 62 -30.32 29.87 -71.30
N GLY G 63 -29.87 31.08 -71.61
CA GLY G 63 -28.46 31.41 -71.47
C GLY G 63 -27.99 31.57 -70.04
N ALA G 64 -28.94 31.75 -69.13
CA ALA G 64 -28.62 31.90 -67.73
C ALA G 64 -28.98 30.61 -67.00
N SER G 65 -29.16 29.55 -67.77
CA SER G 65 -29.56 28.27 -67.22
C SER G 65 -28.70 27.08 -67.63
N PHE G 66 -28.75 26.04 -66.83
CA PHE G 66 -28.03 24.82 -67.11
C PHE G 66 -28.34 23.79 -66.04
N ASP G 67 -28.20 22.52 -66.39
CA ASP G 67 -28.44 21.45 -65.44
C ASP G 67 -27.10 20.77 -65.22
N VAL G 68 -26.42 21.18 -64.15
CA VAL G 68 -25.11 20.63 -63.81
C VAL G 68 -25.21 19.21 -63.25
N ASN G 69 -26.33 18.90 -62.61
CA ASN G 69 -26.54 17.56 -62.06
C ASN G 69 -26.62 16.51 -63.18
N ASP G 70 -27.23 16.87 -64.31
CA ASP G 70 -27.36 15.94 -65.42
C ASP G 70 -26.50 16.28 -66.62
N GLN G 71 -25.64 17.27 -66.47
CA GLN G 71 -24.77 17.71 -67.55
C GLN G 71 -25.60 17.87 -68.82
N ASP G 72 -26.61 18.75 -68.72
CA ASP G 72 -27.53 19.05 -69.81
C ASP G 72 -27.97 20.52 -69.70
N PRO G 73 -28.37 21.15 -70.82
CA PRO G 73 -28.80 22.56 -70.80
C PRO G 73 -30.15 22.83 -70.13
N ASP G 74 -31.01 21.82 -70.09
CA ASP G 74 -32.34 21.99 -69.52
C ASP G 74 -32.39 21.93 -68.00
N PRO G 75 -32.74 23.05 -67.35
CA PRO G 75 -32.82 23.15 -65.89
C PRO G 75 -34.17 22.75 -65.28
N GLN G 76 -35.02 22.08 -66.05
CA GLN G 76 -36.33 21.68 -65.53
C GLN G 76 -36.16 20.89 -64.24
N PRO G 77 -36.93 21.23 -63.20
CA PRO G 77 -36.80 20.48 -61.94
C PRO G 77 -37.41 19.09 -62.02
N ARG G 78 -36.93 18.20 -61.15
CA ARG G 78 -37.41 16.81 -61.11
C ARG G 78 -38.67 16.75 -60.26
N TYR G 79 -39.75 16.27 -60.85
CA TYR G 79 -41.01 16.19 -60.13
C TYR G 79 -41.16 14.98 -59.20
N THR G 80 -41.66 15.25 -57.99
CA THR G 80 -41.88 14.23 -56.96
C THR G 80 -43.19 14.53 -56.23
N GLN G 81 -43.80 13.50 -55.66
CA GLN G 81 -45.07 13.64 -54.94
C GLN G 81 -45.10 14.79 -53.93
N MET G 82 -44.01 15.01 -53.21
CA MET G 82 -43.95 16.06 -52.20
C MET G 82 -43.41 17.38 -52.76
N ASN G 83 -43.15 17.43 -54.07
CA ASN G 83 -42.62 18.63 -54.71
C ASN G 83 -41.37 19.11 -54.00
N ASP G 84 -40.48 18.18 -53.72
CA ASP G 84 -39.24 18.49 -53.03
C ASP G 84 -38.38 19.49 -53.79
N ASN G 85 -38.47 19.51 -55.11
CA ASN G 85 -37.63 20.41 -55.91
C ASN G 85 -38.31 21.67 -56.43
N ARG G 86 -39.07 22.32 -55.55
CA ARG G 86 -39.79 23.54 -55.88
C ARG G 86 -38.96 24.76 -55.45
N HIS G 87 -37.88 24.53 -54.73
CA HIS G 87 -37.05 25.60 -54.21
C HIS G 87 -36.57 26.61 -55.24
N GLY G 88 -35.98 26.14 -56.33
CA GLY G 88 -35.48 27.03 -57.35
C GLY G 88 -36.55 27.88 -58.00
N THR G 89 -37.68 27.28 -58.32
CA THR G 89 -38.78 27.98 -58.96
C THR G 89 -39.31 29.10 -58.06
N ARG G 90 -39.43 28.82 -56.77
CA ARG G 90 -39.92 29.83 -55.86
C ARG G 90 -38.97 31.03 -55.83
N CYS G 91 -37.68 30.77 -55.88
CA CYS G 91 -36.72 31.85 -55.84
C CYS G 91 -36.76 32.65 -57.13
N ALA G 92 -36.93 31.96 -58.25
CA ALA G 92 -36.97 32.62 -59.55
C ALA G 92 -38.08 33.66 -59.57
N GLY G 93 -39.27 33.25 -59.18
CA GLY G 93 -40.40 34.15 -59.17
C GLY G 93 -40.18 35.42 -58.38
N GLU G 94 -39.46 35.34 -57.27
CA GLU G 94 -39.22 36.50 -56.44
C GLU G 94 -38.34 37.53 -57.12
N VAL G 95 -37.45 37.06 -57.96
CA VAL G 95 -36.55 37.93 -58.68
C VAL G 95 -37.22 38.50 -59.93
N ALA G 96 -37.77 37.63 -60.76
CA ALA G 96 -38.35 38.09 -62.01
C ALA G 96 -39.67 37.51 -62.48
N ALA G 97 -40.63 37.33 -61.59
CA ALA G 97 -41.91 36.83 -62.06
C ALA G 97 -42.48 37.94 -62.98
N VAL G 98 -43.10 37.54 -64.08
CA VAL G 98 -43.66 38.47 -65.04
C VAL G 98 -44.77 39.35 -64.47
N ALA G 99 -44.76 40.62 -64.87
CA ALA G 99 -45.74 41.58 -64.37
C ALA G 99 -46.86 41.90 -65.35
N ASN G 100 -47.99 42.32 -64.79
CA ASN G 100 -49.16 42.69 -65.58
C ASN G 100 -49.60 41.63 -66.57
N ASN G 101 -49.55 40.38 -66.15
CA ASN G 101 -49.95 39.30 -67.03
C ASN G 101 -51.10 38.53 -66.40
N GLY G 102 -51.72 39.13 -65.41
CA GLY G 102 -52.85 38.49 -64.75
C GLY G 102 -52.55 37.18 -64.04
N VAL G 103 -51.27 36.95 -63.75
CA VAL G 103 -50.90 35.73 -63.05
C VAL G 103 -50.09 36.00 -61.80
N CYS G 104 -50.48 35.33 -60.72
CA CYS G 104 -49.80 35.43 -59.44
C CYS G 104 -49.40 36.88 -59.10
N GLY G 105 -48.13 37.09 -58.79
CA GLY G 105 -47.68 38.43 -58.45
C GLY G 105 -46.63 38.92 -59.41
N VAL G 106 -45.62 39.60 -58.89
CA VAL G 106 -44.52 40.11 -59.73
C VAL G 106 -43.20 39.99 -58.99
N GLY G 107 -42.10 39.98 -59.75
CA GLY G 107 -40.79 39.91 -59.11
C GLY G 107 -40.26 41.31 -58.90
N VAL G 108 -39.26 41.47 -58.05
CA VAL G 108 -38.69 42.79 -57.81
C VAL G 108 -38.22 43.39 -59.12
N ALA G 109 -37.53 42.59 -59.94
CA ALA G 109 -37.02 43.03 -61.23
C ALA G 109 -37.86 42.30 -62.28
N TYR G 110 -39.13 42.68 -62.39
CA TYR G 110 -40.02 42.00 -63.32
C TYR G 110 -39.73 42.12 -64.81
N ASN G 111 -38.70 42.89 -65.18
CA ASN G 111 -38.35 42.99 -66.58
C ASN G 111 -36.97 42.41 -66.84
N ALA G 112 -36.39 41.80 -65.81
CA ALA G 112 -35.08 41.17 -65.94
C ALA G 112 -35.26 39.78 -66.56
N ARG G 113 -34.16 39.21 -67.04
CA ARG G 113 -34.19 37.86 -67.59
C ARG G 113 -33.80 36.94 -66.43
N ILE G 114 -34.52 35.84 -66.28
CA ILE G 114 -34.24 34.92 -65.19
C ILE G 114 -33.87 33.52 -65.68
N GLY G 115 -32.82 32.97 -65.12
CA GLY G 115 -32.38 31.64 -65.49
C GLY G 115 -32.22 30.79 -64.25
N GLY G 116 -32.03 29.48 -64.45
CA GLY G 116 -31.85 28.59 -63.32
C GLY G 116 -30.79 27.53 -63.55
N VAL G 117 -30.04 27.21 -62.51
CA VAL G 117 -29.02 26.17 -62.62
C VAL G 117 -29.41 25.07 -61.66
N ARG G 118 -29.71 23.89 -62.22
CA ARG G 118 -30.08 22.73 -61.43
C ARG G 118 -28.77 22.10 -60.96
N MET G 119 -28.45 22.29 -59.69
CA MET G 119 -27.22 21.74 -59.14
C MET G 119 -27.31 21.17 -57.74
N LEU G 120 -28.49 21.21 -57.13
CA LEU G 120 -28.65 20.68 -55.79
C LEU G 120 -29.33 19.32 -55.75
N ASP G 121 -29.92 18.90 -56.86
CA ASP G 121 -30.62 17.63 -56.91
C ASP G 121 -29.70 16.47 -57.23
N GLY G 122 -28.74 16.23 -56.35
CA GLY G 122 -27.78 15.17 -56.54
C GLY G 122 -26.59 15.41 -55.64
N GLU G 123 -25.46 14.78 -55.94
CA GLU G 123 -24.29 14.99 -55.12
C GLU G 123 -23.72 16.38 -55.48
N VAL G 124 -23.66 17.27 -54.50
CA VAL G 124 -23.16 18.61 -54.73
C VAL G 124 -21.66 18.65 -54.50
N THR G 125 -20.92 18.23 -55.52
CA THR G 125 -19.48 18.19 -55.45
C THR G 125 -18.85 19.57 -55.63
N ASP G 126 -17.55 19.64 -55.38
CA ASP G 126 -16.81 20.87 -55.54
C ASP G 126 -16.93 21.31 -57.00
N ALA G 127 -16.76 20.36 -57.91
CA ALA G 127 -16.83 20.65 -59.34
C ALA G 127 -18.19 21.17 -59.73
N VAL G 128 -19.23 20.66 -59.08
CA VAL G 128 -20.58 21.10 -59.38
C VAL G 128 -20.77 22.56 -58.96
N GLU G 129 -20.31 22.91 -57.78
CA GLU G 129 -20.45 24.27 -57.31
C GLU G 129 -19.62 25.21 -58.18
N ALA G 130 -18.41 24.80 -58.53
CA ALA G 130 -17.53 25.62 -59.37
C ALA G 130 -18.12 25.87 -60.76
N ARG G 131 -18.80 24.88 -61.32
CA ARG G 131 -19.38 25.03 -62.64
C ARG G 131 -20.62 25.91 -62.56
N SER G 132 -21.32 25.84 -61.43
CA SER G 132 -22.51 26.64 -61.25
C SER G 132 -22.15 28.12 -61.02
N LEU G 133 -21.23 28.36 -60.09
CA LEU G 133 -20.82 29.73 -59.79
C LEU G 133 -20.14 30.38 -60.99
N GLY G 134 -19.50 29.58 -61.83
CA GLY G 134 -18.83 30.13 -62.99
C GLY G 134 -19.55 29.98 -64.32
N LEU G 135 -20.88 29.81 -64.28
CA LEU G 135 -21.67 29.65 -65.49
C LEU G 135 -21.91 30.99 -66.23
N ASN G 136 -21.46 31.10 -67.48
CA ASN G 136 -21.64 32.33 -68.27
C ASN G 136 -21.31 33.59 -67.52
N PRO G 137 -20.07 33.71 -67.04
CA PRO G 137 -19.64 34.91 -66.31
C PRO G 137 -19.94 36.22 -67.04
N ASN G 138 -19.97 36.19 -68.36
CA ASN G 138 -20.24 37.40 -69.14
C ASN G 138 -21.66 37.60 -69.64
N HIS G 139 -22.57 36.71 -69.27
CA HIS G 139 -23.96 36.87 -69.67
C HIS G 139 -24.81 37.07 -68.43
N ILE G 140 -24.51 36.33 -67.37
CA ILE G 140 -25.25 36.42 -66.12
C ILE G 140 -24.58 37.49 -65.27
N HIS G 141 -25.37 38.44 -64.76
CA HIS G 141 -24.81 39.51 -63.94
C HIS G 141 -24.86 39.17 -62.47
N ILE G 142 -25.95 38.54 -62.07
CA ILE G 142 -26.17 38.23 -60.68
C ILE G 142 -26.53 36.78 -60.44
N TYR G 143 -25.88 36.17 -59.46
CA TYR G 143 -26.17 34.80 -59.09
C TYR G 143 -26.84 34.81 -57.72
N SER G 144 -27.92 34.08 -57.57
CA SER G 144 -28.62 34.02 -56.31
C SER G 144 -28.59 32.59 -55.75
N ALA G 145 -27.96 32.42 -54.60
CA ALA G 145 -27.83 31.08 -54.01
C ALA G 145 -28.47 30.95 -52.64
N SER G 146 -29.57 30.20 -52.59
CA SER G 146 -30.27 29.99 -51.33
C SER G 146 -29.98 28.59 -50.80
N TRP G 147 -28.72 28.34 -50.45
CA TRP G 147 -28.31 27.05 -49.91
C TRP G 147 -26.96 27.18 -49.27
N GLY G 148 -26.54 26.14 -48.55
CA GLY G 148 -25.24 26.17 -47.90
C GLY G 148 -25.06 24.93 -47.05
N PRO G 149 -24.04 24.89 -46.18
CA PRO G 149 -23.79 23.73 -45.32
C PRO G 149 -24.97 23.53 -44.37
N GLU G 150 -25.07 22.33 -43.81
CA GLU G 150 -26.14 21.99 -42.88
C GLU G 150 -26.32 23.09 -41.82
N ASP G 151 -27.56 23.48 -41.55
CA ASP G 151 -27.84 24.49 -40.55
C ASP G 151 -28.24 23.83 -39.23
N ASP G 152 -27.46 22.86 -38.77
CA ASP G 152 -27.77 22.15 -37.54
C ASP G 152 -27.10 22.78 -36.32
N GLY G 153 -26.27 23.79 -36.57
CA GLY G 153 -25.58 24.46 -35.49
C GLY G 153 -24.43 23.66 -34.97
N LYS G 154 -23.98 22.71 -35.78
CA LYS G 154 -22.88 21.81 -35.41
C LYS G 154 -21.77 21.84 -36.42
N THR G 155 -22.06 22.30 -37.63
CA THR G 155 -21.07 22.26 -38.68
C THR G 155 -20.30 23.50 -39.09
N VAL G 156 -19.08 23.28 -39.54
CA VAL G 156 -18.23 24.36 -40.03
C VAL G 156 -17.78 23.87 -41.39
N ASP G 157 -18.25 24.51 -42.45
CA ASP G 157 -17.91 24.07 -43.79
C ASP G 157 -17.99 25.24 -44.75
N GLY G 158 -17.26 25.14 -45.85
CA GLY G 158 -17.25 26.22 -46.83
C GLY G 158 -16.85 25.71 -48.20
N PRO G 159 -16.68 26.59 -49.18
CA PRO G 159 -16.30 26.12 -50.52
C PRO G 159 -14.95 25.41 -50.52
N ALA G 160 -14.81 24.41 -51.38
CA ALA G 160 -13.55 23.68 -51.47
C ALA G 160 -12.66 24.36 -52.52
N ARG G 161 -11.62 23.68 -52.97
CA ARG G 161 -10.68 24.28 -53.93
C ARG G 161 -11.24 24.91 -55.20
N LEU G 162 -11.99 24.15 -56.00
CA LEU G 162 -12.52 24.67 -57.25
C LEU G 162 -13.58 25.75 -57.06
N ALA G 163 -14.42 25.60 -56.05
CA ALA G 163 -15.44 26.61 -55.79
C ALA G 163 -14.76 27.91 -55.34
N GLU G 164 -13.73 27.79 -54.50
CA GLU G 164 -13.04 28.98 -54.03
C GLU G 164 -12.45 29.69 -55.24
N GLU G 165 -11.90 28.92 -56.18
CA GLU G 165 -11.34 29.52 -57.39
C GLU G 165 -12.46 30.18 -58.18
N ALA G 166 -13.60 29.52 -58.29
CA ALA G 166 -14.73 30.05 -59.03
C ALA G 166 -15.15 31.41 -58.49
N PHE G 167 -15.25 31.52 -57.18
CA PHE G 167 -15.62 32.79 -56.55
C PHE G 167 -14.66 33.91 -56.92
N PHE G 168 -13.37 33.66 -56.79
CA PHE G 168 -12.43 34.72 -57.09
C PHE G 168 -12.37 35.00 -58.57
N ARG G 169 -12.47 33.96 -59.36
CA ARG G 169 -12.43 34.09 -60.80
C ARG G 169 -13.61 34.94 -61.26
N GLY G 170 -14.79 34.66 -60.72
CA GLY G 170 -15.98 35.39 -61.11
C GLY G 170 -15.96 36.84 -60.69
N VAL G 171 -15.38 37.08 -59.53
CA VAL G 171 -15.30 38.42 -58.97
C VAL G 171 -14.26 39.27 -59.72
N SER G 172 -13.29 38.60 -60.33
CA SER G 172 -12.22 39.28 -61.09
C SER G 172 -12.48 39.43 -62.57
N GLN G 173 -13.05 38.39 -63.19
CA GLN G 173 -13.29 38.38 -64.61
C GLN G 173 -14.74 38.45 -65.04
N GLY G 174 -15.66 38.12 -64.14
CA GLY G 174 -17.07 38.17 -64.52
C GLY G 174 -17.51 39.54 -64.98
N ARG G 175 -18.61 39.59 -65.70
CA ARG G 175 -19.13 40.86 -66.20
C ARG G 175 -18.03 41.70 -66.81
N GLY G 176 -17.25 41.08 -67.67
CA GLY G 176 -16.18 41.80 -68.31
C GLY G 176 -15.23 42.49 -67.38
N GLY G 177 -14.99 41.90 -66.22
CA GLY G 177 -14.05 42.50 -65.29
C GLY G 177 -14.65 43.29 -64.16
N LEU G 178 -15.96 43.53 -64.21
CA LEU G 178 -16.62 44.28 -63.15
C LEU G 178 -16.86 43.36 -61.95
N GLY G 179 -16.90 42.05 -62.23
CA GLY G 179 -17.09 41.07 -61.18
C GLY G 179 -18.51 40.53 -61.04
N SER G 180 -18.64 39.20 -60.98
CA SER G 180 -19.96 38.60 -60.82
C SER G 180 -20.47 39.01 -59.45
N ILE G 181 -21.79 39.10 -59.32
CA ILE G 181 -22.37 39.46 -58.05
C ILE G 181 -23.04 38.22 -57.48
N PHE G 182 -22.51 37.76 -56.35
CA PHE G 182 -23.05 36.57 -55.70
C PHE G 182 -23.88 36.94 -54.48
N VAL G 183 -25.18 36.70 -54.57
CA VAL G 183 -26.09 36.98 -53.46
C VAL G 183 -26.41 35.67 -52.73
N TRP G 184 -26.26 35.68 -51.40
CA TRP G 184 -26.46 34.47 -50.62
C TRP G 184 -27.44 34.60 -49.47
N ALA G 185 -28.15 33.51 -49.18
CA ALA G 185 -29.10 33.46 -48.07
C ALA G 185 -28.25 33.11 -46.86
N SER G 186 -28.36 33.90 -45.79
CA SER G 186 -27.51 33.67 -44.62
C SER G 186 -27.74 32.39 -43.79
N GLY G 187 -28.89 31.74 -43.93
CA GLY G 187 -29.08 30.50 -43.17
C GLY G 187 -30.34 30.42 -42.35
N ASN G 188 -30.85 29.20 -42.16
CA ASN G 188 -32.08 29.01 -41.40
C ASN G 188 -31.86 28.25 -40.09
N GLY G 189 -30.64 28.23 -39.58
CA GLY G 189 -30.38 27.48 -38.36
C GLY G 189 -30.59 28.23 -37.07
N GLY G 190 -31.40 29.28 -37.10
CA GLY G 190 -31.65 30.04 -35.89
C GLY G 190 -32.08 29.23 -34.69
N ARG G 191 -33.07 28.37 -34.86
CA ARG G 191 -33.57 27.55 -33.76
C ARG G 191 -32.45 26.69 -33.16
N GLU G 192 -31.42 26.40 -33.94
CA GLU G 192 -30.30 25.60 -33.44
C GLU G 192 -29.17 26.48 -32.96
N HIS G 193 -29.40 27.80 -32.92
CA HIS G 193 -28.38 28.75 -32.49
C HIS G 193 -27.18 28.73 -33.41
N ASP G 194 -27.41 28.44 -34.68
CA ASP G 194 -26.33 28.38 -35.64
C ASP G 194 -25.77 29.79 -35.88
N SER G 195 -24.52 29.84 -36.33
CA SER G 195 -23.86 31.11 -36.63
C SER G 195 -23.44 31.12 -38.09
N CYS G 196 -23.86 32.13 -38.85
CA CYS G 196 -23.48 32.15 -40.26
C CYS G 196 -22.00 32.39 -40.55
N ASN G 197 -21.20 32.62 -39.51
CA ASN G 197 -19.76 32.80 -39.73
C ASN G 197 -19.10 31.42 -39.86
N CYS G 198 -19.89 30.38 -39.61
CA CYS G 198 -19.42 28.99 -39.72
C CYS G 198 -19.84 28.42 -41.06
N ASP G 199 -20.31 29.31 -41.94
CA ASP G 199 -20.77 28.98 -43.29
C ASP G 199 -19.82 29.72 -44.24
N GLY G 200 -18.88 29.00 -44.83
CA GLY G 200 -17.93 29.62 -45.72
C GLY G 200 -18.49 30.33 -46.94
N TYR G 201 -19.74 30.05 -47.29
CA TYR G 201 -20.32 30.72 -48.46
C TYR G 201 -20.83 32.10 -48.07
N THR G 202 -21.58 32.17 -46.98
CA THR G 202 -22.09 33.45 -46.51
C THR G 202 -20.95 34.29 -45.91
N ASN G 203 -19.99 33.61 -45.29
CA ASN G 203 -18.87 34.27 -44.64
C ASN G 203 -17.83 34.79 -45.65
N SER G 204 -18.00 34.44 -46.92
CA SER G 204 -17.08 34.86 -47.96
C SER G 204 -17.21 36.34 -48.26
N ILE G 205 -16.11 36.99 -48.62
CA ILE G 205 -16.19 38.41 -48.93
C ILE G 205 -16.76 38.59 -50.34
N TYR G 206 -16.74 37.52 -51.13
CA TYR G 206 -17.23 37.57 -52.50
C TYR G 206 -18.74 37.51 -52.60
N THR G 207 -19.42 37.27 -51.49
CA THR G 207 -20.87 37.18 -51.53
C THR G 207 -21.54 38.23 -50.68
N LEU G 208 -22.75 38.62 -51.07
CA LEU G 208 -23.51 39.56 -50.25
C LEU G 208 -24.44 38.65 -49.47
N SER G 209 -24.13 38.42 -48.20
CA SER G 209 -24.95 37.56 -47.38
C SER G 209 -26.15 38.35 -46.89
N ILE G 210 -27.35 37.83 -47.14
CA ILE G 210 -28.59 38.49 -46.79
C ILE G 210 -29.41 37.76 -45.72
N SER G 211 -29.87 38.50 -44.70
CA SER G 211 -30.68 37.91 -43.64
C SER G 211 -32.13 38.30 -43.81
N SER G 212 -32.98 37.86 -42.89
CA SER G 212 -34.40 38.14 -42.97
C SER G 212 -34.96 38.93 -41.80
N ALA G 213 -36.15 39.46 -42.01
CA ALA G 213 -36.89 40.23 -41.01
C ALA G 213 -38.35 39.87 -41.21
N THR G 214 -39.09 39.73 -40.13
CA THR G 214 -40.51 39.38 -40.25
C THR G 214 -41.32 40.61 -40.61
N GLN G 215 -42.57 40.37 -41.00
CA GLN G 215 -43.46 41.46 -41.39
C GLN G 215 -43.55 42.58 -40.35
N PHE G 216 -43.47 42.22 -39.09
CA PHE G 216 -43.54 43.19 -38.00
C PHE G 216 -42.15 43.70 -37.60
N GLY G 217 -41.15 43.43 -38.42
CA GLY G 217 -39.80 43.89 -38.13
C GLY G 217 -39.06 43.20 -37.01
N ASN G 218 -39.33 41.92 -36.80
CA ASN G 218 -38.63 41.16 -35.76
C ASN G 218 -37.65 40.17 -36.35
N VAL G 219 -36.78 39.65 -35.51
CA VAL G 219 -35.81 38.67 -35.94
C VAL G 219 -36.58 37.37 -36.12
N PRO G 220 -36.57 36.81 -37.33
CA PRO G 220 -37.29 35.55 -37.57
C PRO G 220 -36.72 34.42 -36.69
N TRP G 221 -37.54 33.42 -36.41
CA TRP G 221 -37.10 32.32 -35.58
C TRP G 221 -35.98 31.49 -36.20
N TYR G 222 -35.89 31.50 -37.53
CA TYR G 222 -34.87 30.72 -38.23
C TYR G 222 -33.58 31.50 -38.47
N SER G 223 -33.60 32.78 -38.14
CA SER G 223 -32.46 33.65 -38.36
C SER G 223 -31.20 33.33 -37.58
N GLU G 224 -30.07 33.32 -38.29
CA GLU G 224 -28.76 33.07 -37.70
C GLU G 224 -28.06 34.43 -37.58
N ALA G 225 -27.42 34.69 -36.46
CA ALA G 225 -26.73 35.96 -36.28
C ALA G 225 -25.26 35.76 -36.58
N CYS G 226 -24.63 36.78 -37.15
CA CYS G 226 -23.19 36.74 -37.44
C CYS G 226 -22.74 38.10 -37.98
N SER G 227 -21.43 38.33 -37.94
CA SER G 227 -20.87 39.60 -38.37
C SER G 227 -20.59 39.70 -39.87
N SER G 228 -20.81 38.62 -40.59
CA SER G 228 -20.55 38.66 -42.03
C SER G 228 -21.78 39.07 -42.83
N THR G 229 -22.95 39.08 -42.21
CA THR G 229 -24.16 39.49 -42.93
C THR G 229 -24.01 40.95 -43.34
N LEU G 230 -24.52 41.29 -44.52
CA LEU G 230 -24.41 42.66 -45.02
C LEU G 230 -25.71 43.45 -44.91
N ALA G 231 -26.82 42.86 -45.34
CA ALA G 231 -28.12 43.51 -45.29
C ALA G 231 -29.28 42.53 -45.09
N THR G 232 -30.50 43.06 -45.06
CA THR G 232 -31.69 42.25 -44.83
C THR G 232 -32.84 42.57 -45.78
N THR G 233 -33.73 41.61 -45.97
CA THR G 233 -34.95 41.86 -46.74
C THR G 233 -36.01 41.11 -45.97
N TYR G 234 -37.27 41.46 -46.21
CA TYR G 234 -38.37 40.82 -45.51
C TYR G 234 -38.57 39.37 -45.94
N SER G 235 -39.18 38.60 -45.05
CA SER G 235 -39.49 37.21 -45.33
C SER G 235 -40.55 36.76 -44.32
N SER G 236 -40.72 35.44 -44.17
CA SER G 236 -41.71 34.90 -43.25
C SER G 236 -41.31 35.07 -41.78
N GLY G 237 -42.31 34.94 -40.90
CA GLY G 237 -42.08 35.09 -39.48
C GLY G 237 -42.93 34.11 -38.69
N ASN G 238 -43.62 34.58 -37.65
CA ASN G 238 -44.44 33.68 -36.86
C ASN G 238 -45.77 33.41 -37.57
N GLN G 239 -46.65 32.66 -36.92
CA GLN G 239 -47.96 32.29 -37.47
C GLN G 239 -48.89 33.44 -37.78
N ASN G 240 -48.64 34.60 -37.18
CA ASN G 240 -49.50 35.75 -37.42
C ASN G 240 -48.95 36.76 -38.43
N GLU G 241 -47.82 36.45 -39.06
CA GLU G 241 -47.23 37.36 -40.03
C GLU G 241 -47.31 36.78 -41.43
N LYS G 242 -47.51 37.65 -42.41
CA LYS G 242 -47.61 37.20 -43.78
C LYS G 242 -46.28 36.66 -44.31
N GLN G 243 -46.33 35.95 -45.43
CA GLN G 243 -45.13 35.36 -46.01
C GLN G 243 -44.91 35.85 -47.44
N ILE G 244 -43.96 35.25 -48.14
CA ILE G 244 -43.63 35.69 -49.50
C ILE G 244 -44.47 35.03 -50.59
N VAL G 245 -44.89 35.84 -51.56
CA VAL G 245 -45.71 35.37 -52.66
C VAL G 245 -44.84 35.13 -53.89
N THR G 246 -44.95 33.95 -54.49
CA THR G 246 -44.12 33.66 -55.65
C THR G 246 -44.62 32.46 -56.46
N THR G 247 -43.90 32.16 -57.53
CA THR G 247 -44.23 31.06 -58.42
C THR G 247 -43.84 29.73 -57.79
N ASP G 248 -44.74 28.75 -57.85
CA ASP G 248 -44.49 27.43 -57.27
C ASP G 248 -44.51 26.34 -58.34
N LEU G 249 -43.99 25.16 -58.00
CA LEU G 249 -43.95 24.06 -58.95
C LEU G 249 -45.35 23.72 -59.47
N ARG G 250 -45.38 23.09 -60.64
CA ARG G 250 -46.62 22.68 -61.28
C ARG G 250 -47.49 23.88 -61.65
N GLN G 251 -46.83 24.93 -62.10
CA GLN G 251 -47.48 26.14 -62.55
C GLN G 251 -48.42 26.79 -61.56
N LYS G 252 -48.16 26.59 -60.28
CA LYS G 252 -49.02 27.18 -59.26
C LYS G 252 -48.41 28.46 -58.70
N CYS G 253 -49.13 29.07 -57.77
CA CYS G 253 -48.72 30.30 -57.13
C CYS G 253 -48.83 30.06 -55.62
N THR G 254 -47.80 30.44 -54.89
CA THR G 254 -47.81 30.24 -53.44
C THR G 254 -47.69 31.56 -52.71
N GLU G 255 -48.25 31.60 -51.52
CA GLU G 255 -48.21 32.80 -50.69
C GLU G 255 -47.51 32.44 -49.40
N SER G 256 -46.89 31.28 -49.38
CA SER G 256 -46.22 30.85 -48.17
C SER G 256 -44.77 30.43 -48.34
N HIS G 257 -44.00 31.20 -49.10
CA HIS G 257 -42.59 30.90 -49.24
C HIS G 257 -41.96 31.46 -47.98
N THR G 258 -41.01 30.74 -47.40
CA THR G 258 -40.40 31.15 -46.14
C THR G 258 -38.89 31.07 -46.08
N GLY G 259 -38.33 31.49 -44.95
CA GLY G 259 -36.91 31.43 -44.71
C GLY G 259 -36.01 32.43 -45.41
N THR G 260 -34.71 32.34 -45.16
CA THR G 260 -33.79 33.25 -45.79
C THR G 260 -33.72 32.99 -47.28
N SER G 261 -34.27 31.87 -47.73
CA SER G 261 -34.25 31.54 -49.15
C SER G 261 -35.12 32.50 -49.94
N ALA G 262 -36.04 33.17 -49.25
CA ALA G 262 -36.92 34.12 -49.90
C ALA G 262 -36.23 35.48 -49.91
N SER G 263 -35.38 35.72 -48.93
CA SER G 263 -34.66 36.98 -48.80
C SER G 263 -33.57 37.19 -49.83
N ALA G 264 -32.79 36.15 -50.11
CA ALA G 264 -31.70 36.28 -51.06
C ALA G 264 -32.20 36.70 -52.46
N PRO G 265 -33.21 36.00 -53.00
CA PRO G 265 -33.68 36.40 -54.33
C PRO G 265 -34.28 37.81 -54.37
N LEU G 266 -34.93 38.21 -53.30
CA LEU G 266 -35.50 39.54 -53.24
C LEU G 266 -34.36 40.54 -53.31
N ALA G 267 -33.24 40.22 -52.66
CA ALA G 267 -32.08 41.09 -52.67
C ALA G 267 -31.50 41.10 -54.08
N ALA G 268 -31.47 39.94 -54.74
CA ALA G 268 -30.94 39.83 -56.09
C ALA G 268 -31.72 40.74 -57.02
N GLY G 269 -33.04 40.76 -56.83
CA GLY G 269 -33.89 41.59 -57.66
C GLY G 269 -33.55 43.05 -57.47
N ILE G 270 -33.43 43.46 -56.20
CA ILE G 270 -33.11 44.85 -55.89
C ILE G 270 -31.73 45.21 -56.46
N ILE G 271 -30.82 44.25 -56.47
CA ILE G 271 -29.50 44.49 -57.00
C ILE G 271 -29.58 44.55 -58.52
N ALA G 272 -30.57 43.89 -59.10
CA ALA G 272 -30.75 43.92 -60.54
C ALA G 272 -31.19 45.32 -60.93
N LEU G 273 -32.12 45.90 -60.16
CA LEU G 273 -32.59 47.26 -60.43
C LEU G 273 -31.42 48.25 -60.33
N THR G 274 -30.58 48.06 -59.31
CA THR G 274 -29.42 48.92 -59.11
C THR G 274 -28.46 48.85 -60.29
N LEU G 275 -28.29 47.64 -60.84
CA LEU G 275 -27.40 47.48 -62.00
C LEU G 275 -27.96 48.16 -63.23
N GLU G 276 -29.26 48.11 -63.41
CA GLU G 276 -29.85 48.78 -64.57
C GLU G 276 -29.53 50.27 -64.44
N ALA G 277 -29.65 50.80 -63.23
CA ALA G 277 -29.39 52.20 -62.99
C ALA G 277 -27.93 52.58 -63.24
N ASN G 278 -27.04 51.60 -63.18
CA ASN G 278 -25.62 51.85 -63.41
C ASN G 278 -24.91 50.55 -63.69
N LYS G 279 -24.86 50.18 -64.98
CA LYS G 279 -24.22 48.95 -65.42
C LYS G 279 -22.73 48.81 -65.14
N ASN G 280 -22.10 49.89 -64.72
CA ASN G 280 -20.66 49.85 -64.48
C ASN G 280 -20.19 49.63 -63.05
N LEU G 281 -21.13 49.34 -62.15
CA LEU G 281 -20.79 49.09 -60.76
C LEU G 281 -19.98 47.80 -60.64
N THR G 282 -18.91 47.82 -59.85
CA THR G 282 -18.12 46.60 -59.68
C THR G 282 -18.73 45.81 -58.54
N TRP G 283 -18.29 44.57 -58.36
CA TRP G 283 -18.82 43.74 -57.27
C TRP G 283 -18.61 44.42 -55.93
N ARG G 284 -17.56 45.22 -55.82
CA ARG G 284 -17.29 45.93 -54.57
C ARG G 284 -18.19 47.17 -54.47
N ASP G 285 -18.35 47.87 -55.60
CA ASP G 285 -19.21 49.05 -55.64
C ASP G 285 -20.57 48.66 -55.05
N MET G 286 -21.09 47.54 -55.52
CA MET G 286 -22.40 47.07 -55.08
C MET G 286 -22.49 46.89 -53.58
N GLN G 287 -21.44 46.35 -52.98
CA GLN G 287 -21.45 46.14 -51.53
C GLN G 287 -21.41 47.48 -50.82
N HIS G 288 -20.66 48.42 -51.38
CA HIS G 288 -20.59 49.76 -50.80
C HIS G 288 -22.01 50.39 -50.81
N LEU G 289 -22.73 50.25 -51.92
CA LEU G 289 -24.07 50.81 -52.01
C LEU G 289 -24.99 50.20 -50.97
N VAL G 290 -24.89 48.89 -50.76
CA VAL G 290 -25.74 48.23 -49.78
C VAL G 290 -25.45 48.76 -48.38
N VAL G 291 -24.17 48.94 -48.06
CA VAL G 291 -23.75 49.44 -46.77
C VAL G 291 -24.25 50.85 -46.51
N GLN G 292 -24.14 51.70 -47.51
CA GLN G 292 -24.56 53.10 -47.37
C GLN G 292 -26.05 53.37 -47.38
N THR G 293 -26.80 52.62 -48.16
CA THR G 293 -28.21 52.84 -48.25
C THR G 293 -29.07 52.03 -47.28
N SER G 294 -28.57 50.89 -46.82
CA SER G 294 -29.34 50.06 -45.90
C SER G 294 -29.68 50.80 -44.61
N LYS G 295 -30.92 50.64 -44.17
CA LYS G 295 -31.43 51.34 -43.00
C LYS G 295 -32.07 50.42 -41.95
N PRO G 296 -31.95 50.77 -40.66
CA PRO G 296 -32.55 49.92 -39.63
C PRO G 296 -34.04 49.69 -39.91
N ALA G 297 -34.69 50.68 -40.50
CA ALA G 297 -36.10 50.60 -40.87
C ALA G 297 -37.04 50.10 -39.79
N HIS G 298 -36.78 50.52 -38.56
CA HIS G 298 -37.65 50.09 -37.45
C HIS G 298 -37.48 48.60 -37.15
N LEU G 299 -36.45 47.99 -37.72
CA LEU G 299 -36.22 46.58 -37.46
C LEU G 299 -35.81 46.44 -35.99
N ASN G 300 -36.40 45.45 -35.34
CA ASN G 300 -36.14 45.18 -33.94
C ASN G 300 -35.01 44.19 -33.73
N ALA G 301 -34.09 44.54 -32.85
CA ALA G 301 -32.97 43.68 -32.50
C ALA G 301 -32.42 44.20 -31.19
N ASP G 302 -31.82 43.32 -30.39
CA ASP G 302 -31.27 43.76 -29.12
C ASP G 302 -29.78 44.09 -29.23
N ASP G 303 -29.25 44.11 -30.45
CA ASP G 303 -27.84 44.38 -30.61
C ASP G 303 -27.44 45.49 -31.58
N TRP G 304 -28.35 46.42 -31.86
CA TRP G 304 -28.01 47.51 -32.75
C TRP G 304 -26.88 48.30 -32.11
N ALA G 305 -25.77 48.45 -32.82
CA ALA G 305 -24.62 49.20 -32.32
C ALA G 305 -24.10 50.13 -33.42
N THR G 306 -23.59 51.28 -33.02
CA THR G 306 -23.06 52.24 -33.98
C THR G 306 -21.57 52.00 -34.16
N ASN G 307 -21.10 51.85 -35.39
CA ASN G 307 -19.67 51.62 -35.56
C ASN G 307 -18.90 52.93 -35.56
N GLY G 308 -17.62 52.85 -35.90
CA GLY G 308 -16.73 54.00 -35.90
C GLY G 308 -17.01 55.11 -36.90
N VAL G 309 -17.88 54.86 -37.87
CA VAL G 309 -18.21 55.89 -38.85
C VAL G 309 -19.66 56.33 -38.68
N GLY G 310 -20.25 56.00 -37.54
CA GLY G 310 -21.62 56.41 -37.26
C GLY G 310 -22.76 55.57 -37.81
N ARG G 311 -22.45 54.44 -38.44
CA ARG G 311 -23.53 53.62 -38.98
C ARG G 311 -23.99 52.57 -37.98
N LYS G 312 -25.29 52.29 -37.97
CA LYS G 312 -25.84 51.29 -37.07
C LYS G 312 -25.77 49.91 -37.71
N VAL G 313 -25.25 48.95 -36.96
CA VAL G 313 -25.10 47.61 -37.49
C VAL G 313 -25.61 46.58 -36.47
N SER G 314 -26.19 45.50 -36.97
CA SER G 314 -26.71 44.43 -36.13
C SER G 314 -26.28 43.08 -36.68
N HIS G 315 -25.99 42.14 -35.78
CA HIS G 315 -25.57 40.81 -36.19
C HIS G 315 -26.72 40.02 -36.80
N SER G 316 -27.93 40.50 -36.62
CA SER G 316 -29.10 39.84 -37.18
C SER G 316 -29.48 40.44 -38.53
N TYR G 317 -29.12 41.71 -38.74
CA TYR G 317 -29.53 42.40 -39.96
C TYR G 317 -28.42 43.06 -40.75
N GLY G 318 -27.18 42.95 -40.32
CA GLY G 318 -26.13 43.62 -41.05
C GLY G 318 -26.42 45.10 -40.93
N TYR G 319 -26.38 45.83 -42.03
CA TYR G 319 -26.63 47.27 -41.98
C TYR G 319 -28.11 47.65 -42.02
N GLY G 320 -28.98 46.66 -42.12
CA GLY G 320 -30.40 46.93 -42.15
C GLY G 320 -31.14 46.44 -43.37
N LEU G 321 -32.36 46.93 -43.51
CA LEU G 321 -33.23 46.58 -44.62
C LEU G 321 -32.76 47.24 -45.91
N LEU G 322 -32.79 46.49 -47.01
CA LEU G 322 -32.41 47.03 -48.30
C LEU G 322 -33.43 48.10 -48.70
N ASP G 323 -32.96 49.13 -49.39
CA ASP G 323 -33.81 50.21 -49.85
C ASP G 323 -33.64 50.37 -51.37
N ALA G 324 -34.54 49.77 -52.14
CA ALA G 324 -34.47 49.82 -53.59
C ALA G 324 -34.34 51.25 -54.09
N GLY G 325 -35.19 52.13 -53.57
CA GLY G 325 -35.15 53.51 -54.00
C GLY G 325 -33.81 54.17 -53.78
N ALA G 326 -33.29 54.05 -52.57
CA ALA G 326 -32.00 54.64 -52.24
C ALA G 326 -30.87 53.99 -53.04
N MET G 327 -30.92 52.67 -53.19
CA MET G 327 -29.91 51.93 -53.94
C MET G 327 -29.80 52.48 -55.36
N VAL G 328 -30.93 52.54 -56.04
CA VAL G 328 -30.98 53.05 -57.39
C VAL G 328 -30.52 54.50 -57.45
N ALA G 329 -30.95 55.30 -56.48
CA ALA G 329 -30.57 56.72 -56.45
C ALA G 329 -29.07 56.91 -56.31
N LEU G 330 -28.47 56.22 -55.34
CA LEU G 330 -27.02 56.34 -55.12
C LEU G 330 -26.21 55.75 -56.24
N ALA G 331 -26.77 54.76 -56.92
CA ALA G 331 -26.06 54.12 -58.01
C ALA G 331 -25.80 55.03 -59.18
N GLN G 332 -26.77 55.87 -59.53
CA GLN G 332 -26.65 56.72 -60.71
C GLN G 332 -25.45 57.61 -60.96
N ASN G 333 -24.88 58.22 -59.94
CA ASN G 333 -23.71 59.05 -60.21
C ASN G 333 -22.52 58.55 -59.38
N TRP G 334 -22.57 57.26 -59.03
CA TRP G 334 -21.55 56.64 -58.21
C TRP G 334 -20.19 56.54 -58.86
N THR G 335 -19.18 56.98 -58.12
CA THR G 335 -17.84 56.91 -58.64
C THR G 335 -17.24 55.58 -58.18
N THR G 336 -16.85 54.75 -59.14
CA THR G 336 -16.30 53.45 -58.81
C THR G 336 -15.16 53.58 -57.80
N VAL G 337 -15.18 52.72 -56.78
CA VAL G 337 -14.17 52.76 -55.72
C VAL G 337 -12.73 52.48 -56.16
N ALA G 338 -11.79 52.97 -55.36
CA ALA G 338 -10.38 52.82 -55.66
C ALA G 338 -9.96 51.36 -55.60
N PRO G 339 -8.81 51.02 -56.20
CA PRO G 339 -8.38 49.62 -56.17
C PRO G 339 -8.32 49.02 -54.78
N GLN G 340 -8.67 47.74 -54.68
CA GLN G 340 -8.71 47.01 -53.42
C GLN G 340 -7.32 46.65 -52.90
N ARG G 341 -7.05 47.03 -51.66
CA ARG G 341 -5.76 46.70 -51.07
C ARG G 341 -6.04 45.53 -50.12
N LYS G 342 -5.01 44.74 -49.87
CA LYS G 342 -5.13 43.59 -48.99
C LYS G 342 -3.96 43.61 -48.03
N CYS G 343 -4.22 43.90 -46.77
CA CYS G 343 -3.13 43.94 -45.80
C CYS G 343 -3.20 42.73 -44.86
N ILE G 344 -2.16 41.90 -44.93
CA ILE G 344 -2.07 40.70 -44.11
C ILE G 344 -1.17 40.97 -42.91
N VAL G 345 -1.69 40.73 -41.70
CA VAL G 345 -0.86 40.94 -40.53
C VAL G 345 -0.96 39.79 -39.54
N GLU G 346 0.19 39.18 -39.25
CA GLU G 346 0.30 38.07 -38.33
C GLU G 346 0.27 38.61 -36.91
N ILE G 347 -0.78 38.28 -36.16
CA ILE G 347 -0.93 38.78 -34.81
C ILE G 347 -0.14 37.99 -33.79
N LEU G 348 -0.22 36.67 -33.87
CA LEU G 348 0.55 35.85 -32.96
C LEU G 348 1.11 34.60 -33.60
N VAL G 349 2.40 34.37 -33.38
CA VAL G 349 3.07 33.17 -33.88
C VAL G 349 3.09 32.16 -32.74
N GLU G 350 3.52 32.62 -31.56
CA GLU G 350 3.60 31.78 -30.35
C GLU G 350 2.20 31.45 -29.80
N PRO G 351 1.87 30.15 -29.71
CA PRO G 351 0.58 29.64 -29.22
C PRO G 351 0.13 30.22 -27.89
N LYS G 352 -1.17 30.43 -27.75
CA LYS G 352 -1.74 30.99 -26.54
C LYS G 352 -2.80 30.07 -25.94
N ASP G 353 -2.75 29.88 -24.64
CA ASP G 353 -3.71 29.03 -23.95
C ASP G 353 -5.02 29.77 -23.83
N ILE G 354 -6.11 29.11 -24.20
CA ILE G 354 -7.41 29.75 -24.12
C ILE G 354 -7.97 29.68 -22.72
N GLY G 355 -8.02 28.46 -22.18
CA GLY G 355 -8.53 28.29 -20.83
C GLY G 355 -9.95 28.81 -20.70
N LYS G 356 -10.18 29.64 -19.68
CA LYS G 356 -11.50 30.21 -19.43
C LYS G 356 -11.74 31.45 -20.28
N ARG G 357 -10.70 32.24 -20.46
CA ARG G 357 -10.80 33.46 -21.24
C ARG G 357 -9.42 33.86 -21.75
N LEU G 358 -9.38 34.37 -22.97
CA LEU G 358 -8.12 34.81 -23.59
C LEU G 358 -8.35 36.13 -24.31
N GLU G 359 -7.41 37.06 -24.16
CA GLU G 359 -7.50 38.35 -24.83
C GLU G 359 -6.18 38.61 -25.54
N VAL G 360 -6.23 38.90 -26.83
CA VAL G 360 -5.03 39.19 -27.60
C VAL G 360 -5.14 40.62 -28.11
N ARG G 361 -4.20 41.47 -27.73
CA ARG G 361 -4.21 42.86 -28.16
C ARG G 361 -2.99 43.08 -29.04
N LYS G 362 -3.15 43.81 -30.14
CA LYS G 362 -2.05 44.07 -31.04
C LYS G 362 -2.18 45.42 -31.72
N ALA G 363 -1.10 46.19 -31.72
CA ALA G 363 -1.11 47.49 -32.38
C ALA G 363 -0.90 47.20 -33.87
N VAL G 364 -1.79 47.72 -34.71
CA VAL G 364 -1.69 47.50 -36.15
C VAL G 364 -1.51 48.80 -36.93
N THR G 365 -0.56 48.81 -37.85
CA THR G 365 -0.33 50.02 -38.65
C THR G 365 -1.03 49.90 -40.00
N ALA G 366 -1.64 48.74 -40.26
CA ALA G 366 -2.36 48.51 -41.50
C ALA G 366 -1.50 48.76 -42.73
N CYS G 367 -0.32 48.14 -42.73
CA CYS G 367 0.61 48.24 -43.84
C CYS G 367 1.04 49.66 -44.19
N LEU G 368 1.22 50.49 -43.17
CA LEU G 368 1.65 51.86 -43.36
C LEU G 368 2.99 51.86 -44.07
N GLY G 369 3.12 52.69 -45.10
CA GLY G 369 4.38 52.76 -45.84
C GLY G 369 4.52 51.71 -46.91
N GLU G 370 3.50 50.86 -47.07
CA GLU G 370 3.54 49.81 -48.09
C GLU G 370 2.40 50.04 -49.08
N PRO G 371 2.46 49.40 -50.25
CA PRO G 371 1.43 49.56 -51.27
C PRO G 371 0.03 49.16 -50.82
N ASN G 372 -0.07 48.26 -49.85
CA ASN G 372 -1.37 47.82 -49.38
C ASN G 372 -1.86 48.57 -48.15
N HIS G 373 -1.28 49.74 -47.90
CA HIS G 373 -1.68 50.57 -46.77
C HIS G 373 -3.18 50.84 -46.91
N ILE G 374 -3.93 50.63 -45.83
CA ILE G 374 -5.37 50.86 -45.84
C ILE G 374 -5.80 51.91 -44.83
N THR G 375 -6.69 52.80 -45.24
CA THR G 375 -7.18 53.84 -44.34
C THR G 375 -8.69 53.77 -44.24
N ARG G 376 -9.30 53.02 -45.16
CA ARG G 376 -10.73 52.88 -45.19
C ARG G 376 -11.03 51.39 -45.40
N LEU G 377 -11.51 50.74 -44.36
CA LEU G 377 -11.81 49.31 -44.40
C LEU G 377 -13.01 48.89 -45.22
N GLU G 378 -12.96 47.64 -45.64
CA GLU G 378 -14.05 46.99 -46.34
C GLU G 378 -14.20 45.71 -45.52
N HIS G 379 -13.91 44.55 -46.08
CA HIS G 379 -14.04 43.32 -45.29
C HIS G 379 -12.87 43.12 -44.35
N VAL G 380 -13.13 42.47 -43.22
CA VAL G 380 -12.09 42.15 -42.25
C VAL G 380 -12.20 40.67 -41.90
N GLN G 381 -11.09 39.94 -42.04
CA GLN G 381 -11.04 38.52 -41.70
C GLN G 381 -10.16 38.30 -40.50
N ALA G 382 -10.63 37.52 -39.55
CA ALA G 382 -9.82 37.17 -38.38
C ALA G 382 -9.63 35.68 -38.61
N ARG G 383 -8.47 35.31 -39.13
CA ARG G 383 -8.15 33.92 -39.43
C ARG G 383 -7.62 33.22 -38.20
N LEU G 384 -8.40 32.30 -37.66
CA LEU G 384 -8.00 31.59 -36.45
C LEU G 384 -7.75 30.11 -36.65
N THR G 385 -6.75 29.62 -35.94
CA THR G 385 -6.44 28.20 -35.92
C THR G 385 -6.32 27.93 -34.43
N LEU G 386 -7.23 27.11 -33.91
CA LEU G 386 -7.22 26.81 -32.49
C LEU G 386 -7.75 25.41 -32.25
N SER G 387 -7.44 24.88 -31.08
CA SER G 387 -7.90 23.56 -30.70
C SER G 387 -8.68 23.77 -29.40
N TYR G 388 -9.80 23.10 -29.26
CA TYR G 388 -10.62 23.22 -28.07
C TYR G 388 -11.37 21.91 -27.95
N ASN G 389 -11.79 21.55 -26.73
CA ASN G 389 -12.48 20.29 -26.54
C ASN G 389 -13.98 20.33 -26.87
N ARG G 390 -14.62 21.48 -26.66
CA ARG G 390 -16.07 21.61 -26.91
C ARG G 390 -16.26 22.96 -27.64
N ARG G 391 -16.13 22.92 -28.97
CA ARG G 391 -16.21 24.11 -29.80
C ARG G 391 -17.40 25.01 -29.56
N GLY G 392 -18.58 24.43 -29.44
CA GLY G 392 -19.78 25.23 -29.23
C GLY G 392 -19.79 26.08 -27.97
N ASP G 393 -18.86 25.83 -27.06
CA ASP G 393 -18.82 26.60 -25.83
C ASP G 393 -18.07 27.92 -25.99
N LEU G 394 -17.36 28.04 -27.12
CA LEU G 394 -16.59 29.24 -27.40
C LEU G 394 -17.41 30.40 -27.92
N ALA G 395 -16.97 31.62 -27.59
CA ALA G 395 -17.58 32.86 -28.05
C ALA G 395 -16.37 33.69 -28.42
N ILE G 396 -16.32 34.17 -29.66
CA ILE G 396 -15.17 34.95 -30.11
C ILE G 396 -15.59 36.33 -30.59
N HIS G 397 -14.87 37.36 -30.15
CA HIS G 397 -15.16 38.74 -30.53
C HIS G 397 -13.91 39.45 -31.01
N LEU G 398 -14.08 40.36 -31.94
CA LEU G 398 -12.99 41.15 -32.50
C LEU G 398 -13.38 42.61 -32.31
N ILE G 399 -12.48 43.41 -31.75
CA ILE G 399 -12.77 44.81 -31.52
C ILE G 399 -11.82 45.68 -32.33
N SER G 400 -12.37 46.53 -33.18
CA SER G 400 -11.55 47.41 -34.03
C SER G 400 -11.02 48.58 -33.22
N PRO G 401 -9.92 49.20 -33.70
CA PRO G 401 -9.35 50.34 -32.98
C PRO G 401 -10.39 51.42 -32.68
N MET G 402 -11.37 51.59 -33.57
CA MET G 402 -12.42 52.58 -33.33
C MET G 402 -13.53 52.07 -32.44
N GLY G 403 -13.26 50.96 -31.74
CA GLY G 403 -14.21 50.40 -30.80
C GLY G 403 -15.38 49.55 -31.27
N THR G 404 -15.42 49.18 -32.54
CA THR G 404 -16.53 48.36 -33.00
C THR G 404 -16.28 46.92 -32.63
N ARG G 405 -17.17 46.38 -31.80
CA ARG G 405 -17.06 45.01 -31.33
C ARG G 405 -17.88 44.06 -32.18
N SER G 406 -17.19 43.22 -32.96
CA SER G 406 -17.87 42.26 -33.82
C SER G 406 -17.84 40.88 -33.19
N THR G 407 -18.98 40.21 -33.16
CA THR G 407 -19.05 38.87 -32.62
C THR G 407 -18.74 37.90 -33.74
N LEU G 408 -17.49 37.42 -33.79
CA LEU G 408 -17.08 36.50 -34.82
C LEU G 408 -17.73 35.13 -34.63
N LEU G 409 -18.00 34.75 -33.38
CA LEU G 409 -18.62 33.46 -33.10
C LEU G 409 -19.33 33.49 -31.73
N ALA G 410 -20.62 33.18 -31.74
CA ALA G 410 -21.40 33.13 -30.52
C ALA G 410 -21.52 31.66 -30.16
N ALA G 411 -21.87 31.36 -28.91
CA ALA G 411 -21.99 29.98 -28.49
C ALA G 411 -23.00 29.20 -29.31
N ARG G 412 -22.66 27.95 -29.62
CA ARG G 412 -23.54 27.04 -30.37
C ARG G 412 -23.69 25.81 -29.49
N PRO G 413 -24.73 25.78 -28.68
CA PRO G 413 -25.00 24.67 -27.77
C PRO G 413 -25.00 23.25 -28.36
N HIS G 414 -25.24 23.12 -29.65
CA HIS G 414 -25.27 21.80 -30.27
C HIS G 414 -23.94 21.39 -30.87
N ASP G 415 -22.96 22.27 -30.82
CA ASP G 415 -21.65 21.97 -31.39
C ASP G 415 -20.73 21.35 -30.33
N TYR G 416 -20.53 20.04 -30.39
CA TYR G 416 -19.68 19.34 -29.43
C TYR G 416 -18.34 18.95 -30.02
N SER G 417 -18.09 19.37 -31.27
CA SER G 417 -16.84 19.03 -31.95
C SER G 417 -15.60 19.35 -31.13
N ALA G 418 -14.58 18.52 -31.32
CA ALA G 418 -13.30 18.68 -30.63
C ALA G 418 -12.27 19.02 -31.68
N ASP G 419 -12.77 19.30 -32.88
CA ASP G 419 -11.96 19.65 -34.05
C ASP G 419 -11.37 21.06 -34.08
N GLY G 420 -11.97 21.98 -33.33
CA GLY G 420 -11.49 23.34 -33.33
C GLY G 420 -11.66 24.01 -34.70
N PHE G 421 -10.76 24.93 -35.03
CA PHE G 421 -10.80 25.64 -36.29
C PHE G 421 -9.42 25.59 -36.93
N ASN G 422 -9.38 25.42 -38.25
CA ASN G 422 -8.12 25.36 -38.96
C ASN G 422 -8.08 26.47 -40.01
N ASP G 423 -7.40 27.57 -39.68
CA ASP G 423 -7.30 28.72 -40.56
C ASP G 423 -8.68 29.14 -41.05
N TRP G 424 -9.64 29.18 -40.14
CA TRP G 424 -10.99 29.61 -40.49
C TRP G 424 -11.02 31.14 -40.47
N ALA G 425 -11.46 31.72 -41.58
CA ALA G 425 -11.51 33.16 -41.72
C ALA G 425 -12.82 33.81 -41.27
N PHE G 426 -13.01 34.00 -39.97
CA PHE G 426 -14.23 34.64 -39.51
C PHE G 426 -14.20 36.03 -40.16
N MET G 427 -15.32 36.45 -40.77
CA MET G 427 -15.34 37.74 -41.44
C MET G 427 -16.37 38.70 -40.86
N THR G 428 -15.98 39.97 -40.76
CA THR G 428 -16.90 40.99 -40.26
C THR G 428 -17.03 42.17 -41.23
N THR G 429 -18.27 42.64 -41.40
CA THR G 429 -18.53 43.76 -42.30
C THR G 429 -18.84 44.99 -41.44
N HIS G 430 -18.86 44.81 -40.12
CA HIS G 430 -19.18 45.89 -39.20
C HIS G 430 -18.22 47.04 -39.08
N SER G 431 -16.99 46.89 -39.57
CA SER G 431 -16.03 47.99 -39.48
C SER G 431 -15.81 48.64 -40.83
N TRP G 432 -16.75 48.41 -41.74
CA TRP G 432 -16.68 48.97 -43.08
C TRP G 432 -16.46 50.48 -43.00
N ASP G 433 -15.48 50.97 -43.77
CA ASP G 433 -15.15 52.39 -43.81
C ASP G 433 -14.35 52.95 -42.63
N GLU G 434 -14.11 52.13 -41.61
CA GLU G 434 -13.33 52.60 -40.47
C GLU G 434 -11.85 52.60 -40.81
N ASP G 435 -11.08 53.36 -40.04
CA ASP G 435 -9.64 53.40 -40.23
C ASP G 435 -9.12 52.25 -39.37
N PRO G 436 -8.40 51.29 -39.98
CA PRO G 436 -7.86 50.13 -39.27
C PRO G 436 -6.63 50.37 -38.40
N ALA G 437 -6.00 51.53 -38.53
CA ALA G 437 -4.80 51.82 -37.74
C ALA G 437 -5.14 51.91 -36.27
N GLY G 438 -4.37 51.22 -35.45
CA GLY G 438 -4.62 51.27 -34.03
C GLY G 438 -4.53 49.90 -33.40
N GLU G 439 -5.07 49.77 -32.19
CA GLU G 439 -5.02 48.51 -31.47
C GLU G 439 -6.24 47.65 -31.67
N TRP G 440 -6.04 46.44 -32.19
CA TRP G 440 -7.12 45.49 -32.37
C TRP G 440 -7.11 44.51 -31.21
N VAL G 441 -8.28 44.02 -30.85
CA VAL G 441 -8.40 43.10 -29.73
C VAL G 441 -9.24 41.88 -30.07
N LEU G 442 -8.68 40.70 -29.81
CA LEU G 442 -9.39 39.44 -30.05
C LEU G 442 -9.77 38.87 -28.70
N GLU G 443 -11.04 38.48 -28.56
CA GLU G 443 -11.51 37.91 -27.32
C GLU G 443 -12.06 36.51 -27.55
N ILE G 444 -11.56 35.55 -26.77
CA ILE G 444 -12.04 34.18 -26.87
C ILE G 444 -12.41 33.77 -25.45
N GLU G 445 -13.63 33.30 -25.26
CA GLU G 445 -14.07 32.92 -23.93
C GLU G 445 -14.91 31.67 -23.90
N ASN G 446 -14.79 30.93 -22.80
CA ASN G 446 -15.57 29.72 -22.59
C ASN G 446 -16.86 30.20 -21.92
N THR G 447 -17.96 30.13 -22.65
CA THR G 447 -19.24 30.59 -22.13
C THR G 447 -19.89 29.59 -21.19
N SER G 448 -19.26 28.43 -21.06
CA SER G 448 -19.78 27.36 -20.23
C SER G 448 -19.11 27.29 -18.85
N GLU G 449 -19.75 26.60 -17.92
CA GLU G 449 -19.18 26.47 -16.58
C GLU G 449 -18.24 25.26 -16.61
N ALA G 450 -18.36 24.49 -17.69
CA ALA G 450 -17.59 23.28 -17.92
C ALA G 450 -16.09 23.48 -17.97
N ASN G 451 -15.37 22.45 -17.54
CA ASN G 451 -13.91 22.47 -17.54
C ASN G 451 -13.39 22.13 -18.93
N ASN G 452 -13.38 23.13 -19.81
CA ASN G 452 -12.88 22.93 -21.17
C ASN G 452 -11.43 23.38 -21.20
N TYR G 453 -10.81 23.26 -22.36
CA TYR G 453 -9.41 23.59 -22.52
C TYR G 453 -9.03 23.62 -24.00
N GLY G 454 -7.99 24.37 -24.35
CA GLY G 454 -7.58 24.47 -25.73
C GLY G 454 -6.50 25.51 -25.96
N THR G 455 -6.03 25.60 -27.19
CA THR G 455 -4.97 26.54 -27.52
C THR G 455 -5.18 27.29 -28.84
N LEU G 456 -4.90 28.59 -28.83
CA LEU G 456 -5.01 29.41 -30.04
C LEU G 456 -3.59 29.36 -30.58
N THR G 457 -3.41 28.76 -31.76
CA THR G 457 -2.08 28.64 -32.34
C THR G 457 -1.75 29.64 -33.44
N LYS G 458 -2.77 30.26 -34.02
CA LYS G 458 -2.55 31.24 -35.06
C LYS G 458 -3.70 32.23 -35.18
N PHE G 459 -3.34 33.49 -35.39
CA PHE G 459 -4.31 34.56 -35.55
C PHE G 459 -3.76 35.53 -36.57
N THR G 460 -4.30 35.47 -37.77
CA THR G 460 -3.88 36.36 -38.85
C THR G 460 -5.03 37.30 -39.16
N LEU G 461 -4.75 38.59 -39.10
CA LEU G 461 -5.77 39.59 -39.39
C LEU G 461 -5.56 39.99 -40.84
N VAL G 462 -6.59 39.84 -41.66
CA VAL G 462 -6.49 40.24 -43.05
C VAL G 462 -7.45 41.39 -43.26
N LEU G 463 -6.89 42.54 -43.66
CA LEU G 463 -7.70 43.74 -43.87
C LEU G 463 -7.83 44.04 -45.35
N TYR G 464 -9.06 44.27 -45.78
CA TYR G 464 -9.32 44.63 -47.17
C TYR G 464 -9.81 46.06 -47.13
N GLY G 465 -9.45 46.86 -48.13
CA GLY G 465 -9.91 48.22 -48.14
C GLY G 465 -9.21 49.09 -49.15
N THR G 466 -9.33 50.40 -48.97
CA THR G 466 -8.68 51.35 -49.87
C THR G 466 -7.92 52.44 -49.12
N ALA G 467 -7.14 53.19 -49.90
CA ALA G 467 -6.36 54.32 -49.41
C ALA G 467 -6.76 55.46 -50.34
N PRO G 468 -6.83 56.70 -49.81
CA PRO G 468 -7.20 57.88 -50.60
C PRO G 468 -6.41 58.06 -51.91
N TYR H 3 -50.29 -26.28 -5.13
CA TYR H 3 -49.44 -25.06 -5.10
C TYR H 3 -50.29 -23.83 -4.76
N GLN H 4 -49.81 -22.98 -3.86
CA GLN H 4 -50.55 -21.78 -3.45
C GLN H 4 -50.01 -20.50 -4.09
N GLU H 5 -50.79 -19.89 -4.98
CA GLU H 5 -50.35 -18.67 -5.63
C GLU H 5 -50.25 -17.51 -4.63
N PRO H 6 -49.33 -16.56 -4.86
CA PRO H 6 -49.11 -15.39 -4.00
C PRO H 6 -50.36 -14.73 -3.44
N THR H 7 -50.28 -14.28 -2.20
CA THR H 7 -51.41 -13.65 -1.53
C THR H 7 -51.22 -12.14 -1.45
N ASP H 8 -50.11 -11.65 -2.01
CA ASP H 8 -49.81 -10.23 -2.00
C ASP H 8 -50.98 -9.40 -2.55
N PRO H 9 -51.28 -8.27 -1.91
CA PRO H 9 -52.37 -7.38 -2.30
C PRO H 9 -52.46 -6.99 -3.77
N LYS H 10 -51.32 -6.77 -4.42
CA LYS H 10 -51.34 -6.35 -5.83
C LYS H 10 -51.13 -7.46 -6.84
N PHE H 11 -50.94 -8.69 -6.37
CA PHE H 11 -50.73 -9.80 -7.29
C PHE H 11 -51.85 -9.89 -8.32
N PRO H 12 -53.11 -9.68 -7.88
CA PRO H 12 -54.19 -9.77 -8.86
C PRO H 12 -54.01 -8.77 -9.99
N GLN H 13 -53.42 -7.63 -9.68
CA GLN H 13 -53.20 -6.59 -10.68
C GLN H 13 -52.04 -6.90 -11.62
N GLN H 14 -51.24 -7.92 -11.29
CA GLN H 14 -50.11 -8.30 -12.12
C GLN H 14 -50.59 -9.23 -13.21
N TRP H 15 -51.46 -8.68 -14.06
CA TRP H 15 -52.07 -9.39 -15.17
C TRP H 15 -51.12 -10.17 -16.06
N TYR H 16 -49.87 -9.72 -16.14
CA TYR H 16 -48.87 -10.37 -16.97
C TYR H 16 -48.26 -11.65 -16.39
N LEU H 17 -48.44 -11.87 -15.08
CA LEU H 17 -47.89 -13.06 -14.48
C LEU H 17 -48.90 -14.22 -14.53
N SER H 18 -50.09 -13.97 -14.00
CA SER H 18 -51.15 -14.97 -14.01
C SER H 18 -52.41 -14.21 -14.42
N GLY H 19 -53.03 -14.62 -15.53
CA GLY H 19 -54.21 -13.91 -15.99
C GLY H 19 -55.48 -14.71 -16.20
N VAL H 20 -55.36 -16.02 -16.35
CA VAL H 20 -56.54 -16.85 -16.58
C VAL H 20 -57.13 -16.50 -17.94
N THR H 21 -56.26 -16.18 -18.90
CA THR H 21 -56.67 -15.86 -20.28
C THR H 21 -55.60 -16.42 -21.21
N GLN H 22 -54.55 -16.99 -20.62
CA GLN H 22 -53.44 -17.58 -21.35
C GLN H 22 -52.67 -16.49 -22.10
N ARG H 23 -53.09 -15.25 -21.85
CA ARG H 23 -52.47 -14.08 -22.46
C ARG H 23 -51.49 -13.44 -21.46
N ASP H 24 -50.59 -14.25 -20.91
CA ASP H 24 -49.61 -13.77 -19.95
C ASP H 24 -48.27 -14.49 -20.16
N LEU H 25 -47.31 -14.28 -19.24
CA LEU H 25 -45.98 -14.89 -19.36
C LEU H 25 -45.90 -16.34 -18.87
N ASN H 26 -47.03 -16.87 -18.40
CA ASN H 26 -47.09 -18.26 -17.95
C ASN H 26 -46.08 -18.63 -16.84
N VAL H 27 -45.94 -17.78 -15.82
CA VAL H 27 -45.00 -18.06 -14.74
C VAL H 27 -45.59 -18.98 -13.67
N LYS H 28 -46.89 -18.87 -13.43
CA LYS H 28 -47.52 -19.72 -12.43
C LYS H 28 -47.19 -21.20 -12.69
N GLU H 29 -47.14 -21.57 -13.96
CA GLU H 29 -46.84 -22.94 -14.33
C GLU H 29 -45.44 -23.35 -13.83
N ALA H 30 -44.52 -22.39 -13.86
CA ALA H 30 -43.16 -22.63 -13.42
C ALA H 30 -43.08 -22.69 -11.89
N TRP H 31 -43.82 -21.80 -11.24
CA TRP H 31 -43.83 -21.77 -9.79
C TRP H 31 -44.37 -23.10 -9.25
N ALA H 32 -45.45 -23.57 -9.86
CA ALA H 32 -46.08 -24.80 -9.45
C ALA H 32 -45.09 -25.96 -9.49
N GLN H 33 -44.21 -25.96 -10.49
CA GLN H 33 -43.21 -27.01 -10.62
C GLN H 33 -42.09 -26.86 -9.59
N GLY H 34 -42.22 -25.85 -8.72
CA GLY H 34 -41.22 -25.62 -7.70
C GLY H 34 -40.08 -24.67 -8.07
N PHE H 35 -40.24 -23.91 -9.15
CA PHE H 35 -39.19 -22.99 -9.56
C PHE H 35 -39.59 -21.54 -9.31
N THR H 36 -38.90 -20.91 -8.36
CA THR H 36 -39.20 -19.54 -7.99
C THR H 36 -37.95 -18.67 -7.84
N GLY H 37 -36.80 -19.23 -8.23
CA GLY H 37 -35.57 -18.46 -8.14
C GLY H 37 -34.60 -18.81 -7.03
N HIS H 38 -34.92 -19.80 -6.20
CA HIS H 38 -34.03 -20.20 -5.11
C HIS H 38 -32.61 -20.43 -5.59
N GLY H 39 -31.65 -19.85 -4.88
CA GLY H 39 -30.26 -20.04 -5.26
C GLY H 39 -29.75 -19.23 -6.43
N ILE H 40 -30.62 -18.43 -7.05
CA ILE H 40 -30.21 -17.62 -8.19
C ILE H 40 -30.01 -16.16 -7.79
N VAL H 41 -28.96 -15.55 -8.30
CA VAL H 41 -28.66 -14.17 -7.98
C VAL H 41 -28.77 -13.27 -9.21
N VAL H 42 -29.54 -12.20 -9.08
CA VAL H 42 -29.74 -11.26 -10.18
C VAL H 42 -29.34 -9.85 -9.75
N SER H 43 -28.67 -9.13 -10.65
CA SER H 43 -28.25 -7.77 -10.35
C SER H 43 -28.82 -6.78 -11.36
N ILE H 44 -29.34 -5.66 -10.85
CA ILE H 44 -29.90 -4.63 -11.72
C ILE H 44 -28.86 -3.53 -11.92
N LEU H 45 -28.40 -3.34 -13.14
CA LEU H 45 -27.43 -2.29 -13.43
C LEU H 45 -28.25 -1.06 -13.80
N ASP H 46 -28.34 -0.10 -12.87
CA ASP H 46 -29.14 1.08 -13.11
C ASP H 46 -28.71 2.26 -12.23
N ASP H 47 -29.69 2.98 -11.67
CA ASP H 47 -29.39 4.14 -10.84
C ASP H 47 -29.42 3.83 -9.35
N GLY H 48 -29.34 2.54 -9.01
CA GLY H 48 -29.35 2.17 -7.61
C GLY H 48 -30.57 1.37 -7.22
N ILE H 49 -30.55 0.81 -6.02
CA ILE H 49 -31.65 0.01 -5.52
C ILE H 49 -31.97 0.35 -4.06
N GLU H 50 -33.25 0.59 -3.78
CA GLU H 50 -33.67 0.91 -2.42
C GLU H 50 -33.66 -0.41 -1.68
N LYS H 51 -32.49 -0.81 -1.19
CA LYS H 51 -32.30 -2.07 -0.50
C LYS H 51 -33.16 -2.31 0.74
N ASN H 52 -33.65 -1.24 1.35
CA ASN H 52 -34.48 -1.40 2.53
C ASN H 52 -35.97 -1.29 2.20
N HIS H 53 -36.30 -1.48 0.93
CA HIS H 53 -37.70 -1.41 0.53
C HIS H 53 -38.42 -2.59 1.15
N PRO H 54 -39.59 -2.36 1.76
CA PRO H 54 -40.34 -3.45 2.38
C PRO H 54 -40.59 -4.67 1.50
N ASP H 55 -40.54 -4.49 0.19
CA ASP H 55 -40.79 -5.65 -0.68
C ASP H 55 -39.51 -6.15 -1.37
N LEU H 56 -38.37 -5.60 -0.97
CA LEU H 56 -37.08 -6.00 -1.54
C LEU H 56 -36.11 -6.47 -0.47
N ALA H 57 -36.17 -5.86 0.71
CA ALA H 57 -35.26 -6.20 1.79
C ALA H 57 -35.06 -7.70 1.99
N GLY H 58 -36.17 -8.43 1.95
CA GLY H 58 -36.12 -9.87 2.14
C GLY H 58 -35.21 -10.61 1.18
N ASN H 59 -35.12 -10.13 -0.05
CA ASN H 59 -34.27 -10.78 -1.05
C ASN H 59 -33.01 -10.00 -1.38
N TYR H 60 -32.83 -8.85 -0.74
CA TYR H 60 -31.65 -8.04 -1.03
C TYR H 60 -30.33 -8.79 -0.81
N ASP H 61 -29.40 -8.61 -1.74
CA ASP H 61 -28.11 -9.28 -1.63
C ASP H 61 -26.97 -8.27 -1.83
N PRO H 62 -26.26 -7.94 -0.74
CA PRO H 62 -25.15 -6.99 -0.80
C PRO H 62 -24.08 -7.44 -1.77
N GLY H 63 -23.97 -8.76 -1.93
CA GLY H 63 -22.98 -9.33 -2.82
C GLY H 63 -23.25 -9.11 -4.30
N ALA H 64 -24.49 -8.78 -4.63
CA ALA H 64 -24.86 -8.52 -6.01
C ALA H 64 -25.05 -7.02 -6.20
N SER H 65 -24.51 -6.24 -5.26
CA SER H 65 -24.65 -4.80 -5.30
C SER H 65 -23.36 -4.02 -5.14
N PHE H 66 -23.41 -2.79 -5.62
CA PHE H 66 -22.27 -1.89 -5.52
C PHE H 66 -22.63 -0.55 -6.11
N ASP H 67 -21.92 0.47 -5.67
CA ASP H 67 -22.14 1.82 -6.17
C ASP H 67 -20.88 2.21 -6.90
N VAL H 68 -20.87 2.04 -8.21
CA VAL H 68 -19.72 2.38 -9.02
C VAL H 68 -19.57 3.89 -9.20
N ASN H 69 -20.70 4.61 -9.16
CA ASN H 69 -20.69 6.06 -9.31
C ASN H 69 -19.94 6.71 -8.15
N ASP H 70 -20.10 6.14 -6.96
CA ASP H 70 -19.43 6.68 -5.76
C ASP H 70 -18.31 5.79 -5.24
N GLN H 71 -17.96 4.77 -6.00
CA GLN H 71 -16.92 3.84 -5.57
C GLN H 71 -17.15 3.44 -4.10
N ASP H 72 -18.31 2.87 -3.84
CA ASP H 72 -18.70 2.43 -2.50
C ASP H 72 -19.63 1.21 -2.63
N PRO H 73 -19.70 0.36 -1.60
CA PRO H 73 -20.55 -0.83 -1.63
C PRO H 73 -22.07 -0.60 -1.55
N ASP H 74 -22.48 0.52 -0.98
CA ASP H 74 -23.91 0.81 -0.83
C ASP H 74 -24.57 1.37 -2.10
N PRO H 75 -25.53 0.62 -2.67
CA PRO H 75 -26.27 0.98 -3.89
C PRO H 75 -27.51 1.84 -3.68
N GLN H 76 -27.67 2.40 -2.49
CA GLN H 76 -28.84 3.23 -2.22
C GLN H 76 -28.97 4.33 -3.27
N PRO H 77 -30.17 4.53 -3.83
CA PRO H 77 -30.34 5.58 -4.85
C PRO H 77 -30.30 6.97 -4.22
N ARG H 78 -29.98 7.97 -5.03
CA ARG H 78 -29.93 9.36 -4.57
C ARG H 78 -31.35 9.92 -4.65
N TYR H 79 -31.91 10.26 -3.49
CA TYR H 79 -33.28 10.77 -3.48
C TYR H 79 -33.38 12.22 -3.92
N THR H 80 -34.41 12.51 -4.71
CA THR H 80 -34.67 13.84 -5.23
C THR H 80 -36.16 14.12 -5.06
N GLN H 81 -36.54 15.39 -5.12
CA GLN H 81 -37.95 15.75 -4.95
C GLN H 81 -38.83 15.09 -6.02
N MET H 82 -38.22 14.73 -7.14
CA MET H 82 -38.97 14.11 -8.24
C MET H 82 -38.84 12.59 -8.27
N ASN H 83 -37.83 12.05 -7.61
CA ASN H 83 -37.58 10.61 -7.58
C ASN H 83 -36.99 10.16 -8.92
N ASP H 84 -36.18 11.04 -9.51
CA ASP H 84 -35.53 10.75 -10.76
C ASP H 84 -34.81 9.39 -10.77
N ASN H 85 -34.33 8.97 -9.60
CA ASN H 85 -33.59 7.72 -9.50
C ASN H 85 -34.35 6.53 -8.95
N ARG H 86 -35.57 6.36 -9.45
CA ARG H 86 -36.45 5.28 -9.04
C ARG H 86 -36.35 4.12 -10.02
N HIS H 87 -35.66 4.34 -11.14
CA HIS H 87 -35.54 3.33 -12.19
C HIS H 87 -35.04 1.97 -11.71
N GLY H 88 -33.90 1.95 -11.02
CA GLY H 88 -33.35 0.69 -10.54
C GLY H 88 -34.28 -0.09 -9.61
N THR H 89 -34.87 0.62 -8.66
CA THR H 89 -35.78 -0.01 -7.71
C THR H 89 -36.98 -0.66 -8.40
N ARG H 90 -37.55 0.04 -9.38
CA ARG H 90 -38.70 -0.50 -10.09
C ARG H 90 -38.32 -1.79 -10.80
N CYS H 91 -37.13 -1.83 -11.37
CA CYS H 91 -36.69 -3.03 -12.07
C CYS H 91 -36.43 -4.17 -11.09
N ALA H 92 -35.87 -3.84 -9.94
CA ALA H 92 -35.56 -4.84 -8.93
C ALA H 92 -36.83 -5.59 -8.55
N GLY H 93 -37.87 -4.83 -8.22
CA GLY H 93 -39.13 -5.45 -7.82
C GLY H 93 -39.70 -6.42 -8.82
N GLU H 94 -39.55 -6.13 -10.11
CA GLU H 94 -40.08 -6.99 -11.16
C GLU H 94 -39.40 -8.34 -11.17
N VAL H 95 -38.12 -8.34 -10.82
CA VAL H 95 -37.35 -9.57 -10.79
C VAL H 95 -37.60 -10.38 -9.52
N ALA H 96 -37.43 -9.74 -8.37
CA ALA H 96 -37.59 -10.48 -7.12
C ALA H 96 -38.27 -9.78 -5.95
N ALA H 97 -39.40 -9.14 -6.18
CA ALA H 97 -40.11 -8.51 -5.08
C ALA H 97 -40.56 -9.69 -4.22
N VAL H 98 -40.49 -9.52 -2.89
CA VAL H 98 -40.87 -10.58 -1.96
C VAL H 98 -42.33 -11.00 -2.10
N ALA H 99 -42.57 -12.30 -1.97
CA ALA H 99 -43.92 -12.85 -2.06
C ALA H 99 -44.56 -13.19 -0.72
N ASN H 100 -45.89 -13.19 -0.70
CA ASN H 100 -46.66 -13.52 0.48
C ASN H 100 -46.26 -12.76 1.72
N ASN H 101 -45.98 -11.47 1.56
CA ASN H 101 -45.58 -10.67 2.71
C ASN H 101 -46.54 -9.52 2.89
N GLY H 102 -47.70 -9.63 2.23
CA GLY H 102 -48.72 -8.60 2.35
C GLY H 102 -48.33 -7.24 1.82
N VAL H 103 -47.28 -7.20 1.01
CA VAL H 103 -46.85 -5.94 0.44
C VAL H 103 -46.81 -5.96 -1.08
N CYS H 104 -47.38 -4.91 -1.69
CA CYS H 104 -47.38 -4.73 -3.13
C CYS H 104 -47.68 -6.04 -3.87
N GLY H 105 -46.81 -6.42 -4.81
CA GLY H 105 -47.02 -7.64 -5.57
C GLY H 105 -45.87 -8.63 -5.36
N VAL H 106 -45.46 -9.29 -6.43
CA VAL H 106 -44.37 -10.25 -6.35
C VAL H 106 -43.53 -10.20 -7.61
N GLY H 107 -42.29 -10.65 -7.51
CA GLY H 107 -41.43 -10.66 -8.69
C GLY H 107 -41.54 -12.00 -9.39
N VAL H 108 -41.08 -12.07 -10.62
CA VAL H 108 -41.14 -13.34 -11.35
C VAL H 108 -40.40 -14.42 -10.56
N ALA H 109 -39.22 -14.09 -10.07
CA ALA H 109 -38.41 -15.02 -9.29
C ALA H 109 -38.41 -14.49 -7.86
N TYR H 110 -39.55 -14.59 -7.20
CA TYR H 110 -39.68 -14.06 -5.84
C TYR H 110 -38.85 -14.73 -4.76
N ASN H 111 -38.10 -15.76 -5.11
CA ASN H 111 -37.24 -16.41 -4.12
C ASN H 111 -35.77 -16.24 -4.48
N ALA H 112 -35.51 -15.46 -5.51
CA ALA H 112 -34.14 -15.20 -5.95
C ALA H 112 -33.57 -14.08 -5.10
N ARG H 113 -32.26 -13.91 -5.15
CA ARG H 113 -31.63 -12.83 -4.41
C ARG H 113 -31.45 -11.69 -5.41
N ILE H 114 -31.75 -10.48 -4.99
CA ILE H 114 -31.65 -9.34 -5.87
C ILE H 114 -30.69 -8.27 -5.38
N GLY H 115 -29.83 -7.80 -6.28
CA GLY H 115 -28.89 -6.76 -5.94
C GLY H 115 -29.00 -5.60 -6.92
N GLY H 116 -28.29 -4.52 -6.66
CA GLY H 116 -28.33 -3.39 -7.56
C GLY H 116 -26.98 -2.71 -7.71
N VAL H 117 -26.69 -2.26 -8.92
CA VAL H 117 -25.44 -1.55 -9.13
C VAL H 117 -25.77 -0.11 -9.55
N ARG H 118 -25.41 0.83 -8.71
CA ARG H 118 -25.66 2.24 -8.99
C ARG H 118 -24.55 2.70 -9.94
N MET H 119 -24.87 2.88 -11.22
CA MET H 119 -23.86 3.32 -12.18
C MET H 119 -24.34 4.30 -13.25
N LEU H 120 -25.60 4.69 -13.20
CA LEU H 120 -26.13 5.64 -14.17
C LEU H 120 -26.24 7.03 -13.62
N ASP H 121 -26.15 7.16 -12.29
CA ASP H 121 -26.29 8.47 -11.67
C ASP H 121 -24.95 9.22 -11.63
N GLY H 122 -24.45 9.53 -12.83
CA GLY H 122 -23.19 10.24 -12.94
C GLY H 122 -22.70 10.09 -14.34
N GLU H 123 -21.41 10.35 -14.56
CA GLU H 123 -20.84 10.20 -15.91
C GLU H 123 -20.68 8.69 -16.15
N VAL H 124 -21.37 8.17 -17.15
CA VAL H 124 -21.28 6.75 -17.42
C VAL H 124 -20.13 6.48 -18.37
N THR H 125 -18.94 6.36 -17.80
CA THR H 125 -17.74 6.11 -18.58
C THR H 125 -17.59 4.64 -18.95
N ASP H 126 -16.65 4.38 -19.85
CA ASP H 126 -16.37 3.04 -20.31
C ASP H 126 -16.00 2.21 -19.08
N ALA H 127 -15.12 2.75 -18.24
CA ALA H 127 -14.68 2.06 -17.03
C ALA H 127 -15.84 1.72 -16.10
N VAL H 128 -16.81 2.62 -16.01
CA VAL H 128 -17.97 2.37 -15.16
C VAL H 128 -18.81 1.22 -15.69
N GLU H 129 -19.04 1.17 -17.00
CA GLU H 129 -19.83 0.09 -17.56
C GLU H 129 -19.08 -1.23 -17.40
N ALA H 130 -17.77 -1.21 -17.66
CA ALA H 130 -16.96 -2.40 -17.53
C ALA H 130 -16.98 -2.97 -16.11
N ARG H 131 -16.94 -2.09 -15.11
CA ARG H 131 -16.93 -2.53 -13.73
C ARG H 131 -18.28 -3.06 -13.33
N SER H 132 -19.33 -2.47 -13.89
CA SER H 132 -20.68 -2.91 -13.58
C SER H 132 -20.97 -4.27 -14.23
N LEU H 133 -20.69 -4.37 -15.54
CA LEU H 133 -20.91 -5.61 -16.27
C LEU H 133 -20.08 -6.76 -15.70
N GLY H 134 -18.92 -6.44 -15.14
CA GLY H 134 -18.05 -7.46 -14.59
C GLY H 134 -18.03 -7.59 -13.08
N LEU H 135 -19.09 -7.12 -12.41
CA LEU H 135 -19.16 -7.20 -10.95
C LEU H 135 -19.53 -8.62 -10.48
N ASN H 136 -18.66 -9.22 -9.67
CA ASN H 136 -18.90 -10.57 -9.14
C ASN H 136 -19.35 -11.60 -10.14
N PRO H 137 -18.57 -11.80 -11.19
CA PRO H 137 -18.92 -12.77 -12.22
C PRO H 137 -19.31 -14.15 -11.68
N ASN H 138 -18.78 -14.53 -10.52
CA ASN H 138 -19.09 -15.84 -9.96
C ASN H 138 -20.11 -15.88 -8.85
N HIS H 139 -20.72 -14.73 -8.56
CA HIS H 139 -21.76 -14.70 -7.55
C HIS H 139 -23.08 -14.31 -8.22
N ILE H 140 -23.02 -13.36 -9.14
CA ILE H 140 -24.21 -12.91 -9.86
C ILE H 140 -24.37 -13.78 -11.10
N HIS H 141 -25.55 -14.34 -11.30
CA HIS H 141 -25.79 -15.20 -12.47
C HIS H 141 -26.34 -14.40 -13.64
N ILE H 142 -27.24 -13.48 -13.33
CA ILE H 142 -27.90 -12.67 -14.35
C ILE H 142 -27.81 -11.17 -14.09
N TYR H 143 -27.47 -10.44 -15.15
CA TYR H 143 -27.39 -8.98 -15.07
C TYR H 143 -28.54 -8.42 -15.92
N SER H 144 -29.29 -7.47 -15.38
CA SER H 144 -30.39 -6.88 -16.10
C SER H 144 -30.12 -5.40 -16.32
N ALA H 145 -30.01 -4.99 -17.58
CA ALA H 145 -29.70 -3.61 -17.90
C ALA H 145 -30.79 -2.92 -18.75
N SER H 146 -31.50 -1.99 -18.13
CA SER H 146 -32.55 -1.24 -18.80
C SER H 146 -32.05 0.18 -19.13
N TRP H 147 -31.07 0.25 -20.01
CA TRP H 147 -30.50 1.52 -20.42
C TRP H 147 -29.68 1.33 -21.68
N GLY H 148 -29.27 2.42 -22.30
CA GLY H 148 -28.48 2.35 -23.52
C GLY H 148 -28.28 3.72 -24.12
N PRO H 149 -27.74 3.81 -25.35
CA PRO H 149 -27.53 5.11 -25.98
C PRO H 149 -28.86 5.82 -26.16
N GLU H 150 -28.80 7.13 -26.34
CA GLU H 150 -30.00 7.92 -26.52
C GLU H 150 -30.94 7.33 -27.58
N ASP H 151 -32.23 7.30 -27.27
CA ASP H 151 -33.21 6.75 -28.19
C ASP H 151 -33.90 7.86 -28.97
N ASP H 152 -33.11 8.75 -29.57
CA ASP H 152 -33.66 9.86 -30.34
C ASP H 152 -33.80 9.50 -31.82
N GLY H 153 -33.36 8.30 -32.18
CA GLY H 153 -33.46 7.86 -33.56
C GLY H 153 -32.43 8.53 -34.44
N LYS H 154 -31.38 9.08 -33.81
CA LYS H 154 -30.33 9.78 -34.54
C LYS H 154 -28.97 9.24 -34.18
N THR H 155 -28.87 8.46 -33.12
CA THR H 155 -27.56 7.98 -32.71
C THR H 155 -27.16 6.53 -32.96
N VAL H 156 -25.87 6.33 -33.19
CA VAL H 156 -25.30 5.01 -33.40
C VAL H 156 -24.19 4.94 -32.37
N ASP H 157 -24.37 4.11 -31.36
CA ASP H 157 -23.37 4.01 -30.33
C ASP H 157 -23.40 2.63 -29.66
N GLY H 158 -22.30 2.24 -29.07
CA GLY H 158 -22.25 0.94 -28.42
C GLY H 158 -21.16 0.91 -27.37
N PRO H 159 -20.91 -0.26 -26.77
CA PRO H 159 -19.86 -0.34 -25.74
C PRO H 159 -18.48 0.04 -26.28
N ALA H 160 -17.68 0.66 -25.43
CA ALA H 160 -16.33 1.05 -25.80
C ALA H 160 -15.36 -0.10 -25.51
N ARG H 161 -14.07 0.17 -25.51
CA ARG H 161 -13.10 -0.90 -25.34
C ARG H 161 -13.17 -1.75 -24.09
N LEU H 162 -13.24 -1.13 -22.91
CA LEU H 162 -13.30 -1.92 -21.68
C LEU H 162 -14.63 -2.64 -21.50
N ALA H 163 -15.71 -2.01 -21.91
CA ALA H 163 -17.02 -2.63 -21.80
C ALA H 163 -17.11 -3.83 -22.75
N GLU H 164 -16.55 -3.68 -23.94
CA GLU H 164 -16.56 -4.78 -24.89
C GLU H 164 -15.80 -5.95 -24.28
N GLU H 165 -14.67 -5.67 -23.64
CA GLU H 165 -13.88 -6.71 -22.99
C GLU H 165 -14.72 -7.34 -21.88
N ALA H 166 -15.40 -6.52 -21.10
CA ALA H 166 -16.22 -7.01 -19.99
C ALA H 166 -17.25 -8.01 -20.49
N PHE H 167 -17.92 -7.67 -21.59
CA PHE H 167 -18.94 -8.53 -22.15
C PHE H 167 -18.37 -9.89 -22.53
N PHE H 168 -17.25 -9.89 -23.24
CA PHE H 168 -16.64 -11.14 -23.67
C PHE H 168 -16.07 -11.91 -22.47
N ARG H 169 -15.46 -11.19 -21.55
CA ARG H 169 -14.89 -11.80 -20.37
C ARG H 169 -15.99 -12.47 -19.54
N GLY H 170 -17.11 -11.77 -19.36
CA GLY H 170 -18.18 -12.31 -18.56
C GLY H 170 -18.85 -13.54 -19.16
N VAL H 171 -18.93 -13.53 -20.49
CA VAL H 171 -19.55 -14.61 -21.22
C VAL H 171 -18.65 -15.83 -21.25
N SER H 172 -17.34 -15.61 -21.12
CA SER H 172 -16.35 -16.69 -21.12
C SER H 172 -16.01 -17.26 -19.75
N GLN H 173 -15.86 -16.37 -18.78
CA GLN H 173 -15.46 -16.75 -17.44
C GLN H 173 -16.51 -16.65 -16.36
N GLY H 174 -17.57 -15.88 -16.61
CA GLY H 174 -18.60 -15.72 -15.60
C GLY H 174 -19.25 -17.04 -15.23
N ARG H 175 -19.90 -17.10 -14.06
CA ARG H 175 -20.55 -18.32 -13.60
C ARG H 175 -19.65 -19.52 -13.80
N GLY H 176 -18.41 -19.40 -13.33
CA GLY H 176 -17.47 -20.49 -13.45
C GLY H 176 -17.29 -21.02 -14.84
N GLY H 177 -17.39 -20.17 -15.86
CA GLY H 177 -17.18 -20.64 -17.22
C GLY H 177 -18.43 -20.90 -18.02
N LEU H 178 -19.58 -20.86 -17.36
CA LEU H 178 -20.85 -21.08 -18.04
C LEU H 178 -21.28 -19.80 -18.77
N GLY H 179 -20.74 -18.68 -18.31
CA GLY H 179 -21.03 -17.38 -18.91
C GLY H 179 -22.09 -16.54 -18.21
N SER H 180 -21.79 -15.26 -17.99
CA SER H 180 -22.74 -14.36 -17.35
C SER H 180 -23.89 -14.21 -18.32
N ILE H 181 -25.08 -13.96 -17.80
CA ILE H 181 -26.22 -13.78 -18.67
C ILE H 181 -26.63 -12.32 -18.61
N PHE H 182 -26.50 -11.65 -19.74
CA PHE H 182 -26.82 -10.22 -19.84
C PHE H 182 -28.15 -10.00 -20.55
N VAL H 183 -29.14 -9.53 -19.79
CA VAL H 183 -30.47 -9.25 -20.32
C VAL H 183 -30.57 -7.75 -20.54
N TRP H 184 -31.00 -7.36 -21.74
CA TRP H 184 -31.10 -5.93 -22.09
C TRP H 184 -32.47 -5.49 -22.60
N ALA H 185 -32.82 -4.25 -22.28
CA ALA H 185 -34.07 -3.65 -22.73
C ALA H 185 -33.77 -3.11 -24.14
N SER H 186 -34.57 -3.50 -25.13
CA SER H 186 -34.31 -3.09 -26.51
C SER H 186 -34.40 -1.59 -26.85
N GLY H 187 -35.09 -0.80 -26.03
CA GLY H 187 -35.15 0.61 -26.35
C GLY H 187 -36.54 1.21 -26.41
N ASN H 188 -36.63 2.51 -26.11
CA ASN H 188 -37.92 3.20 -26.13
C ASN H 188 -38.05 4.25 -27.23
N GLY H 189 -37.20 4.19 -28.25
CA GLY H 189 -37.28 5.19 -29.30
C GLY H 189 -38.28 4.97 -30.42
N GLY H 190 -39.31 4.16 -30.17
CA GLY H 190 -40.30 3.88 -31.20
C GLY H 190 -40.88 5.12 -31.87
N ARG H 191 -41.34 6.06 -31.06
CA ARG H 191 -41.93 7.28 -31.58
C ARG H 191 -40.96 8.02 -32.51
N GLU H 192 -39.66 7.83 -32.32
CA GLU H 192 -38.67 8.49 -33.16
C GLU H 192 -38.23 7.57 -34.30
N HIS H 193 -38.88 6.42 -34.42
CA HIS H 193 -38.54 5.43 -35.44
C HIS H 193 -37.12 4.93 -35.30
N ASP H 194 -36.67 4.83 -34.05
CA ASP H 194 -35.33 4.36 -33.77
C ASP H 194 -35.21 2.87 -34.09
N SER H 195 -34.00 2.41 -34.35
CA SER H 195 -33.75 1.02 -34.65
C SER H 195 -32.77 0.48 -33.62
N CYS H 196 -33.14 -0.61 -32.94
CA CYS H 196 -32.24 -1.16 -31.93
C CYS H 196 -30.95 -1.77 -32.48
N ASN H 197 -30.80 -1.80 -33.80
CA ASN H 197 -29.58 -2.34 -34.38
C ASN H 197 -28.51 -1.26 -34.35
N CYS H 198 -28.91 -0.05 -33.97
CA CYS H 198 -27.99 1.08 -33.88
C CYS H 198 -27.58 1.26 -32.42
N ASP H 199 -27.94 0.28 -31.60
CA ASP H 199 -27.62 0.27 -30.17
C ASP H 199 -26.69 -0.93 -29.97
N GLY H 200 -25.40 -0.65 -29.79
CA GLY H 200 -24.42 -1.71 -29.61
C GLY H 200 -24.60 -2.64 -28.42
N TYR H 201 -25.42 -2.25 -27.45
CA TYR H 201 -25.64 -3.10 -26.29
C TYR H 201 -26.70 -4.14 -26.62
N THR H 202 -27.82 -3.70 -27.20
CA THR H 202 -28.87 -4.62 -27.57
C THR H 202 -28.46 -5.45 -28.78
N ASN H 203 -27.67 -4.84 -29.65
CA ASN H 203 -27.20 -5.48 -30.90
C ASN H 203 -26.08 -6.48 -30.65
N SER H 204 -25.56 -6.51 -29.41
CA SER H 204 -24.49 -7.43 -29.06
C SER H 204 -24.99 -8.88 -29.01
N ILE H 205 -24.13 -9.84 -29.37
CA ILE H 205 -24.55 -11.23 -29.32
C ILE H 205 -24.49 -11.72 -27.86
N TYR H 206 -23.77 -11.00 -27.03
CA TYR H 206 -23.61 -11.36 -25.62
C TYR H 206 -24.83 -11.01 -24.77
N THR H 207 -25.79 -10.29 -25.34
CA THR H 207 -26.95 -9.90 -24.56
C THR H 207 -28.24 -10.47 -25.15
N LEU H 208 -29.22 -10.71 -24.28
CA LEU H 208 -30.52 -11.18 -24.74
C LEU H 208 -31.32 -9.89 -24.77
N SER H 209 -31.52 -9.35 -25.98
CA SER H 209 -32.26 -8.10 -26.14
C SER H 209 -33.75 -8.43 -26.10
N ILE H 210 -34.47 -7.77 -25.19
CA ILE H 210 -35.90 -8.01 -24.98
C ILE H 210 -36.80 -6.83 -25.35
N SER H 211 -37.86 -7.10 -26.12
CA SER H 211 -38.79 -6.03 -26.49
C SER H 211 -40.09 -6.15 -25.70
N SER H 212 -41.04 -5.27 -26.00
CA SER H 212 -42.31 -5.25 -25.28
C SER H 212 -43.53 -5.49 -26.13
N ALA H 213 -44.63 -5.81 -25.47
CA ALA H 213 -45.91 -6.05 -26.11
C ALA H 213 -46.94 -5.51 -25.12
N THR H 214 -47.99 -4.88 -25.63
CA THR H 214 -49.02 -4.30 -24.76
C THR H 214 -49.96 -5.38 -24.25
N GLN H 215 -50.75 -5.03 -23.24
CA GLN H 215 -51.69 -5.98 -22.66
C GLN H 215 -52.56 -6.66 -23.71
N PHE H 216 -52.92 -5.91 -24.76
CA PHE H 216 -53.76 -6.46 -25.82
C PHE H 216 -52.94 -7.10 -26.93
N GLY H 217 -51.65 -7.31 -26.66
CA GLY H 217 -50.79 -7.93 -27.65
C GLY H 217 -50.40 -7.10 -28.86
N ASN H 218 -50.28 -5.79 -28.68
CA ASN H 218 -49.90 -4.91 -29.79
C ASN H 218 -48.49 -4.38 -29.60
N VAL H 219 -47.93 -3.83 -30.68
CA VAL H 219 -46.61 -3.24 -30.62
C VAL H 219 -46.74 -1.93 -29.87
N PRO H 220 -46.08 -1.79 -28.71
CA PRO H 220 -46.16 -0.56 -27.93
C PRO H 220 -45.69 0.62 -28.77
N TRP H 221 -46.14 1.83 -28.42
CA TRP H 221 -45.76 3.02 -29.15
C TRP H 221 -44.27 3.35 -29.04
N TYR H 222 -43.63 2.93 -27.95
CA TYR H 222 -42.21 3.20 -27.71
C TYR H 222 -41.30 2.13 -28.29
N SER H 223 -41.88 1.05 -28.79
CA SER H 223 -41.12 -0.06 -29.33
C SER H 223 -40.27 0.24 -30.56
N GLU H 224 -39.03 -0.25 -30.53
CA GLU H 224 -38.09 -0.10 -31.64
C GLU H 224 -37.99 -1.46 -32.31
N ALA H 225 -38.04 -1.49 -33.63
CA ALA H 225 -37.94 -2.76 -34.34
C ALA H 225 -36.51 -2.98 -34.79
N CYS H 226 -36.09 -4.24 -34.85
CA CYS H 226 -34.76 -4.57 -35.32
C CYS H 226 -34.60 -6.08 -35.32
N SER H 227 -33.60 -6.56 -36.06
CA SER H 227 -33.34 -7.98 -36.19
C SER H 227 -32.53 -8.61 -35.05
N SER H 228 -32.02 -7.81 -34.14
CA SER H 228 -31.23 -8.37 -33.04
C SER H 228 -32.07 -8.76 -31.83
N THR H 229 -33.31 -8.31 -31.77
CA THR H 229 -34.16 -8.66 -30.64
C THR H 229 -34.37 -10.17 -30.61
N LEU H 230 -34.38 -10.74 -29.42
CA LEU H 230 -34.54 -12.18 -29.28
C LEU H 230 -35.94 -12.59 -28.86
N ALA H 231 -36.48 -11.95 -27.83
CA ALA H 231 -37.82 -12.29 -27.37
C ALA H 231 -38.55 -11.09 -26.78
N THR H 232 -39.77 -11.32 -26.30
CA THR H 232 -40.61 -10.26 -25.76
C THR H 232 -41.28 -10.61 -24.43
N THR H 233 -41.64 -9.58 -23.66
CA THR H 233 -42.36 -9.77 -22.41
C THR H 233 -43.34 -8.62 -22.40
N TYR H 234 -44.44 -8.76 -21.66
CA TYR H 234 -45.44 -7.71 -21.60
C TYR H 234 -44.94 -6.47 -20.90
N SER H 235 -45.57 -5.34 -21.22
CA SER H 235 -45.25 -4.07 -20.59
C SER H 235 -46.42 -3.11 -20.84
N SER H 236 -46.18 -1.81 -20.62
CA SER H 236 -47.22 -0.81 -20.79
C SER H 236 -47.61 -0.61 -22.25
N GLY H 237 -48.77 -0.01 -22.47
CA GLY H 237 -49.24 0.25 -23.82
C GLY H 237 -49.95 1.59 -23.90
N ASN H 238 -51.13 1.61 -24.52
CA ASN H 238 -51.86 2.87 -24.63
C ASN H 238 -52.60 3.18 -23.32
N GLN H 239 -53.32 4.29 -23.29
CA GLN H 239 -54.05 4.71 -22.09
C GLN H 239 -55.11 3.72 -21.59
N ASN H 240 -55.53 2.81 -22.45
CA ASN H 240 -56.55 1.83 -22.08
C ASN H 240 -56.00 0.46 -21.64
N GLU H 241 -54.68 0.32 -21.61
CA GLU H 241 -54.08 -0.97 -21.22
C GLU H 241 -53.35 -0.87 -19.89
N LYS H 242 -53.37 -1.95 -19.12
CA LYS H 242 -52.73 -1.96 -17.81
C LYS H 242 -51.21 -1.87 -17.94
N GLN H 243 -50.54 -1.56 -16.83
CA GLN H 243 -49.09 -1.43 -16.84
C GLN H 243 -48.44 -2.38 -15.85
N ILE H 244 -47.15 -2.21 -15.59
CA ILE H 244 -46.46 -3.11 -14.68
C ILE H 244 -46.48 -2.67 -13.22
N VAL H 245 -46.70 -3.63 -12.34
CA VAL H 245 -46.76 -3.38 -10.90
C VAL H 245 -45.43 -3.74 -10.26
N THR H 246 -44.87 -2.81 -9.49
CA THR H 246 -43.58 -3.07 -8.85
C THR H 246 -43.25 -2.12 -7.71
N THR H 247 -42.09 -2.34 -7.10
CA THR H 247 -41.63 -1.52 -5.98
C THR H 247 -41.12 -0.17 -6.48
N ASP H 248 -41.54 0.91 -5.82
CA ASP H 248 -41.12 2.25 -6.22
C ASP H 248 -40.32 2.92 -5.10
N LEU H 249 -39.63 4.01 -5.42
CA LEU H 249 -38.84 4.72 -4.42
C LEU H 249 -39.69 5.13 -3.23
N ARG H 250 -39.01 5.40 -2.12
CA ARG H 250 -39.66 5.81 -0.87
C ARG H 250 -40.62 4.75 -0.33
N GLN H 251 -40.20 3.49 -0.45
CA GLN H 251 -40.99 2.37 0.05
C GLN H 251 -42.41 2.30 -0.48
N LYS H 252 -42.65 2.83 -1.66
CA LYS H 252 -44.00 2.81 -2.21
C LYS H 252 -44.18 1.67 -3.21
N CYS H 253 -45.40 1.56 -3.73
CA CYS H 253 -45.74 0.52 -4.69
C CYS H 253 -46.38 1.22 -5.88
N THR H 254 -45.95 0.89 -7.09
CA THR H 254 -46.51 1.52 -8.27
C THR H 254 -47.14 0.51 -9.18
N GLU H 255 -48.13 0.97 -9.92
CA GLU H 255 -48.86 0.12 -10.86
C GLU H 255 -48.71 0.72 -12.25
N SER H 256 -47.80 1.68 -12.37
CA SER H 256 -47.60 2.32 -13.65
C SER H 256 -46.17 2.34 -14.18
N HIS H 257 -45.46 1.22 -14.04
CA HIS H 257 -44.11 1.15 -14.58
C HIS H 257 -44.32 0.90 -16.08
N THR H 258 -43.50 1.55 -16.92
CA THR H 258 -43.68 1.44 -18.35
C THR H 258 -42.39 1.24 -19.14
N GLY H 259 -42.55 1.08 -20.46
CA GLY H 259 -41.42 0.92 -21.35
C GLY H 259 -40.70 -0.40 -21.35
N THR H 260 -39.69 -0.50 -22.22
CA THR H 260 -38.94 -1.73 -22.31
C THR H 260 -38.15 -1.98 -21.03
N SER H 261 -38.08 -0.98 -20.16
CA SER H 261 -37.35 -1.13 -18.90
C SER H 261 -38.06 -2.09 -17.96
N ALA H 262 -39.34 -2.30 -18.20
CA ALA H 262 -40.12 -3.20 -17.38
C ALA H 262 -39.98 -4.60 -17.98
N SER H 263 -39.76 -4.67 -19.29
CA SER H 263 -39.65 -5.96 -19.97
C SER H 263 -38.36 -6.72 -19.68
N ALA H 264 -37.23 -6.02 -19.64
CA ALA H 264 -35.95 -6.69 -19.40
C ALA H 264 -35.91 -7.41 -18.05
N PRO H 265 -36.25 -6.72 -16.95
CA PRO H 265 -36.23 -7.40 -15.65
C PRO H 265 -37.21 -8.57 -15.58
N LEU H 266 -38.38 -8.46 -16.21
CA LEU H 266 -39.33 -9.57 -16.19
C LEU H 266 -38.66 -10.76 -16.88
N ALA H 267 -37.89 -10.49 -17.94
CA ALA H 267 -37.20 -11.54 -18.68
C ALA H 267 -36.10 -12.12 -17.79
N ALA H 268 -35.43 -11.26 -17.03
CA ALA H 268 -34.36 -11.69 -16.13
C ALA H 268 -34.94 -12.66 -15.09
N GLY H 269 -36.14 -12.34 -14.60
CA GLY H 269 -36.80 -13.19 -13.63
C GLY H 269 -37.06 -14.55 -14.24
N ILE H 270 -37.64 -14.56 -15.44
CA ILE H 270 -37.95 -15.82 -16.10
C ILE H 270 -36.68 -16.61 -16.35
N ILE H 271 -35.59 -15.91 -16.63
CA ILE H 271 -34.34 -16.60 -16.89
C ILE H 271 -33.80 -17.14 -15.59
N ALA H 272 -34.15 -16.48 -14.48
CA ALA H 272 -33.69 -16.93 -13.18
C ALA H 272 -34.38 -18.26 -12.86
N LEU H 273 -35.67 -18.37 -13.19
CA LEU H 273 -36.42 -19.59 -12.95
C LEU H 273 -35.80 -20.71 -13.77
N THR H 274 -35.47 -20.38 -15.01
CA THR H 274 -34.89 -21.36 -15.91
C THR H 274 -33.55 -21.89 -15.37
N LEU H 275 -32.74 -21.00 -14.79
CA LEU H 275 -31.46 -21.41 -14.22
C LEU H 275 -31.63 -22.33 -13.01
N GLU H 276 -32.63 -22.07 -12.19
CA GLU H 276 -32.86 -22.91 -11.03
C GLU H 276 -33.17 -24.31 -11.55
N ALA H 277 -33.96 -24.39 -12.62
CA ALA H 277 -34.34 -25.67 -13.21
C ALA H 277 -33.13 -26.39 -13.82
N ASN H 278 -32.07 -25.65 -14.13
CA ASN H 278 -30.87 -26.26 -14.69
C ASN H 278 -29.71 -25.29 -14.57
N LYS H 279 -28.99 -25.36 -13.46
CA LYS H 279 -27.87 -24.46 -13.20
C LYS H 279 -26.69 -24.61 -14.14
N ASN H 280 -26.70 -25.61 -15.00
CA ASN H 280 -25.58 -25.81 -15.91
C ASN H 280 -25.71 -25.23 -17.31
N LEU H 281 -26.77 -24.47 -17.55
CA LEU H 281 -27.01 -23.85 -18.87
C LEU H 281 -25.96 -22.80 -19.15
N THR H 282 -25.37 -22.81 -20.34
CA THR H 282 -24.37 -21.81 -20.67
C THR H 282 -25.11 -20.57 -21.18
N TRP H 283 -24.39 -19.48 -21.37
CA TRP H 283 -25.02 -18.26 -21.86
C TRP H 283 -25.65 -18.50 -23.24
N ARG H 284 -25.08 -19.42 -24.01
CA ARG H 284 -25.63 -19.75 -25.32
C ARG H 284 -26.82 -20.67 -25.16
N ASP H 285 -26.71 -21.64 -24.26
CA ASP H 285 -27.81 -22.56 -24.00
C ASP H 285 -29.08 -21.74 -23.74
N MET H 286 -28.94 -20.72 -22.89
CA MET H 286 -30.06 -19.86 -22.53
C MET H 286 -30.73 -19.20 -23.73
N GLN H 287 -29.92 -18.72 -24.67
CA GLN H 287 -30.47 -18.08 -25.85
C GLN H 287 -31.20 -19.10 -26.72
N HIS H 288 -30.67 -20.32 -26.78
CA HIS H 288 -31.31 -21.39 -27.54
C HIS H 288 -32.68 -21.68 -26.95
N LEU H 289 -32.77 -21.72 -25.62
CA LEU H 289 -34.04 -22.00 -24.95
C LEU H 289 -35.07 -20.91 -25.25
N VAL H 290 -34.63 -19.66 -25.28
CA VAL H 290 -35.53 -18.56 -25.56
C VAL H 290 -36.08 -18.67 -26.97
N VAL H 291 -35.19 -19.00 -27.91
CA VAL H 291 -35.57 -19.14 -29.31
C VAL H 291 -36.56 -20.27 -29.54
N GLN H 292 -36.35 -21.40 -28.88
CA GLN H 292 -37.24 -22.53 -29.07
C GLN H 292 -38.57 -22.43 -28.36
N THR H 293 -38.59 -21.76 -27.22
CA THR H 293 -39.82 -21.67 -26.44
C THR H 293 -40.69 -20.42 -26.52
N SER H 294 -40.18 -19.33 -27.07
CA SER H 294 -40.97 -18.10 -27.14
C SER H 294 -42.15 -18.23 -28.09
N LYS H 295 -43.28 -17.67 -27.69
CA LYS H 295 -44.50 -17.77 -28.49
C LYS H 295 -44.97 -16.54 -29.26
N PRO H 296 -45.08 -16.69 -30.58
CA PRO H 296 -45.54 -15.57 -31.40
C PRO H 296 -47.05 -15.42 -31.26
N ALA H 297 -47.72 -16.51 -30.91
CA ALA H 297 -49.17 -16.51 -30.75
C ALA H 297 -49.65 -15.37 -29.89
N HIS H 298 -50.73 -14.73 -30.35
CA HIS H 298 -51.35 -13.60 -29.64
C HIS H 298 -50.65 -12.26 -29.74
N LEU H 299 -49.50 -12.22 -30.40
CA LEU H 299 -48.78 -10.97 -30.55
C LEU H 299 -49.01 -10.44 -31.95
N ASN H 300 -49.63 -9.27 -32.02
CA ASN H 300 -49.95 -8.65 -33.31
C ASN H 300 -48.80 -7.84 -33.87
N ALA H 301 -48.49 -8.09 -35.12
CA ALA H 301 -47.43 -7.37 -35.82
C ALA H 301 -47.67 -7.57 -37.31
N ASP H 302 -47.21 -6.62 -38.12
CA ASP H 302 -47.40 -6.72 -39.55
C ASP H 302 -46.22 -7.39 -40.25
N ASP H 303 -45.26 -7.91 -39.49
CA ASP H 303 -44.10 -8.52 -40.11
C ASP H 303 -43.74 -9.93 -39.68
N TRP H 304 -44.69 -10.69 -39.14
CA TRP H 304 -44.39 -12.06 -38.76
C TRP H 304 -43.99 -12.84 -40.01
N ALA H 305 -42.79 -13.41 -39.99
CA ALA H 305 -42.31 -14.18 -41.13
C ALA H 305 -41.74 -15.50 -40.62
N THR H 306 -41.84 -16.54 -41.43
CA THR H 306 -41.34 -17.85 -41.06
C THR H 306 -39.91 -18.07 -41.54
N ASN H 307 -39.13 -18.63 -40.62
CA ASN H 307 -37.72 -19.02 -40.73
C ASN H 307 -37.46 -20.12 -41.73
N GLY H 308 -36.19 -20.31 -42.04
CA GLY H 308 -35.78 -21.42 -42.88
C GLY H 308 -35.96 -22.71 -42.07
N VAL H 309 -36.23 -22.58 -40.77
CA VAL H 309 -36.42 -23.76 -39.93
C VAL H 309 -37.83 -23.80 -39.39
N GLY H 310 -38.73 -23.06 -40.03
CA GLY H 310 -40.12 -23.08 -39.64
C GLY H 310 -40.57 -22.25 -38.47
N ARG H 311 -39.68 -21.44 -37.91
CA ARG H 311 -40.09 -20.62 -36.78
C ARG H 311 -40.51 -19.23 -37.20
N LYS H 312 -41.52 -18.70 -36.53
CA LYS H 312 -42.02 -17.37 -36.84
C LYS H 312 -41.20 -16.33 -36.10
N VAL H 313 -40.78 -15.29 -36.83
CA VAL H 313 -39.98 -14.23 -36.23
C VAL H 313 -40.51 -12.85 -36.63
N SER H 314 -40.37 -11.88 -35.73
CA SER H 314 -40.82 -10.54 -35.99
C SER H 314 -39.76 -9.55 -35.53
N HIS H 315 -39.59 -8.45 -36.26
CA HIS H 315 -38.61 -7.46 -35.87
C HIS H 315 -39.07 -6.68 -34.66
N SER H 316 -40.34 -6.84 -34.29
CA SER H 316 -40.86 -6.15 -33.12
C SER H 316 -40.83 -7.04 -31.88
N TYR H 317 -40.87 -8.35 -32.09
CA TYR H 317 -40.91 -9.28 -30.97
C TYR H 317 -39.86 -10.38 -30.95
N GLY H 318 -38.96 -10.40 -31.93
CA GLY H 318 -37.99 -11.48 -31.96
C GLY H 318 -38.78 -12.75 -32.20
N TYR H 319 -38.53 -13.77 -31.39
CA TYR H 319 -39.25 -15.03 -31.56
C TYR H 319 -40.58 -15.10 -30.85
N GLY H 320 -40.94 -14.03 -30.16
CA GLY H 320 -42.23 -14.01 -29.49
C GLY H 320 -42.18 -13.77 -28.00
N LEU H 321 -43.32 -14.00 -27.35
CA LEU H 321 -43.44 -13.82 -25.91
C LEU H 321 -42.74 -14.94 -25.16
N LEU H 322 -42.06 -14.58 -24.07
CA LEU H 322 -41.38 -15.58 -23.26
C LEU H 322 -42.41 -16.45 -22.56
N ASP H 323 -42.10 -17.73 -22.41
CA ASP H 323 -43.00 -18.67 -21.76
C ASP H 323 -42.25 -19.35 -20.62
N ALA H 324 -42.44 -18.84 -19.41
CA ALA H 324 -41.76 -19.38 -18.25
C ALA H 324 -41.92 -20.89 -18.13
N GLY H 325 -43.16 -21.37 -18.24
CA GLY H 325 -43.41 -22.80 -18.15
C GLY H 325 -42.59 -23.58 -19.16
N ALA H 326 -42.65 -23.18 -20.42
CA ALA H 326 -41.91 -23.90 -21.46
C ALA H 326 -40.41 -23.81 -21.23
N MET H 327 -39.94 -22.62 -20.85
CA MET H 327 -38.53 -22.41 -20.60
C MET H 327 -38.03 -23.41 -19.55
N VAL H 328 -38.71 -23.43 -18.41
CA VAL H 328 -38.36 -24.32 -17.32
C VAL H 328 -38.45 -25.78 -17.73
N ALA H 329 -39.46 -26.11 -18.50
CA ALA H 329 -39.65 -27.49 -18.96
C ALA H 329 -38.50 -27.94 -19.85
N LEU H 330 -38.18 -27.14 -20.86
CA LEU H 330 -37.12 -27.49 -21.81
C LEU H 330 -35.74 -27.47 -21.17
N ALA H 331 -35.56 -26.62 -20.17
CA ALA H 331 -34.27 -26.49 -19.49
C ALA H 331 -33.88 -27.79 -18.80
N GLN H 332 -34.87 -28.48 -18.22
CA GLN H 332 -34.58 -29.70 -17.52
C GLN H 332 -34.05 -30.77 -18.47
N ASN H 333 -34.67 -30.95 -19.62
CA ASN H 333 -34.18 -31.98 -20.55
C ASN H 333 -33.23 -31.40 -21.62
N TRP H 334 -32.31 -30.51 -21.23
CA TRP H 334 -31.41 -29.87 -22.20
C TRP H 334 -29.94 -30.30 -22.19
N THR H 335 -29.45 -30.67 -23.37
CA THR H 335 -28.06 -31.06 -23.52
C THR H 335 -27.31 -29.81 -23.95
N THR H 336 -26.30 -29.42 -23.18
CA THR H 336 -25.52 -28.24 -23.50
C THR H 336 -25.03 -28.29 -24.94
N VAL H 337 -25.16 -27.17 -25.66
CA VAL H 337 -24.78 -27.09 -27.07
C VAL H 337 -23.29 -27.28 -27.36
N ALA H 338 -23.00 -27.68 -28.59
CA ALA H 338 -21.64 -27.92 -29.02
C ALA H 338 -20.83 -26.64 -29.01
N PRO H 339 -19.50 -26.74 -29.04
CA PRO H 339 -18.67 -25.54 -29.03
C PRO H 339 -19.01 -24.56 -30.15
N GLN H 340 -18.95 -23.28 -29.80
CA GLN H 340 -19.26 -22.19 -30.73
C GLN H 340 -18.19 -21.99 -31.79
N ARG H 341 -18.60 -22.02 -33.05
CA ARG H 341 -17.69 -21.79 -34.17
C ARG H 341 -17.91 -20.34 -34.61
N LYS H 342 -16.90 -19.75 -35.22
CA LYS H 342 -16.97 -18.38 -35.71
C LYS H 342 -16.38 -18.35 -37.10
N CYS H 343 -17.24 -18.15 -38.10
CA CYS H 343 -16.76 -18.12 -39.47
C CYS H 343 -16.82 -16.69 -40.00
N ILE H 344 -15.64 -16.17 -40.35
CA ILE H 344 -15.50 -14.82 -40.86
C ILE H 344 -15.33 -14.85 -42.35
N VAL H 345 -16.21 -14.16 -43.08
CA VAL H 345 -16.08 -14.14 -44.53
C VAL H 345 -16.18 -12.72 -45.12
N GLU H 346 -15.13 -12.33 -45.84
CA GLU H 346 -15.05 -11.03 -46.48
C GLU H 346 -15.84 -11.07 -47.77
N ILE H 347 -16.93 -10.31 -47.84
CA ILE H 347 -17.78 -10.31 -49.02
C ILE H 347 -17.33 -9.45 -50.23
N LEU H 348 -16.81 -8.24 -50.02
CA LEU H 348 -16.41 -7.39 -51.15
C LEU H 348 -15.01 -7.57 -51.73
N VAL H 349 -14.86 -7.30 -53.02
CA VAL H 349 -13.55 -7.40 -53.68
C VAL H 349 -13.16 -6.04 -54.29
N GLU H 350 -14.06 -5.07 -54.14
CA GLU H 350 -13.87 -3.69 -54.62
C GLU H 350 -15.02 -2.89 -54.02
N PRO H 351 -14.87 -1.56 -53.94
CA PRO H 351 -15.96 -0.76 -53.38
C PRO H 351 -17.16 -0.71 -54.32
N LYS H 352 -18.34 -0.48 -53.76
CA LYS H 352 -19.53 -0.41 -54.57
C LYS H 352 -20.38 0.82 -54.29
N ASP H 353 -20.75 1.48 -55.36
CA ASP H 353 -21.57 2.68 -55.31
C ASP H 353 -22.97 2.34 -54.82
N ILE H 354 -23.43 2.99 -53.76
CA ILE H 354 -24.78 2.69 -53.28
C ILE H 354 -25.82 3.35 -54.17
N GLY H 355 -25.68 4.66 -54.37
CA GLY H 355 -26.62 5.37 -55.21
C GLY H 355 -28.03 5.23 -54.70
N LYS H 356 -28.94 4.86 -55.58
CA LYS H 356 -30.34 4.71 -55.23
C LYS H 356 -30.60 3.35 -54.61
N ARG H 357 -29.90 2.34 -55.11
CA ARG H 357 -30.08 0.99 -54.64
C ARG H 357 -28.86 0.15 -54.97
N LEU H 358 -28.49 -0.74 -54.04
CA LEU H 358 -27.35 -1.61 -54.24
C LEU H 358 -27.67 -3.02 -53.74
N GLU H 359 -27.26 -4.02 -54.51
CA GLU H 359 -27.48 -5.39 -54.09
C GLU H 359 -26.16 -6.16 -54.22
N VAL H 360 -25.77 -6.82 -53.14
CA VAL H 360 -24.54 -7.61 -53.17
C VAL H 360 -24.89 -9.06 -52.90
N ARG H 361 -24.56 -9.93 -53.84
CA ARG H 361 -24.83 -11.36 -53.69
C ARG H 361 -23.49 -12.09 -53.60
N LYS H 362 -23.41 -13.08 -52.71
CA LYS H 362 -22.16 -13.82 -52.55
C LYS H 362 -22.44 -15.24 -52.15
N ALA H 363 -21.76 -16.17 -52.79
CA ALA H 363 -21.90 -17.59 -52.46
C ALA H 363 -21.00 -17.84 -51.26
N VAL H 364 -21.57 -18.40 -50.19
CA VAL H 364 -20.82 -18.67 -48.98
C VAL H 364 -20.79 -20.16 -48.64
N THR H 365 -19.60 -20.68 -48.36
CA THR H 365 -19.47 -22.08 -48.00
C THR H 365 -19.46 -22.25 -46.48
N ALA H 366 -19.47 -21.13 -45.75
CA ALA H 366 -19.47 -21.14 -44.30
C ALA H 366 -18.31 -21.93 -43.72
N CYS H 367 -17.11 -21.63 -44.20
CA CYS H 367 -15.90 -22.28 -43.73
C CYS H 367 -15.89 -23.80 -43.87
N LEU H 368 -16.41 -24.27 -45.01
CA LEU H 368 -16.43 -25.70 -45.30
C LEU H 368 -14.99 -26.21 -45.36
N GLY H 369 -14.75 -27.34 -44.71
CA GLY H 369 -13.41 -27.91 -44.71
C GLY H 369 -12.47 -27.29 -43.70
N GLU H 370 -12.97 -26.37 -42.88
CA GLU H 370 -12.16 -25.71 -41.87
C GLU H 370 -12.76 -26.00 -40.49
N PRO H 371 -12.00 -25.78 -39.42
CA PRO H 371 -12.48 -26.02 -38.06
C PRO H 371 -13.71 -25.22 -37.68
N ASN H 372 -13.91 -24.06 -38.32
CA ASN H 372 -15.04 -23.21 -38.01
C ASN H 372 -16.23 -23.42 -38.91
N HIS H 373 -16.23 -24.54 -39.63
CA HIS H 373 -17.34 -24.85 -40.51
C HIS H 373 -18.63 -24.81 -39.69
N ILE H 374 -19.66 -24.16 -40.22
CA ILE H 374 -20.95 -24.07 -39.53
C ILE H 374 -22.09 -24.64 -40.38
N THR H 375 -22.98 -25.38 -39.75
CA THR H 375 -24.12 -25.96 -40.45
C THR H 375 -25.42 -25.56 -39.74
N ARG H 376 -25.27 -25.03 -38.53
CA ARG H 376 -26.41 -24.56 -37.75
C ARG H 376 -26.07 -23.20 -37.16
N LEU H 377 -26.70 -22.16 -37.70
CA LEU H 377 -26.45 -20.80 -37.26
C LEU H 377 -26.99 -20.43 -35.90
N GLU H 378 -26.36 -19.40 -35.35
CA GLU H 378 -26.75 -18.79 -34.10
C GLU H 378 -26.79 -17.31 -34.50
N HIS H 379 -25.92 -16.49 -33.96
CA HIS H 379 -25.94 -15.08 -34.35
C HIS H 379 -25.27 -14.85 -35.69
N VAL H 380 -25.73 -13.83 -36.41
CA VAL H 380 -25.16 -13.46 -37.69
C VAL H 380 -24.91 -11.95 -37.69
N GLN H 381 -23.69 -11.56 -38.01
CA GLN H 381 -23.34 -10.13 -38.06
C GLN H 381 -23.01 -9.75 -39.48
N ALA H 382 -23.56 -8.61 -39.92
CA ALA H 382 -23.23 -8.09 -41.25
C ALA H 382 -22.46 -6.83 -40.87
N ARG H 383 -21.14 -6.89 -40.94
CA ARG H 383 -20.30 -5.75 -40.59
C ARG H 383 -20.13 -4.83 -41.78
N LEU H 384 -20.75 -3.66 -41.69
CA LEU H 384 -20.68 -2.71 -42.79
C LEU H 384 -19.89 -1.44 -42.51
N THR H 385 -19.19 -0.99 -43.53
CA THR H 385 -18.43 0.24 -43.47
C THR H 385 -18.88 0.95 -44.74
N LEU H 386 -19.58 2.07 -44.58
CA LEU H 386 -20.07 2.79 -45.73
C LEU H 386 -20.17 4.27 -45.43
N SER H 387 -20.22 5.06 -46.49
CA SER H 387 -20.35 6.49 -46.37
C SER H 387 -21.62 6.85 -47.11
N TYR H 388 -22.41 7.75 -46.54
CA TYR H 388 -23.65 8.18 -47.17
C TYR H 388 -23.90 9.61 -46.69
N ASN H 389 -24.65 10.39 -47.48
CA ASN H 389 -24.91 11.77 -47.11
C ASN H 389 -26.03 11.99 -46.10
N ARG H 390 -27.03 11.12 -46.13
CA ARG H 390 -28.17 11.16 -45.21
C ARG H 390 -28.43 9.73 -44.71
N ARG H 391 -27.77 9.36 -43.62
CA ARG H 391 -27.87 8.01 -43.07
C ARG H 391 -29.28 7.50 -42.84
N GLY H 392 -30.12 8.31 -42.22
CA GLY H 392 -31.48 7.89 -41.94
C GLY H 392 -32.33 7.50 -43.14
N ASP H 393 -31.87 7.84 -44.34
CA ASP H 393 -32.64 7.51 -45.54
C ASP H 393 -32.38 6.07 -46.00
N LEU H 394 -31.34 5.46 -45.45
CA LEU H 394 -31.00 4.10 -45.81
C LEU H 394 -31.84 3.03 -45.14
N ALA H 395 -32.02 1.93 -45.85
CA ALA H 395 -32.73 0.77 -45.34
C ALA H 395 -31.85 -0.38 -45.80
N ILE H 396 -31.42 -1.22 -44.86
CA ILE H 396 -30.53 -2.32 -45.18
C ILE H 396 -31.15 -3.67 -44.84
N HIS H 397 -31.08 -4.62 -45.77
CA HIS H 397 -31.62 -5.96 -45.55
C HIS H 397 -30.58 -7.03 -45.85
N LEU H 398 -30.67 -8.14 -45.13
CA LEU H 398 -29.76 -9.27 -45.34
C LEU H 398 -30.65 -10.47 -45.55
N ILE H 399 -30.38 -11.23 -46.61
CA ILE H 399 -31.20 -12.39 -46.88
C ILE H 399 -30.33 -13.63 -46.84
N SER H 400 -30.74 -14.58 -45.99
CA SER H 400 -30.00 -15.84 -45.83
C SER H 400 -30.27 -16.80 -47.00
N PRO H 401 -29.37 -17.77 -47.22
CA PRO H 401 -29.55 -18.73 -48.32
C PRO H 401 -30.93 -19.40 -48.27
N MET H 402 -31.45 -19.60 -47.07
CA MET H 402 -32.76 -20.22 -46.94
C MET H 402 -33.90 -19.21 -47.05
N GLY H 403 -33.60 -18.04 -47.61
CA GLY H 403 -34.62 -17.04 -47.82
C GLY H 403 -35.12 -16.17 -46.68
N THR H 404 -34.47 -16.20 -45.51
CA THR H 404 -34.92 -15.36 -44.41
C THR H 404 -34.40 -13.95 -44.58
N ARG H 405 -35.33 -13.01 -44.74
CA ARG H 405 -35.00 -11.61 -44.98
C ARG H 405 -34.99 -10.84 -43.66
N SER H 406 -33.80 -10.44 -43.22
CA SER H 406 -33.64 -9.68 -41.98
C SER H 406 -33.44 -8.22 -42.30
N THR H 407 -34.18 -7.35 -41.62
CA THR H 407 -34.04 -5.92 -41.83
C THR H 407 -32.96 -5.46 -40.86
N LEU H 408 -31.74 -5.26 -41.36
CA LEU H 408 -30.63 -4.83 -40.54
C LEU H 408 -30.81 -3.38 -40.11
N LEU H 409 -31.42 -2.57 -40.97
CA LEU H 409 -31.67 -1.16 -40.67
C LEU H 409 -32.85 -0.63 -41.46
N ALA H 410 -33.82 -0.07 -40.75
CA ALA H 410 -34.99 0.53 -41.38
C ALA H 410 -34.73 2.04 -41.39
N ALA H 411 -35.46 2.79 -42.21
CA ALA H 411 -35.28 4.22 -42.29
C ALA H 411 -35.48 4.90 -40.93
N ARG H 412 -34.65 5.90 -40.65
CA ARG H 412 -34.75 6.68 -39.41
C ARG H 412 -34.86 8.12 -39.85
N PRO H 413 -36.08 8.62 -40.03
CA PRO H 413 -36.33 10.00 -40.48
C PRO H 413 -35.62 11.12 -39.73
N HIS H 414 -35.20 10.88 -38.49
CA HIS H 414 -34.53 11.91 -37.73
C HIS H 414 -33.02 11.84 -37.82
N ASP H 415 -32.51 10.83 -38.51
CA ASP H 415 -31.06 10.66 -38.62
C ASP H 415 -30.53 11.35 -39.86
N TYR H 416 -29.89 12.50 -39.68
CA TYR H 416 -29.37 13.25 -40.82
C TYR H 416 -27.87 13.14 -40.91
N SER H 417 -27.28 12.31 -40.06
CA SER H 417 -25.83 12.15 -40.04
C SER H 417 -25.26 11.89 -41.41
N ALA H 418 -24.04 12.37 -41.61
CA ALA H 418 -23.34 12.16 -42.87
C ALA H 418 -22.10 11.33 -42.57
N ASP H 419 -22.07 10.74 -41.38
CA ASP H 419 -20.94 9.95 -40.94
C ASP H 419 -20.95 8.50 -41.35
N GLY H 420 -22.09 8.02 -41.84
CA GLY H 420 -22.19 6.63 -42.27
C GLY H 420 -21.95 5.62 -41.16
N PHE H 421 -21.38 4.48 -41.51
CA PHE H 421 -21.09 3.43 -40.54
C PHE H 421 -19.64 2.98 -40.67
N ASN H 422 -18.98 2.72 -39.55
CA ASN H 422 -17.59 2.28 -39.59
C ASN H 422 -17.49 0.93 -38.88
N ASP H 423 -17.45 -0.13 -39.68
CA ASP H 423 -17.37 -1.49 -39.16
C ASP H 423 -18.47 -1.75 -38.14
N TRP H 424 -19.68 -1.32 -38.45
CA TRP H 424 -20.79 -1.52 -37.54
C TRP H 424 -21.33 -2.92 -37.79
N ALA H 425 -21.45 -3.70 -36.73
CA ALA H 425 -21.92 -5.08 -36.85
C ALA H 425 -23.41 -5.26 -36.68
N PHE H 426 -24.20 -4.97 -37.71
CA PHE H 426 -25.64 -5.18 -37.61
C PHE H 426 -25.81 -6.67 -37.35
N MET H 427 -26.63 -7.03 -36.38
CA MET H 427 -26.81 -8.43 -36.02
C MET H 427 -28.24 -8.93 -36.16
N THR H 428 -28.38 -10.17 -36.64
CA THR H 428 -29.71 -10.74 -36.76
C THR H 428 -29.77 -12.11 -36.09
N THR H 429 -30.89 -12.36 -35.41
CA THR H 429 -31.11 -13.62 -34.73
C THR H 429 -32.16 -14.42 -35.50
N HIS H 430 -32.65 -13.82 -36.58
CA HIS H 430 -33.70 -14.46 -37.38
C HIS H 430 -33.31 -15.69 -38.17
N SER H 431 -32.02 -15.95 -38.35
CA SER H 431 -31.62 -17.13 -39.09
C SER H 431 -31.09 -18.21 -38.17
N TRP H 432 -31.44 -18.09 -36.90
CA TRP H 432 -31.00 -19.04 -35.88
C TRP H 432 -31.36 -20.46 -36.31
N ASP H 433 -30.37 -21.35 -36.28
CA ASP H 433 -30.53 -22.77 -36.63
C ASP H 433 -30.54 -23.08 -38.12
N GLU H 434 -30.48 -22.06 -38.97
CA GLU H 434 -30.48 -22.30 -40.41
C GLU H 434 -29.10 -22.71 -40.86
N ASP H 435 -29.03 -23.33 -42.02
CA ASP H 435 -27.75 -23.73 -42.58
C ASP H 435 -27.30 -22.52 -43.37
N PRO H 436 -26.13 -21.96 -43.03
CA PRO H 436 -25.59 -20.78 -43.72
C PRO H 436 -25.00 -20.99 -45.11
N ALA H 437 -24.81 -22.24 -45.52
CA ALA H 437 -24.22 -22.52 -46.84
C ALA H 437 -25.16 -22.09 -47.94
N GLY H 438 -24.62 -21.35 -48.91
CA GLY H 438 -25.44 -20.89 -50.01
C GLY H 438 -25.18 -19.43 -50.34
N GLU H 439 -26.11 -18.83 -51.08
CA GLU H 439 -25.95 -17.45 -51.48
C GLU H 439 -26.59 -16.46 -50.52
N TRP H 440 -25.78 -15.53 -50.03
CA TRP H 440 -26.28 -14.48 -49.14
C TRP H 440 -26.46 -13.21 -49.97
N VAL H 441 -27.44 -12.40 -49.61
CA VAL H 441 -27.71 -11.17 -50.33
C VAL H 441 -27.85 -9.98 -49.40
N LEU H 442 -27.10 -8.92 -49.68
CA LEU H 442 -27.18 -7.68 -48.91
C LEU H 442 -27.89 -6.65 -49.79
N GLU H 443 -28.88 -5.98 -49.20
CA GLU H 443 -29.64 -4.95 -49.91
C GLU H 443 -29.53 -3.61 -49.21
N ILE H 444 -29.10 -2.59 -49.95
CA ILE H 444 -29.01 -1.26 -49.38
C ILE H 444 -29.78 -0.35 -50.34
N GLU H 445 -30.73 0.40 -49.82
CA GLU H 445 -31.50 1.28 -50.68
C GLU H 445 -31.85 2.61 -50.04
N ASN H 446 -31.96 3.62 -50.89
CA ASN H 446 -32.32 4.96 -50.46
C ASN H 446 -33.84 5.00 -50.46
N THR H 447 -34.44 5.06 -49.27
CA THR H 447 -35.89 5.07 -49.17
C THR H 447 -36.48 6.44 -49.46
N SER H 448 -35.63 7.41 -49.71
CA SER H 448 -36.09 8.77 -49.98
C SER H 448 -36.11 9.11 -51.46
N GLU H 449 -36.81 10.18 -51.81
CA GLU H 449 -36.86 10.62 -53.20
C GLU H 449 -35.67 11.54 -53.46
N ALA H 450 -34.97 11.89 -52.39
CA ALA H 450 -33.80 12.71 -52.53
C ALA H 450 -32.83 11.89 -53.36
N ASN H 451 -31.96 12.56 -54.10
CA ASN H 451 -30.94 11.86 -54.88
C ASN H 451 -29.79 11.79 -53.91
N ASN H 452 -29.79 10.79 -53.04
CA ASN H 452 -28.74 10.61 -52.05
C ASN H 452 -27.56 9.87 -52.67
N TYR H 453 -26.39 9.90 -52.01
CA TYR H 453 -25.22 9.24 -52.56
C TYR H 453 -24.25 8.72 -51.47
N GLY H 454 -23.45 7.72 -51.83
CA GLY H 454 -22.51 7.14 -50.89
C GLY H 454 -21.85 5.88 -51.42
N THR H 455 -20.93 5.32 -50.63
CA THR H 455 -20.21 4.12 -51.05
C THR H 455 -20.10 3.07 -49.95
N LEU H 456 -20.28 1.81 -50.34
CA LEU H 456 -20.14 0.69 -49.41
C LEU H 456 -18.70 0.24 -49.61
N THR H 457 -17.86 0.40 -48.60
CA THR H 457 -16.46 0.02 -48.78
C THR H 457 -16.05 -1.30 -48.14
N LYS H 458 -16.90 -1.85 -47.27
CA LYS H 458 -16.56 -3.09 -46.63
C LYS H 458 -17.82 -3.81 -46.15
N PHE H 459 -17.84 -5.12 -46.34
CA PHE H 459 -18.95 -5.96 -45.93
C PHE H 459 -18.39 -7.29 -45.50
N THR H 460 -18.30 -7.48 -44.19
CA THR H 460 -17.81 -8.73 -43.64
C THR H 460 -18.96 -9.46 -43.00
N LEU H 461 -19.16 -10.70 -43.40
CA LEU H 461 -20.23 -11.51 -42.84
C LEU H 461 -19.59 -12.39 -41.78
N VAL H 462 -20.05 -12.28 -40.55
CA VAL H 462 -19.50 -13.10 -39.47
C VAL H 462 -20.60 -14.04 -39.02
N LEU H 463 -20.34 -15.34 -39.17
CA LEU H 463 -21.31 -16.36 -38.81
C LEU H 463 -20.91 -17.07 -37.52
N TYR H 464 -21.85 -17.18 -36.59
CA TYR H 464 -21.62 -17.88 -35.33
C TYR H 464 -22.53 -19.10 -35.36
N GLY H 465 -22.05 -20.21 -34.82
CA GLY H 465 -22.90 -21.40 -34.83
C GLY H 465 -22.17 -22.68 -34.51
N THR H 466 -22.80 -23.81 -34.83
CA THR H 466 -22.25 -25.11 -34.53
C THR H 466 -22.26 -26.08 -35.71
N ALA H 467 -21.52 -27.18 -35.57
CA ALA H 467 -21.42 -28.23 -36.60
C ALA H 467 -21.95 -29.57 -36.05
N PRO H 468 -22.43 -30.47 -36.93
CA PRO H 468 -22.96 -31.77 -36.52
C PRO H 468 -21.87 -32.71 -35.99
C1 DKA I 1 3.53 -24.55 50.25
O1 DKA I 1 4.27 -25.13 49.45
C2 DKA I 1 3.25 -23.06 50.11
C3 DKA I 1 4.00 -22.47 48.95
C4 DKA I 1 4.48 -21.04 49.14
C5 DKA I 1 3.38 -20.04 49.42
C6 DKA I 1 3.92 -18.63 49.18
C7 DKA I 1 2.97 -17.57 49.73
C8 DKA I 1 3.59 -16.20 49.62
C9 DKA I 1 2.64 -15.06 50.00
C10 DKA I 1 1.97 -15.22 51.31
N ARG I 2 2.97 -25.15 51.28
CA ARG I 2 3.18 -26.58 51.50
C ARG I 2 1.83 -27.24 51.70
N VAL I 3 1.59 -28.33 50.99
CA VAL I 3 0.33 -29.03 51.11
C VAL I 3 0.50 -30.42 51.72
N LYS I 4 -0.47 -30.81 52.53
CA LYS I 4 -0.46 -32.11 53.18
C LYS I 4 -0.74 -33.17 52.15
N AR7 I 5 -0.18 -34.36 52.34
CA AR7 I 5 -0.41 -35.49 51.43
C AR7 I 5 -1.03 -36.65 52.19
O AR7 I 5 -1.68 -37.48 51.28
CB AR7 I 5 0.90 -35.91 50.76
CG AR7 I 5 1.44 -34.87 49.81
CD AR7 I 5 2.87 -35.13 49.32
NE AR7 I 5 3.33 -34.06 48.45
CZ AR7 I 5 4.60 -33.83 48.10
NH1 AR7 I 5 4.88 -32.81 47.31
NH2 AR7 I 5 5.57 -34.59 48.55
C1 0QE I 6 -2.05 -36.12 53.22
C1 DKA J 1 34.23 -12.94 40.82
O1 DKA J 1 33.71 -12.55 41.87
C2 DKA J 1 33.50 -12.81 39.50
C3 DKA J 1 33.25 -11.37 39.12
C4 DKA J 1 34.53 -10.61 38.74
C5 DKA J 1 34.17 -9.17 38.41
C6 DKA J 1 35.26 -8.44 37.63
C7 DKA J 1 36.52 -8.27 38.46
C8 DKA J 1 37.47 -7.27 37.81
C9 DKA J 1 36.97 -5.84 37.92
C10 DKA J 1 37.99 -4.80 37.47
N ARG J 2 35.42 -13.52 40.77
CA ARG J 2 36.22 -13.70 41.97
C ARG J 2 37.56 -12.99 41.74
N VAL J 3 37.96 -12.17 42.71
CA VAL J 3 39.19 -11.43 42.57
C VAL J 3 40.21 -11.82 43.62
N LYS J 4 41.47 -11.90 43.21
CA LYS J 4 42.58 -12.25 44.10
C LYS J 4 42.83 -11.10 45.06
N AR7 J 5 43.24 -11.43 46.29
CA AR7 J 5 43.54 -10.42 47.28
C AR7 J 5 45.01 -10.54 47.71
O AR7 J 5 45.42 -9.35 48.29
CB AR7 J 5 42.61 -10.57 48.48
CG AR7 J 5 41.15 -10.35 48.12
CD AR7 J 5 40.20 -10.69 49.24
NE AR7 J 5 38.83 -10.44 48.79
CZ AR7 J 5 37.74 -10.88 49.40
NH1 AR7 J 5 36.54 -10.58 48.89
NH2 AR7 J 5 37.84 -11.60 50.52
C1 0QE J 6 45.88 -10.84 46.48
C1 DKA K 1 13.82 5.61 40.51
O1 DKA K 1 13.78 5.31 39.32
C2 DKA K 1 13.86 4.52 41.58
C3 DKA K 1 13.20 3.27 41.08
C4 DKA K 1 13.48 2.00 41.87
C5 DKA K 1 12.96 1.99 43.28
C6 DKA K 1 12.96 0.56 43.82
C7 DKA K 1 12.59 0.57 45.30
C8 DKA K 1 12.69 -0.81 45.91
C9 DKA K 1 11.94 -0.93 47.22
C10 DKA K 1 12.24 0.12 48.22
N ARG K 2 13.81 6.87 40.94
CA ARG K 2 13.80 7.98 40.00
C ARG K 2 14.90 8.95 40.44
N VAL K 3 15.76 9.31 39.50
CA VAL K 3 16.85 10.21 39.81
C VAL K 3 16.72 11.55 39.09
N LYS K 4 17.15 12.60 39.77
CA LYS K 4 17.11 13.94 39.24
C LYS K 4 18.20 14.08 38.19
N AR7 K 5 17.95 14.89 37.17
CA AR7 K 5 18.94 15.13 36.14
C AR7 K 5 19.28 16.63 36.09
O AR7 K 5 20.52 16.81 35.48
CB AR7 K 5 18.41 14.64 34.79
CG AR7 K 5 18.18 13.14 34.76
CD AR7 K 5 17.45 12.65 33.53
NE AR7 K 5 17.24 11.20 33.60
CZ AR7 K 5 16.40 10.51 32.84
NH1 AR7 K 5 16.30 9.20 33.00
NH2 AR7 K 5 15.66 11.12 31.93
C1 0QE K 6 19.35 17.19 37.50
C1 DKA L 1 -7.79 -16.58 26.51
O1 DKA L 1 -8.02 -15.99 27.55
C2 DKA L 1 -6.53 -17.40 26.33
C3 DKA L 1 -6.50 -18.63 27.23
C4 DKA L 1 -7.52 -19.70 26.82
C5 DKA L 1 -7.43 -20.86 27.81
C6 DKA L 1 -8.10 -22.15 27.33
C7 DKA L 1 -9.59 -21.97 27.11
C8 DKA L 1 -10.29 -23.33 26.90
C9 DKA L 1 -10.39 -24.13 28.19
C10 DKA L 1 -11.20 -25.39 28.08
N ARG L 2 -8.60 -16.54 25.46
CA ARG L 2 -9.85 -15.79 25.51
C ARG L 2 -10.94 -16.78 25.13
N VAL L 3 -12.00 -16.82 25.91
CA VAL L 3 -13.09 -17.75 25.67
C VAL L 3 -14.39 -17.05 25.33
N LYS L 4 -15.13 -17.59 24.37
CA LYS L 4 -16.41 -17.04 23.95
C LYS L 4 -17.43 -17.25 25.05
N AR7 L 5 -18.37 -16.31 25.18
CA AR7 L 5 -19.44 -16.42 26.16
C AR7 L 5 -20.80 -16.41 25.45
O AR7 L 5 -21.78 -16.95 26.27
CB AR7 L 5 -19.35 -15.26 27.16
CG AR7 L 5 -18.05 -15.29 27.96
CD AR7 L 5 -17.85 -14.08 28.86
NE AR7 L 5 -16.55 -14.17 29.53
CZ AR7 L 5 -15.93 -13.15 30.13
NH1 AR7 L 5 -14.75 -13.34 30.71
NH2 AR7 L 5 -16.47 -11.94 30.15
C1 0QE L 6 -20.72 -17.26 24.17
C1 DKA M 1 0.52 -2.06 -42.29
O1 DKA M 1 0.60 -1.74 -41.09
C2 DKA M 1 -0.24 -1.19 -43.30
C3 DKA M 1 -0.76 0.07 -42.67
C4 DKA M 1 -2.08 0.58 -43.22
C5 DKA M 1 -2.09 0.87 -44.72
C6 DKA M 1 -3.31 1.74 -45.06
C7 DKA M 1 -3.50 1.92 -46.57
C8 DKA M 1 -4.76 2.70 -46.84
C9 DKA M 1 -5.02 2.93 -48.33
C10 DKA M 1 -5.03 1.72 -49.17
N ARG M 2 1.06 -3.18 -42.77
CA ARG M 2 1.80 -4.08 -41.91
C ARG M 2 3.11 -4.41 -42.59
N VAL M 3 4.20 -4.32 -41.86
CA VAL M 3 5.51 -4.59 -42.42
C VAL M 3 6.15 -5.81 -41.79
N LYS M 4 6.85 -6.59 -42.62
CA LYS M 4 7.54 -7.79 -42.15
C LYS M 4 8.76 -7.37 -41.34
N AR7 M 5 9.10 -8.18 -40.33
CA AR7 M 5 10.27 -7.90 -39.51
C AR7 M 5 11.29 -9.04 -39.62
O AR7 M 5 12.54 -8.57 -39.26
CB AR7 M 5 9.84 -7.69 -38.05
CG AR7 M 5 9.01 -6.43 -37.86
CD AR7 M 5 8.35 -6.31 -36.50
NE AR7 M 5 7.54 -5.10 -36.43
CZ AR7 M 5 6.66 -4.81 -35.48
NH1 AR7 M 5 5.98 -3.68 -35.53
NH2 AR7 M 5 6.43 -5.65 -34.48
C1 0QE M 6 11.35 -9.54 -41.08
C1 DKA N 1 9.69 23.92 -45.75
O1 DKA N 1 9.16 23.30 -46.67
C2 DKA N 1 9.46 23.50 -44.30
C3 DKA N 1 9.97 22.09 -44.03
C4 DKA N 1 11.51 21.99 -44.03
C5 DKA N 1 11.94 20.54 -43.82
C6 DKA N 1 13.40 20.37 -43.37
C7 DKA N 1 14.38 20.86 -44.42
C8 DKA N 1 15.81 20.41 -44.13
C9 DKA N 1 16.02 18.91 -44.39
C10 DKA N 1 17.48 18.46 -44.33
N ARG N 2 10.44 24.99 -45.94
CA ARG N 2 10.76 25.44 -47.29
C ARG N 2 12.28 25.44 -47.37
N VAL N 3 12.80 24.86 -48.45
CA VAL N 3 14.24 24.77 -48.62
C VAL N 3 14.72 25.55 -49.85
N LYS N 4 15.85 26.22 -49.71
CA LYS N 4 16.43 27.02 -50.80
C LYS N 4 16.95 26.09 -51.86
N AR7 N 5 16.92 26.52 -53.10
CA AR7 N 5 17.43 25.72 -54.20
C AR7 N 5 18.56 26.47 -54.92
O AR7 N 5 19.36 25.55 -55.59
CB AR7 N 5 16.29 25.38 -55.17
CG AR7 N 5 15.21 24.52 -54.56
CD AR7 N 5 13.99 24.31 -55.45
NE AR7 N 5 13.05 23.43 -54.76
CZ AR7 N 5 11.77 23.28 -55.07
NH1 AR7 N 5 11.00 22.45 -54.37
NH2 AR7 N 5 11.24 23.97 -56.06
C1 0QE N 6 19.41 27.21 -53.90
C1 DKA O 1 -24.25 19.56 -47.88
O1 DKA O 1 -23.74 20.45 -47.18
C2 DKA O 1 -23.81 18.12 -47.73
C3 DKA O 1 -22.38 18.05 -47.21
C4 DKA O 1 -21.96 16.70 -46.66
C5 DKA O 1 -21.93 15.58 -47.68
C6 DKA O 1 -21.09 14.41 -47.16
C7 DKA O 1 -21.26 13.17 -48.03
C8 DKA O 1 -20.51 11.99 -47.43
C9 DKA O 1 -20.25 10.87 -48.43
C10 DKA O 1 -21.44 10.42 -49.22
N ARG O 2 -25.18 19.83 -48.79
CA ARG O 2 -25.66 21.19 -48.98
C ARG O 2 -27.18 21.15 -48.85
N VAL O 3 -27.72 22.06 -48.07
CA VAL O 3 -29.16 22.10 -47.88
C VAL O 3 -29.81 23.36 -48.41
N LYS O 4 -30.98 23.22 -49.00
CA LYS O 4 -31.72 24.34 -49.54
C LYS O 4 -32.25 25.21 -48.40
N AR7 O 5 -32.31 26.52 -48.63
CA AR7 O 5 -32.85 27.43 -47.63
C AR7 O 5 -34.09 28.15 -48.17
O AR7 O 5 -34.83 28.62 -47.10
CB AR7 O 5 -31.77 28.44 -47.21
CG AR7 O 5 -30.60 27.80 -46.48
CD AR7 O 5 -29.42 28.75 -46.27
NE AR7 O 5 -28.32 28.05 -45.60
CZ AR7 O 5 -27.05 28.45 -45.56
NH1 AR7 O 5 -26.14 27.72 -44.94
NH2 AR7 O 5 -26.69 29.57 -46.15
C1 0QE O 6 -34.94 27.17 -49.00
C1 DKA P 1 -25.43 8.20 -22.82
O1 DKA P 1 -25.62 7.49 -23.82
C2 DKA P 1 -24.64 9.48 -22.90
C3 DKA P 1 -25.31 10.52 -23.75
C4 DKA P 1 -26.59 11.06 -23.12
C5 DKA P 1 -27.22 12.10 -24.06
C6 DKA P 1 -28.25 13.01 -23.39
C7 DKA P 1 -29.42 12.22 -22.85
C8 DKA P 1 -30.59 13.14 -22.48
C9 DKA P 1 -31.27 13.73 -23.73
C10 DKA P 1 -32.60 14.44 -23.44
N ARG P 2 -25.93 7.89 -21.63
CA ARG P 2 -26.72 6.68 -21.46
C ARG P 2 -28.03 7.10 -20.82
N VAL P 3 -29.12 6.58 -21.36
CA VAL P 3 -30.42 6.94 -20.86
C VAL P 3 -31.15 5.72 -20.32
N LYS P 4 -31.87 5.91 -19.22
CA LYS P 4 -32.63 4.83 -18.59
C LYS P 4 -33.84 4.53 -19.43
N AR7 P 5 -34.25 3.27 -19.43
CA AR7 P 5 -35.44 2.84 -20.18
C AR7 P 5 -36.49 2.26 -19.21
O AR7 P 5 -37.75 2.30 -19.80
CB AR7 P 5 -35.04 1.80 -21.24
CG AR7 P 5 -34.13 2.38 -22.31
CD AR7 P 5 -33.51 1.35 -23.27
NE AR7 P 5 -32.62 2.03 -24.22
CZ AR7 P 5 -31.72 1.42 -24.99
NH1 AR7 P 5 -30.96 2.13 -25.81
NH2 AR7 P 5 -31.56 0.11 -24.92
C1 0QE P 6 -36.52 3.08 -17.91
C1 NAG Q . 23.81 -62.75 63.33
C2 NAG Q . 23.37 -64.13 62.88
C3 NAG Q . 23.25 -65.09 64.06
C4 NAG Q . 24.51 -65.08 64.88
C5 NAG Q . 24.84 -63.66 65.28
C6 NAG Q . 26.05 -63.56 66.18
C7 NAG Q . 22.07 -63.99 60.87
C8 NAG Q . 21.40 -62.77 60.25
N2 NAG Q . 22.10 -64.04 62.20
O3 NAG Q . 23.01 -66.41 63.58
O4 NAG Q . 24.32 -65.86 66.06
O5 NAG Q . 25.02 -62.85 64.09
O6 NAG Q . 27.17 -63.01 65.47
O7 NAG Q . 22.58 -64.86 60.15
C1 NAG Q . 25.13 -66.97 66.21
C2 NAG Q . 25.12 -67.39 67.67
C3 NAG Q . 25.84 -68.72 67.87
C4 NAG Q . 25.33 -69.78 66.88
C5 NAG Q . 25.36 -69.22 65.46
C6 NAG Q . 24.77 -70.17 64.45
C7 NAG Q . 25.05 -65.41 69.04
C8 NAG Q . 25.80 -64.17 69.50
N2 NAG Q . 25.77 -66.37 68.48
O3 NAG Q . 25.62 -69.18 69.19
O4 NAG Q . 26.19 -70.93 66.94
O5 NAG Q . 24.58 -68.02 65.39
O6 NAG Q . 25.47 -70.07 63.22
O7 NAG Q . 23.83 -65.49 69.20
C1 BMA Q . 25.57 -72.15 67.14
C2 BMA Q . 26.57 -73.26 66.91
C3 BMA Q . 25.87 -74.61 67.08
C4 BMA Q . 25.04 -74.69 68.37
C5 BMA Q . 24.34 -73.39 68.79
C6 BMA Q . 24.21 -73.44 70.28
O2 BMA Q . 27.62 -73.16 67.84
O3 BMA Q . 26.87 -75.63 67.17
O4 BMA Q . 24.06 -75.70 68.23
O5 BMA Q . 25.15 -72.22 68.51
O6 BMA Q . 23.13 -72.61 70.71
C1 MAN Q . 26.85 -76.57 66.15
C2 MAN Q . 27.46 -77.87 66.68
C3 MAN Q . 28.96 -77.68 66.99
C4 MAN Q . 29.71 -77.01 65.83
C5 MAN Q . 28.95 -75.76 65.33
C6 MAN Q . 29.56 -75.10 64.10
O2 MAN Q . 27.28 -78.93 65.72
O3 MAN Q . 29.56 -78.94 67.28
O4 MAN Q . 31.01 -76.59 66.29
O5 MAN Q . 27.59 -76.12 65.02
O6 MAN Q . 28.75 -75.27 62.95
C1 NAG Q . 26.04 -79.59 65.79
C2 NAG Q . 25.77 -80.34 64.48
C3 NAG Q . 24.46 -81.13 64.62
C4 NAG Q . 24.47 -82.03 65.87
C5 NAG Q . 24.85 -81.21 67.10
C6 NAG Q . 25.03 -82.07 68.34
C7 NAG Q . 26.75 -78.78 62.89
C8 NAG Q . 26.48 -77.44 62.22
N2 NAG Q . 25.67 -79.42 63.35
O3 NAG Q . 24.23 -81.91 63.45
O4 NAG Q . 23.17 -82.61 66.06
O5 NAG Q . 26.11 -80.51 66.88
O6 NAG Q . 26.29 -82.71 68.36
O7 NAG Q . 27.89 -79.21 62.99
C1 GAL Q . 23.07 -84.00 66.09
C2 GAL Q . 21.58 -84.39 66.22
C3 GAL Q . 21.40 -85.91 66.10
C4 GAL Q . 22.10 -86.44 64.85
C5 GAL Q . 23.56 -85.96 64.82
C6 GAL Q . 24.32 -86.39 63.57
O2 GAL Q . 21.07 -83.95 67.47
O3 GAL Q . 20.02 -86.23 66.03
O4 GAL Q . 21.42 -85.98 63.68
O5 GAL Q . 23.62 -84.53 64.88
O6 GAL Q . 25.20 -87.48 63.85
C1 NAG Q . 31.98 -77.55 66.39
C2 NAG Q . 33.31 -76.97 65.90
C3 NAG Q . 34.46 -77.94 66.18
C4 NAG Q . 34.46 -78.36 67.66
C5 NAG Q . 33.08 -78.89 68.06
C6 NAG Q . 32.98 -79.21 69.53
C7 NAG Q . 33.01 -75.41 64.07
C8 NAG Q . 32.56 -75.22 62.64
N2 NAG Q . 33.25 -76.66 64.48
O3 NAG Q . 35.70 -77.35 65.81
O4 NAG Q . 35.45 -79.38 67.87
O5 NAG Q . 32.06 -77.90 67.77
O6 NAG Q . 31.93 -80.14 69.80
O7 NAG Q . 33.12 -74.42 64.81
C1 GAL Q . 36.55 -79.02 68.64
C2 GAL Q . 37.27 -80.28 69.14
C3 GAL Q . 38.47 -79.84 69.99
C4 GAL Q . 39.40 -78.98 69.12
C5 GAL Q . 38.61 -77.79 68.54
C6 GAL Q . 39.44 -76.96 67.57
O2 GAL Q . 36.38 -81.07 69.91
O3 GAL Q . 39.17 -80.98 70.47
O4 GAL Q . 39.92 -79.76 68.05
O5 GAL Q . 37.45 -78.25 67.81
O6 GAL Q . 39.88 -75.75 68.17
C1 MAN Q . 23.54 -71.44 71.37
C2 MAN Q . 24.65 -71.73 72.41
C3 MAN Q . 24.07 -72.63 73.52
C4 MAN Q . 22.81 -71.97 74.13
C5 MAN Q . 21.79 -71.62 73.02
C6 MAN Q . 20.57 -70.85 73.50
O2 MAN Q . 25.12 -70.50 73.01
O3 MAN Q . 25.04 -72.85 74.53
O4 MAN Q . 22.22 -72.85 75.07
O5 MAN Q . 22.43 -70.81 72.01
O6 MAN Q . 19.58 -70.78 72.49
C1 NAG Q . 26.17 -69.80 72.42
C2 NAG Q . 26.16 -68.33 72.92
C3 NAG Q . 27.42 -67.58 72.49
C4 NAG Q . 28.68 -68.36 72.86
C5 NAG Q . 28.59 -69.78 72.28
C6 NAG Q . 29.79 -70.63 72.67
C7 NAG Q . 23.79 -68.19 72.33
C8 NAG Q . 23.15 -68.23 70.95
N2 NAG Q . 24.99 -67.61 72.43
O3 NAG Q . 27.44 -66.30 73.12
O4 NAG Q . 29.81 -67.70 72.33
O5 NAG Q . 27.40 -70.45 72.80
O6 NAG Q . 30.14 -71.52 71.62
O7 NAG Q . 23.19 -68.66 73.31
C1 FUL Q . 28.30 -63.82 65.59
C2 FUL Q . 29.53 -63.03 65.13
O2 FUL Q . 29.80 -62.01 66.06
C3 FUL Q . 30.77 -63.91 64.99
O3 FUL Q . 31.83 -63.17 64.42
C4 FUL Q . 30.45 -65.14 64.14
O4 FUL Q . 30.11 -64.73 62.82
C5 FUL Q . 29.28 -65.87 64.80
C6 FUL Q . 28.86 -67.17 64.15
O5 FUL Q . 28.14 -65.01 64.82
C1 NAG R . -21.49 63.27 -60.16
C2 NAG R . -21.66 64.65 -59.49
C3 NAG R . -20.55 65.62 -59.90
C4 NAG R . -19.15 65.00 -59.92
C5 NAG R . -19.15 63.57 -60.54
C6 NAG R . -17.84 62.83 -60.33
C7 NAG R . -23.96 65.28 -59.11
C8 NAG R . -25.31 65.55 -59.78
N2 NAG R . -22.91 65.25 -59.92
O3 NAG R . -20.55 66.72 -59.01
O4 NAG R . -18.31 65.85 -60.72
O5 NAG R . -20.17 62.77 -59.92
O6 NAG R . -17.40 62.22 -61.56
O7 NAG R . -23.88 65.12 -57.89
C1 NAG R . -17.18 66.33 -60.09
C2 NAG R . -16.23 66.91 -61.13
C3 NAG R . -14.94 67.26 -60.40
C4 NAG R . -15.24 68.32 -59.31
C5 NAG R . -16.43 67.90 -58.41
C6 NAG R . -16.99 69.08 -57.63
C7 NAG R . -16.87 65.84 -63.21
C8 NAG R . -16.59 64.78 -64.26
N2 NAG R . -16.00 65.95 -62.21
O3 NAG R . -13.99 67.76 -61.33
O4 NAG R . -14.06 68.56 -58.49
O5 NAG R . -17.55 67.38 -59.18
O6 NAG R . -16.58 69.03 -56.27
O7 NAG R . -17.87 66.56 -63.31
C1 BMA R . -13.13 69.56 -58.83
C2 BMA R . -13.44 70.19 -60.22
C3 BMA R . -12.46 71.34 -60.51
C4 BMA R . -12.62 72.37 -59.38
C5 BMA R . -12.24 71.69 -58.05
C6 BMA R . -12.31 72.62 -56.85
O2 BMA R . -14.77 70.69 -60.24
O3 BMA R . -12.76 71.92 -61.77
O4 BMA R . -11.81 73.51 -59.61
O5 BMA R . -13.15 70.57 -57.79
O6 BMA R . -11.02 72.82 -56.26
C1 FUC R . -18.32 61.28 -62.02
C2 FUC R . -17.66 59.93 -62.30
C3 FUC R . -18.81 58.95 -62.46
C4 FUC R . -19.66 59.38 -63.67
C5 FUC R . -20.14 60.83 -63.51
C6 FUC R . -20.77 61.37 -64.78
O2 FUC R . -16.81 59.55 -61.21
O3 FUC R . -18.33 57.62 -62.61
O4 FUC R . -18.90 59.27 -64.87
O5 FUC R . -19.04 61.70 -63.17
C1 NAG S . 26.24 -50.43 68.31
C2 NAG S . 26.34 -51.82 68.98
C3 NAG S . 26.86 -51.71 70.42
C4 NAG S . 28.14 -50.86 70.48
C5 NAG S . 27.90 -49.51 69.78
C6 NAG S . 29.11 -48.58 69.75
C7 NAG S . 24.67 -53.23 67.96
C8 NAG S . 23.17 -53.44 67.72
N2 NAG S . 25.02 -52.45 68.98
O3 NAG S . 27.11 -53.02 70.93
O4 NAG S . 28.51 -50.65 71.84
O5 NAG S . 27.50 -49.73 68.40
O6 NAG S . 30.34 -49.30 69.65
O7 NAG S . 25.49 -53.79 67.22
CA CA T . -5.03 -50.53 68.74
CA CA U . 4.45 -33.43 43.50
S SO4 V . -6.29 -36.77 54.54
O1 SO4 V . -7.06 -36.77 53.27
O2 SO4 V . -6.94 -37.69 55.50
O3 SO4 V . -4.93 -37.23 54.27
O4 SO4 V . -6.27 -35.41 55.10
S SO4 W . -13.16 -37.76 53.64
O1 SO4 W . -14.29 -38.34 52.88
O2 SO4 W . -13.24 -38.22 55.05
O3 SO4 W . -11.88 -38.21 53.04
O4 SO4 W . -13.23 -36.29 53.59
S SO4 X . 16.31 -18.59 25.22
O1 SO4 X . 16.87 -19.66 24.36
O2 SO4 X . 15.30 -19.15 26.13
O3 SO4 X . 17.42 -18.01 26.01
O4 SO4 X . 15.69 -17.56 24.38
S SO4 Y . 28.33 -21.15 37.63
O1 SO4 Y . 27.06 -20.40 37.67
O2 SO4 Y . 28.03 -22.58 37.81
O3 SO4 Y . 28.99 -20.95 36.33
O4 SO4 Y . 29.21 -20.70 38.73
S SO4 Z . 10.33 -17.79 54.62
O1 SO4 Z . 9.73 -18.98 53.99
O2 SO4 Z . 11.29 -18.20 55.67
O3 SO4 Z . 11.04 -17.00 53.60
O4 SO4 Z . 9.26 -16.95 55.23
S SO4 AA . 19.13 -44.20 71.33
O1 SO4 AA . 18.01 -45.13 71.58
O2 SO4 AA . 20.09 -44.30 72.45
O3 SO4 AA . 19.80 -44.58 70.07
O4 SO4 AA . 18.60 -42.82 71.25
S SO4 BA . 40.14 -48.93 41.68
O1 SO4 BA . 40.21 -50.41 41.81
O2 SO4 BA . 39.32 -48.38 42.77
O3 SO4 BA . 41.51 -48.36 41.76
O4 SO4 BA . 39.56 -48.58 40.36
S SO4 CA . -14.62 -44.43 57.69
O1 SO4 CA . -16.02 -43.96 57.50
O2 SO4 CA . -14.54 -45.25 58.91
O3 SO4 CA . -14.22 -45.27 56.53
O4 SO4 CA . -13.75 -43.26 57.80
S SO4 DA . -4.62 -25.21 33.59
O1 SO4 DA . -5.70 -26.18 33.30
O2 SO4 DA . -4.08 -25.46 34.94
O3 SO4 DA . -3.55 -25.35 32.58
O4 SO4 DA . -5.18 -23.83 33.55
S SO4 EA . -8.85 -25.87 69.24
O1 SO4 EA . -7.56 -26.57 69.00
O2 SO4 EA . -8.80 -24.51 68.67
O3 SO4 EA . -9.94 -26.63 68.60
O4 SO4 EA . -9.08 -25.78 70.70
S SO4 FA . 20.95 -29.33 46.63
O1 SO4 FA . 19.68 -30.04 46.37
O2 SO4 FA . 20.96 -28.75 47.99
O3 SO4 FA . 22.06 -30.29 46.50
O4 SO4 FA . 21.09 -28.20 45.67
C1 NAG GA . 44.31 -37.50 69.51
C2 NAG GA . 45.42 -37.72 70.56
C3 NAG GA . 45.94 -39.16 70.54
C4 NAG GA . 44.77 -40.16 70.60
C5 NAG GA . 43.81 -39.85 69.46
C6 NAG GA . 42.62 -40.79 69.39
C7 NAG GA . 46.44 -35.54 70.74
C8 NAG GA . 47.62 -34.63 70.40
N2 NAG GA . 46.52 -36.80 70.31
O3 NAG GA . 46.83 -39.37 71.63
O4 NAG GA . 45.25 -41.49 70.50
O5 NAG GA . 43.30 -38.51 69.61
O6 NAG GA . 42.02 -40.75 68.09
O7 NAG GA . 45.49 -35.10 71.39
CA CA HA . 64.36 -19.88 52.62
CA CA IA . 35.09 -7.02 50.24
S SO4 JA . 65.76 -12.44 43.84
O1 SO4 JA . 64.42 -11.93 44.20
O2 SO4 JA . 66.78 -11.60 44.52
O3 SO4 JA . 65.91 -13.84 44.28
O4 SO4 JA . 65.94 -12.34 42.38
S SO4 KA . 49.70 -9.34 44.34
O1 SO4 KA . 48.31 -9.45 43.87
O2 SO4 KA . 49.79 -9.75 45.76
O3 SO4 KA . 50.56 -10.22 43.54
O4 SO4 KA . 50.11 -7.93 44.21
S SO4 LA . 53.97 -4.52 41.84
O1 SO4 LA . 52.76 -4.85 42.61
O2 SO4 LA . 54.98 -5.59 42.01
O3 SO4 LA . 53.61 -4.38 40.42
O4 SO4 LA . 54.53 -3.25 42.36
S SO4 MA . 51.48 7.41 51.70
O1 SO4 MA . 50.13 7.69 52.21
O2 SO4 MA . 51.68 5.96 51.54
O3 SO4 MA . 51.65 8.05 50.38
O4 SO4 MA . 52.48 7.94 52.66
S SO4 NA . 23.81 -19.75 54.61
O1 SO4 NA . 23.58 -21.02 53.90
O2 SO4 NA . 25.08 -19.14 54.18
O3 SO4 NA . 22.70 -18.82 54.29
O4 SO4 NA . 23.91 -20.01 56.07
S SO4 OA . 60.94 -6.26 45.70
O1 SO4 OA . 61.35 -4.94 45.18
O2 SO4 OA . 60.42 -6.10 47.06
O3 SO4 OA . 59.88 -6.83 44.82
O4 SO4 OA . 62.09 -7.18 45.71
CA CA PA . 16.58 38.41 37.28
CA CA QA . 19.04 7.13 30.81
S SO4 RA . 28.25 21.08 43.42
O1 SO4 RA . 27.87 21.65 42.12
O2 SO4 RA . 27.97 22.05 44.49
O3 SO4 RA . 27.49 19.84 43.67
O4 SO4 RA . 29.70 20.75 43.41
S SO4 SA . 22.16 19.53 40.01
O1 SO4 SA . 21.30 19.08 38.90
O2 SO4 SA . 21.40 19.45 41.27
O3 SO4 SA . 23.37 18.67 40.08
O4 SO4 SA . 22.55 20.94 39.76
S SO4 TA . 4.36 1.85 43.50
O1 SO4 TA . 3.75 2.36 44.75
O2 SO4 TA . 4.97 0.53 43.76
O3 SO4 TA . 3.32 1.73 42.46
O4 SO4 TA . 5.41 2.78 43.03
S SO4 UA . 2.96 1.76 26.06
O1 SO4 UA . 1.50 1.58 26.22
O2 SO4 UA . 3.61 0.42 26.15
O3 SO4 UA . 3.25 2.41 24.75
O4 SO4 UA . 3.48 2.63 27.14
S SO4 VA . 24.60 35.12 45.15
O1 SO4 VA . 23.25 35.60 45.54
O2 SO4 VA . 24.62 33.64 45.14
O3 SO4 VA . 24.92 35.61 43.79
O4 SO4 VA . 25.59 35.62 46.12
S SO4 WA . 28.35 28.54 41.64
O1 SO4 WA . 28.37 29.04 40.25
O2 SO4 WA . 27.09 27.84 41.94
O3 SO4 WA . 29.47 27.61 41.84
O4 SO4 WA . 28.50 29.69 42.56
CA CA XA . -36.32 -11.69 10.71
CA CA YA . -15.21 -14.58 34.68
S SO4 ZA . -11.59 23.18 35.05
O1 SO4 ZA . -12.84 22.81 34.35
O2 SO4 ZA . -10.73 21.98 35.21
O3 SO4 ZA . -10.87 24.20 34.25
O4 SO4 ZA . -11.90 23.75 36.38
S SO4 AB . -6.17 -0.01 34.57
O1 SO4 AB . -7.05 -0.73 33.63
O2 SO4 AB . -5.66 -0.97 35.57
O3 SO4 AB . -5.02 0.56 33.86
O4 SO4 AB . -6.96 1.05 35.22
S SO4 BB . 0.59 -11.32 22.61
O1 SO4 BB . -0.70 -11.83 23.12
O2 SO4 BB . 0.42 -9.95 22.10
O3 SO4 BB . 1.58 -11.29 23.70
O4 SO4 BB . 1.09 -12.19 21.52
S SO4 CB . -13.13 9.45 9.78
O1 SO4 CB . -13.93 8.87 8.67
O2 SO4 CB . -12.49 8.35 10.55
O3 SO4 CB . -12.08 10.34 9.24
O4 SO4 CB . -14.02 10.25 10.65
S SO4 DB . -22.84 -20.60 21.92
O1 SO4 DB . -23.93 -20.45 20.95
O2 SO4 DB . -23.09 -21.79 22.78
O3 SO4 DB . -21.56 -20.79 21.21
O4 SO4 DB . -22.80 -19.41 22.77
S SO4 EB . -25.85 -26.85 21.39
O1 SO4 EB . -26.55 -25.63 20.94
O2 SO4 EB . -26.67 -27.54 22.40
O3 SO4 EB . -25.62 -27.75 20.24
O4 SO4 EB . -24.55 -26.50 22.00
S SO4 FB . -20.68 -10.87 50.61
O1 SO4 FB . -19.48 -11.61 50.18
O2 SO4 FB . -20.31 -9.91 51.66
O3 SO4 FB . -21.27 -10.17 49.45
O4 SO4 FB . -21.67 -11.82 51.17
S SO4 GB . -22.83 9.12 12.17
O1 SO4 GB . -22.94 10.41 11.46
O2 SO4 GB . -23.93 8.22 11.75
O3 SO4 GB . -21.53 8.48 11.85
O4 SO4 GB . -22.93 9.36 13.62
S SO4 HB . -10.25 -27.70 41.59
O1 SO4 HB . -9.52 -26.63 40.88
O2 SO4 HB . -9.37 -28.87 41.75
O3 SO4 HB . -10.68 -27.22 42.92
O4 SO4 HB . -11.44 -28.08 40.79
C1 NAG IB . -2.44 -32.86 -18.43
C2 NAG IB . -1.88 -33.85 -17.40
C3 NAG IB . -2.50 -35.24 -17.64
C4 NAG IB . -4.03 -35.12 -17.55
C5 NAG IB . -4.55 -34.07 -18.55
C6 NAG IB . -6.05 -33.83 -18.36
C7 NAG IB . 0.30 -33.07 -16.75
C8 NAG IB . 0.96 -31.90 -17.46
N2 NAG IB . -0.43 -33.90 -17.48
O3 NAG IB . -2.02 -36.16 -16.67
O4 NAG IB . -4.64 -36.38 -17.80
O5 NAG IB . -3.88 -32.79 -18.33
O6 NAG IB . -6.56 -32.97 -19.36
O7 NAG IB . 0.46 -33.22 -15.54
CA CA JB . 18.75 -29.63 -41.47
CA CA KB . 7.77 -0.64 -33.89
S SO4 LB . 19.83 -9.40 -48.36
O1 SO4 LB . 19.38 -10.39 -49.36
O2 SO4 LB . 18.67 -8.69 -47.80
O3 SO4 LB . 20.55 -10.09 -47.26
O4 SO4 LB . 20.74 -8.43 -49.01
S SO4 MB . 14.36 -10.52 -44.28
O1 SO4 MB . 13.34 -10.71 -45.33
O2 SO4 MB . 14.18 -11.54 -43.23
O3 SO4 MB . 15.71 -10.66 -44.87
O4 SO4 MB . 14.23 -9.17 -43.71
S SO4 NB . 16.79 -5.60 -40.96
O1 SO4 NB . 17.12 -4.77 -42.14
O2 SO4 NB . 15.97 -6.74 -41.39
O3 SO4 NB . 18.03 -6.08 -40.33
O4 SO4 NB . 16.04 -4.79 -39.97
S SO4 OB . 22.66 -23.06 -50.52
O1 SO4 OB . 21.82 -24.23 -50.18
O2 SO4 OB . 22.04 -21.82 -50.01
O3 SO4 OB . 23.99 -23.22 -49.89
O4 SO4 OB . 22.80 -22.96 -51.99
S SO4 PB . 24.23 -16.20 -46.93
O1 SO4 PB . 22.83 -15.81 -47.20
O2 SO4 PB . 24.36 -17.67 -47.01
O3 SO4 PB . 25.12 -15.58 -47.92
O4 SO4 PB . 24.63 -15.76 -45.56
S SO4 QB . -14.31 -15.97 -7.25
O1 SO4 QB . -15.60 -16.65 -6.92
O2 SO4 QB . -13.89 -15.14 -6.11
O3 SO4 QB . -13.29 -17.00 -7.52
O4 SO4 QB . -14.51 -15.11 -8.43
S SO4 RB . -12.08 -28.96 -32.98
O1 SO4 RB . -12.07 -27.49 -32.87
O2 SO4 RB . -12.88 -29.52 -31.87
O3 SO4 RB . -12.67 -29.35 -34.28
O4 SO4 RB . -10.70 -29.48 -32.91
S SO4 SB . -10.00 -3.34 -42.84
O1 SO4 SB . -10.18 -4.81 -42.79
O2 SO4 SB . -8.66 -3.00 -42.32
O3 SO4 SB . -10.12 -2.87 -44.24
O4 SO4 SB . -11.06 -2.73 -42.01
S SO4 TB . 13.81 6.60 -20.92
O1 SO4 TB . 13.11 5.33 -21.19
O2 SO4 TB . 13.98 6.77 -19.46
O3 SO4 TB . 15.13 6.56 -21.58
O4 SO4 TB . 13.03 7.73 -21.46
C1 NAG UB . 0.72 48.91 -74.52
C2 NAG UB . 0.95 49.52 -75.91
C3 NAG UB . 0.46 50.98 -75.95
C4 NAG UB . -0.99 51.07 -75.46
C5 NAG UB . -1.10 50.43 -74.07
C6 NAG UB . -2.50 50.47 -73.47
C7 NAG UB . 2.81 48.69 -77.22
C8 NAG UB . 3.79 47.58 -76.88
N2 NAG UB . 2.37 49.46 -76.22
O3 NAG UB . 0.57 51.48 -77.28
O4 NAG UB . -1.39 52.43 -75.40
O5 NAG UB . -0.67 49.05 -74.12
O6 NAG UB . -3.51 50.55 -74.48
O7 NAG UB . 2.44 48.85 -78.38
C1 NAG VB . 3.09 41.57 -86.90
C2 NAG VB . 3.65 40.41 -87.73
C3 NAG VB . 3.75 40.89 -89.18
C4 NAG VB . 2.34 41.28 -89.66
C5 NAG VB . 1.71 42.33 -88.72
C6 NAG VB . 0.26 42.67 -89.04
C7 NAG VB . 5.05 38.95 -86.41
C8 NAG VB . 5.13 37.56 -87.04
N2 NAG VB . 4.95 39.99 -87.23
O3 NAG VB . 4.30 39.87 -90.00
O4 NAG VB . 2.42 41.80 -90.99
O5 NAG VB . 1.75 41.88 -87.34
O6 NAG VB . -0.41 41.56 -89.64
O7 NAG VB . 5.08 39.06 -85.18
CA CA WB . 29.67 43.44 -63.40
CA CA XB . 11.03 18.56 -55.45
S SO4 YB . 30.18 25.68 -51.11
O1 SO4 YB . 29.18 24.89 -50.35
O2 SO4 YB . 31.35 24.84 -51.44
O3 SO4 YB . 29.56 26.17 -52.35
O4 SO4 YB . 30.63 26.84 -50.29
S SO4 ZB . 23.78 27.71 -52.68
O1 SO4 ZB . 23.00 28.19 -53.84
O2 SO4 ZB . 22.88 27.13 -51.65
O3 SO4 ZB . 24.71 26.65 -53.12
O4 SO4 ZB . 24.52 28.86 -52.13
S SO4 AC . 1.50 28.57 -41.01
O1 SO4 AC . 0.69 29.62 -41.64
O2 SO4 AC . 0.61 27.53 -40.48
O3 SO4 AC . 2.41 27.99 -42.03
O4 SO4 AC . 2.31 29.13 -39.91
S SO4 BC . 14.69 5.63 -47.25
O1 SO4 BC . 13.80 5.63 -48.44
O2 SO4 BC . 13.92 5.27 -46.05
O3 SO4 BC . 15.77 4.65 -47.47
O4 SO4 BC . 15.26 6.98 -47.06
S SO4 CC . 5.32 50.26 -65.25
O1 SO4 CC . 6.28 51.38 -65.32
O2 SO4 CC . 5.24 49.77 -63.86
O3 SO4 CC . 4.00 50.72 -65.71
O4 SO4 CC . 5.77 49.16 -66.13
S SO4 DC . -17.73 35.71 -73.81
O1 SO4 DC . -18.55 36.89 -73.46
O2 SO4 DC . -18.06 35.29 -75.18
O3 SO4 DC . -16.30 36.06 -73.72
O4 SO4 DC . -18.04 34.60 -72.87
S SO4 EC . -17.42 7.79 -72.35
O1 SO4 EC . -18.23 7.18 -73.42
O2 SO4 EC . -17.97 9.14 -72.02
O3 SO4 EC . -17.47 6.95 -71.14
O4 SO4 EC . -16.02 7.92 -72.79
S SO4 FC . 34.65 30.10 -56.71
O1 SO4 FC . 33.37 29.79 -57.38
O2 SO4 FC . 34.71 29.38 -55.42
O3 SO4 FC . 35.76 29.67 -57.58
O4 SO4 FC . 34.73 31.56 -56.46
S SO4 GC . -5.34 24.56 -56.94
O1 SO4 GC . -5.94 24.66 -58.29
O2 SO4 GC . -5.77 23.33 -56.24
O3 SO4 GC . -3.86 24.52 -57.14
O4 SO4 GC . -5.74 25.72 -56.12
CA CA HC . -47.40 37.95 -62.62
CA CA IC . -26.02 28.28 -41.02
S SO4 JC . -37.16 56.30 -45.94
O1 SO4 JC . -38.01 55.43 -46.78
O2 SO4 JC . -36.80 55.61 -44.69
O3 SO4 JC . -35.93 56.62 -46.68
O4 SO4 JC . -37.92 57.52 -45.62
S SO4 KC . -39.30 25.75 -49.09
O1 SO4 KC . -39.34 24.66 -48.09
O2 SO4 KC . -38.09 26.55 -48.87
O3 SO4 KC . -39.27 25.20 -50.45
O4 SO4 KC . -40.48 26.63 -48.91
S SO4 LC . -45.66 23.43 -47.30
O1 SO4 LC . -46.81 23.12 -46.43
O2 SO4 LC . -44.82 22.23 -47.44
O3 SO4 LC . -46.16 23.87 -48.63
O4 SO4 LC . -44.87 24.52 -46.70
S SO4 MC . -16.21 16.43 -53.69
O1 SO4 MC . -17.19 15.35 -53.97
O2 SO4 MC . -16.89 17.51 -52.94
O3 SO4 MC . -15.10 15.89 -52.89
O4 SO4 MC . -15.66 16.98 -54.95
S SO4 NC . -23.96 43.46 -70.68
O1 SO4 NC . -25.09 43.92 -71.51
O2 SO4 NC . -23.98 41.97 -70.58
O3 SO4 NC . -22.69 43.87 -71.31
O4 SO4 NC . -24.06 44.05 -69.33
S SO4 OC . -50.33 28.71 -50.24
O1 SO4 OC . -51.32 29.34 -51.15
O2 SO4 OC . -50.99 27.64 -49.47
O3 SO4 OC . -49.21 28.10 -51.01
O4 SO4 OC . -49.80 29.74 -49.33
C1 NAG PC . -23.84 -29.74 -13.54
C2 NAG PC . -24.72 -30.69 -12.74
C3 NAG PC . -23.95 -31.04 -11.48
C4 NAG PC . -22.61 -31.69 -11.83
C5 NAG PC . -21.81 -30.87 -12.89
C6 NAG PC . -20.70 -31.73 -13.51
C7 NAG PC . -27.06 -30.39 -13.20
C8 NAG PC . -28.27 -29.46 -13.13
N2 NAG PC . -26.00 -30.09 -12.44
O3 NAG PC . -24.72 -31.92 -10.67
O4 NAG PC . -21.82 -31.82 -10.66
O5 NAG PC . -22.68 -30.44 -13.99
O6 NAG PC . -19.55 -30.97 -13.81
O7 NAG PC . -27.09 -31.37 -13.95
CA CA QC . -44.83 -8.59 -2.10
CA CA RC . -32.53 2.88 -29.32
S SO4 SC . -23.32 -17.32 -1.19
O1 SO4 SC . -23.69 -15.90 -1.04
O2 SO4 SC . -23.91 -18.11 -0.08
O3 SO4 SC . -23.81 -17.84 -2.48
O4 SO4 SC . -21.84 -17.46 -1.16
S SO4 TC . -39.48 5.17 -15.30
O1 SO4 TC . -39.12 3.75 -15.54
O2 SO4 TC . -39.01 5.58 -13.96
O3 SO4 TC . -38.87 6.02 -16.32
O4 SO4 TC . -40.95 5.30 -15.37
S SO4 UC . -49.67 4.40 -9.52
O1 SO4 UC . -50.39 4.80 -10.75
O2 SO4 UC . -50.62 3.82 -8.55
O3 SO4 UC . -48.64 3.40 -9.87
O4 SO4 UC . -49.01 5.59 -8.92
S SO4 VC . -14.88 7.81 -21.28
O1 SO4 VC . -14.74 8.55 -22.55
O2 SO4 VC . -15.04 8.78 -20.17
O3 SO4 VC . -16.09 6.96 -21.33
O4 SO4 VC . -13.68 6.97 -21.07
S SO4 WC . -36.01 16.68 -36.83
O1 SO4 WC . -37.47 16.79 -37.05
O2 SO4 WC . -35.31 17.66 -37.69
O3 SO4 WC . -35.70 16.96 -35.40
O4 SO4 WC . -35.55 15.33 -37.17
S SO4 XC . -43.39 -15.27 -44.77
O1 SO4 XC . -44.70 -15.37 -44.10
O2 SO4 XC . -42.34 -15.69 -43.83
O3 SO4 XC . -43.35 -16.15 -45.95
O4 SO4 XC . -43.15 -13.86 -45.17
S SO4 YC . -3.43 -28.21 52.67
O1 SO4 YC . -2.92 -27.26 51.66
O2 SO4 YC . -4.51 -29.02 52.06
O3 SO4 YC . -2.33 -29.11 53.08
O4 SO4 YC . -3.94 -27.47 53.85
S SO4 ZC . 42.20 -11.04 39.47
O1 SO4 ZC . 41.10 -10.33 38.77
O2 SO4 ZC . 41.65 -12.07 40.36
O3 SO4 ZC . 43.09 -11.67 38.48
O4 SO4 ZC . 42.98 -10.05 40.28
S SO4 AD . 18.36 11.90 43.41
O1 SO4 AD . 17.17 12.13 42.57
O2 SO4 AD . 18.76 10.48 43.35
O3 SO4 AD . 19.48 12.71 42.93
O4 SO4 AD . 18.03 12.28 44.81
S SO4 BD . -13.53 -21.17 22.76
O1 SO4 BD . -14.21 -19.95 23.24
O2 SO4 BD . -12.44 -21.54 23.71
O3 SO4 BD . -14.50 -22.27 22.70
O4 SO4 BD . -12.96 -20.92 21.43
S SO4 CD . 6.89 -5.44 -46.29
O1 SO4 CD . 8.28 -5.80 -45.96
O2 SO4 CD . 6.49 -6.05 -47.58
O3 SO4 CD . 6.02 -5.95 -45.21
O4 SO4 CD . 6.78 -3.96 -46.37
S SO4 DD . 17.63 26.03 -46.07
O1 SO4 DD . 17.18 26.10 -47.47
O2 SO4 DD . 17.17 24.75 -45.47
O3 SO4 DD . 19.10 26.10 -46.04
O4 SO4 DD . 17.06 27.18 -45.31
S SO4 ED . -32.48 19.56 -48.96
O1 SO4 ED . -31.74 20.70 -49.54
O2 SO4 ED . -33.80 20.02 -48.47
O3 SO4 ED . -32.68 18.54 -50.01
O4 SO4 ED . -31.72 19.00 -47.83
S SO4 FD . -31.81 9.52 -17.62
O1 SO4 FD . -31.04 8.26 -17.75
O2 SO4 FD . -31.49 10.15 -16.32
O3 SO4 FD . -31.45 10.44 -18.73
O4 SO4 FD . -33.25 9.23 -17.68
#